data_6A5L
#
_entry.id   6A5L
#
_cell.length_a   1
_cell.length_b   1
_cell.length_c   1
_cell.angle_alpha   90
_cell.angle_beta   90
_cell.angle_gamma   90
#
_symmetry.space_group_name_H-M   'P 1'
#
loop_
_entity.id
_entity.type
_entity.pdbx_description
1 polymer 'DNA-directed RNA polymerase subunit'
2 polymer 'DNA-directed RNA polymerase subunit beta'
3 polymer 'RNA polymerase II third largest subunit B44, part of central core'
4 polymer 'RNA polymerase II subunit B32'
5 polymer 'RNA polymerase subunit ABC27, common to RNA polymerases I, II, and III'
6 polymer 'RNA polymerase subunit ABC23, common to RNA polymerases I, II, and III'
7 polymer 'RNA polymerase II subunit'
8 polymer 'DNA-directed RNA polymerases I, II, and III subunit RPABC3'
9 polymer 'DNA-directed RNA polymerase subunit'
10 polymer 'RNA polymerase subunit ABC10-beta, common to RNA polymerases I, II, and III'
11 polymer 'RNA polymerase II subunit B12.5'
12 polymer 'RNA polymerase subunit ABC10-alpha'
13 polymer "RNA (5'-R(P*GP*GP*UP*GP*UP*CP*UP*UP*GP*GP*G)-3')"
14 polymer 'DNA (198-MER)'
15 polymer 'DNA (198-MER)'
16 polymer 'Histone H3.3'
17 polymer 'Histone H4'
18 polymer 'Histone H2A type 1-B/E'
19 polymer 'Histone H2B type 1-J'
20 polymer 'DNA (42-MER)'
21 polymer 'DNA (42-MER)'
22 non-polymer 'ZINC ION'
23 non-polymer 'MAGNESIUM ION'
#
loop_
_entity_poly.entity_id
_entity_poly.type
_entity_poly.pdbx_seq_one_letter_code
_entity_poly.pdbx_strand_id
1 'polypeptide(L)'
;MSQFPYSSAPLRSVKEVQFGLLSPEEIRAISVVKIEYPEIMDESRQRPREGGLNDPKLGSIDRNFKCQTCGEGMAECPGH
FGHMELAKPVFHIGFIPKIKKVCECICMNCGKLLLDETNPTMAQAIRIRDPKKRFNAVWQLCKTKMVCEADAPVDEYSEQ
KVVSRGGCGNTQPVVRKDGMKLWGTWKKSGFSDRDAQPERKLLTPGEILNVFKHISPEDCFRLGFNEDYARPEWMIITVL
PVPPPQVRPSIAMDETTQGQDDLTHKLSDILKANINVQKLEMDGSPQHIINEVEQLLQFHVATYMDNDIAGQPQALQKSG
RPVKAIRARLKGKEGRLRGNLMGKRVDFSARTVISGDPNLELDQVGVPISIAKTLSYPETVTQYNIHRLTEYVRNGPNEH
PGAKYVIRDNGDRIDLRYHKRAGDIVLQYGWKVERHLMDDDPVLFNRQPSLHKMSMMAHRVKVMPYSTFRLNLSVTSPYN
ADFDGDEMNLHVPQSEETRAELSQLCAVPLQIVSPQSNKPVMGIVQDTLCGVRKMTLRDTFIEYEQVMNMLFWVPSWDGV
VPQPAILKPKPLWTGKQLLSIAIPSGIHLQRTDGGNSLLSPKDNGMLIVDGKVMFGVVDKKTVGSGGGGLIHTVMREKGP
KICAELFGNIQKVVNYWLLHNGFSIGIGDAIADASTMKEITHAISSAKEQVQEIIYKAQHNELELKPGMTLRESFEGEVS
RTLNDARDSAGRSAEMNLKDLNNVKQMVSAGSKGSFINIAQMSACVGQQMVEGKRIAFGFADRSLPHFTKDDFSPESKGF
VENSYLRGLTPQEFFFHAMAGREGLIDTAVKTAETGYIQRRLVKALEDIMVHYDGTTRNSLGDIIQFLYGEDGLDGTQVE
RQTIDTIPGSDKAFHKRYYVDLMDEKNSIKPDVIEYAADILGDVELQKELNSEYEQLVSDRKFLREIVFVNGDHNWPLPV
NLRRIIQNAQQIFHLDRAKASDLTIPEIIHGVRDLCKKLFVLRGENELIKEAQQNATSLFQCLVRARLATRRILEEFRLN
RDAFEWVLGTIEAQFQRSLVHPGEMVGVIAAQSIGEPATQMTLNTFHYAGVSSKNVTLGVPRLKEILNVAKNIKTPALTV
YLDREIALDIEKAKVIQSSIEYTTLKNVTSATEIYYDPDPTSTVIEEDFDTVEAYFSIPDEKVEETIDKQSPWLLRLELD
RARMLDKQLTMNQVADKISEVFSDDLFVMWSEDNADKLIIRCRVIRDPKAMDEELEAEEDQMLKRIEAHMLDLIALRGIP
GISKVYMVKHKVSVPDESGEYKNEELWALETDGINLAEVMAVPGVDSSRTYSNSFVEILSVLGIEATRSSLYKEILNVIA
FDGSYVNYRHMALLVDVMTSRGYLMAITRHGINRADTGALMRCSFEETVEILFEAGAAAELDDCRGVSENVMLGQLAPMG
TGAFDVMIDEKLLTSLPADYAPTMPLFKGKATQGSATPYDNNAQYDDEFNHDDVADVMFSPMAETGSGDDRSGGLTEYAG
IQSPYQPTSPGLSATSPGFAPTSPGFAPTSPRYSPTSPGYSPTSPSYSPTSPSYSPTSPSYSPTSPSYSPTSPSYSPTSP
SYSPTSPSYSPTSPSYSPTSPSYSPTSPQYSPTSPQYSPTSPQYSPTSPQYSPTSPQYSPTSPQYSPTSPQYSPTSPQYS
PTSPQYSPTSPQYSPTSPQYSPTSPQYSPTSPQYSPTSPQYSPASPQYSPSRHSPNGESKEGE
;
A
2 'polypeptide(L)'
;MSYDPYSIDDTITTEDCWTVISAFFEEKGLVSQQLDSFDEFMETSIQDLVWEEPRLILDQPAQHTNEKDNINKRYEIRFG
KIYLSRPTMTEADGTTHAMFPQEARLRNLTYSSPVYLDMEKSMFTSIDDEGNPNATLDWQQVHEPIKDGVEEGNKVHIGK
VPIMLRSKFCSLRTLDEVDLYKMKECPYDMGGYFVINGSEKVLIAQERSAANIVQVFKKAAPSPISHVAEIRSALEKGSR
LISTMQIKLYGREDKGTGRTIKATLPYVKQDIPIVIVFRALGVVPDGEILQHICYDENDWQMLEMLKPCIEEGFVIQDKE
VALDFIGRRGSAALGIRREKRIQYAKDILQKELLPHITQEEGFETRKTFFLGYMVNRLLLCALERKDQDDRDHFGKKRLD
LAGPLLANLFRILFRKLTREIYRYMQRCIETDRDFNLNLAVKSTTITSGLKYSLATGNWGEQKKAMSSRAGVSQVLNRYT
YSSTLSHLRRTNTPIGRDGKLAKPRQLHNTHWGLVCPAETPEGQACGLVKNLSLLSGISIGSPSEPIINFLEEWGMEPLE
DYDPAQHTKSTRIFVNGVWTGIHRDPSMLVSTMRDLRRSGAISPEVSIIRDIREREFKIFTDVGRVYRPLFIVEDDESKD
NKGELRITKEHIRKIQQGYDDDAMNDDSEEQEQDVYGWSSLVTSGVIEYVDGEEEETIMIAMTPEDLQTRSLEQKEIDLN
DTAKRIKPEMSTSSHHTFTHCEIHPSMILGVAASIIPFPDHNQSPRNTYQSAMGKQAMGVFLTNYNVRMDTMANILYYPQ
KPLAKTQAMEYLKFRELPAGQNAIVAIACYSGYNQEDSMIMNQSSIDRGLFRSLFFRSYMDQEKRFGISIVEEFEKPTRA
TTLRLKHGTYEKLDEDGLIAPGVRVSGDDIIIGKTTPIPPDTEELGQRTKYHTKRDASTPLRSTENGIVDQVLLTTNQEG
LKFVKVRMRTTKVPQIGDKFASRHGQKGTIGVTYRHEDMPFSAEGIVPDLIINPHAIPSRMTVAHLIECLLSKVGSIRGY
EGDATPFTDLTVDAVSNLLRDNGYQSRGFEVMYNGHTGKKLMAQVFFGPTYYQRLRHMVDDKIHARARGPVQVLTRQPVE
GRSRDGGLRFGEMERDCMIAHGAAGFLKERLMEASDAFRVHVCGICGLMSVIANLKKNQFECRSCKNKTNIYQLHIPYAA
KLLFQELMAMNIAPRLYTERSGVSMRS
;
B
3 'polypeptide(L)'
;MSKEPKVNIINAQDDEVELMLSDVNLSLANSLRRTMLAEVPTLAIDLVEIKMNTSVLADEFISHRLGLIPLVSEDVEEMK
YSRDCTCEDYCDECSVVLELSARHEGEEGTTDVYSSSLIKVSGPGNLNVGEPVRRDDYDQGILLCKLRNHQELNIRCIAK
KGIAKEHAKWSPCSAIAFEYDPHNKLKHTDFWFEVDAKKEWPDSKYATWEEPPKPGEVFDYKAKPNRFYMTVETTGSLKA
NQVFSRGIKTLQEKLANVLFELENSRPANTTAYGGATAYGGQTVYGRETSYGGNTNYGDYNAPY
;
C
4 'polypeptide(L)'
;MNVSTSTVGARRRRAKQQVDDEENATLLRLGPEFALKQYDHDGNEHDLIALSLSESRLLIREALKARSRARNGGVDIESS
NGEIDDDELAKVTSGAVANGVVKKTLDYLNTFARFKDEETCTAVDQLLHNSSDCSVLHPFEIAQLSSLGCEDVDEAITLI
PSLAAKKEVNLQRILDELNRLEDPYK
;
D
5 'polypeptide(L)'
;MEDNNRIISRLWRSFRTVKEMAADRGYFISQEEMDQSLEEFRSKICDSMGNPQRKLMSFLANPTPEALEKYSDLGTLWVE
FCDEPSVGIKTMRNFCLRIQEKNFSTGIFIYQNNITPSANKMIPTVSPAIIETFQESDLVVNITHHELVPKHIRLSDGEK
SQLLQRYKLKESQLPRIQREDPVARYLGLKRGQVVKIIRRSETSGRYASYRICL
;
E
6 'polypeptide(L)'
;MSEDEAFNEQTENFENFEDEHFSDDNFEDRSTQPEDYAVGVTADGRQIINGDGIQEVNGTIKAHRKRSNKELAILKEERT
TTPYLTKYERARILGTRALQISMNAPVLVDIEGETDPLQIAMKELSQRKIPLVIRRYLPDGSYEDWGCDELIVDN
;
F
7 'polypeptide(L)'
;MFFLKDLSLILTLHPSYFGPQMNQYLREKLLTDVEGTCTGQFGYIVTVLDGMNIDVGKGRIIPGSGSAEFEVKYRAVVWK
PFKGEVVDAIVSNVSPIGFFADVGPLNVFVSTRLIPDNLVYNPSNSPPAYMSNDELITKGSKVRLKVVGTRTDVNEIYAI
GSIKEDFLGAI
;
G
8 'polypeptide(L)'
;MSSALFDDIFTVQTVDNGRYNKVSRIIGISTTNSAIKLTLDINNEMFPVSQDDSLTVTLANSLSLDGEDESANFSKSWRP
PKPTDKSLADDYDYVMFGTVYKFEEGDEDKIKVYVSFGGLLMCLEGGYKSLASLKQDNLYILIRR
;
H
9 'polypeptide(L)'
;MASFRFCLECNNMLYPKEDKENQRLLYSCRNCDYTELAEDPKVYRHELITNIGETAGIVDDIGQDPTLPRSDKECPECHS
RDCVFFQSQQRRKDTNMTLFYVCLNCKKTFRDESE
;
I
10 'polypeptide(L)' MIIPVRCFSCGKVVGDKWDAYLRLLEEGKQEGDALDELKLKRYCCRRMVLTHVDLIEKFLRYNPLEKKDFDS J
11 'polypeptide(L)'
;MNAPDRFELFILPDDVPKLKITPDSRVPNCIIIKFEREDHTLANLLREELALYPDVTFVAYKVEHPLFANFVMRLQTEEG
TRPKQALERACASIINKLKTLDHKFNEEWNIKNFSLND
;
K
12 'polypeptide(L)' MSREGFVAPSGTDLAAAASGVAPNKHYGVKYTCGACAHNFSLNKSDPVRCKECGHRVIYKARTKRMIQFDAR L
13 'polyribonucleotide' GGUGUCUUGGG P
14 'polydeoxyribonucleotide'
;(DA)(DT)(DC)(DA)(DG)(DA)(DA)(DT)(DC)(DC)(DC)(DG)(DG)(DT)(DG)(DC)(DC)(DG)(DA)(DG)
(DG)(DC)(DC)(DG)(DC)(DT)(DC)(DA)(DA)(DT)(DT)(DG)(DG)(DT)(DC)(DG)(DT)(DA)(DG)(DA)
(DC)(DA)(DG)(DC)(DT)(DC)(DT)(DA)(DG)(DC)(DA)(DC)(DC)(DG)(DC)(DT)(DT)(DA)(DA)(DA)
(DC)(DG)(DC)(DA)(DC)(DG)(DT)(DA)(DC)(DG)(DC)(DG)(DC)(DT)(DG)(DT)(DC)(DC)(DC)(DC)
(DC)(DG)(DC)(DG)(DT)(DT)(DT)(DT)(DA)(DA)(DC)(DC)(DG)(DC)(DC)(DA)(DA)(DG)(DG)(DG)
(DG)(DA)(DT)(DT)(DA)(DC)(DA)(DC)(DC)(DC)(DA)(DA)(DG)(DA)(DC)(DA)(DC)(DC)(DA)(DG)
(DG)(DC)(DA)(DC)(DG)(DA)(DG)(DA)(DC)(DA)(DG)(DA)(DA)(DA)(DA)(DA)(DA)(DA)(DC)(DA)
(DA)(DC)(DG)(DA)(DA)(DA)(DA)(DC)(DG)(DG)(DC)(DC)(DA)(DC)(DC)(DA)(DC)(DC)(DC)(DA)
(DA)(DA)(DC)(DA)(DC)(DA)(DC)(DC)(DA)(DA)(DA)(DC)(DA)(DC)(DA)(DA)(DG)(DA)(DG)(DC)
(DT)(DA)(DA)(DT)(DT)(DG)(DA)(DC)(DT)(DG)(DA)(DC)(DG)(DT)(DA)(DA)(DG)(DC)
;
T
15 'polydeoxyribonucleotide'
;(DG)(DC)(DT)(DT)(DA)(DC)(DG)(DT)(DC)(DA)(DG)(DT)(DC)(DT)(DG)(DG)(DC)(DC)(DA)(DT)
(DC)(DT)(DT)(DT)(DG)(DT)(DG)(DT)(DT)(DT)(DG)(DG)(DT)(DG)(DT)(DG)(DT)(DT)(DT)(DG)
(DG)(DG)(DT)(DG)(DG)(DT)(DG)(DG)(DC)(DC)(DG)(DT)(DT)(DT)(DT)(DC)(DG)(DT)(DT)(DG)
(DT)(DT)(DT)(DT)(DT)(DT)(DT)(DC)(DT)(DG)(DT)(DC)(DT)(DC)(DG)(DT)(DG)(DC)(DC)(DT)
(DG)(DG)(DT)(DG)(DT)(DC)(DT)(DT)(DG)(DG)(DG)(DT)(DG)(DT)(DA)(DA)(DT)(DC)(DC)(DC)
(DC)(DT)(DT)(DG)(DG)(DC)(DG)(DG)(DT)(DT)(DA)(DA)(DA)(DA)(DC)(DG)(DC)(DG)(DG)(DG)
(DG)(DG)(DA)(DC)(DA)(DG)(DC)(DG)(DC)(DG)(DT)(DA)(DC)(DG)(DT)(DG)(DC)(DG)(DT)(DT)
(DT)(DA)(DA)(DG)(DC)(DG)(DG)(DT)(DG)(DC)(DT)(DA)(DG)(DA)(DG)(DC)(DT)(DG)(DT)(DC)
(DT)(DA)(DC)(DG)(DA)(DC)(DC)(DA)(DA)(DT)(DT)(DG)(DA)(DG)(DC)(DG)(DG)(DC)(DC)(DT)
(DC)(DG)(DG)(DC)(DA)(DC)(DC)(DG)(DG)(DG)(DA)(DT)(DT)(DC)(DT)(DG)(DA)(DT)
;
N
16 'polypeptide(L)'
;GSHMARTKQTARKSTGGKAPRKQLATKAARKSAPSTGGVKKPHRYRPGTVALREIRRYQKSTELLIRKLPFQRLVREIAQ
DFKTDLRFQSAAIGALQEASEAYLVGLFEDTNLCAIHAKRVTIMPKDIQLARRIRGERA
;
a,e
17 'polypeptide(L)'
;GSHMSGRGKGGKGLGKGGAKRHRKVLRDNIQGITKPAIRRLARRGGVKRISGLIYEETRGVLKVFLENVIRDAVTYTEHA
KRKTVTAMDVVYALKRQGRTLYGFGG
;
b,f
18 'polypeptide(L)'
;GSHMSGRGKQGGKARAKAKTRSSRAGLQFPVGRVHRLLRKGNYSERVGAGAPVYLAAVLEYLTAEILELAGNAARDNKKT
RIIPRHLQLAIRNDEELNKLLGRVTIAQGGVLPNIQAVLLPKKTESHHKAKGK
;
c,g
19 'polypeptide(L)'
;GSHMPEPAKSAPAPKKGSKKAVTKAQKKDGKKRKRSRKESYSIYVYKVLKQVHPDTGISSKAMGIMNSFVNDIFERIAGE
ASRLAHYNKRSTITSREIQTAVRLLLPGELAKHAVSEGTKAVTKYTSAK
;
d,h
20 'polydeoxyribonucleotide'
;(DG)(DG)(DG)(DG)(DA)(DT)(DT)(DA)(DC)(DA)(DC)(DC)(DC)(DA)(DA)(DG)(DA)(DC)(DA)(DC)
(DC)(DA)(DG)(DG)(DC)(DA)(DC)(DG)(DA)(DG)(DA)(DC)(DA)(DG)(DA)(DA)(DA)(DA)(DA)(DA)
(DA)(DC)
;
0
21 'polydeoxyribonucleotide'
;(DG)(DT)(DT)(DT)(DT)(DT)(DT)(DT)(DC)(DT)(DG)(DT)(DC)(DT)(DC)(DG)(DT)(DG)(DC)(DC)
(DT)(DG)(DG)(DT)(DG)(DT)(DC)(DT)(DT)(DG)(DG)(DG)(DT)(DG)(DT)(DA)(DA)(DT)(DC)(DC)
(DC)(DC)
;
1
#
# COMPACT_ATOMS: atom_id res chain seq x y z
N SER A 2 1.56 40.76 -16.32
CA SER A 2 0.84 41.97 -15.98
C SER A 2 -0.48 42.02 -16.72
N GLN A 3 -0.96 40.85 -17.11
CA GLN A 3 -2.20 40.74 -17.88
C GLN A 3 -3.44 40.88 -17.02
N PHE A 4 -3.31 41.38 -15.80
CA PHE A 4 -4.47 41.52 -14.95
C PHE A 4 -4.99 42.95 -15.00
N PRO A 5 -6.26 43.12 -15.35
CA PRO A 5 -6.81 44.47 -15.46
C PRO A 5 -6.73 45.19 -14.13
N TYR A 6 -6.42 46.48 -14.23
CA TYR A 6 -6.02 47.26 -13.08
C TYR A 6 -7.12 47.35 -12.03
N SER A 7 -6.69 47.57 -10.79
CA SER A 7 -7.57 47.85 -9.67
C SER A 7 -6.77 48.60 -8.64
N SER A 8 -7.40 48.87 -7.49
CA SER A 8 -6.70 49.57 -6.42
C SER A 8 -6.49 48.72 -5.18
N ALA A 9 -6.97 47.50 -5.16
CA ALA A 9 -6.63 46.61 -4.08
C ALA A 9 -5.13 46.38 -4.08
N PRO A 10 -4.40 46.88 -3.10
CA PRO A 10 -2.95 46.78 -3.14
C PRO A 10 -2.52 45.33 -3.20
N LEU A 11 -1.31 45.12 -3.68
CA LEU A 11 -0.83 43.76 -3.84
C LEU A 11 -0.22 43.25 -2.56
N ARG A 12 -0.64 42.08 -2.11
CA ARG A 12 -0.06 41.39 -0.98
C ARG A 12 -0.32 39.91 -1.13
N SER A 13 0.60 39.09 -0.65
CA SER A 13 0.46 37.65 -0.77
C SER A 13 0.11 37.03 0.57
N VAL A 14 -0.23 35.75 0.54
CA VAL A 14 -0.76 35.04 1.70
C VAL A 14 0.33 34.85 2.74
N LYS A 15 -0.06 34.75 4.00
CA LYS A 15 0.85 34.46 5.10
C LYS A 15 0.31 33.46 6.11
N GLU A 16 -1.00 33.35 6.31
CA GLU A 16 -1.52 32.54 7.40
C GLU A 16 -2.84 31.89 7.00
N VAL A 17 -2.87 30.57 7.00
CA VAL A 17 -4.11 29.83 6.82
C VAL A 17 -4.72 29.56 8.20
N GLN A 18 -6.02 29.77 8.33
CA GLN A 18 -6.73 29.63 9.59
C GLN A 18 -7.98 28.80 9.36
N PHE A 19 -7.89 27.51 9.60
CA PHE A 19 -9.05 26.70 9.31
C PHE A 19 -10.07 26.82 10.44
N GLY A 20 -11.33 26.77 10.05
CA GLY A 20 -12.42 26.82 11.00
C GLY A 20 -13.67 26.41 10.28
N LEU A 21 -14.66 26.01 11.05
CA LEU A 21 -15.90 25.60 10.43
C LEU A 21 -16.70 26.84 10.09
N LEU A 22 -17.94 26.65 9.69
CA LEU A 22 -18.75 27.72 9.12
C LEU A 22 -20.02 27.92 9.92
N SER A 23 -20.22 29.13 10.44
CA SER A 23 -21.44 29.38 11.16
C SER A 23 -22.59 29.51 10.18
N PRO A 24 -23.70 28.86 10.46
CA PRO A 24 -24.91 29.16 9.68
C PRO A 24 -25.10 30.64 9.44
N GLU A 25 -24.79 31.51 10.40
CA GLU A 25 -24.83 32.93 10.07
C GLU A 25 -23.80 33.26 9.00
N GLU A 26 -22.60 32.70 9.10
CA GLU A 26 -21.56 33.01 8.12
C GLU A 26 -22.04 32.70 6.71
N ILE A 27 -22.67 31.55 6.54
CA ILE A 27 -23.36 31.25 5.30
C ILE A 27 -24.30 32.38 4.95
N ARG A 28 -25.35 32.57 5.75
CA ARG A 28 -26.39 33.52 5.39
C ARG A 28 -25.84 34.88 5.06
N ALA A 29 -24.63 35.16 5.50
CA ALA A 29 -24.04 36.45 5.25
C ALA A 29 -23.24 36.50 3.96
N ILE A 30 -22.59 35.41 3.56
CA ILE A 30 -21.82 35.46 2.32
C ILE A 30 -22.67 35.29 1.08
N SER A 31 -23.73 34.50 1.15
CA SER A 31 -24.43 34.10 -0.05
C SER A 31 -25.24 35.26 -0.60
N VAL A 32 -25.86 35.07 -1.75
CA VAL A 32 -26.71 36.09 -2.35
C VAL A 32 -28.01 35.53 -2.90
N VAL A 33 -28.36 34.30 -2.58
CA VAL A 33 -29.64 33.79 -3.04
C VAL A 33 -30.03 32.61 -2.18
N LYS A 34 -31.29 32.59 -1.76
CA LYS A 34 -31.87 31.36 -1.27
C LYS A 34 -32.42 30.58 -2.45
N ILE A 35 -32.14 29.29 -2.45
CA ILE A 35 -32.42 28.44 -3.61
C ILE A 35 -33.69 27.65 -3.33
N GLU A 36 -34.49 27.44 -4.37
CA GLU A 36 -35.83 26.95 -4.08
C GLU A 36 -36.27 25.72 -4.85
N TYR A 37 -35.93 25.60 -6.13
CA TYR A 37 -36.71 24.70 -6.96
C TYR A 37 -35.87 23.58 -7.55
N PRO A 38 -36.24 22.33 -7.33
CA PRO A 38 -35.49 21.24 -7.96
C PRO A 38 -35.50 21.34 -9.46
N GLU A 39 -36.50 22.00 -10.03
CA GLU A 39 -36.53 22.21 -11.45
C GLU A 39 -35.45 23.19 -11.89
N ILE A 40 -34.53 22.69 -12.71
CA ILE A 40 -33.45 23.52 -13.23
C ILE A 40 -33.99 24.47 -14.28
N MET A 41 -34.36 23.91 -15.43
CA MET A 41 -34.98 24.67 -16.50
C MET A 41 -36.21 25.38 -15.98
N ASP A 42 -36.57 26.47 -16.65
CA ASP A 42 -37.88 27.02 -16.38
C ASP A 42 -38.87 25.94 -16.77
N GLU A 43 -39.03 25.71 -18.07
CA GLU A 43 -39.63 24.51 -18.63
C GLU A 43 -38.93 24.19 -19.95
N SER A 44 -37.60 24.32 -19.94
CA SER A 44 -36.78 24.49 -21.15
C SER A 44 -37.14 25.79 -21.86
N ARG A 45 -36.79 26.91 -21.22
CA ARG A 45 -37.23 28.24 -21.67
C ARG A 45 -36.10 29.28 -21.61
N GLN A 46 -34.93 28.94 -22.15
CA GLN A 46 -34.03 30.01 -22.59
C GLN A 46 -33.57 30.97 -21.49
N ARG A 47 -32.50 30.61 -20.76
CA ARG A 47 -32.08 31.17 -19.46
C ARG A 47 -32.99 30.65 -18.35
N PRO A 48 -32.74 29.42 -17.91
CA PRO A 48 -33.61 28.78 -16.92
C PRO A 48 -33.84 29.59 -15.66
N ARG A 49 -34.78 29.07 -14.90
CA ARG A 49 -35.42 29.77 -13.79
C ARG A 49 -34.42 30.47 -12.89
N GLU A 50 -34.82 31.60 -12.32
CA GLU A 50 -34.11 32.14 -11.18
C GLU A 50 -34.60 31.44 -9.91
N GLY A 51 -33.70 31.24 -8.96
CA GLY A 51 -34.02 30.51 -7.75
C GLY A 51 -33.81 29.03 -7.87
N GLY A 52 -33.44 28.56 -9.06
CA GLY A 52 -33.01 27.20 -9.25
C GLY A 52 -31.52 27.08 -9.04
N LEU A 53 -30.93 26.08 -9.69
CA LEU A 53 -29.53 25.79 -9.45
C LEU A 53 -28.61 26.52 -10.42
N ASN A 54 -29.09 27.49 -11.18
CA ASN A 54 -28.28 28.18 -12.17
C ASN A 54 -28.65 29.65 -12.23
N ASP A 55 -29.19 30.18 -11.15
CA ASP A 55 -29.59 31.56 -11.08
C ASP A 55 -28.44 32.48 -11.51
N PRO A 56 -28.63 33.30 -12.54
CA PRO A 56 -27.54 34.11 -13.06
C PRO A 56 -27.04 35.16 -12.09
N LYS A 57 -27.54 35.20 -10.87
CA LYS A 57 -26.79 35.92 -9.86
C LYS A 57 -25.50 35.22 -9.52
N LEU A 58 -25.44 33.91 -9.68
CA LEU A 58 -24.28 33.15 -9.21
C LEU A 58 -23.04 33.42 -10.01
N GLY A 59 -23.17 34.03 -11.18
CA GLY A 59 -22.04 34.16 -12.06
C GLY A 59 -22.31 33.31 -13.28
N SER A 60 -22.35 33.92 -14.45
CA SER A 60 -22.69 33.19 -15.66
C SER A 60 -21.43 32.70 -16.35
N ILE A 61 -21.57 31.62 -17.09
CA ILE A 61 -20.45 31.00 -17.79
C ILE A 61 -20.54 31.21 -19.30
N ASP A 62 -21.27 32.23 -19.74
CA ASP A 62 -21.46 32.53 -21.15
C ASP A 62 -20.77 33.82 -21.52
N ARG A 63 -20.02 33.79 -22.62
CA ARG A 63 -19.10 34.87 -22.93
C ARG A 63 -19.84 36.19 -23.16
N ASN A 64 -21.05 36.13 -23.67
CA ASN A 64 -21.76 37.35 -24.04
C ASN A 64 -22.44 38.04 -22.88
N PHE A 65 -22.75 37.32 -21.80
CA PHE A 65 -23.58 37.84 -20.72
C PHE A 65 -22.72 38.08 -19.51
N LYS A 66 -22.36 39.35 -19.28
CA LYS A 66 -21.77 39.71 -18.01
C LYS A 66 -22.64 39.18 -16.87
N CYS A 67 -21.98 38.87 -15.75
CA CYS A 67 -22.73 38.48 -14.57
C CYS A 67 -23.36 39.69 -13.91
N GLN A 68 -24.65 39.57 -13.57
CA GLN A 68 -25.35 40.64 -12.88
C GLN A 68 -24.64 41.08 -11.62
N THR A 69 -24.08 40.12 -10.89
CA THR A 69 -23.60 40.40 -9.54
C THR A 69 -22.29 41.15 -9.58
N CYS A 70 -21.23 40.55 -10.13
CA CYS A 70 -19.96 41.23 -10.17
C CYS A 70 -19.93 42.35 -11.20
N GLY A 71 -20.47 42.11 -12.39
CA GLY A 71 -20.31 43.06 -13.45
C GLY A 71 -19.03 42.93 -14.24
N GLU A 72 -18.50 41.72 -14.34
CA GLU A 72 -17.29 41.45 -15.10
C GLU A 72 -17.54 40.37 -16.14
N GLY A 73 -16.47 39.93 -16.79
CA GLY A 73 -16.54 38.82 -17.72
C GLY A 73 -16.25 37.51 -17.01
N MET A 74 -16.29 36.43 -17.79
CA MET A 74 -16.01 35.11 -17.23
C MET A 74 -14.55 34.92 -16.89
N ALA A 75 -13.76 35.98 -16.88
CA ALA A 75 -12.36 35.85 -16.51
C ALA A 75 -12.10 36.48 -15.16
N GLU A 76 -13.03 37.26 -14.64
CA GLU A 76 -12.82 37.91 -13.36
C GLU A 76 -13.73 37.42 -12.26
N CYS A 77 -14.90 36.93 -12.59
CA CYS A 77 -15.89 36.61 -11.57
C CYS A 77 -15.53 35.27 -10.95
N PRO A 78 -14.97 35.24 -9.75
CA PRO A 78 -14.60 33.96 -9.16
C PRO A 78 -15.76 33.03 -8.96
N GLY A 79 -16.98 33.53 -8.94
CA GLY A 79 -18.12 32.80 -8.44
C GLY A 79 -18.81 33.57 -7.31
N HIS A 80 -19.92 33.02 -6.87
CA HIS A 80 -20.65 33.59 -5.75
C HIS A 80 -21.48 32.44 -5.18
N PHE A 81 -21.46 32.24 -3.87
CA PHE A 81 -22.11 31.04 -3.36
C PHE A 81 -23.60 31.22 -3.15
N GLY A 82 -24.32 30.10 -3.20
CA GLY A 82 -25.69 30.06 -2.75
C GLY A 82 -25.75 29.27 -1.47
N HIS A 83 -26.97 29.02 -1.01
CA HIS A 83 -27.18 28.21 0.17
C HIS A 83 -28.57 27.62 0.14
N MET A 84 -28.64 26.31 0.06
CA MET A 84 -29.92 25.62 0.03
C MET A 84 -30.35 25.48 1.47
N GLU A 85 -31.65 25.44 1.71
CA GLU A 85 -32.18 25.35 3.07
C GLU A 85 -32.60 23.94 3.40
N LEU A 86 -31.99 23.37 4.43
CA LEU A 86 -32.45 22.10 4.94
C LEU A 86 -33.66 22.33 5.82
N ALA A 87 -34.54 21.32 5.87
CA ALA A 87 -35.64 21.37 6.81
C ALA A 87 -35.23 20.79 8.14
N LYS A 88 -34.66 19.69 8.10
CA LYS A 88 -34.14 18.98 9.24
C LYS A 88 -32.61 19.07 9.24
N PRO A 89 -31.98 19.96 10.00
CA PRO A 89 -30.54 20.14 9.87
C PRO A 89 -29.80 18.86 10.18
N VAL A 90 -28.72 18.63 9.42
CA VAL A 90 -28.18 17.30 9.22
C VAL A 90 -26.75 17.22 9.69
N PHE A 91 -26.31 15.99 9.89
CA PHE A 91 -24.92 15.68 10.15
C PHE A 91 -24.03 16.24 9.05
N HIS A 92 -22.77 16.38 9.38
CA HIS A 92 -21.71 16.49 8.40
C HIS A 92 -21.16 15.09 8.26
N ILE A 93 -20.56 14.74 7.11
CA ILE A 93 -20.15 13.34 7.03
C ILE A 93 -18.76 13.09 7.57
N GLY A 94 -17.88 14.08 7.56
CA GLY A 94 -16.55 13.89 8.09
C GLY A 94 -16.45 13.99 9.59
N PHE A 95 -17.56 13.88 10.31
CA PHE A 95 -17.56 14.23 11.72
C PHE A 95 -18.43 13.31 12.55
N ILE A 96 -18.98 12.27 11.98
CA ILE A 96 -19.67 11.28 12.81
C ILE A 96 -18.72 10.77 13.89
N PRO A 97 -17.52 10.30 13.59
CA PRO A 97 -16.68 9.80 14.69
C PRO A 97 -16.28 10.88 15.67
N LYS A 98 -15.90 12.07 15.20
CA LYS A 98 -15.53 13.08 16.19
C LYS A 98 -16.72 13.54 17.01
N ILE A 99 -17.90 13.66 16.42
CA ILE A 99 -19.02 14.03 17.25
C ILE A 99 -19.41 12.90 18.17
N LYS A 100 -19.17 11.66 17.78
CA LYS A 100 -19.25 10.57 18.74
C LYS A 100 -18.35 10.85 19.93
N LYS A 101 -17.11 11.24 19.68
CA LYS A 101 -16.22 11.54 20.80
C LYS A 101 -16.85 12.59 21.71
N VAL A 102 -17.21 13.72 21.14
CA VAL A 102 -17.66 14.82 21.99
C VAL A 102 -18.93 14.42 22.74
N CYS A 103 -19.84 13.71 22.10
CA CYS A 103 -21.01 13.26 22.83
C CYS A 103 -20.69 12.22 23.89
N GLU A 104 -19.58 11.50 23.76
CA GLU A 104 -19.17 10.70 24.91
C GLU A 104 -18.71 11.58 26.05
N CYS A 105 -18.09 12.73 25.73
CA CYS A 105 -17.47 13.52 26.79
C CYS A 105 -18.49 14.10 27.76
N ILE A 106 -19.55 14.73 27.26
CA ILE A 106 -20.31 15.64 28.09
C ILE A 106 -21.68 15.09 28.42
N CYS A 107 -22.46 15.84 29.17
CA CYS A 107 -23.75 15.35 29.63
C CYS A 107 -24.74 15.24 28.49
N MET A 108 -25.91 14.69 28.80
CA MET A 108 -27.04 14.61 27.89
C MET A 108 -28.09 15.67 28.15
N ASN A 109 -28.18 16.17 29.38
CA ASN A 109 -29.22 17.14 29.69
C ASN A 109 -28.68 18.55 29.66
N CYS A 110 -27.50 18.78 30.22
CA CYS A 110 -26.91 20.11 30.25
C CYS A 110 -25.87 20.32 29.19
N GLY A 111 -25.09 19.31 28.90
CA GLY A 111 -24.01 19.49 27.98
C GLY A 111 -22.87 20.19 28.69
N LYS A 112 -22.37 19.56 29.75
CA LYS A 112 -21.10 19.93 30.31
C LYS A 112 -20.28 18.68 30.61
N LEU A 113 -18.96 18.88 30.66
CA LEU A 113 -18.05 17.76 30.70
C LEU A 113 -18.14 17.00 32.01
N LEU A 114 -18.25 15.69 31.93
CA LEU A 114 -18.43 14.84 33.09
C LEU A 114 -17.47 15.13 34.24
N LEU A 115 -16.44 15.95 34.04
CA LEU A 115 -15.43 16.14 35.06
C LEU A 115 -14.94 17.58 35.06
N ASP A 116 -14.48 18.03 36.23
CA ASP A 116 -13.79 19.30 36.36
C ASP A 116 -12.45 19.10 37.05
N GLU A 117 -11.76 20.20 37.34
CA GLU A 117 -10.41 20.18 37.86
C GLU A 117 -10.32 19.63 39.28
N THR A 118 -11.36 18.92 39.74
CA THR A 118 -11.29 18.16 40.99
C THR A 118 -10.21 17.09 40.91
N ASN A 119 -10.38 16.14 40.02
CA ASN A 119 -9.27 15.24 39.72
C ASN A 119 -8.10 16.08 39.24
N PRO A 120 -6.99 16.13 39.98
CA PRO A 120 -5.85 16.94 39.53
C PRO A 120 -5.30 16.49 38.20
N THR A 121 -5.48 15.23 37.82
CA THR A 121 -5.04 14.82 36.50
C THR A 121 -5.76 15.61 35.43
N MET A 122 -7.05 15.90 35.66
CA MET A 122 -7.78 16.82 34.80
C MET A 122 -7.14 18.19 34.77
N ALA A 123 -6.82 18.73 35.95
CA ALA A 123 -6.24 20.06 36.05
C ALA A 123 -4.82 20.11 35.50
N GLN A 124 -4.25 18.95 35.18
CA GLN A 124 -2.96 18.96 34.49
C GLN A 124 -3.13 18.72 33.00
N ALA A 125 -4.03 17.82 32.61
CA ALA A 125 -4.36 17.65 31.21
C ALA A 125 -4.77 18.95 30.57
N ILE A 126 -5.60 19.73 31.27
CA ILE A 126 -5.94 21.07 30.82
C ILE A 126 -4.69 21.93 30.73
N ARG A 127 -3.63 21.60 31.46
CA ARG A 127 -2.44 22.42 31.30
C ARG A 127 -1.60 22.04 30.09
N ILE A 128 -2.14 21.28 29.15
CA ILE A 128 -1.43 21.01 27.90
C ILE A 128 -1.87 22.03 26.87
N ARG A 129 -1.06 22.22 25.83
CA ARG A 129 -1.41 23.23 24.85
C ARG A 129 -1.83 22.68 23.49
N ASP A 130 -1.73 21.37 23.28
CA ASP A 130 -2.11 20.82 21.98
C ASP A 130 -3.59 20.51 21.89
N PRO A 131 -4.29 21.01 20.88
CA PRO A 131 -5.70 20.66 20.76
C PRO A 131 -5.96 19.18 20.70
N LYS A 132 -5.31 18.45 19.80
CA LYS A 132 -5.55 17.01 19.74
C LYS A 132 -5.25 16.36 21.08
N LYS A 133 -4.08 16.66 21.65
CA LYS A 133 -3.67 16.05 22.90
C LYS A 133 -4.56 16.45 24.05
N ARG A 134 -4.96 17.72 24.11
CA ARG A 134 -5.96 18.16 25.06
C ARG A 134 -7.20 17.30 24.98
N PHE A 135 -7.75 17.18 23.77
CA PHE A 135 -8.96 16.40 23.63
C PHE A 135 -8.75 14.94 24.01
N ASN A 136 -7.58 14.41 23.70
CA ASN A 136 -7.34 13.00 23.95
C ASN A 136 -7.26 12.73 25.44
N ALA A 137 -6.55 13.59 26.17
CA ALA A 137 -6.51 13.47 27.63
C ALA A 137 -7.89 13.61 28.22
N VAL A 138 -8.64 14.63 27.80
CA VAL A 138 -9.96 14.81 28.35
C VAL A 138 -10.81 13.58 28.11
N TRP A 139 -10.77 13.04 26.88
CA TRP A 139 -11.61 11.90 26.57
C TRP A 139 -11.13 10.66 27.28
N GLN A 140 -9.84 10.55 27.54
CA GLN A 140 -9.36 9.37 28.24
C GLN A 140 -9.83 9.40 29.69
N LEU A 141 -9.92 10.59 30.27
CA LEU A 141 -10.58 10.68 31.57
C LEU A 141 -12.07 10.40 31.49
N CYS A 142 -12.78 11.04 30.57
CA CYS A 142 -14.24 11.10 30.65
C CYS A 142 -14.94 9.96 29.94
N LYS A 143 -14.21 9.14 29.19
CA LYS A 143 -14.78 7.89 28.71
C LYS A 143 -14.94 6.88 29.83
N THR A 144 -14.33 7.16 30.98
CA THR A 144 -14.40 6.30 32.15
C THR A 144 -15.69 6.51 32.93
N LYS A 145 -16.10 7.75 33.10
CA LYS A 145 -17.33 8.09 33.81
C LYS A 145 -18.50 7.42 33.09
N MET A 146 -19.47 6.92 33.85
CA MET A 146 -20.63 6.30 33.23
C MET A 146 -21.95 6.93 33.65
N VAL A 147 -22.00 7.55 34.82
CA VAL A 147 -23.19 8.23 35.30
C VAL A 147 -22.85 9.71 35.46
N CYS A 148 -23.72 10.58 34.94
CA CYS A 148 -23.39 12.00 34.85
C CYS A 148 -23.12 12.62 36.21
N GLU A 149 -22.70 13.86 36.20
CA GLU A 149 -22.79 14.66 37.41
C GLU A 149 -23.80 15.78 37.21
N ALA A 150 -24.88 15.74 37.98
CA ALA A 150 -25.61 16.96 38.25
C ALA A 150 -24.71 17.94 38.99
N ASP A 151 -24.17 17.52 40.13
CA ASP A 151 -23.25 18.31 40.93
C ASP A 151 -21.96 18.61 40.15
N ALA A 152 -21.18 19.56 40.64
CA ALA A 152 -19.82 19.70 40.15
C ALA A 152 -19.01 18.47 40.57
N PRO A 153 -18.55 17.64 39.62
CA PRO A 153 -18.06 16.26 39.80
C PRO A 153 -17.04 16.09 40.93
N LYS A 161 -28.17 22.44 50.85
CA LYS A 161 -27.44 23.03 49.72
C LYS A 161 -26.91 21.98 48.78
N VAL A 162 -27.34 22.03 47.52
CA VAL A 162 -26.82 21.17 46.47
C VAL A 162 -26.39 22.03 45.29
N VAL A 163 -25.13 21.92 44.90
CA VAL A 163 -24.57 22.75 43.82
C VAL A 163 -24.38 21.80 42.63
N SER A 164 -25.25 21.97 41.62
CA SER A 164 -25.24 21.13 40.43
C SER A 164 -24.46 21.82 39.33
N ARG A 165 -23.44 21.11 38.80
CA ARG A 165 -22.63 21.64 37.71
C ARG A 165 -23.42 21.91 36.45
N GLY A 166 -24.63 21.38 36.33
CA GLY A 166 -25.42 21.54 35.13
C GLY A 166 -26.13 20.27 34.73
N GLY A 167 -25.46 19.13 34.81
CA GLY A 167 -26.11 17.87 34.55
C GLY A 167 -27.31 17.68 35.46
N CYS A 168 -28.15 16.71 35.10
CA CYS A 168 -29.35 16.45 35.88
C CYS A 168 -29.16 15.40 36.95
N GLY A 169 -28.05 14.67 36.90
CA GLY A 169 -27.83 13.53 37.77
C GLY A 169 -28.07 12.21 37.09
N ASN A 170 -28.92 12.17 36.08
CA ASN A 170 -29.12 10.94 35.35
C ASN A 170 -27.82 10.48 34.72
N THR A 171 -27.77 9.21 34.36
CA THR A 171 -26.55 8.61 33.84
C THR A 171 -26.18 9.25 32.51
N GLN A 172 -25.04 8.84 31.99
CA GLN A 172 -24.70 9.16 30.61
C GLN A 172 -24.65 7.90 29.78
N PRO A 173 -25.20 7.93 28.59
CA PRO A 173 -25.39 6.70 27.83
C PRO A 173 -24.08 6.17 27.29
N VAL A 174 -24.18 5.01 26.65
CA VAL A 174 -23.10 4.48 25.84
C VAL A 174 -23.41 4.88 24.41
N VAL A 175 -22.53 5.66 23.79
CA VAL A 175 -22.74 6.19 22.45
C VAL A 175 -21.91 5.37 21.46
N ARG A 176 -22.58 4.80 20.47
CA ARG A 176 -21.91 4.05 19.42
C ARG A 176 -22.12 4.71 18.07
N LYS A 177 -21.27 4.35 17.12
CA LYS A 177 -21.45 4.72 15.73
C LYS A 177 -22.09 3.52 15.04
N ASP A 178 -23.01 3.77 14.10
CA ASP A 178 -23.55 2.69 13.30
C ASP A 178 -24.23 3.31 12.08
N GLY A 179 -23.57 3.23 10.94
CA GLY A 179 -24.05 3.90 9.75
C GLY A 179 -24.03 5.40 9.98
N MET A 180 -25.06 6.08 9.50
CA MET A 180 -25.22 7.49 9.81
C MET A 180 -25.94 7.67 11.13
N LYS A 181 -26.10 6.59 11.88
CA LYS A 181 -27.01 6.53 13.00
C LYS A 181 -26.21 6.40 14.29
N LEU A 182 -26.66 7.11 15.33
CA LEU A 182 -26.01 7.05 16.62
C LEU A 182 -26.88 6.33 17.62
N TRP A 183 -26.43 5.16 18.05
CA TRP A 183 -27.16 4.37 19.02
C TRP A 183 -26.67 4.71 20.40
N GLY A 184 -27.62 5.10 21.26
CA GLY A 184 -27.33 5.33 22.67
C GLY A 184 -28.00 4.27 23.51
N THR A 185 -27.21 3.61 24.35
CA THR A 185 -27.69 2.57 25.25
C THR A 185 -27.43 3.02 26.67
N TRP A 186 -28.48 3.47 27.35
CA TRP A 186 -28.39 3.69 28.77
C TRP A 186 -28.54 2.36 29.51
N LYS A 187 -28.39 2.41 30.82
CA LYS A 187 -28.91 1.37 31.70
C LYS A 187 -30.18 1.88 32.40
N LYS A 188 -31.14 2.36 31.61
CA LYS A 188 -32.21 3.19 32.15
C LYS A 188 -33.01 2.44 33.20
N SER A 189 -32.75 2.78 34.47
CA SER A 189 -33.54 2.29 35.59
C SER A 189 -34.93 2.89 35.51
N ARG A 194 -30.63 -0.45 39.48
CA ARG A 194 -29.59 0.19 38.70
C ARG A 194 -29.72 -0.15 37.22
N ASP A 195 -29.67 -1.44 36.90
CA ASP A 195 -29.84 -1.86 35.51
C ASP A 195 -31.31 -2.19 35.21
N ALA A 196 -31.82 -1.62 34.12
CA ALA A 196 -33.14 -1.96 33.61
C ALA A 196 -33.14 -1.74 32.11
N GLN A 197 -34.33 -1.68 31.51
CA GLN A 197 -34.52 -1.63 30.07
C GLN A 197 -33.72 -0.50 29.41
N PRO A 198 -32.71 -0.84 28.62
CA PRO A 198 -31.91 0.19 27.93
C PRO A 198 -32.67 0.76 26.74
N GLU A 199 -32.98 2.06 26.79
CA GLU A 199 -33.62 2.74 25.67
C GLU A 199 -32.58 2.96 24.57
N ARG A 200 -32.09 1.86 24.02
CA ARG A 200 -31.13 1.98 22.93
C ARG A 200 -31.85 2.68 21.77
N LYS A 201 -31.46 3.92 21.53
CA LYS A 201 -32.28 4.81 20.73
C LYS A 201 -31.41 5.70 19.87
N LEU A 202 -32.08 6.39 18.95
CA LEU A 202 -31.39 7.21 17.97
C LEU A 202 -31.16 8.60 18.51
N LEU A 203 -29.90 8.95 18.70
CA LEU A 203 -29.55 10.30 19.15
C LEU A 203 -29.76 11.25 17.97
N THR A 204 -30.81 12.03 18.04
CA THR A 204 -31.27 12.73 16.85
C THR A 204 -30.37 13.92 16.53
N PRO A 205 -30.29 14.31 15.27
CA PRO A 205 -29.53 15.51 14.92
C PRO A 205 -30.00 16.74 15.65
N GLY A 206 -31.28 17.07 15.61
CA GLY A 206 -31.72 18.30 16.23
C GLY A 206 -31.48 18.35 17.72
N GLU A 207 -31.70 17.22 18.41
CA GLU A 207 -31.53 17.21 19.85
C GLU A 207 -30.08 17.47 20.23
N ILE A 208 -29.17 16.72 19.61
CA ILE A 208 -27.76 16.98 19.83
C ILE A 208 -27.38 18.39 19.43
N LEU A 209 -28.10 18.98 18.46
CA LEU A 209 -27.76 20.33 18.06
C LEU A 209 -28.08 21.32 19.16
N ASN A 210 -29.31 21.28 19.68
CA ASN A 210 -29.61 22.13 20.81
C ASN A 210 -28.69 21.84 21.99
N VAL A 211 -28.25 20.59 22.13
CA VAL A 211 -27.37 20.27 23.24
C VAL A 211 -26.05 21.00 23.10
N PHE A 212 -25.41 20.89 21.94
CA PHE A 212 -24.15 21.59 21.77
C PHE A 212 -24.33 23.08 21.88
N LYS A 213 -25.49 23.61 21.47
CA LYS A 213 -25.66 25.06 21.52
C LYS A 213 -25.66 25.63 22.92
N HIS A 214 -25.42 24.83 23.96
CA HIS A 214 -25.56 25.31 25.33
C HIS A 214 -24.23 25.44 26.05
N ILE A 215 -23.09 25.32 25.38
CA ILE A 215 -21.81 25.13 26.06
C ILE A 215 -21.06 26.44 26.08
N SER A 216 -20.74 26.92 27.28
CA SER A 216 -20.01 28.15 27.43
C SER A 216 -18.58 27.94 26.99
N PRO A 217 -17.81 29.02 26.79
CA PRO A 217 -16.40 28.86 26.43
C PRO A 217 -15.60 28.03 27.41
N GLU A 218 -16.20 27.59 28.51
CA GLU A 218 -15.41 26.90 29.52
C GLU A 218 -15.13 25.46 29.12
N ASP A 219 -16.16 24.59 29.15
CA ASP A 219 -15.98 23.25 28.61
C ASP A 219 -15.73 23.28 27.11
N CYS A 220 -16.14 24.36 26.43
CA CYS A 220 -15.72 24.53 25.04
C CYS A 220 -14.21 24.52 24.91
N PHE A 221 -13.56 25.50 25.54
CA PHE A 221 -12.11 25.57 25.42
C PHE A 221 -11.44 24.34 25.98
N ARG A 222 -12.03 23.71 26.99
CA ARG A 222 -11.41 22.50 27.49
C ARG A 222 -11.40 21.40 26.44
N LEU A 223 -12.45 21.27 25.64
CA LEU A 223 -12.43 20.20 24.67
C LEU A 223 -11.42 20.42 23.58
N GLY A 224 -10.71 21.54 23.61
CA GLY A 224 -9.72 21.81 22.58
C GLY A 224 -10.30 22.29 21.28
N PHE A 225 -11.58 22.58 21.23
CA PHE A 225 -12.19 23.27 20.12
C PHE A 225 -11.75 24.72 20.19
N ASN A 226 -12.41 25.59 19.47
CA ASN A 226 -12.09 26.99 19.67
C ASN A 226 -13.24 27.84 19.22
N GLU A 227 -13.86 28.53 20.17
CA GLU A 227 -15.12 29.21 19.92
C GLU A 227 -15.09 30.01 18.63
N ASP A 228 -14.25 31.03 18.58
CA ASP A 228 -14.36 32.02 17.52
C ASP A 228 -13.94 31.52 16.17
N TYR A 229 -13.48 30.31 16.06
CA TYR A 229 -13.33 29.79 14.71
C TYR A 229 -13.88 28.38 14.56
N ALA A 230 -13.89 27.60 15.64
CA ALA A 230 -14.27 26.18 15.54
C ALA A 230 -15.22 25.86 16.68
N ARG A 231 -16.50 25.83 16.36
CA ARG A 231 -17.54 25.76 17.36
C ARG A 231 -18.09 24.36 17.42
N PRO A 232 -18.34 23.81 18.57
CA PRO A 232 -18.74 22.41 18.63
C PRO A 232 -20.17 22.15 18.20
N GLU A 233 -20.97 23.17 17.95
CA GLU A 233 -22.30 22.92 17.41
C GLU A 233 -22.41 23.26 15.93
N TRP A 234 -21.31 23.61 15.29
CA TRP A 234 -21.34 23.80 13.84
C TRP A 234 -20.95 22.53 13.12
N MET A 235 -20.64 21.47 13.83
CA MET A 235 -20.37 20.21 13.19
C MET A 235 -21.60 19.50 12.79
N ILE A 236 -22.72 20.18 12.72
CA ILE A 236 -23.93 19.61 12.17
C ILE A 236 -24.52 20.61 11.20
N ILE A 237 -24.60 20.20 9.93
CA ILE A 237 -24.94 21.11 8.85
C ILE A 237 -26.35 21.61 9.07
N THR A 238 -26.52 22.91 9.02
CA THR A 238 -27.88 23.44 9.02
C THR A 238 -28.32 23.88 7.65
N VAL A 239 -27.58 24.78 7.03
CA VAL A 239 -27.94 25.33 5.74
C VAL A 239 -26.77 25.08 4.79
N LEU A 240 -26.90 24.05 3.96
CA LEU A 240 -25.84 23.59 3.08
C LEU A 240 -25.52 24.63 2.03
N PRO A 241 -24.29 25.10 1.93
CA PRO A 241 -23.96 26.04 0.86
C PRO A 241 -23.93 25.35 -0.47
N VAL A 242 -24.00 26.16 -1.53
CA VAL A 242 -24.09 25.67 -2.90
C VAL A 242 -23.01 26.35 -3.72
N PRO A 243 -22.23 25.59 -4.48
CA PRO A 243 -21.10 26.16 -5.20
C PRO A 243 -21.53 26.79 -6.51
N PRO A 244 -20.97 27.95 -6.85
CA PRO A 244 -21.30 28.59 -8.13
C PRO A 244 -20.95 27.67 -9.28
N PRO A 245 -21.48 27.92 -10.47
CA PRO A 245 -21.34 26.95 -11.56
C PRO A 245 -19.92 26.70 -12.03
N GLN A 246 -18.95 27.57 -11.72
CA GLN A 246 -17.57 27.27 -12.12
C GLN A 246 -17.13 25.93 -11.58
N VAL A 247 -17.46 25.63 -10.33
CA VAL A 247 -17.11 24.34 -9.79
C VAL A 247 -17.85 23.21 -10.46
N ARG A 248 -18.98 23.48 -11.06
CA ARG A 248 -19.63 22.33 -11.64
C ARG A 248 -20.12 22.65 -13.04
N PRO A 249 -19.27 23.21 -13.90
CA PRO A 249 -19.74 23.65 -15.20
C PRO A 249 -20.24 22.45 -15.98
N SER A 250 -21.48 22.56 -16.44
CA SER A 250 -22.08 21.44 -17.14
C SER A 250 -21.39 21.27 -18.48
N ILE A 251 -20.89 20.07 -18.73
CA ILE A 251 -20.29 19.71 -20.00
C ILE A 251 -21.42 19.49 -20.99
N ALA A 252 -21.19 19.88 -22.24
CA ALA A 252 -22.17 19.68 -23.31
C ALA A 252 -22.13 18.23 -23.75
N MET A 253 -23.22 17.49 -23.53
CA MET A 253 -23.32 16.07 -23.85
C MET A 253 -22.88 15.87 -25.30
N ASP A 254 -23.58 16.47 -26.25
CA ASP A 254 -23.12 16.58 -27.62
C ASP A 254 -23.28 18.03 -28.09
N GLU A 255 -22.41 18.89 -27.57
CA GLU A 255 -22.25 20.30 -27.99
C GLU A 255 -23.55 21.10 -28.04
N THR A 256 -24.68 20.48 -27.72
CA THR A 256 -25.97 21.18 -27.63
C THR A 256 -26.75 20.74 -26.40
N THR A 257 -26.58 19.49 -26.00
CA THR A 257 -27.24 18.92 -24.84
C THR A 257 -26.30 19.01 -23.64
N GLN A 258 -26.75 19.63 -22.57
CA GLN A 258 -25.87 19.92 -21.43
C GLN A 258 -25.89 18.73 -20.48
N GLY A 259 -24.95 17.80 -20.69
CA GLY A 259 -24.81 16.69 -19.76
C GLY A 259 -24.28 17.18 -18.43
N GLN A 260 -25.18 17.26 -17.46
CA GLN A 260 -24.91 18.03 -16.24
C GLN A 260 -23.78 17.45 -15.43
N ASP A 261 -22.99 18.36 -14.87
CA ASP A 261 -21.95 18.03 -13.92
C ASP A 261 -22.56 17.35 -12.71
N ASP A 262 -21.91 16.30 -12.23
CA ASP A 262 -22.53 15.44 -11.21
C ASP A 262 -22.88 16.19 -9.93
N LEU A 263 -22.21 17.30 -9.64
CA LEU A 263 -22.64 18.13 -8.52
C LEU A 263 -24.04 18.68 -8.76
N THR A 264 -24.33 19.09 -9.98
CA THR A 264 -25.67 19.58 -10.26
C THR A 264 -26.71 18.49 -10.00
N HIS A 265 -26.45 17.25 -10.41
CA HIS A 265 -27.42 16.21 -10.11
C HIS A 265 -27.53 15.92 -8.63
N LYS A 266 -26.41 15.85 -7.92
CA LYS A 266 -26.55 15.56 -6.51
C LYS A 266 -27.29 16.69 -5.80
N LEU A 267 -27.10 17.93 -6.23
CA LEU A 267 -27.85 19.01 -5.64
C LEU A 267 -29.32 18.91 -5.98
N SER A 268 -29.66 18.47 -7.19
CA SER A 268 -31.05 18.29 -7.52
C SER A 268 -31.71 17.25 -6.62
N ASP A 269 -31.02 16.13 -6.39
CA ASP A 269 -31.62 15.11 -5.53
C ASP A 269 -31.75 15.60 -4.10
N ILE A 270 -30.77 16.37 -3.63
CA ILE A 270 -30.91 16.99 -2.32
C ILE A 270 -32.10 17.94 -2.29
N LEU A 271 -32.26 18.76 -3.31
CA LEU A 271 -33.34 19.74 -3.23
C LEU A 271 -34.69 19.07 -3.31
N LYS A 272 -34.81 18.03 -4.12
CA LYS A 272 -36.04 17.24 -4.12
C LYS A 272 -36.34 16.67 -2.75
N ALA A 273 -35.40 15.91 -2.18
CA ALA A 273 -35.69 15.32 -0.89
C ALA A 273 -35.90 16.39 0.17
N ASN A 274 -35.29 17.55 0.02
CA ASN A 274 -35.56 18.66 0.92
C ASN A 274 -37.03 19.01 0.91
N ILE A 275 -37.55 19.37 -0.26
CA ILE A 275 -38.94 19.76 -0.30
C ILE A 275 -39.84 18.62 0.14
N ASN A 276 -39.50 17.39 -0.23
CA ASN A 276 -40.35 16.28 0.15
C ASN A 276 -40.18 15.86 1.61
N VAL A 277 -39.22 16.44 2.33
CA VAL A 277 -39.27 16.41 3.79
C VAL A 277 -40.19 17.50 4.31
N GLN A 278 -40.04 18.73 3.81
CA GLN A 278 -40.90 19.79 4.30
C GLN A 278 -42.37 19.45 4.22
N LYS A 279 -42.84 19.04 3.05
CA LYS A 279 -44.27 18.91 2.86
C LYS A 279 -44.90 17.94 3.84
N LEU A 280 -44.14 17.02 4.42
CA LEU A 280 -44.77 16.10 5.35
C LEU A 280 -45.18 16.77 6.65
N GLU A 281 -44.33 17.61 7.24
CA GLU A 281 -44.79 18.20 8.48
C GLU A 281 -45.81 19.31 8.27
N MET A 282 -46.42 19.37 7.09
CA MET A 282 -47.64 20.15 6.89
C MET A 282 -48.79 19.29 6.37
N ASP A 283 -48.78 18.00 6.66
CA ASP A 283 -49.91 17.12 6.32
C ASP A 283 -49.72 15.76 7.00
N GLY A 284 -50.56 14.80 6.63
CA GLY A 284 -50.62 13.49 7.26
C GLY A 284 -49.56 12.51 6.82
N SER A 285 -49.10 11.67 7.75
CA SER A 285 -47.92 10.83 7.55
C SER A 285 -47.80 9.83 8.69
N PRO A 286 -47.57 8.54 8.43
CA PRO A 286 -47.58 7.55 9.51
C PRO A 286 -46.27 7.46 10.29
N GLN A 287 -45.60 8.60 10.45
CA GLN A 287 -44.51 8.78 11.40
C GLN A 287 -43.34 7.84 11.15
N HIS A 288 -43.46 6.96 10.17
CA HIS A 288 -42.30 6.21 9.70
C HIS A 288 -41.87 6.65 8.33
N ILE A 289 -42.79 7.00 7.44
CA ILE A 289 -42.42 7.63 6.19
C ILE A 289 -41.76 8.98 6.45
N ILE A 290 -42.21 9.70 7.48
CA ILE A 290 -41.51 10.92 7.87
C ILE A 290 -40.04 10.64 8.09
N ASN A 291 -39.75 9.70 8.98
CA ASN A 291 -38.38 9.35 9.29
C ASN A 291 -37.65 8.86 8.06
N GLU A 292 -38.36 8.19 7.15
CA GLU A 292 -37.67 7.72 5.97
C GLU A 292 -37.27 8.87 5.07
N VAL A 293 -38.15 9.85 4.89
CA VAL A 293 -37.76 10.94 4.01
C VAL A 293 -36.67 11.76 4.66
N GLU A 294 -36.71 11.88 5.98
CA GLU A 294 -35.62 12.54 6.70
C GLU A 294 -34.31 11.82 6.45
N GLN A 295 -34.27 10.53 6.76
CA GLN A 295 -33.06 9.75 6.57
C GLN A 295 -32.60 9.78 5.12
N LEU A 296 -33.54 9.96 4.20
CA LEU A 296 -33.16 10.11 2.80
C LEU A 296 -32.41 11.40 2.57
N LEU A 297 -32.95 12.51 3.05
CA LEU A 297 -32.22 13.76 2.92
C LEU A 297 -30.84 13.60 3.51
N GLN A 298 -30.76 12.93 4.64
CA GLN A 298 -29.47 12.69 5.25
C GLN A 298 -28.56 11.95 4.29
N PHE A 299 -29.08 10.91 3.66
CA PHE A 299 -28.29 10.07 2.77
C PHE A 299 -27.75 10.86 1.59
N HIS A 300 -28.56 11.76 1.05
CA HIS A 300 -28.06 12.58 -0.04
C HIS A 300 -27.01 13.57 0.42
N VAL A 301 -27.21 14.24 1.54
CA VAL A 301 -26.15 15.14 1.98
C VAL A 301 -24.90 14.33 2.26
N ALA A 302 -25.05 13.09 2.71
CA ALA A 302 -23.89 12.28 2.96
C ALA A 302 -23.16 11.98 1.67
N THR A 303 -23.80 11.23 0.77
CA THR A 303 -23.15 10.89 -0.48
C THR A 303 -22.65 12.11 -1.23
N TYR A 304 -23.17 13.30 -0.96
CA TYR A 304 -22.64 14.49 -1.61
C TYR A 304 -21.30 14.89 -1.05
N MET A 305 -21.13 14.80 0.27
CA MET A 305 -19.84 15.10 0.84
C MET A 305 -18.93 13.88 0.89
N ASP A 306 -19.36 12.76 0.33
CA ASP A 306 -18.52 11.57 0.21
C ASP A 306 -19.26 10.49 -0.55
N ASN A 307 -18.58 9.74 -1.39
CA ASN A 307 -19.13 8.46 -1.84
C ASN A 307 -18.20 7.32 -1.48
N ASP A 308 -17.58 7.42 -0.31
CA ASP A 308 -16.72 6.36 0.20
C ASP A 308 -17.20 5.86 1.56
N ILE A 309 -18.44 6.15 1.91
CA ILE A 309 -18.95 5.68 3.19
C ILE A 309 -18.98 4.17 3.21
N ALA A 310 -18.43 3.58 4.26
CA ALA A 310 -18.45 2.14 4.43
C ALA A 310 -19.87 1.65 4.70
N GLY A 311 -20.02 0.33 4.69
CA GLY A 311 -21.27 -0.27 5.09
C GLY A 311 -22.42 -0.09 4.13
N GLN A 312 -22.34 0.86 3.25
CA GLN A 312 -23.52 1.00 2.43
C GLN A 312 -23.19 0.82 0.96
N PRO A 313 -24.19 0.59 0.11
CA PRO A 313 -23.94 0.63 -1.33
C PRO A 313 -23.66 2.06 -1.77
N GLN A 314 -22.67 2.19 -2.64
CA GLN A 314 -22.33 3.47 -3.21
C GLN A 314 -23.49 3.99 -4.04
N ALA A 315 -23.87 5.23 -3.76
CA ALA A 315 -24.97 5.84 -4.48
C ALA A 315 -24.58 6.03 -5.94
N LEU A 316 -25.45 5.62 -6.85
CA LEU A 316 -25.06 5.37 -8.23
C LEU A 316 -25.45 6.53 -9.13
N GLN A 317 -24.77 6.63 -10.26
CA GLN A 317 -25.27 7.40 -11.38
C GLN A 317 -26.31 6.60 -12.13
N LYS A 318 -26.86 7.20 -13.18
CA LYS A 318 -27.87 6.56 -14.01
C LYS A 318 -27.25 5.64 -15.03
N SER A 319 -26.10 5.05 -14.71
CA SER A 319 -25.32 4.32 -15.68
C SER A 319 -24.69 3.04 -15.16
N GLY A 320 -24.45 2.92 -13.87
CA GLY A 320 -23.75 1.77 -13.33
C GLY A 320 -22.42 2.09 -12.69
N ARG A 321 -21.96 3.31 -12.79
CA ARG A 321 -20.73 3.76 -12.16
C ARG A 321 -21.04 4.61 -10.94
N PRO A 322 -20.14 4.67 -9.97
CA PRO A 322 -20.39 5.49 -8.79
C PRO A 322 -20.33 6.97 -9.10
N VAL A 323 -20.85 7.73 -8.17
CA VAL A 323 -20.99 9.18 -8.33
C VAL A 323 -19.77 9.87 -7.77
N LYS A 324 -19.25 10.83 -8.52
CA LYS A 324 -18.08 11.59 -8.08
C LYS A 324 -18.48 12.53 -6.95
N ALA A 325 -17.99 12.26 -5.75
CA ALA A 325 -18.28 13.15 -4.64
C ALA A 325 -17.52 14.46 -4.74
N ILE A 326 -17.39 15.19 -3.63
CA ILE A 326 -16.29 16.14 -3.50
C ILE A 326 -15.08 15.48 -2.87
N ARG A 327 -15.28 14.42 -2.09
CA ARG A 327 -14.15 13.71 -1.51
C ARG A 327 -13.32 13.05 -2.59
N ALA A 328 -13.95 12.24 -3.44
CA ALA A 328 -13.18 11.60 -4.50
C ALA A 328 -12.49 12.60 -5.40
N ARG A 329 -12.84 13.87 -5.32
CA ARG A 329 -12.13 14.84 -6.11
C ARG A 329 -10.94 15.42 -5.41
N LEU A 330 -10.63 15.00 -4.19
CA LEU A 330 -9.43 15.54 -3.59
C LEU A 330 -8.36 14.50 -3.33
N LYS A 331 -8.72 13.23 -3.26
CA LYS A 331 -7.77 12.22 -2.84
C LYS A 331 -7.10 11.57 -4.04
N GLY A 332 -6.52 10.40 -3.80
CA GLY A 332 -6.06 9.55 -4.85
C GLY A 332 -4.88 10.13 -5.62
N LYS A 333 -4.50 9.42 -6.69
CA LYS A 333 -3.42 9.90 -7.53
C LYS A 333 -3.85 11.11 -8.35
N GLU A 334 -5.15 11.33 -8.47
CA GLU A 334 -5.69 12.27 -9.44
C GLU A 334 -6.65 13.28 -8.82
N GLY A 335 -6.40 13.69 -7.59
CA GLY A 335 -7.27 14.63 -6.92
C GLY A 335 -7.10 16.04 -7.44
N ARG A 336 -7.05 16.97 -6.49
CA ARG A 336 -6.66 18.34 -6.82
C ARG A 336 -5.25 18.65 -6.37
N LEU A 337 -4.86 18.18 -5.18
CA LEU A 337 -3.50 18.42 -4.73
C LEU A 337 -2.53 17.54 -5.52
N ARG A 338 -2.59 16.22 -5.32
CA ARG A 338 -1.83 15.36 -6.20
C ARG A 338 -2.27 15.49 -7.65
N GLY A 339 -3.36 16.22 -7.89
CA GLY A 339 -3.94 16.30 -9.21
C GLY A 339 -3.62 17.59 -9.94
N ASN A 340 -3.66 18.73 -9.26
CA ASN A 340 -3.38 19.97 -9.97
C ASN A 340 -2.72 21.06 -9.16
N LEU A 341 -2.55 20.92 -7.85
CA LEU A 341 -1.84 21.93 -7.09
C LEU A 341 -0.44 21.49 -6.71
N MET A 342 -0.20 20.20 -6.50
CA MET A 342 1.17 19.73 -6.41
C MET A 342 1.88 19.88 -7.74
N GLY A 343 1.45 19.12 -8.73
CA GLY A 343 2.04 19.17 -10.05
C GLY A 343 0.98 19.24 -11.12
N LYS A 344 1.18 20.15 -12.05
CA LYS A 344 0.16 20.46 -13.01
C LYS A 344 0.80 20.46 -14.38
N ARG A 345 -0.01 20.28 -15.41
CA ARG A 345 0.47 20.48 -16.76
C ARG A 345 0.86 21.94 -16.89
N VAL A 346 1.77 22.25 -17.81
CA VAL A 346 2.19 23.62 -18.02
C VAL A 346 2.50 23.84 -19.50
N ASP A 347 3.00 25.03 -19.78
CA ASP A 347 3.15 25.51 -21.13
C ASP A 347 4.59 25.83 -21.47
N PHE A 348 4.78 26.24 -22.71
CA PHE A 348 6.10 26.41 -23.28
C PHE A 348 6.95 25.19 -23.00
N SER A 349 6.38 24.03 -23.20
CA SER A 349 7.14 22.82 -23.08
C SER A 349 7.48 22.31 -24.48
N ALA A 350 7.97 21.08 -24.54
CA ALA A 350 8.11 20.33 -25.77
C ALA A 350 8.66 18.97 -25.40
N ARG A 351 8.22 17.95 -26.12
CA ARG A 351 8.62 16.57 -25.94
C ARG A 351 9.28 16.17 -27.23
N THR A 352 9.94 15.01 -27.28
CA THR A 352 10.36 14.45 -28.56
C THR A 352 11.08 13.12 -28.37
N VAL A 353 11.73 12.67 -29.44
CA VAL A 353 12.77 11.66 -29.38
C VAL A 353 14.11 12.36 -29.53
N ILE A 354 15.11 11.88 -28.80
CA ILE A 354 16.41 12.55 -28.71
C ILE A 354 17.47 11.81 -29.52
N SER A 355 18.60 12.48 -29.78
CA SER A 355 19.67 11.87 -30.55
C SER A 355 21.04 12.45 -30.19
N GLY A 356 22.06 11.60 -30.30
CA GLY A 356 23.37 11.93 -29.78
C GLY A 356 24.30 12.41 -30.86
N ASP A 357 25.17 13.34 -30.48
CA ASP A 357 25.89 14.04 -31.53
C ASP A 357 27.17 14.67 -31.03
N PRO A 358 28.27 13.91 -31.05
CA PRO A 358 29.50 14.34 -30.38
C PRO A 358 30.09 15.63 -30.87
N ASN A 359 29.56 16.28 -31.89
CA ASN A 359 30.27 17.45 -32.44
C ASN A 359 29.77 18.75 -31.82
N LEU A 360 29.51 18.69 -30.53
CA LEU A 360 28.91 19.78 -29.79
C LEU A 360 29.85 20.11 -28.65
N GLU A 361 29.48 21.10 -27.87
CA GLU A 361 30.14 21.26 -26.59
C GLU A 361 29.51 20.28 -25.62
N LEU A 362 29.67 20.55 -24.33
CA LEU A 362 28.95 19.75 -23.35
C LEU A 362 27.65 20.39 -22.90
N ASP A 363 27.65 21.69 -22.66
CA ASP A 363 26.48 22.40 -22.21
C ASP A 363 25.69 22.94 -23.38
N GLN A 364 25.45 22.12 -24.40
CA GLN A 364 24.56 22.51 -25.48
C GLN A 364 23.56 21.41 -25.79
N VAL A 365 22.41 21.80 -26.31
CA VAL A 365 21.34 20.89 -26.68
C VAL A 365 20.80 21.33 -28.03
N GLY A 366 20.38 20.37 -28.85
CA GLY A 366 20.02 20.71 -30.21
C GLY A 366 18.53 20.64 -30.44
N VAL A 367 17.93 21.80 -30.74
CA VAL A 367 16.51 21.94 -31.00
C VAL A 367 16.29 21.91 -32.50
N PRO A 368 15.35 21.14 -33.01
CA PRO A 368 15.01 21.22 -34.43
C PRO A 368 14.43 22.58 -34.76
N ILE A 369 14.40 22.92 -36.05
CA ILE A 369 14.02 24.28 -36.37
C ILE A 369 12.55 24.53 -36.08
N SER A 370 11.70 23.54 -36.28
CA SER A 370 10.29 23.80 -36.04
C SER A 370 10.04 24.13 -34.59
N ILE A 371 10.44 23.26 -33.67
CA ILE A 371 10.22 23.53 -32.27
C ILE A 371 10.78 24.89 -31.91
N ALA A 372 11.84 25.33 -32.57
CA ALA A 372 12.33 26.66 -32.26
C ALA A 372 11.42 27.75 -32.81
N LYS A 373 10.73 27.53 -33.93
CA LYS A 373 9.85 28.57 -34.41
C LYS A 373 8.52 28.56 -33.67
N THR A 374 8.16 27.43 -33.08
CA THR A 374 6.90 27.32 -32.34
C THR A 374 6.99 28.02 -30.99
N LEU A 375 7.91 27.59 -30.15
CA LEU A 375 8.08 28.23 -28.85
C LEU A 375 8.51 29.67 -29.03
N SER A 376 8.73 30.33 -27.91
CA SER A 376 9.21 31.70 -27.99
C SER A 376 9.73 32.10 -26.62
N TYR A 377 10.59 33.09 -26.63
CA TYR A 377 11.17 33.69 -25.51
C TYR A 377 10.70 35.13 -25.56
N PRO A 378 10.19 35.65 -24.50
CA PRO A 378 9.87 37.08 -24.50
C PRO A 378 11.02 37.97 -24.11
N GLU A 379 11.55 38.67 -25.10
CA GLU A 379 12.60 39.64 -24.87
C GLU A 379 12.03 41.04 -24.82
N THR A 380 12.56 41.84 -23.90
CA THR A 380 12.13 43.22 -23.78
C THR A 380 13.08 44.12 -24.54
N VAL A 381 12.57 45.18 -25.15
CA VAL A 381 13.37 46.04 -26.00
C VAL A 381 14.15 46.99 -25.09
N THR A 382 15.34 47.36 -25.49
CA THR A 382 16.20 48.23 -24.70
C THR A 382 16.77 49.35 -25.55
N GLN A 383 17.62 50.17 -24.93
CA GLN A 383 18.37 51.14 -25.69
C GLN A 383 19.63 50.56 -26.29
N TYR A 384 19.66 49.25 -26.56
CA TYR A 384 20.78 48.67 -27.26
C TYR A 384 20.36 47.77 -28.41
N ASN A 385 19.18 47.18 -28.35
CA ASN A 385 18.96 46.05 -29.25
C ASN A 385 17.65 46.15 -30.00
N ILE A 386 17.27 47.36 -30.42
CA ILE A 386 16.11 47.45 -31.29
C ILE A 386 16.43 46.81 -32.64
N HIS A 387 17.70 46.70 -32.96
CA HIS A 387 18.07 46.35 -34.32
C HIS A 387 17.73 44.91 -34.62
N ARG A 388 18.34 43.98 -33.89
CA ARG A 388 18.03 42.57 -34.10
C ARG A 388 16.54 42.31 -33.95
N LEU A 389 15.88 43.05 -33.07
CA LEU A 389 14.47 42.79 -32.86
C LEU A 389 13.66 43.18 -34.08
N THR A 390 13.91 44.34 -34.65
CA THR A 390 13.28 44.66 -35.92
C THR A 390 13.57 43.59 -36.96
N GLU A 391 14.79 43.07 -36.93
CA GLU A 391 15.12 41.99 -37.83
C GLU A 391 14.20 40.81 -37.65
N TYR A 392 13.94 40.43 -36.40
CA TYR A 392 13.11 39.25 -36.16
C TYR A 392 11.69 39.54 -36.57
N VAL A 393 11.26 40.78 -36.37
CA VAL A 393 10.00 41.24 -36.93
C VAL A 393 9.93 40.89 -38.41
N ARG A 394 10.91 41.36 -39.16
CA ARG A 394 10.86 41.19 -40.61
C ARG A 394 10.92 39.73 -41.03
N ASN A 395 11.76 38.92 -40.39
CA ASN A 395 11.69 37.50 -40.68
C ASN A 395 10.33 36.95 -40.34
N GLY A 396 9.57 37.66 -39.50
CA GLY A 396 8.20 37.31 -39.30
C GLY A 396 8.05 35.99 -38.59
N PRO A 397 6.91 35.35 -38.76
CA PRO A 397 6.52 34.23 -37.90
C PRO A 397 6.69 32.85 -38.51
N ASN A 398 7.29 32.74 -39.67
CA ASN A 398 7.44 31.42 -40.25
C ASN A 398 8.79 31.22 -40.90
N GLU A 399 9.66 32.22 -40.83
CA GLU A 399 11.01 32.09 -41.35
C GLU A 399 11.95 32.42 -40.21
N HIS A 400 12.54 31.41 -39.63
CA HIS A 400 13.53 31.63 -38.59
C HIS A 400 14.76 32.31 -39.17
N PRO A 401 15.40 33.22 -38.44
CA PRO A 401 15.19 33.65 -37.06
C PRO A 401 14.07 34.67 -36.95
N GLY A 402 12.92 34.28 -36.43
CA GLY A 402 11.76 35.11 -36.59
C GLY A 402 10.98 35.44 -35.32
N ALA A 403 9.90 36.20 -35.45
CA ALA A 403 9.15 36.70 -34.31
C ALA A 403 7.69 36.29 -34.41
N LYS A 404 6.94 36.50 -33.33
CA LYS A 404 5.51 36.19 -33.33
C LYS A 404 4.63 37.26 -32.70
N TYR A 405 5.08 37.95 -31.67
CA TYR A 405 4.24 38.94 -31.02
C TYR A 405 5.07 40.14 -30.62
N VAL A 406 4.55 41.31 -30.92
CA VAL A 406 5.07 42.56 -30.40
C VAL A 406 3.98 43.12 -29.51
N ILE A 407 4.15 42.97 -28.22
CA ILE A 407 3.09 43.30 -27.28
C ILE A 407 3.39 44.64 -26.63
N ARG A 408 2.40 45.53 -26.63
CA ARG A 408 2.57 46.79 -25.96
C ARG A 408 2.67 46.57 -24.46
N ASP A 409 3.13 47.61 -23.76
CA ASP A 409 3.16 47.59 -22.31
C ASP A 409 1.80 47.82 -21.68
N ASN A 410 0.74 47.89 -22.48
CA ASN A 410 -0.62 47.96 -21.98
C ASN A 410 -1.31 46.61 -21.91
N GLY A 411 -0.99 45.70 -22.82
CA GLY A 411 -1.61 44.39 -22.81
C GLY A 411 -2.24 44.09 -24.16
N ASP A 412 -2.00 44.97 -25.12
CA ASP A 412 -2.55 44.82 -26.46
C ASP A 412 -1.55 44.05 -27.32
N ARG A 413 -1.97 42.90 -27.79
CA ARG A 413 -1.12 42.02 -28.56
C ARG A 413 -1.24 42.34 -30.04
N ILE A 414 -0.09 42.50 -30.70
CA ILE A 414 -0.02 42.69 -32.14
C ILE A 414 0.39 41.35 -32.70
N ASP A 415 -0.59 40.47 -32.91
CA ASP A 415 -0.31 39.11 -33.35
C ASP A 415 0.20 39.13 -34.79
N LEU A 416 1.33 38.48 -35.04
CA LEU A 416 2.02 38.61 -36.33
C LEU A 416 1.83 37.45 -37.26
N ARG A 417 0.75 36.71 -37.16
CA ARG A 417 0.32 35.94 -38.32
C ARG A 417 -0.73 36.64 -39.14
N TYR A 418 -1.60 37.43 -38.51
CA TYR A 418 -2.74 38.04 -39.17
C TYR A 418 -2.57 39.54 -39.28
N HIS A 419 -1.34 40.01 -39.51
CA HIS A 419 -1.11 41.44 -39.64
C HIS A 419 -0.51 41.67 -41.02
N LYS A 420 -1.38 42.04 -41.97
CA LYS A 420 -1.00 42.08 -43.37
C LYS A 420 0.18 42.99 -43.65
N ARG A 421 0.47 43.92 -42.74
CA ARG A 421 1.34 45.05 -43.02
C ARG A 421 2.34 45.22 -41.88
N ALA A 422 2.99 44.12 -41.52
CA ALA A 422 3.92 44.13 -40.39
C ALA A 422 4.98 45.23 -40.52
N GLY A 423 5.34 45.61 -41.74
CA GLY A 423 6.44 46.55 -41.93
C GLY A 423 6.19 47.94 -41.38
N ASP A 424 5.02 48.17 -40.77
CA ASP A 424 4.61 49.50 -40.34
C ASP A 424 4.79 49.73 -38.84
N ILE A 425 5.82 49.14 -38.23
CA ILE A 425 5.89 49.08 -36.77
C ILE A 425 7.25 49.54 -36.30
N VAL A 426 7.33 50.78 -35.83
CA VAL A 426 8.47 51.21 -35.06
C VAL A 426 8.14 51.05 -33.59
N LEU A 427 9.16 50.85 -32.77
CA LEU A 427 8.99 50.34 -31.42
C LEU A 427 9.33 51.40 -30.39
N GLN A 428 8.90 51.15 -29.16
CA GLN A 428 9.17 52.02 -28.04
C GLN A 428 10.00 51.28 -27.01
N TYR A 429 10.81 52.00 -26.28
CA TYR A 429 11.57 51.37 -25.21
C TYR A 429 10.61 50.86 -24.16
N GLY A 430 10.42 49.56 -24.11
CA GLY A 430 9.64 48.95 -23.06
C GLY A 430 8.66 47.89 -23.48
N TRP A 431 8.43 47.70 -24.76
CA TRP A 431 7.46 46.69 -25.17
C TRP A 431 8.06 45.30 -25.00
N LYS A 432 7.28 44.30 -25.34
CA LYS A 432 7.77 42.94 -25.33
C LYS A 432 7.76 42.36 -26.73
N VAL A 433 8.57 41.32 -26.94
CA VAL A 433 8.53 40.51 -28.15
C VAL A 433 8.58 39.06 -27.76
N GLU A 434 7.63 38.27 -28.20
CA GLU A 434 7.83 36.83 -28.15
C GLU A 434 8.60 36.50 -29.42
N ARG A 435 9.90 36.58 -29.32
CA ARG A 435 10.72 36.22 -30.47
C ARG A 435 11.07 34.75 -30.40
N HIS A 436 11.63 34.26 -31.50
CA HIS A 436 11.96 32.87 -31.60
C HIS A 436 13.06 32.51 -30.63
N LEU A 437 13.47 31.25 -30.71
CA LEU A 437 14.42 30.67 -29.78
C LEU A 437 15.76 30.59 -30.47
N MET A 438 16.53 31.68 -30.46
CA MET A 438 17.75 31.73 -31.23
C MET A 438 18.86 30.97 -30.53
N ASP A 439 20.09 31.21 -30.98
CA ASP A 439 21.22 30.41 -30.54
C ASP A 439 21.59 30.71 -29.09
N ASP A 440 21.67 29.65 -28.30
CA ASP A 440 22.19 29.73 -26.94
C ASP A 440 21.32 30.61 -26.06
N ASP A 441 20.06 30.31 -25.96
CA ASP A 441 19.33 30.83 -24.83
C ASP A 441 19.01 29.69 -23.89
N PRO A 442 19.36 29.80 -22.62
CA PRO A 442 19.43 28.60 -21.79
C PRO A 442 18.07 27.97 -21.62
N VAL A 443 17.87 26.82 -22.26
CA VAL A 443 16.66 26.11 -22.00
C VAL A 443 16.97 25.02 -21.03
N LEU A 444 15.93 24.44 -20.48
CA LEU A 444 16.08 23.40 -19.50
C LEU A 444 16.11 22.07 -20.22
N PHE A 445 15.98 20.99 -19.48
CA PHE A 445 15.85 19.68 -20.08
C PHE A 445 15.30 18.81 -19.00
N ASN A 446 14.96 17.58 -19.32
CA ASN A 446 14.41 16.74 -18.26
C ASN A 446 14.26 15.33 -18.76
N ARG A 447 13.80 14.46 -17.90
CA ARG A 447 13.42 13.13 -18.30
C ARG A 447 12.64 12.50 -17.17
N GLN A 448 11.38 12.21 -17.41
CA GLN A 448 10.71 11.34 -16.48
C GLN A 448 11.35 9.97 -16.56
N PRO A 449 11.52 9.29 -15.44
CA PRO A 449 11.22 9.87 -14.14
C PRO A 449 12.43 10.64 -13.65
N SER A 450 12.27 11.78 -12.96
CA SER A 450 13.43 12.51 -12.46
C SER A 450 13.85 11.99 -11.10
N LEU A 451 14.79 11.05 -11.08
CA LEU A 451 15.12 10.38 -9.84
C LEU A 451 16.33 10.91 -9.12
N HIS A 452 16.88 12.06 -9.50
CA HIS A 452 17.90 12.72 -8.70
C HIS A 452 18.36 13.97 -9.41
N LYS A 453 18.77 14.96 -8.62
CA LYS A 453 18.82 16.33 -9.10
C LYS A 453 19.67 16.51 -10.34
N MET A 454 20.17 15.45 -10.96
CA MET A 454 20.72 15.57 -12.29
C MET A 454 19.70 15.39 -13.41
N SER A 455 18.60 14.69 -13.17
CA SER A 455 17.66 14.62 -14.28
C SER A 455 17.17 15.98 -14.72
N MET A 456 17.71 17.07 -14.20
CA MET A 456 17.38 18.39 -14.69
C MET A 456 18.61 19.25 -14.66
N MET A 457 19.12 19.57 -15.83
CA MET A 457 20.18 20.52 -15.91
C MET A 457 19.79 21.48 -17.00
N ALA A 458 20.36 22.67 -16.97
CA ALA A 458 20.20 23.55 -18.10
C ALA A 458 20.84 22.95 -19.34
N HIS A 459 20.89 23.75 -20.38
CA HIS A 459 21.83 23.53 -21.46
C HIS A 459 22.05 24.87 -22.14
N ARG A 460 22.47 24.82 -23.38
CA ARG A 460 22.34 25.94 -24.30
C ARG A 460 21.85 25.39 -25.62
N VAL A 461 21.32 26.26 -26.47
CA VAL A 461 20.62 25.85 -27.68
C VAL A 461 21.48 26.08 -28.89
N LYS A 462 21.58 25.07 -29.74
CA LYS A 462 22.09 25.25 -31.09
C LYS A 462 21.11 24.58 -32.05
N VAL A 463 20.79 25.27 -33.13
CA VAL A 463 19.59 25.01 -33.92
C VAL A 463 19.95 24.14 -35.11
N MET A 464 19.47 22.90 -35.11
CA MET A 464 19.93 21.92 -36.08
C MET A 464 18.73 21.22 -36.70
N PRO A 465 18.75 20.96 -37.99
CA PRO A 465 17.55 20.49 -38.67
C PRO A 465 17.24 19.03 -38.44
N TYR A 466 16.27 18.46 -39.17
CA TYR A 466 15.94 17.06 -39.00
C TYR A 466 15.43 16.76 -37.62
N SER A 467 14.16 16.98 -37.36
CA SER A 467 13.65 17.18 -36.01
C SER A 467 13.77 15.97 -35.08
N THR A 468 14.85 15.97 -34.30
CA THR A 468 14.98 15.24 -33.04
C THR A 468 15.79 16.12 -32.09
N PHE A 469 16.06 15.61 -30.90
CA PHE A 469 16.89 16.36 -29.96
C PHE A 469 18.35 15.97 -30.04
N ARG A 470 19.19 16.98 -30.10
CA ARG A 470 20.61 16.74 -30.06
C ARG A 470 21.14 16.93 -28.64
N LEU A 471 21.82 15.90 -28.17
CA LEU A 471 22.64 15.93 -26.98
C LEU A 471 24.10 15.83 -27.38
N ASN A 472 24.96 16.07 -26.41
CA ASN A 472 26.33 15.60 -26.43
C ASN A 472 26.39 14.26 -25.74
N LEU A 473 27.42 13.49 -26.00
CA LEU A 473 27.43 12.18 -25.38
C LEU A 473 28.17 12.07 -24.07
N SER A 474 28.54 13.16 -23.45
CA SER A 474 28.94 12.94 -22.07
C SER A 474 27.75 12.79 -21.15
N VAL A 475 26.57 13.23 -21.56
CA VAL A 475 25.44 13.36 -20.65
C VAL A 475 24.35 12.36 -20.96
N THR A 476 24.72 11.11 -21.17
CA THR A 476 23.70 10.09 -21.18
C THR A 476 23.56 9.49 -19.81
N SER A 477 24.59 9.63 -18.98
CA SER A 477 24.58 8.92 -17.71
C SER A 477 23.70 9.58 -16.66
N PRO A 478 23.82 10.88 -16.38
CA PRO A 478 22.87 11.44 -15.42
C PRO A 478 21.46 11.29 -15.94
N TYR A 479 21.17 11.74 -17.15
CA TYR A 479 19.87 11.48 -17.74
C TYR A 479 19.56 10.00 -17.78
N ASN A 480 20.53 9.15 -17.54
CA ASN A 480 20.38 7.71 -17.57
C ASN A 480 19.51 7.30 -18.74
N ALA A 481 19.71 8.01 -19.83
CA ALA A 481 18.87 7.87 -20.99
C ALA A 481 19.70 7.43 -22.17
N ASP A 482 19.37 6.27 -22.71
CA ASP A 482 20.00 5.69 -23.88
C ASP A 482 19.36 6.30 -25.12
N PHE A 483 19.44 5.60 -26.23
CA PHE A 483 18.84 6.09 -27.45
C PHE A 483 17.91 5.05 -28.05
N ASP A 484 17.43 4.13 -27.23
CA ASP A 484 16.46 3.15 -27.71
C ASP A 484 15.09 3.76 -27.87
N GLY A 485 15.02 5.08 -27.94
CA GLY A 485 13.77 5.81 -28.13
C GLY A 485 13.37 6.59 -26.91
N ASP A 486 14.31 6.92 -26.05
CA ASP A 486 13.93 7.72 -24.91
C ASP A 486 13.34 9.02 -25.39
N GLU A 487 12.53 9.63 -24.55
CA GLU A 487 11.75 10.79 -24.87
C GLU A 487 11.89 11.77 -23.73
N MET A 488 12.25 13.02 -24.04
CA MET A 488 12.58 13.93 -22.97
C MET A 488 11.93 15.27 -23.13
N ASN A 489 11.32 15.76 -22.05
CA ASN A 489 10.64 17.04 -22.01
C ASN A 489 11.65 18.16 -21.96
N LEU A 490 11.31 19.30 -22.55
CA LEU A 490 12.24 20.43 -22.70
C LEU A 490 11.48 21.71 -22.36
N HIS A 491 11.56 22.12 -21.12
CA HIS A 491 10.92 23.36 -20.74
C HIS A 491 11.71 24.53 -21.24
N VAL A 492 11.23 25.73 -20.95
CA VAL A 492 11.84 26.96 -21.41
C VAL A 492 11.69 27.98 -20.29
N PRO A 493 12.66 28.84 -20.07
CA PRO A 493 12.41 29.96 -19.19
C PRO A 493 11.52 30.94 -19.92
N GLN A 494 10.93 31.87 -19.20
CA GLN A 494 10.06 32.85 -19.82
C GLN A 494 10.39 34.27 -19.44
N SER A 495 11.31 34.48 -18.52
CA SER A 495 11.62 35.86 -18.19
C SER A 495 12.93 35.91 -17.45
N GLU A 496 13.39 37.12 -17.21
CA GLU A 496 14.80 37.30 -16.97
C GLU A 496 15.29 36.56 -15.73
N GLU A 497 14.60 36.74 -14.61
CA GLU A 497 15.06 36.12 -13.37
C GLU A 497 15.39 34.66 -13.58
N THR A 498 14.48 33.91 -14.19
CA THR A 498 14.73 32.48 -14.24
C THR A 498 15.75 32.12 -15.30
N ARG A 499 15.91 32.95 -16.34
CA ARG A 499 17.14 32.83 -17.10
C ARG A 499 18.32 32.82 -16.17
N ALA A 500 18.59 33.94 -15.52
CA ALA A 500 19.79 34.00 -14.71
C ALA A 500 19.85 32.84 -13.72
N GLU A 501 18.72 32.38 -13.22
CA GLU A 501 18.78 31.26 -12.29
C GLU A 501 19.30 30.01 -12.97
N LEU A 502 18.83 29.71 -14.17
CA LEU A 502 19.41 28.55 -14.82
C LEU A 502 20.85 28.82 -15.23
N SER A 503 21.17 30.04 -15.59
CA SER A 503 22.51 30.31 -16.07
C SER A 503 23.54 30.20 -14.96
N GLN A 504 23.16 30.48 -13.72
CA GLN A 504 24.14 30.47 -12.66
C GLN A 504 23.95 29.32 -11.68
N LEU A 505 22.93 28.49 -11.85
CA LEU A 505 22.74 27.37 -10.93
C LEU A 505 22.83 26.01 -11.58
N CYS A 506 22.10 25.75 -12.66
CA CYS A 506 21.99 24.38 -13.13
C CYS A 506 22.50 24.20 -14.55
N ALA A 507 23.54 24.91 -14.94
CA ALA A 507 24.21 24.58 -16.18
C ALA A 507 25.26 23.52 -15.92
N VAL A 508 25.33 22.51 -16.79
CA VAL A 508 25.93 21.23 -16.45
C VAL A 508 27.29 21.35 -15.76
N PRO A 509 28.19 22.24 -16.18
CA PRO A 509 29.47 22.34 -15.49
C PRO A 509 29.36 22.36 -13.97
N LEU A 510 28.37 23.01 -13.40
CA LEU A 510 28.17 23.00 -11.97
C LEU A 510 27.51 21.73 -11.48
N GLN A 511 27.52 20.67 -12.27
CA GLN A 511 26.79 19.46 -11.94
C GLN A 511 27.66 18.24 -12.04
N ILE A 512 28.95 18.44 -12.25
CA ILE A 512 29.80 17.29 -12.54
C ILE A 512 29.98 16.45 -11.29
N VAL A 513 30.08 17.09 -10.14
CA VAL A 513 30.39 16.41 -8.90
C VAL A 513 29.09 16.27 -8.12
N SER A 514 28.67 15.05 -7.89
CA SER A 514 27.41 14.82 -7.24
C SER A 514 27.55 14.80 -5.74
N PRO A 515 26.72 15.54 -5.01
CA PRO A 515 26.60 15.28 -3.58
C PRO A 515 26.12 13.90 -3.26
N GLN A 516 26.00 13.00 -4.23
CA GLN A 516 25.68 11.64 -3.85
C GLN A 516 26.90 10.95 -3.27
N SER A 517 27.95 10.83 -4.06
CA SER A 517 29.14 10.14 -3.60
C SER A 517 30.37 10.95 -3.90
N ASN A 518 30.27 12.28 -3.72
CA ASN A 518 31.33 13.24 -3.93
C ASN A 518 32.29 12.84 -5.04
N LYS A 519 31.74 12.32 -6.13
CA LYS A 519 32.48 11.82 -7.28
C LYS A 519 31.84 12.40 -8.53
N PRO A 520 32.57 12.42 -9.64
CA PRO A 520 31.95 12.78 -10.90
C PRO A 520 30.88 11.78 -11.24
N VAL A 521 30.01 12.17 -12.16
CA VAL A 521 28.91 11.32 -12.58
C VAL A 521 28.87 11.18 -14.09
N MET A 522 29.49 12.10 -14.81
CA MET A 522 29.42 12.15 -16.26
C MET A 522 30.78 11.73 -16.78
N GLY A 523 30.99 10.43 -16.90
CA GLY A 523 32.32 9.94 -17.21
C GLY A 523 32.66 10.13 -18.66
N ILE A 524 33.17 9.11 -19.31
CA ILE A 524 33.24 9.06 -20.76
C ILE A 524 32.62 7.75 -21.18
N VAL A 525 31.87 7.75 -22.26
CA VAL A 525 30.94 6.68 -22.56
C VAL A 525 31.39 5.92 -23.79
N GLN A 526 30.56 4.98 -24.23
CA GLN A 526 31.00 3.75 -24.91
C GLN A 526 32.24 3.86 -25.79
N ASP A 527 32.11 4.48 -26.96
CA ASP A 527 33.22 4.45 -27.90
C ASP A 527 34.37 5.27 -27.41
N THR A 528 34.14 6.57 -27.29
CA THR A 528 35.22 7.47 -26.92
C THR A 528 36.08 6.87 -25.83
N LEU A 529 35.50 6.07 -24.96
CA LEU A 529 36.30 5.32 -24.01
C LEU A 529 37.11 4.23 -24.69
N CYS A 530 36.44 3.26 -25.32
CA CYS A 530 37.23 2.17 -25.89
C CYS A 530 38.32 2.70 -26.79
N GLY A 531 37.99 3.70 -27.58
CA GLY A 531 39.02 4.41 -28.32
C GLY A 531 40.14 4.90 -27.42
N VAL A 532 39.88 5.89 -26.58
CA VAL A 532 41.00 6.52 -25.92
C VAL A 532 41.77 5.50 -25.11
N ARG A 533 41.31 4.26 -25.07
CA ARG A 533 42.29 3.27 -24.65
C ARG A 533 43.12 2.79 -25.82
N LYS A 534 42.49 2.21 -26.86
CA LYS A 534 43.28 1.73 -27.98
C LYS A 534 44.25 2.77 -28.48
N MET A 535 43.91 4.05 -28.36
CA MET A 535 44.79 5.04 -28.94
C MET A 535 46.05 5.20 -28.11
N THR A 536 45.95 5.09 -26.79
CA THR A 536 47.14 5.26 -25.97
C THR A 536 47.59 3.95 -25.37
N LEU A 537 47.68 2.90 -26.17
CA LEU A 537 48.57 1.85 -25.74
C LEU A 537 49.97 2.38 -25.69
N ARG A 538 50.92 1.47 -25.78
CA ARG A 538 52.27 1.95 -26.00
C ARG A 538 52.60 1.96 -27.47
N ASP A 539 52.05 1.03 -28.23
CA ASP A 539 52.48 0.85 -29.60
C ASP A 539 51.58 1.55 -30.61
N THR A 540 51.16 2.76 -30.32
CA THR A 540 50.46 3.61 -31.26
C THR A 540 51.44 4.59 -31.87
N PHE A 541 51.47 4.65 -33.18
CA PHE A 541 52.29 5.65 -33.82
C PHE A 541 51.49 6.33 -34.91
N ILE A 542 51.60 7.64 -34.94
CA ILE A 542 50.73 8.47 -35.74
C ILE A 542 51.56 9.39 -36.60
N GLU A 543 51.34 9.32 -37.89
CA GLU A 543 52.17 9.97 -38.87
C GLU A 543 52.04 11.47 -38.75
N TYR A 544 52.73 12.20 -39.61
CA TYR A 544 52.65 13.65 -39.52
C TYR A 544 51.35 14.18 -40.09
N GLU A 545 50.96 13.71 -41.27
CA GLU A 545 49.74 14.19 -41.89
C GLU A 545 48.60 14.15 -40.90
N GLN A 546 48.22 12.94 -40.50
CA GLN A 546 47.08 12.77 -39.62
C GLN A 546 47.17 13.66 -38.39
N VAL A 547 48.37 13.98 -37.92
CA VAL A 547 48.43 14.73 -36.69
C VAL A 547 48.21 16.20 -36.93
N MET A 548 48.57 16.71 -38.08
CA MET A 548 48.17 18.09 -38.36
C MET A 548 46.67 18.25 -38.14
N ASN A 549 45.89 17.36 -38.72
CA ASN A 549 44.46 17.40 -38.44
C ASN A 549 44.21 17.28 -36.94
N MET A 550 44.57 16.14 -36.35
CA MET A 550 44.18 15.88 -34.97
C MET A 550 44.66 16.95 -34.03
N LEU A 551 45.43 17.89 -34.53
CA LEU A 551 45.65 19.09 -33.76
C LEU A 551 44.83 20.26 -34.25
N PHE A 552 44.14 20.14 -35.38
CA PHE A 552 43.19 21.24 -35.60
C PHE A 552 41.96 21.05 -34.76
N TRP A 553 41.43 19.83 -34.68
CA TRP A 553 40.16 19.59 -34.02
C TRP A 553 40.07 20.15 -32.63
N VAL A 554 41.14 20.16 -31.87
CA VAL A 554 41.04 20.65 -30.50
C VAL A 554 40.66 22.12 -30.51
N PRO A 555 39.55 22.48 -29.88
CA PRO A 555 39.17 23.90 -29.86
C PRO A 555 40.10 24.72 -29.00
N SER A 556 40.53 24.19 -27.88
CA SER A 556 41.29 24.97 -26.92
C SER A 556 42.74 25.15 -27.35
N TRP A 557 43.12 24.51 -28.45
CA TRP A 557 44.51 24.33 -28.77
C TRP A 557 45.23 25.64 -29.00
N ASP A 558 46.51 25.66 -28.67
CA ASP A 558 47.27 26.90 -28.72
C ASP A 558 47.58 27.27 -30.14
N GLY A 559 47.96 26.29 -30.95
CA GLY A 559 48.53 26.57 -32.25
C GLY A 559 50.02 26.31 -32.30
N VAL A 560 50.48 25.30 -31.58
CA VAL A 560 51.90 24.96 -31.50
C VAL A 560 52.01 23.44 -31.52
N VAL A 561 52.55 22.89 -32.58
CA VAL A 561 52.72 21.45 -32.66
C VAL A 561 53.61 20.99 -31.52
N PRO A 562 53.48 19.76 -31.06
CA PRO A 562 54.43 19.25 -30.08
C PRO A 562 55.72 18.85 -30.77
N GLN A 563 56.72 18.53 -29.99
CA GLN A 563 57.91 17.96 -30.60
C GLN A 563 57.76 16.44 -30.68
N PRO A 564 57.94 15.87 -31.84
CA PRO A 564 57.49 14.50 -32.06
C PRO A 564 58.41 13.53 -31.37
N ALA A 565 57.83 12.61 -30.63
CA ALA A 565 58.65 11.72 -29.81
C ALA A 565 59.73 10.99 -30.59
N ILE A 566 59.69 10.99 -31.92
CA ILE A 566 60.79 10.48 -32.72
C ILE A 566 61.13 11.52 -33.77
N LEU A 567 62.41 11.63 -34.11
CA LEU A 567 62.82 12.57 -35.13
C LEU A 567 63.42 11.93 -36.36
N LYS A 568 63.76 10.67 -36.29
CA LYS A 568 64.52 10.08 -37.37
C LYS A 568 64.53 8.59 -37.12
N PRO A 569 64.26 7.75 -38.10
CA PRO A 569 64.07 7.86 -39.53
C PRO A 569 62.90 8.68 -40.03
N LYS A 570 61.67 8.45 -39.62
CA LYS A 570 60.68 9.37 -40.15
C LYS A 570 59.70 9.79 -39.09
N PRO A 571 59.58 11.10 -38.85
CA PRO A 571 58.90 11.59 -37.64
C PRO A 571 57.61 10.85 -37.36
N LEU A 572 57.38 10.52 -36.11
CA LEU A 572 56.09 10.02 -35.70
C LEU A 572 55.57 10.89 -34.58
N TRP A 573 54.57 10.41 -33.88
CA TRP A 573 54.08 10.94 -32.64
C TRP A 573 53.47 9.80 -31.87
N THR A 574 53.15 10.06 -30.63
CA THR A 574 52.62 9.01 -29.78
C THR A 574 51.39 9.48 -29.04
N GLY A 575 50.36 8.64 -29.07
CA GLY A 575 49.04 9.05 -28.64
C GLY A 575 49.07 9.82 -27.35
N LYS A 576 49.82 9.34 -26.38
CA LYS A 576 49.83 10.01 -25.11
C LYS A 576 50.12 11.48 -25.25
N GLN A 577 50.98 11.88 -26.17
CA GLN A 577 51.18 13.31 -26.34
C GLN A 577 49.89 14.01 -26.72
N LEU A 578 49.17 13.46 -27.68
CA LEU A 578 47.96 14.14 -28.12
C LEU A 578 46.95 14.21 -26.98
N LEU A 579 46.61 13.05 -26.43
CA LEU A 579 45.78 13.00 -25.25
C LEU A 579 46.31 13.92 -24.18
N SER A 580 47.57 14.35 -24.30
CA SER A 580 48.05 15.44 -23.47
C SER A 580 47.80 16.81 -24.06
N ILE A 581 47.52 16.90 -25.36
CA ILE A 581 47.23 18.25 -25.82
C ILE A 581 45.94 18.75 -25.18
N ALA A 582 44.98 17.88 -24.96
CA ALA A 582 43.71 18.30 -24.38
C ALA A 582 43.90 18.73 -22.95
N ILE A 583 44.37 17.82 -22.11
CA ILE A 583 44.43 17.96 -20.65
C ILE A 583 45.11 19.26 -20.27
N PRO A 584 44.36 20.28 -19.90
CA PRO A 584 44.91 21.63 -19.83
C PRO A 584 46.12 21.73 -18.93
N SER A 585 47.01 22.67 -19.22
CA SER A 585 48.30 22.76 -18.53
C SER A 585 48.07 23.01 -17.05
N GLY A 586 48.71 22.20 -16.21
CA GLY A 586 48.69 22.47 -14.79
C GLY A 586 48.00 21.44 -13.94
N ILE A 587 48.15 20.18 -14.26
CA ILE A 587 47.55 19.13 -13.47
C ILE A 587 48.64 18.35 -12.77
N HIS A 588 48.25 17.48 -11.87
CA HIS A 588 49.12 16.40 -11.45
C HIS A 588 48.26 15.20 -11.19
N LEU A 589 48.86 14.04 -11.28
CA LEU A 589 48.12 12.83 -10.95
C LEU A 589 49.10 11.69 -10.80
N GLN A 590 48.89 10.86 -9.80
CA GLN A 590 49.66 9.65 -9.59
C GLN A 590 48.69 8.57 -9.15
N ARG A 591 48.70 7.44 -9.82
CA ARG A 591 47.90 6.32 -9.37
C ARG A 591 48.66 5.04 -9.63
N THR A 592 48.56 4.10 -8.70
CA THR A 592 49.36 2.88 -8.77
C THR A 592 48.54 1.63 -8.50
N ASP A 593 48.31 0.84 -9.53
CA ASP A 593 47.81 -0.51 -9.40
C ASP A 593 48.99 -1.42 -9.14
N GLY A 594 48.70 -2.67 -8.74
CA GLY A 594 49.68 -3.73 -8.72
C GLY A 594 51.00 -3.40 -8.06
N GLY A 595 51.12 -2.22 -7.45
CA GLY A 595 52.36 -1.80 -6.88
C GLY A 595 53.44 -1.65 -7.93
N ASN A 596 53.10 -1.10 -9.08
CA ASN A 596 54.05 -1.01 -10.18
C ASN A 596 55.22 -0.11 -9.79
N SER A 597 56.25 -0.16 -10.60
CA SER A 597 57.46 0.63 -10.35
C SER A 597 57.24 2.04 -10.88
N LEU A 598 58.33 2.78 -11.02
CA LEU A 598 58.33 3.90 -11.95
C LEU A 598 58.83 3.48 -13.32
N LEU A 599 59.06 2.18 -13.53
CA LEU A 599 59.46 1.64 -14.81
C LEU A 599 58.32 1.03 -15.59
N SER A 600 57.42 0.34 -14.94
CA SER A 600 56.13 -0.03 -15.51
C SER A 600 56.20 -0.99 -16.68
N PRO A 601 56.47 -2.25 -16.47
CA PRO A 601 56.58 -3.17 -17.59
C PRO A 601 55.27 -3.38 -18.32
N LYS A 602 54.22 -3.76 -17.61
CA LYS A 602 52.93 -3.99 -18.22
C LYS A 602 52.22 -2.70 -18.60
N ASP A 603 52.84 -1.57 -18.30
CA ASP A 603 52.33 -0.24 -18.65
C ASP A 603 50.93 0.01 -18.11
N ASN A 604 50.71 -0.25 -16.82
CA ASN A 604 49.51 0.21 -16.14
C ASN A 604 49.88 1.28 -15.12
N GLY A 605 48.91 1.75 -14.37
CA GLY A 605 49.14 2.88 -13.48
C GLY A 605 48.94 4.17 -14.22
N MET A 606 49.45 5.25 -13.63
CA MET A 606 49.40 6.54 -14.30
C MET A 606 50.22 7.55 -13.52
N LEU A 607 51.06 8.27 -14.22
CA LEU A 607 51.70 9.46 -13.70
C LEU A 607 51.60 10.55 -14.73
N ILE A 608 50.92 11.62 -14.37
CA ILE A 608 50.76 12.74 -15.25
C ILE A 608 51.31 13.96 -14.55
N VAL A 609 52.18 14.67 -15.24
CA VAL A 609 52.93 15.77 -14.69
C VAL A 609 52.68 16.99 -15.55
N ASP A 610 52.38 18.10 -14.90
CA ASP A 610 52.28 19.40 -15.52
C ASP A 610 51.23 19.44 -16.62
N GLY A 611 50.68 18.28 -16.97
CA GLY A 611 49.70 18.24 -18.02
C GLY A 611 50.10 17.48 -19.25
N LYS A 612 51.15 16.68 -19.19
CA LYS A 612 51.52 15.84 -20.31
C LYS A 612 51.62 14.43 -19.83
N VAL A 613 50.71 13.56 -20.24
CA VAL A 613 50.79 12.17 -19.83
C VAL A 613 52.23 11.71 -19.96
N MET A 614 52.70 10.98 -18.98
CA MET A 614 54.06 10.48 -18.95
C MET A 614 54.13 8.99 -19.15
N PHE A 615 53.16 8.24 -18.66
CA PHE A 615 53.11 6.83 -19.01
C PHE A 615 51.76 6.29 -18.56
N GLY A 616 51.23 5.32 -19.31
CA GLY A 616 50.14 4.54 -18.78
C GLY A 616 48.83 4.41 -19.53
N VAL A 617 48.42 3.17 -19.76
CA VAL A 617 47.14 2.83 -20.39
C VAL A 617 46.02 3.54 -19.64
N VAL A 618 45.27 4.38 -20.34
CA VAL A 618 44.22 5.19 -19.74
C VAL A 618 42.87 4.50 -19.97
N ASP A 619 42.13 4.22 -18.91
CA ASP A 619 40.81 3.63 -19.11
C ASP A 619 39.86 4.04 -18.01
N LYS A 620 38.81 3.25 -17.81
CA LYS A 620 37.74 3.65 -16.91
C LYS A 620 38.29 4.14 -15.58
N LYS A 621 39.29 3.45 -15.05
CA LYS A 621 39.77 3.80 -13.73
C LYS A 621 40.37 5.19 -13.65
N THR A 622 40.63 5.87 -14.77
CA THR A 622 41.30 7.15 -14.69
C THR A 622 40.46 8.32 -15.22
N VAL A 623 40.01 8.26 -16.47
CA VAL A 623 39.15 9.28 -17.01
C VAL A 623 37.69 8.91 -16.86
N GLY A 624 37.41 7.70 -16.44
CA GLY A 624 36.03 7.30 -16.32
C GLY A 624 35.28 7.98 -15.18
N SER A 625 34.17 7.40 -14.80
CA SER A 625 33.37 7.91 -13.70
C SER A 625 34.01 7.70 -12.35
N GLY A 626 35.26 7.24 -12.30
CA GLY A 626 35.86 6.87 -11.04
C GLY A 626 36.15 8.09 -10.18
N GLY A 627 35.89 7.95 -8.89
CA GLY A 627 36.18 9.04 -7.97
C GLY A 627 37.67 9.31 -7.89
N GLY A 628 38.03 10.59 -7.79
CA GLY A 628 39.42 10.91 -7.85
C GLY A 628 40.08 10.52 -9.16
N GLY A 629 39.29 10.25 -10.18
CA GLY A 629 39.81 10.07 -11.52
C GLY A 629 40.27 11.39 -12.09
N LEU A 630 40.61 11.38 -13.37
CA LEU A 630 41.14 12.62 -13.94
C LEU A 630 40.12 13.72 -13.86
N ILE A 631 38.94 13.49 -14.44
CA ILE A 631 37.96 14.56 -14.59
C ILE A 631 37.70 15.26 -13.27
N HIS A 632 37.51 14.48 -12.22
CA HIS A 632 37.39 15.06 -10.90
C HIS A 632 38.53 16.00 -10.61
N THR A 633 39.75 15.57 -10.89
CA THR A 633 40.87 16.35 -10.44
C THR A 633 40.92 17.66 -11.15
N VAL A 634 40.73 17.61 -12.46
CA VAL A 634 40.77 18.85 -13.22
C VAL A 634 39.64 19.76 -12.79
N MET A 635 38.49 19.19 -12.47
CA MET A 635 37.40 20.02 -11.97
C MET A 635 37.84 20.78 -10.74
N ARG A 636 38.23 20.05 -9.70
CA ARG A 636 38.68 20.70 -8.48
C ARG A 636 39.73 21.75 -8.77
N GLU A 637 40.57 21.51 -9.75
CA GLU A 637 41.73 22.36 -9.99
C GLU A 637 41.44 23.53 -10.92
N LYS A 638 40.30 23.56 -11.57
CA LYS A 638 40.08 24.67 -12.48
C LYS A 638 38.67 25.24 -12.46
N GLY A 639 37.78 24.73 -11.64
CA GLY A 639 36.42 25.17 -11.69
C GLY A 639 35.72 24.47 -12.83
N PRO A 640 34.54 24.87 -13.13
CA PRO A 640 33.71 24.11 -14.07
C PRO A 640 34.06 24.34 -15.52
N LYS A 641 34.04 25.61 -15.95
CA LYS A 641 34.12 25.95 -17.37
C LYS A 641 35.23 25.19 -18.08
N ILE A 642 36.40 25.12 -17.45
CA ILE A 642 37.47 24.30 -18.00
C ILE A 642 37.08 22.85 -18.00
N CYS A 643 36.44 22.37 -16.94
CA CYS A 643 36.09 20.96 -16.97
C CYS A 643 35.09 20.69 -18.06
N ALA A 644 34.34 21.71 -18.45
CA ALA A 644 33.48 21.58 -19.61
C ALA A 644 34.30 21.34 -20.85
N GLU A 645 35.14 22.31 -21.21
CA GLU A 645 35.89 22.11 -22.44
C GLU A 645 36.79 20.88 -22.40
N LEU A 646 37.07 20.31 -21.23
CA LEU A 646 37.77 19.04 -21.24
C LEU A 646 37.03 18.05 -22.11
N PHE A 647 35.77 17.77 -21.77
CA PHE A 647 34.98 16.80 -22.53
C PHE A 647 34.99 17.08 -24.00
N GLY A 648 34.85 18.35 -24.38
CA GLY A 648 34.96 18.69 -25.79
C GLY A 648 36.27 18.21 -26.40
N ASN A 649 37.37 18.53 -25.74
CA ASN A 649 38.65 18.19 -26.33
C ASN A 649 38.80 16.68 -26.48
N ILE A 650 38.59 15.96 -25.40
CA ILE A 650 38.80 14.51 -25.47
C ILE A 650 37.88 13.88 -26.50
N GLN A 651 36.62 14.29 -26.53
CA GLN A 651 35.73 13.61 -27.47
C GLN A 651 36.06 13.92 -28.92
N LYS A 652 36.22 15.20 -29.29
CA LYS A 652 36.60 15.42 -30.68
C LYS A 652 37.86 14.66 -31.05
N VAL A 653 38.91 14.76 -30.23
CA VAL A 653 40.15 14.09 -30.61
C VAL A 653 39.90 12.62 -30.83
N VAL A 654 39.56 11.92 -29.77
CA VAL A 654 39.56 10.48 -29.86
C VAL A 654 38.53 9.99 -30.84
N ASN A 655 37.48 10.74 -31.10
CA ASN A 655 36.60 10.31 -32.18
C ASN A 655 37.30 10.40 -33.53
N TYR A 656 37.93 11.52 -33.82
CA TYR A 656 38.52 11.62 -35.15
C TYR A 656 39.62 10.61 -35.34
N TRP A 657 40.37 10.34 -34.29
CA TRP A 657 41.35 9.28 -34.44
C TRP A 657 40.69 7.92 -34.51
N LEU A 658 39.62 7.69 -33.76
CA LEU A 658 38.95 6.41 -33.86
C LEU A 658 38.46 6.18 -35.27
N LEU A 659 37.94 7.22 -35.89
CA LEU A 659 37.54 7.19 -37.28
C LEU A 659 38.70 6.68 -38.10
N HIS A 660 39.78 7.45 -38.21
CA HIS A 660 40.81 7.03 -39.15
C HIS A 660 41.46 5.72 -38.79
N ASN A 661 41.39 5.31 -37.54
CA ASN A 661 41.73 3.92 -37.23
C ASN A 661 40.59 3.02 -37.64
N GLY A 662 39.42 3.25 -37.08
CA GLY A 662 38.39 2.26 -37.13
C GLY A 662 38.55 1.25 -36.03
N PHE A 663 37.51 0.46 -35.85
CA PHE A 663 37.40 -0.51 -34.76
C PHE A 663 36.14 -1.29 -34.99
N SER A 664 36.18 -2.58 -34.72
CA SER A 664 34.93 -3.31 -34.76
C SER A 664 35.07 -4.61 -34.01
N ILE A 665 34.01 -5.40 -34.08
CA ILE A 665 33.93 -6.73 -33.49
C ILE A 665 33.61 -7.70 -34.59
N GLY A 666 34.04 -8.96 -34.43
CA GLY A 666 33.59 -10.02 -35.30
C GLY A 666 33.28 -11.27 -34.50
N ILE A 667 32.61 -12.21 -35.17
CA ILE A 667 32.23 -13.45 -34.52
C ILE A 667 33.43 -14.15 -33.94
N GLY A 668 34.58 -14.07 -34.60
CA GLY A 668 35.72 -14.83 -34.14
C GLY A 668 36.11 -14.46 -32.73
N ASP A 669 35.96 -13.20 -32.38
CA ASP A 669 36.43 -12.73 -31.08
C ASP A 669 35.85 -13.53 -29.94
N ALA A 670 34.64 -14.03 -30.09
CA ALA A 670 34.05 -14.82 -29.03
C ALA A 670 34.33 -16.29 -29.16
N ILE A 671 35.20 -16.71 -30.09
CA ILE A 671 35.54 -18.10 -30.26
C ILE A 671 36.85 -18.38 -29.55
N ALA A 672 37.09 -19.64 -29.21
CA ALA A 672 38.39 -20.07 -28.73
C ALA A 672 38.94 -21.16 -29.63
N ASP A 673 40.25 -21.40 -29.54
CA ASP A 673 40.85 -22.42 -30.38
C ASP A 673 40.38 -23.82 -29.97
N ALA A 674 41.14 -24.83 -30.37
CA ALA A 674 40.86 -26.15 -29.83
C ALA A 674 41.39 -26.30 -28.42
N SER A 675 42.60 -25.82 -28.16
CA SER A 675 43.24 -26.16 -26.90
C SER A 675 42.48 -25.59 -25.72
N THR A 676 42.06 -24.33 -25.82
CA THR A 676 41.28 -23.78 -24.74
C THR A 676 40.00 -24.57 -24.56
N MET A 677 39.42 -25.07 -25.65
CA MET A 677 38.24 -25.90 -25.49
C MET A 677 38.57 -27.18 -24.74
N LYS A 678 39.74 -27.75 -24.98
CA LYS A 678 40.10 -28.93 -24.21
C LYS A 678 40.15 -28.62 -22.74
N GLU A 679 40.79 -27.51 -22.39
CA GLU A 679 40.86 -27.16 -20.96
C GLU A 679 39.48 -26.93 -20.37
N ILE A 680 38.62 -26.20 -21.08
CA ILE A 680 37.36 -25.82 -20.47
C ILE A 680 36.46 -27.03 -20.34
N THR A 681 36.44 -27.88 -21.35
CA THR A 681 35.69 -29.11 -21.22
C THR A 681 36.21 -29.95 -20.08
N HIS A 682 37.54 -30.01 -19.89
CA HIS A 682 38.02 -30.79 -18.77
C HIS A 682 37.59 -30.18 -17.44
N ALA A 683 37.64 -28.86 -17.33
CA ALA A 683 37.23 -28.22 -16.08
C ALA A 683 35.81 -28.61 -15.74
N ILE A 684 34.87 -28.32 -16.64
CA ILE A 684 33.48 -28.66 -16.33
C ILE A 684 33.31 -30.16 -16.15
N SER A 685 34.12 -30.95 -16.82
CA SER A 685 34.07 -32.38 -16.55
C SER A 685 34.29 -32.62 -15.08
N SER A 686 35.41 -32.14 -14.54
CA SER A 686 35.69 -32.37 -13.14
C SER A 686 34.59 -31.81 -12.27
N ALA A 687 33.94 -30.74 -12.72
CA ALA A 687 32.83 -30.22 -11.95
C ALA A 687 31.77 -31.29 -11.76
N LYS A 688 31.24 -31.81 -12.87
CA LYS A 688 30.18 -32.81 -12.70
C LYS A 688 30.67 -34.04 -11.95
N GLU A 689 31.94 -34.38 -12.10
CA GLU A 689 32.49 -35.48 -11.31
C GLU A 689 32.34 -35.19 -9.83
N GLN A 690 32.76 -34.00 -9.41
CA GLN A 690 32.62 -33.63 -8.01
C GLN A 690 31.18 -33.68 -7.57
N VAL A 691 30.25 -33.29 -8.45
CA VAL A 691 28.88 -33.29 -7.95
C VAL A 691 28.40 -34.70 -7.74
N GLN A 692 28.75 -35.61 -8.64
CA GLN A 692 28.43 -37.01 -8.40
C GLN A 692 29.04 -37.50 -7.10
N GLU A 693 30.26 -37.07 -6.79
CA GLU A 693 30.86 -37.50 -5.54
C GLU A 693 30.14 -36.90 -4.34
N ILE A 694 29.75 -35.63 -4.45
CA ILE A 694 29.08 -34.95 -3.37
C ILE A 694 27.76 -35.63 -3.03
N ILE A 695 27.04 -36.06 -4.06
CA ILE A 695 25.82 -36.81 -3.78
C ILE A 695 26.14 -38.19 -3.24
N TYR A 696 27.08 -38.90 -3.85
CA TYR A 696 27.42 -40.22 -3.34
C TYR A 696 27.74 -40.15 -1.86
N LYS A 697 28.21 -38.99 -1.41
CA LYS A 697 28.29 -38.74 0.02
C LYS A 697 26.91 -38.56 0.62
N ALA A 698 26.23 -37.47 0.24
CA ALA A 698 25.07 -37.04 1.00
C ALA A 698 23.96 -38.08 0.99
N GLN A 699 23.61 -38.57 -0.18
CA GLN A 699 22.66 -39.66 -0.30
C GLN A 699 23.25 -41.01 0.11
N HIS A 700 24.45 -41.05 0.66
CA HIS A 700 24.90 -42.17 1.49
C HIS A 700 24.97 -41.81 2.96
N ASN A 701 24.43 -40.65 3.32
CA ASN A 701 24.40 -40.17 4.70
C ASN A 701 25.80 -39.91 5.23
N GLU A 702 26.60 -39.19 4.44
CA GLU A 702 27.96 -38.92 4.85
C GLU A 702 28.29 -37.44 4.87
N LEU A 703 27.38 -36.58 4.44
CA LEU A 703 27.71 -35.17 4.29
C LEU A 703 27.71 -34.51 5.66
N GLU A 704 28.64 -33.59 5.85
CA GLU A 704 28.76 -32.85 7.09
C GLU A 704 27.93 -31.58 7.01
N LEU A 705 27.07 -31.38 7.99
CA LEU A 705 26.08 -30.31 7.93
C LEU A 705 26.66 -29.01 8.48
N LYS A 706 26.68 -27.98 7.64
CA LYS A 706 26.97 -26.63 8.09
C LYS A 706 26.02 -26.26 9.22
N PRO A 707 26.38 -25.26 10.01
CA PRO A 707 25.50 -24.83 11.10
C PRO A 707 24.24 -24.17 10.56
N GLY A 708 23.10 -24.50 11.17
CA GLY A 708 21.85 -23.84 10.88
C GLY A 708 21.14 -24.31 9.63
N MET A 709 21.86 -24.88 8.67
CA MET A 709 21.24 -25.40 7.46
C MET A 709 20.97 -26.88 7.67
N THR A 710 19.76 -27.32 7.32
CA THR A 710 19.47 -28.73 7.46
C THR A 710 20.18 -29.47 6.34
N LEU A 711 19.94 -30.77 6.24
CA LEU A 711 20.68 -31.55 5.28
C LEU A 711 20.53 -30.99 3.88
N ARG A 712 19.31 -30.62 3.50
CA ARG A 712 19.12 -30.18 2.12
C ARG A 712 19.63 -28.77 1.86
N GLU A 713 19.40 -27.84 2.77
CA GLU A 713 19.96 -26.52 2.54
C GLU A 713 21.47 -26.60 2.38
N SER A 714 22.13 -27.41 3.21
CA SER A 714 23.57 -27.56 3.05
C SER A 714 23.92 -28.21 1.72
N PHE A 715 23.18 -29.26 1.36
CA PHE A 715 23.41 -29.97 0.12
C PHE A 715 23.39 -29.03 -1.07
N GLU A 716 22.35 -28.20 -1.15
CA GLU A 716 22.26 -27.21 -2.21
C GLU A 716 23.33 -26.15 -2.10
N GLY A 717 23.59 -25.63 -0.90
CA GLY A 717 24.59 -24.59 -0.77
C GLY A 717 25.94 -25.06 -1.28
N GLU A 718 26.32 -26.28 -0.89
CA GLU A 718 27.50 -26.88 -1.47
C GLU A 718 27.43 -26.90 -2.97
N VAL A 719 26.47 -27.66 -3.52
CA VAL A 719 26.46 -27.88 -4.95
C VAL A 719 26.58 -26.56 -5.69
N SER A 720 26.00 -25.51 -5.14
CA SER A 720 26.11 -24.22 -5.78
C SER A 720 27.53 -23.68 -5.70
N ARG A 721 28.19 -23.82 -4.55
CA ARG A 721 29.60 -23.41 -4.50
C ARG A 721 30.39 -24.15 -5.55
N THR A 722 30.20 -25.46 -5.63
CA THR A 722 30.98 -26.26 -6.57
C THR A 722 30.79 -25.77 -7.99
N LEU A 723 29.55 -25.70 -8.48
CA LEU A 723 29.36 -25.36 -9.89
C LEU A 723 29.79 -23.95 -10.20
N ASN A 724 29.52 -23.01 -9.32
CA ASN A 724 29.91 -21.65 -9.64
C ASN A 724 31.41 -21.49 -9.62
N ASP A 725 32.10 -22.17 -8.70
CA ASP A 725 33.55 -22.18 -8.77
C ASP A 725 34.03 -22.76 -10.09
N ALA A 726 33.38 -23.82 -10.56
CA ALA A 726 33.82 -24.43 -11.81
C ALA A 726 33.67 -23.46 -12.97
N ARG A 727 32.50 -22.84 -13.10
CA ARG A 727 32.32 -21.85 -14.13
C ARG A 727 33.35 -20.75 -14.01
N ASP A 728 33.64 -20.33 -12.79
CA ASP A 728 34.66 -19.31 -12.59
C ASP A 728 35.98 -19.77 -13.17
N SER A 729 36.34 -21.02 -12.92
CA SER A 729 37.58 -21.57 -13.47
C SER A 729 37.58 -21.49 -14.97
N ALA A 730 36.49 -21.91 -15.59
CA ALA A 730 36.45 -21.93 -17.04
C ALA A 730 36.57 -20.52 -17.59
N GLY A 731 35.79 -19.60 -17.04
CA GLY A 731 35.82 -18.26 -17.53
C GLY A 731 37.20 -17.67 -17.37
N ARG A 732 37.86 -17.98 -16.27
CA ARG A 732 39.19 -17.45 -16.04
C ARG A 732 40.16 -17.99 -17.07
N SER A 733 40.03 -19.27 -17.40
CA SER A 733 40.85 -19.83 -18.47
C SER A 733 40.64 -19.07 -19.77
N ALA A 734 39.39 -18.97 -20.21
CA ALA A 734 39.13 -18.34 -21.48
C ALA A 734 39.53 -16.87 -21.48
N GLU A 735 39.40 -16.19 -20.35
CA GLU A 735 39.73 -14.78 -20.33
C GLU A 735 41.24 -14.57 -20.39
N MET A 736 41.99 -15.42 -19.68
CA MET A 736 43.44 -15.30 -19.72
C MET A 736 43.99 -15.76 -21.05
N ASN A 737 43.22 -16.56 -21.78
CA ASN A 737 43.76 -17.20 -22.97
C ASN A 737 43.71 -16.29 -24.20
N LEU A 738 42.59 -15.62 -24.43
CA LEU A 738 42.41 -14.88 -25.67
C LEU A 738 43.52 -13.87 -25.88
N LYS A 739 43.81 -13.60 -27.15
CA LYS A 739 44.95 -12.80 -27.53
C LYS A 739 44.74 -11.34 -27.14
N ASP A 740 45.63 -10.48 -27.60
CA ASP A 740 45.56 -9.08 -27.22
C ASP A 740 44.72 -8.22 -28.15
N LEU A 741 45.03 -8.17 -29.44
CA LEU A 741 44.22 -7.32 -30.30
C LEU A 741 42.78 -7.80 -30.40
N ASN A 742 42.51 -9.04 -30.01
CA ASN A 742 41.15 -9.51 -29.92
C ASN A 742 40.28 -8.47 -29.25
N ASN A 743 39.03 -8.36 -29.69
CA ASN A 743 38.26 -7.17 -29.35
C ASN A 743 37.59 -7.27 -27.99
N VAL A 744 36.77 -8.31 -27.79
CA VAL A 744 36.08 -8.46 -26.51
C VAL A 744 37.03 -8.14 -25.39
N LYS A 745 38.22 -8.73 -25.43
CA LYS A 745 39.23 -8.37 -24.44
C LYS A 745 39.64 -6.91 -24.55
N GLN A 746 39.58 -6.32 -25.73
CA GLN A 746 39.94 -4.92 -25.76
C GLN A 746 38.95 -4.08 -24.97
N MET A 747 37.66 -4.29 -25.17
CA MET A 747 36.73 -3.43 -24.45
C MET A 747 36.71 -3.75 -22.97
N VAL A 748 36.61 -5.02 -22.61
CA VAL A 748 36.53 -5.33 -21.19
C VAL A 748 37.65 -4.63 -20.45
N SER A 749 38.88 -4.83 -20.89
CA SER A 749 40.02 -4.14 -20.33
C SER A 749 39.91 -2.64 -20.42
N ALA A 750 39.21 -2.12 -21.41
CA ALA A 750 38.89 -0.71 -21.38
C ALA A 750 37.69 -0.42 -20.53
N GLY A 751 36.90 -1.44 -20.21
CA GLY A 751 35.81 -1.22 -19.30
C GLY A 751 34.66 -0.38 -19.83
N SER A 752 34.60 -0.13 -21.15
CA SER A 752 33.47 0.60 -21.69
C SER A 752 32.18 -0.13 -21.42
N LYS A 753 32.13 -1.40 -21.74
CA LYS A 753 30.90 -2.18 -21.58
C LYS A 753 31.36 -3.56 -21.17
N GLY A 754 30.42 -4.46 -20.93
CA GLY A 754 30.78 -5.85 -20.76
C GLY A 754 31.44 -6.09 -19.43
N SER A 755 31.91 -7.32 -19.26
CA SER A 755 32.51 -7.71 -18.00
C SER A 755 33.37 -8.93 -18.22
N PHE A 756 33.74 -9.57 -17.12
CA PHE A 756 34.25 -10.91 -17.20
C PHE A 756 33.14 -11.92 -17.48
N ILE A 757 32.12 -11.94 -16.62
CA ILE A 757 31.11 -12.97 -16.73
C ILE A 757 30.52 -12.99 -18.13
N ASN A 758 30.52 -11.85 -18.81
CA ASN A 758 30.21 -11.84 -20.23
C ASN A 758 31.05 -12.88 -20.95
N ILE A 759 32.37 -12.75 -20.88
CA ILE A 759 33.18 -13.65 -21.68
C ILE A 759 32.99 -15.07 -21.21
N ALA A 760 32.84 -15.28 -19.91
CA ALA A 760 32.66 -16.64 -19.42
C ALA A 760 31.43 -17.29 -20.03
N GLN A 761 30.43 -16.47 -20.36
CA GLN A 761 29.27 -17.07 -21.00
C GLN A 761 29.34 -17.07 -22.52
N MET A 762 29.77 -15.98 -23.15
CA MET A 762 29.80 -16.02 -24.60
C MET A 762 30.73 -17.11 -25.09
N SER A 763 31.76 -17.43 -24.34
CA SER A 763 32.71 -18.42 -24.82
C SER A 763 32.67 -19.73 -24.05
N ALA A 764 32.69 -19.68 -22.73
CA ALA A 764 33.02 -20.85 -21.93
C ALA A 764 31.82 -21.63 -21.44
N CYS A 765 30.97 -21.03 -20.62
CA CYS A 765 29.83 -21.76 -20.09
C CYS A 765 28.87 -20.80 -19.41
N VAL A 766 27.73 -21.33 -18.96
CA VAL A 766 26.74 -20.51 -18.29
C VAL A 766 26.48 -20.95 -16.85
N GLY A 767 26.57 -22.23 -16.55
CA GLY A 767 26.48 -22.68 -15.18
C GLY A 767 25.08 -23.10 -14.78
N GLN A 768 24.73 -22.74 -13.55
CA GLN A 768 23.42 -23.06 -13.00
C GLN A 768 22.49 -21.90 -13.24
N GLN A 769 21.19 -22.16 -13.22
CA GLN A 769 20.22 -21.08 -13.33
C GLN A 769 19.39 -20.94 -12.06
N MET A 770 19.05 -19.70 -11.72
CA MET A 770 18.52 -19.40 -10.40
C MET A 770 17.18 -18.69 -10.45
N VAL A 771 16.20 -19.32 -9.80
CA VAL A 771 14.84 -18.80 -9.70
C VAL A 771 14.54 -18.58 -8.23
N GLU A 772 14.67 -17.34 -7.77
CA GLU A 772 14.49 -17.00 -6.36
C GLU A 772 15.47 -17.77 -5.49
N GLY A 773 16.77 -17.49 -5.65
CA GLY A 773 17.78 -18.07 -4.81
C GLY A 773 18.01 -19.54 -4.97
N LYS A 774 17.06 -20.39 -4.60
CA LYS A 774 17.27 -21.82 -4.65
C LYS A 774 17.44 -22.27 -6.08
N ARG A 775 17.80 -23.53 -6.26
CA ARG A 775 17.88 -24.02 -7.62
C ARG A 775 16.48 -24.23 -8.17
N ILE A 776 16.45 -24.63 -9.41
CA ILE A 776 15.20 -24.82 -10.13
C ILE A 776 14.32 -25.82 -9.40
N ALA A 777 13.11 -25.39 -9.10
CA ALA A 777 12.20 -26.20 -8.33
C ALA A 777 11.80 -27.43 -9.12
N PHE A 778 10.95 -28.23 -8.52
CA PHE A 778 10.25 -29.26 -9.28
C PHE A 778 8.83 -28.81 -9.55
N GLY A 779 8.61 -28.19 -10.71
CA GLY A 779 7.25 -27.92 -11.12
C GLY A 779 6.40 -29.18 -11.11
N PHE A 780 6.74 -30.12 -11.95
CA PHE A 780 6.14 -31.44 -11.92
C PHE A 780 6.51 -32.13 -10.61
N ALA A 781 6.15 -33.40 -10.48
CA ALA A 781 6.48 -34.15 -9.28
C ALA A 781 7.84 -34.82 -9.42
N ASP A 782 8.79 -34.39 -8.61
CA ASP A 782 10.10 -35.01 -8.43
C ASP A 782 11.02 -34.85 -9.63
N ARG A 783 10.94 -33.72 -10.34
CA ARG A 783 11.78 -33.46 -11.50
C ARG A 783 11.37 -32.12 -12.04
N SER A 784 12.21 -31.54 -12.89
CA SER A 784 11.84 -30.27 -13.47
C SER A 784 11.07 -30.43 -14.75
N LEU A 785 11.20 -31.57 -15.42
CA LEU A 785 10.56 -31.71 -16.74
C LEU A 785 10.02 -33.10 -16.96
N PRO A 786 9.31 -33.35 -18.00
CA PRO A 786 8.92 -34.73 -18.27
C PRO A 786 10.01 -35.45 -19.02
N HIS A 787 11.19 -34.83 -19.08
CA HIS A 787 12.30 -35.40 -19.82
C HIS A 787 13.26 -36.21 -18.95
N PHE A 788 13.41 -35.87 -17.68
CA PHE A 788 14.31 -36.64 -16.83
C PHE A 788 13.47 -37.50 -15.92
N THR A 789 14.09 -38.44 -15.23
CA THR A 789 13.30 -39.24 -14.31
C THR A 789 13.22 -38.53 -12.97
N LYS A 790 12.82 -39.27 -11.94
CA LYS A 790 12.64 -38.68 -10.62
C LYS A 790 13.90 -38.80 -9.78
N ASP A 791 14.14 -37.79 -8.95
CA ASP A 791 15.26 -37.78 -8.00
C ASP A 791 16.59 -37.83 -8.73
N ASP A 792 16.80 -36.90 -9.65
CA ASP A 792 18.04 -36.77 -10.40
C ASP A 792 18.62 -35.39 -10.15
N PHE A 793 19.40 -35.27 -9.08
CA PHE A 793 19.93 -33.98 -8.64
C PHE A 793 21.14 -33.54 -9.41
N SER A 794 21.73 -34.42 -10.21
CA SER A 794 22.95 -34.06 -10.91
C SER A 794 22.67 -32.90 -11.85
N PRO A 795 23.64 -32.02 -12.03
CA PRO A 795 23.33 -30.65 -12.42
C PRO A 795 22.67 -30.55 -13.77
N GLU A 796 22.78 -31.54 -14.62
CA GLU A 796 22.14 -31.37 -15.92
C GLU A 796 20.64 -31.25 -15.80
N SER A 797 20.03 -31.88 -14.80
CA SER A 797 18.58 -31.88 -14.68
C SER A 797 18.07 -30.57 -14.12
N LYS A 798 18.47 -30.23 -12.91
CA LYS A 798 18.01 -29.02 -12.26
C LYS A 798 18.79 -27.82 -12.75
N GLY A 799 19.33 -27.92 -13.95
CA GLY A 799 19.64 -26.72 -14.68
C GLY A 799 21.06 -26.27 -14.61
N PHE A 800 21.99 -27.12 -15.03
CA PHE A 800 23.36 -26.71 -15.21
C PHE A 800 23.56 -26.38 -16.68
N VAL A 801 23.39 -25.11 -17.03
CA VAL A 801 23.45 -24.72 -18.43
C VAL A 801 24.89 -24.91 -18.88
N GLU A 802 25.13 -26.04 -19.51
CA GLU A 802 26.49 -26.55 -19.70
C GLU A 802 27.21 -25.84 -20.83
N ASN A 803 26.56 -25.68 -21.95
CA ASN A 803 27.16 -25.18 -23.15
C ASN A 803 27.52 -23.72 -22.99
N SER A 804 28.16 -23.17 -23.99
CA SER A 804 28.18 -21.72 -24.04
C SER A 804 27.44 -21.28 -25.28
N TYR A 805 26.94 -20.05 -25.29
CA TYR A 805 26.04 -19.68 -26.36
C TYR A 805 26.64 -20.01 -27.69
N LEU A 806 27.91 -19.67 -27.89
CA LEU A 806 28.48 -19.79 -29.21
C LEU A 806 28.29 -21.20 -29.77
N ARG A 807 28.00 -22.17 -28.92
CA ARG A 807 27.51 -23.46 -29.40
C ARG A 807 26.01 -23.51 -29.50
N GLY A 808 25.31 -22.76 -28.68
CA GLY A 808 23.88 -22.88 -28.75
C GLY A 808 23.36 -23.95 -27.84
N LEU A 809 22.39 -23.59 -27.02
CA LEU A 809 21.91 -24.43 -25.95
C LEU A 809 21.15 -25.63 -26.50
N THR A 810 20.92 -26.60 -25.63
CA THR A 810 20.04 -27.68 -25.98
C THR A 810 18.59 -27.19 -25.93
N PRO A 811 17.61 -28.08 -25.98
CA PRO A 811 16.26 -27.68 -25.54
C PRO A 811 16.14 -27.36 -24.06
N GLN A 812 16.27 -28.37 -23.19
CA GLN A 812 15.97 -28.14 -21.79
C GLN A 812 16.71 -26.93 -21.27
N GLU A 813 17.98 -26.82 -21.64
CA GLU A 813 18.69 -25.67 -21.15
C GLU A 813 18.08 -24.40 -21.67
N PHE A 814 17.60 -24.38 -22.90
CA PHE A 814 16.98 -23.17 -23.37
C PHE A 814 15.77 -22.83 -22.53
N PHE A 815 14.95 -23.81 -22.21
CA PHE A 815 13.76 -23.47 -21.46
C PHE A 815 14.11 -22.96 -20.07
N PHE A 816 15.06 -23.59 -19.41
CA PHE A 816 15.48 -23.11 -18.10
C PHE A 816 15.99 -21.69 -18.17
N HIS A 817 16.89 -21.44 -19.10
CA HIS A 817 17.42 -20.10 -19.18
C HIS A 817 16.33 -19.10 -19.47
N ALA A 818 15.28 -19.52 -20.17
CA ALA A 818 14.15 -18.62 -20.35
C ALA A 818 13.46 -18.36 -19.03
N MET A 819 13.32 -19.37 -18.19
CA MET A 819 12.74 -19.10 -16.88
C MET A 819 13.55 -18.08 -16.12
N ALA A 820 14.86 -18.21 -16.16
CA ALA A 820 15.68 -17.27 -15.41
C ALA A 820 15.49 -15.86 -15.91
N GLY A 821 15.59 -15.67 -17.22
CA GLY A 821 15.30 -14.36 -17.75
C GLY A 821 13.91 -13.86 -17.38
N ARG A 822 12.95 -14.77 -17.28
CA ARG A 822 11.62 -14.35 -16.89
C ARG A 822 11.64 -13.77 -15.50
N GLU A 823 12.35 -14.43 -14.59
CA GLU A 823 12.48 -13.84 -13.27
C GLU A 823 13.10 -12.48 -13.37
N GLY A 824 14.11 -12.34 -14.22
CA GLY A 824 14.74 -11.04 -14.38
C GLY A 824 13.75 -9.96 -14.77
N LEU A 825 12.87 -10.28 -15.72
CA LEU A 825 11.88 -9.30 -16.17
C LEU A 825 10.85 -9.00 -15.09
N ILE A 826 10.24 -10.03 -14.53
CA ILE A 826 9.29 -9.81 -13.44
C ILE A 826 9.89 -8.88 -12.44
N ASP A 827 11.15 -9.14 -12.08
CA ASP A 827 11.85 -8.33 -11.10
C ASP A 827 11.93 -6.88 -11.56
N THR A 828 12.39 -6.68 -12.78
CA THR A 828 12.58 -5.33 -13.28
C THR A 828 11.27 -4.57 -13.37
N ALA A 829 10.17 -5.26 -13.61
CA ALA A 829 8.89 -4.59 -13.78
C ALA A 829 8.10 -4.44 -12.48
N VAL A 830 8.53 -5.11 -11.42
CA VAL A 830 7.84 -5.03 -10.13
C VAL A 830 8.59 -4.18 -9.13
N LYS A 831 9.86 -4.52 -8.83
CA LYS A 831 10.55 -3.79 -7.77
C LYS A 831 10.54 -2.29 -7.98
N THR A 832 10.55 -1.86 -9.22
CA THR A 832 10.45 -0.44 -9.50
C THR A 832 9.28 0.22 -8.82
N ALA A 833 8.16 -0.49 -8.65
CA ALA A 833 7.01 0.09 -7.97
C ALA A 833 7.37 0.50 -6.56
N GLU A 834 7.90 -0.43 -5.80
CA GLU A 834 8.27 -0.13 -4.43
C GLU A 834 9.32 0.96 -4.39
N THR A 835 10.23 0.99 -5.37
CA THR A 835 11.24 2.05 -5.33
C THR A 835 10.62 3.42 -5.53
N GLY A 836 9.70 3.55 -6.47
CA GLY A 836 9.01 4.82 -6.64
C GLY A 836 8.30 5.24 -5.37
N TYR A 837 7.58 4.30 -4.75
CA TYR A 837 6.89 4.63 -3.52
C TYR A 837 7.85 5.15 -2.48
N ILE A 838 8.96 4.43 -2.30
CA ILE A 838 9.89 4.79 -1.24
C ILE A 838 10.47 6.15 -1.50
N GLN A 839 10.87 6.43 -2.74
CA GLN A 839 11.42 7.75 -2.95
C GLN A 839 10.39 8.82 -2.68
N ARG A 840 9.14 8.57 -3.04
CA ARG A 840 8.12 9.57 -2.77
C ARG A 840 8.04 9.87 -1.28
N ARG A 841 7.95 8.82 -0.46
CA ARG A 841 7.88 9.06 0.97
C ARG A 841 9.09 9.82 1.45
N LEU A 842 10.27 9.33 1.11
CA LEU A 842 11.48 9.93 1.67
C LEU A 842 11.52 11.39 1.35
N VAL A 843 11.12 11.78 0.15
CA VAL A 843 11.17 13.19 -0.16
C VAL A 843 10.15 13.95 0.65
N LYS A 844 8.90 13.46 0.68
CA LYS A 844 7.89 14.26 1.37
C LYS A 844 8.18 14.45 2.84
N ALA A 845 8.68 13.42 3.53
CA ALA A 845 8.97 13.59 4.94
C ALA A 845 10.06 14.63 5.16
N LEU A 846 10.94 14.78 4.19
CA LEU A 846 12.05 15.71 4.30
C LEU A 846 11.83 16.98 3.51
N GLU A 847 10.71 17.11 2.86
CA GLU A 847 10.82 18.01 1.72
C GLU A 847 11.12 19.45 2.10
N ASP A 848 11.43 19.83 3.32
CA ASP A 848 11.65 21.25 3.63
C ASP A 848 12.95 21.56 4.36
N ILE A 849 13.61 20.57 4.95
CA ILE A 849 14.72 20.82 5.85
C ILE A 849 15.79 21.68 5.23
N MET A 850 16.15 22.76 5.92
CA MET A 850 16.90 23.83 5.31
C MET A 850 17.98 24.36 6.25
N VAL A 851 19.17 24.52 5.73
CA VAL A 851 20.31 25.04 6.47
C VAL A 851 20.18 26.54 6.64
N HIS A 852 19.72 26.99 7.79
CA HIS A 852 19.59 28.43 7.99
C HIS A 852 20.97 29.03 8.19
N TYR A 853 21.03 30.34 8.34
CA TYR A 853 22.32 31.01 8.37
C TYR A 853 23.06 30.80 9.64
N ASP A 854 22.56 29.93 10.51
CA ASP A 854 23.27 29.55 11.73
C ASP A 854 23.95 28.22 11.53
N GLY A 855 24.04 27.76 10.30
CA GLY A 855 24.62 26.48 10.06
C GLY A 855 23.97 25.35 10.80
N THR A 856 22.70 25.49 11.19
CA THR A 856 22.03 24.35 11.78
C THR A 856 20.99 23.79 10.83
N THR A 857 20.24 22.83 11.30
CA THR A 857 19.35 22.07 10.42
C THR A 857 17.94 22.14 11.00
N ARG A 858 17.23 23.21 10.69
CA ARG A 858 15.93 23.39 11.30
C ARG A 858 14.86 23.10 10.28
N ASN A 859 13.94 22.22 10.63
CA ASN A 859 12.89 21.87 9.69
C ASN A 859 11.87 23.00 9.66
N SER A 860 10.65 22.71 9.22
CA SER A 860 9.61 23.72 9.04
C SER A 860 9.59 24.74 10.18
N LEU A 861 9.39 24.26 11.41
CA LEU A 861 9.35 25.15 12.55
C LEU A 861 10.74 25.58 12.98
N GLY A 862 11.58 24.61 13.26
CA GLY A 862 12.75 24.82 14.08
C GLY A 862 13.05 23.70 15.02
N ASP A 863 12.33 22.57 14.98
CA ASP A 863 12.78 21.43 15.76
C ASP A 863 14.11 20.99 15.17
N ILE A 864 15.20 21.53 15.70
CA ILE A 864 16.49 21.39 15.08
C ILE A 864 16.87 19.92 14.98
N ILE A 865 17.60 19.55 13.94
CA ILE A 865 17.89 18.15 13.68
C ILE A 865 19.39 17.86 13.69
N GLN A 866 20.21 18.84 13.38
CA GLN A 866 21.65 18.72 13.54
C GLN A 866 22.22 20.09 13.84
N PHE A 867 22.90 20.23 14.98
CA PHE A 867 23.36 21.55 15.37
C PHE A 867 24.43 22.08 14.45
N LEU A 868 25.07 21.22 13.68
CA LEU A 868 25.97 21.71 12.66
C LEU A 868 25.97 20.77 11.48
N TYR A 869 25.59 21.28 10.32
CA TYR A 869 25.12 20.45 9.22
C TYR A 869 26.00 19.23 9.02
N GLY A 870 25.49 18.06 9.40
CA GLY A 870 26.33 16.89 9.27
C GLY A 870 27.61 16.99 10.06
N GLU A 871 27.56 17.65 11.20
CA GLU A 871 28.64 17.62 12.16
C GLU A 871 29.89 18.33 11.67
N ASP A 872 29.82 18.98 10.52
CA ASP A 872 31.03 19.62 10.02
C ASP A 872 30.89 21.07 9.57
N GLY A 873 29.91 21.41 8.76
CA GLY A 873 29.95 22.65 8.03
C GLY A 873 30.53 22.52 6.65
N LEU A 874 31.01 21.34 6.30
CA LEU A 874 31.60 21.07 5.01
C LEU A 874 30.53 20.61 4.04
N ASP A 875 30.38 21.32 2.95
CA ASP A 875 29.51 20.87 1.88
C ASP A 875 29.94 19.50 1.40
N GLY A 876 28.95 18.70 0.98
CA GLY A 876 29.24 17.35 0.52
C GLY A 876 29.89 17.28 -0.85
N THR A 877 30.08 18.40 -1.52
CA THR A 877 30.69 18.28 -2.83
C THR A 877 32.03 18.98 -2.93
N GLN A 878 32.76 19.10 -1.83
CA GLN A 878 34.08 19.68 -1.89
C GLN A 878 35.11 18.86 -1.17
N VAL A 879 35.00 17.54 -1.19
CA VAL A 879 35.83 16.71 -0.34
C VAL A 879 36.51 15.63 -1.17
N GLU A 880 37.46 14.94 -0.56
CA GLU A 880 38.17 13.84 -1.20
C GLU A 880 38.48 12.78 -0.15
N ARG A 881 38.73 11.56 -0.58
CA ARG A 881 39.23 10.57 0.37
C ARG A 881 40.73 10.72 0.55
N GLN A 882 41.15 11.11 1.73
CA GLN A 882 42.55 11.31 1.99
C GLN A 882 43.01 10.42 3.12
N THR A 883 44.32 10.31 3.22
CA THR A 883 44.95 9.42 4.17
C THR A 883 45.39 10.25 5.35
N ILE A 884 44.74 10.06 6.49
CA ILE A 884 45.22 10.68 7.72
C ILE A 884 46.49 9.94 8.09
N ASP A 885 47.57 10.68 8.36
CA ASP A 885 48.88 10.08 8.51
C ASP A 885 49.09 9.43 9.86
N THR A 886 48.85 10.15 10.93
CA THR A 886 49.34 9.74 12.23
C THR A 886 48.54 8.61 12.83
N ILE A 887 47.66 7.98 12.07
CA ILE A 887 46.88 6.90 12.63
C ILE A 887 47.64 5.58 12.63
N PRO A 888 48.17 5.10 11.52
CA PRO A 888 48.83 3.79 11.53
C PRO A 888 50.30 3.93 11.91
N GLY A 889 51.03 2.85 11.70
CA GLY A 889 52.47 2.86 11.86
C GLY A 889 52.90 2.63 13.30
N SER A 890 53.97 1.87 13.45
CA SER A 890 54.45 1.56 14.78
C SER A 890 55.10 2.79 15.40
N ASP A 891 55.22 2.75 16.72
CA ASP A 891 55.69 3.92 17.45
C ASP A 891 57.08 4.32 16.99
N LYS A 892 57.89 3.34 16.58
CA LYS A 892 59.20 3.68 16.04
C LYS A 892 59.07 4.59 14.84
N ALA A 893 58.50 4.06 13.75
CA ALA A 893 58.37 4.85 12.53
C ALA A 893 57.73 6.19 12.82
N PHE A 894 56.80 6.21 13.76
CA PHE A 894 56.23 7.47 14.21
C PHE A 894 57.32 8.41 14.67
N HIS A 895 57.98 8.05 15.77
CA HIS A 895 59.03 8.87 16.33
C HIS A 895 60.12 9.17 15.32
N LYS A 896 60.17 8.43 14.23
CA LYS A 896 61.24 8.60 13.28
C LYS A 896 60.90 9.66 12.26
N ARG A 897 59.69 9.63 11.74
CA ARG A 897 59.35 10.65 10.75
C ARG A 897 59.14 11.98 11.42
N TYR A 898 58.64 11.98 12.65
CA TYR A 898 58.11 13.20 13.22
C TYR A 898 59.04 13.90 14.19
N TYR A 899 59.86 13.16 14.94
CA TYR A 899 60.54 13.74 16.09
C TYR A 899 61.76 14.53 15.66
N VAL A 900 61.71 15.81 15.86
CA VAL A 900 62.87 16.63 15.56
C VAL A 900 63.86 16.44 16.70
N ASP A 901 65.10 16.89 16.50
CA ASP A 901 65.99 17.16 17.62
C ASP A 901 66.88 18.34 17.25
N LEU A 902 67.28 19.08 18.26
CA LEU A 902 68.23 20.17 18.09
C LEU A 902 69.52 19.90 18.84
N MET A 903 69.59 18.78 19.56
CA MET A 903 70.76 18.50 20.39
C MET A 903 71.68 17.48 19.76
N ASP A 904 71.26 16.21 19.71
CA ASP A 904 72.05 15.23 18.99
C ASP A 904 72.17 15.68 17.55
N GLU A 905 73.40 15.71 17.03
CA GLU A 905 73.61 16.32 15.72
C GLU A 905 72.90 15.54 14.63
N LYS A 906 72.72 14.23 14.81
CA LYS A 906 72.16 13.44 13.73
C LYS A 906 70.66 13.71 13.55
N ASN A 907 69.91 13.78 14.65
CA ASN A 907 68.47 13.91 14.59
C ASN A 907 68.01 15.32 14.27
N SER A 908 68.71 16.02 13.40
CA SER A 908 68.46 17.43 13.20
C SER A 908 67.92 17.70 11.80
N ILE A 909 67.85 18.99 11.47
CA ILE A 909 67.86 19.41 10.07
C ILE A 909 69.23 19.11 9.49
N LYS A 910 69.24 18.37 8.40
CA LYS A 910 70.48 18.10 7.68
C LYS A 910 70.96 19.38 7.00
N PRO A 911 72.25 19.51 6.70
CA PRO A 911 72.79 20.82 6.31
C PRO A 911 72.38 21.30 4.93
N ASP A 912 72.33 20.42 3.93
CA ASP A 912 72.23 20.88 2.55
C ASP A 912 70.83 21.36 2.20
N VAL A 913 69.88 21.28 3.15
CA VAL A 913 68.50 21.64 2.85
C VAL A 913 68.13 23.03 3.33
N ILE A 914 68.86 23.58 4.30
CA ILE A 914 68.59 24.93 4.76
C ILE A 914 69.85 25.76 4.65
N GLU A 915 69.64 27.08 4.70
CA GLU A 915 70.75 28.02 4.63
C GLU A 915 71.49 28.13 5.95
N TYR A 916 70.76 28.32 7.04
CA TYR A 916 71.29 28.69 8.34
C TYR A 916 71.63 27.51 9.23
N ALA A 917 71.90 26.34 8.64
CA ALA A 917 72.16 25.12 9.41
C ALA A 917 73.21 25.29 10.50
N ALA A 918 73.89 26.44 10.54
CA ALA A 918 74.85 26.69 11.60
C ALA A 918 74.18 27.16 12.88
N ASP A 919 73.18 28.03 12.77
CA ASP A 919 72.62 28.73 13.93
C ASP A 919 71.68 27.86 14.74
N ILE A 920 71.79 26.54 14.64
CA ILE A 920 70.70 25.73 15.17
C ILE A 920 71.13 24.78 16.25
N LEU A 921 71.96 23.80 15.90
CA LEU A 921 72.04 22.59 16.72
C LEU A 921 72.49 22.94 18.13
N GLY A 922 71.51 23.11 19.02
CA GLY A 922 71.77 23.41 20.41
C GLY A 922 70.81 24.37 21.07
N ASP A 923 69.99 25.11 20.34
CA ASP A 923 69.09 26.06 21.00
C ASP A 923 68.12 25.29 21.90
N VAL A 924 67.62 25.97 22.94
CA VAL A 924 66.55 25.40 23.73
C VAL A 924 65.20 26.05 23.45
N GLU A 925 65.17 27.36 23.22
CA GLU A 925 63.90 28.02 22.90
C GLU A 925 63.24 27.39 21.70
N LEU A 926 64.04 26.83 20.81
CA LEU A 926 63.55 26.11 19.64
C LEU A 926 63.12 24.69 20.01
N GLN A 927 63.91 24.05 20.88
CA GLN A 927 63.58 22.72 21.36
C GLN A 927 62.25 22.70 22.09
N LYS A 928 61.87 23.79 22.74
CA LYS A 928 60.61 23.80 23.47
C LYS A 928 59.42 23.93 22.53
N GLU A 929 59.52 24.80 21.53
CA GLU A 929 58.59 24.72 20.41
C GLU A 929 58.38 23.27 20.03
N LEU A 930 59.48 22.57 19.77
CA LEU A 930 59.34 21.24 19.23
C LEU A 930 58.79 20.25 20.25
N ASN A 931 59.10 20.40 21.52
CA ASN A 931 58.52 19.51 22.51
C ASN A 931 57.01 19.69 22.57
N SER A 932 56.57 20.95 22.52
CA SER A 932 55.15 21.23 22.44
C SER A 932 54.53 20.56 21.24
N GLU A 933 55.10 20.77 20.07
CA GLU A 933 54.46 20.29 18.86
C GLU A 933 54.48 18.78 18.78
N TYR A 934 55.51 18.15 19.32
CA TYR A 934 55.52 16.71 19.35
C TYR A 934 54.45 16.18 20.30
N GLU A 935 54.30 16.75 21.49
CA GLU A 935 53.19 16.25 22.29
C GLU A 935 51.86 16.53 21.61
N GLN A 936 51.78 17.60 20.85
CA GLN A 936 50.56 17.87 20.12
C GLN A 936 50.23 16.69 19.24
N LEU A 937 51.20 16.24 18.46
CA LEU A 937 50.97 15.02 17.71
C LEU A 937 50.69 13.84 18.61
N VAL A 938 51.28 13.80 19.80
CA VAL A 938 51.00 12.67 20.67
C VAL A 938 49.53 12.60 20.97
N SER A 939 48.96 13.72 21.40
CA SER A 939 47.54 13.74 21.73
C SER A 939 46.70 13.39 20.52
N ASP A 940 47.01 13.96 19.36
CA ASP A 940 46.21 13.59 18.20
C ASP A 940 46.26 12.11 17.95
N ARG A 941 47.40 11.48 18.14
CA ARG A 941 47.45 10.05 17.86
C ARG A 941 46.62 9.29 18.87
N LYS A 942 46.76 9.63 20.14
CA LYS A 942 45.95 8.96 21.15
C LYS A 942 44.47 9.17 20.89
N PHE A 943 44.11 10.38 20.51
CA PHE A 943 42.75 10.74 20.15
C PHE A 943 42.23 9.85 19.03
N LEU A 944 42.79 10.00 17.83
CA LEU A 944 42.33 9.19 16.72
C LEU A 944 42.53 7.72 16.98
N ARG A 945 43.22 7.35 18.03
CA ARG A 945 43.48 5.94 18.16
C ARG A 945 42.59 5.28 19.18
N GLU A 946 42.06 6.03 20.14
CA GLU A 946 41.22 5.47 21.18
C GLU A 946 39.76 5.88 21.09
N ILE A 947 39.47 7.13 20.83
CA ILE A 947 38.10 7.63 20.75
C ILE A 947 37.46 7.23 19.43
N VAL A 948 38.02 7.67 18.32
CA VAL A 948 37.24 7.80 17.10
C VAL A 948 37.40 6.59 16.19
N PHE A 949 38.50 6.49 15.46
CA PHE A 949 38.63 5.45 14.45
C PHE A 949 39.17 4.23 15.17
N VAL A 950 38.26 3.49 15.79
CA VAL A 950 38.67 2.49 16.78
C VAL A 950 39.58 1.45 16.16
N ASN A 951 39.21 0.90 15.01
CA ASN A 951 40.05 -0.13 14.43
C ASN A 951 41.00 0.40 13.38
N GLY A 952 41.19 1.71 13.29
CA GLY A 952 42.37 2.26 12.65
C GLY A 952 42.29 2.47 11.16
N ASP A 953 41.15 2.24 10.53
CA ASP A 953 41.04 2.45 9.09
C ASP A 953 41.35 3.91 8.78
N HIS A 954 42.48 4.14 8.15
CA HIS A 954 43.11 5.45 8.22
C HIS A 954 42.83 6.34 7.02
N ASN A 955 41.83 6.03 6.23
CA ASN A 955 41.50 6.83 5.06
C ASN A 955 40.06 7.33 5.19
N TRP A 956 39.85 8.63 5.07
CA TRP A 956 38.49 9.14 5.23
C TRP A 956 38.25 10.35 4.35
N PRO A 957 36.99 10.65 4.03
CA PRO A 957 36.68 11.85 3.25
C PRO A 957 36.90 13.08 4.09
N LEU A 958 37.37 14.14 3.47
CA LEU A 958 37.82 15.35 4.14
C LEU A 958 37.86 16.51 3.17
N PRO A 959 37.95 17.72 3.67
CA PRO A 959 38.05 18.90 2.82
C PRO A 959 39.42 19.06 2.20
N VAL A 960 39.71 20.29 1.82
CA VAL A 960 40.71 20.70 0.85
C VAL A 960 41.94 19.82 0.86
N ASN A 961 42.37 19.37 -0.30
CA ASN A 961 43.35 18.31 -0.38
C ASN A 961 44.74 18.91 -0.20
N LEU A 962 45.46 18.44 0.81
CA LEU A 962 46.78 19.00 1.02
C LEU A 962 47.74 18.56 -0.06
N ARG A 963 48.10 17.27 -0.06
CA ARG A 963 49.09 16.73 -0.98
C ARG A 963 49.03 17.38 -2.35
N ARG A 964 47.83 17.56 -2.89
CA ARG A 964 47.75 18.15 -4.22
C ARG A 964 48.18 19.60 -4.21
N ILE A 965 47.66 20.38 -3.26
CA ILE A 965 48.11 21.75 -3.13
C ILE A 965 49.60 21.81 -2.94
N ILE A 966 50.13 20.93 -2.11
CA ILE A 966 51.56 20.96 -1.85
C ILE A 966 52.34 20.68 -3.12
N GLN A 967 51.90 19.73 -3.91
CA GLN A 967 52.70 19.43 -5.09
C GLN A 967 52.55 20.49 -6.17
N ASN A 968 51.40 21.14 -6.27
CA ASN A 968 51.38 22.37 -7.05
C ASN A 968 52.37 23.39 -6.52
N ALA A 969 52.44 23.54 -5.20
CA ALA A 969 53.44 24.42 -4.64
C ALA A 969 54.83 24.04 -5.11
N GLN A 970 55.18 22.75 -4.99
CA GLN A 970 56.48 22.26 -5.46
C GLN A 970 56.73 22.75 -6.87
N GLN A 971 55.76 22.50 -7.76
CA GLN A 971 56.01 22.75 -9.16
C GLN A 971 56.12 24.22 -9.50
N ILE A 972 55.26 25.08 -8.96
CA ILE A 972 55.34 26.48 -9.39
C ILE A 972 56.72 27.03 -9.08
N PHE A 973 57.14 26.97 -7.82
CA PHE A 973 58.40 27.59 -7.45
C PHE A 973 59.59 26.65 -7.61
N HIS A 974 59.41 25.57 -8.37
CA HIS A 974 60.52 24.76 -8.84
C HIS A 974 61.32 24.15 -7.70
N LEU A 975 60.69 23.99 -6.54
CA LEU A 975 61.46 23.66 -5.34
C LEU A 975 61.87 22.19 -5.34
N ASP A 976 62.41 21.78 -6.48
CA ASP A 976 63.31 20.65 -6.61
C ASP A 976 64.74 21.16 -6.56
N ARG A 977 65.68 20.34 -7.02
CA ARG A 977 67.11 20.61 -7.13
C ARG A 977 67.77 20.85 -5.77
N ALA A 978 67.13 20.36 -4.70
CA ALA A 978 67.72 20.24 -3.36
C ALA A 978 68.48 21.50 -2.98
N LYS A 979 67.80 22.63 -3.06
CA LYS A 979 68.49 23.89 -2.82
C LYS A 979 68.27 24.26 -1.36
N ALA A 980 69.31 24.79 -0.73
CA ALA A 980 69.23 25.12 0.69
C ALA A 980 68.13 26.15 0.94
N SER A 981 67.28 25.85 1.91
CA SER A 981 66.09 26.64 2.16
C SER A 981 66.29 27.61 3.30
N ASP A 982 65.69 28.79 3.19
CA ASP A 982 65.79 29.81 4.22
C ASP A 982 64.65 29.73 5.22
N LEU A 983 64.21 28.53 5.55
CA LEU A 983 62.98 28.32 6.30
C LEU A 983 63.31 28.17 7.78
N THR A 984 62.94 29.16 8.57
CA THR A 984 63.28 29.11 9.98
C THR A 984 62.16 28.47 10.79
N ILE A 985 62.53 27.49 11.62
CA ILE A 985 61.54 26.64 12.26
C ILE A 985 60.43 27.43 12.97
N PRO A 986 60.72 28.50 13.70
CA PRO A 986 59.60 29.26 14.27
C PRO A 986 58.64 29.79 13.23
N GLU A 987 59.10 30.14 12.02
CA GLU A 987 58.15 30.46 10.96
C GLU A 987 57.13 29.35 10.77
N ILE A 988 57.60 28.11 10.58
CA ILE A 988 56.69 26.98 10.43
C ILE A 988 55.73 26.93 11.60
N ILE A 989 56.24 26.86 12.82
CA ILE A 989 55.33 26.50 13.90
C ILE A 989 54.38 27.64 14.20
N HIS A 990 54.86 28.87 14.13
CA HIS A 990 53.93 29.97 14.29
C HIS A 990 52.92 30.05 13.17
N GLY A 991 53.31 29.79 11.93
CA GLY A 991 52.34 29.81 10.85
C GLY A 991 51.25 28.78 11.08
N VAL A 992 51.65 27.56 11.40
CA VAL A 992 50.66 26.52 11.59
C VAL A 992 49.77 26.86 12.76
N ARG A 993 50.33 27.48 13.80
CA ARG A 993 49.49 27.76 14.96
C ARG A 993 48.56 28.93 14.69
N ASP A 994 48.98 29.89 13.88
CA ASP A 994 48.07 30.94 13.46
C ASP A 994 47.10 30.47 12.41
N LEU A 995 47.29 29.28 11.85
CA LEU A 995 46.34 28.87 10.85
C LEU A 995 45.03 28.46 11.48
N CYS A 996 45.06 27.53 12.44
CA CYS A 996 43.83 27.07 13.07
C CYS A 996 43.14 28.16 13.89
N LYS A 997 43.57 29.41 13.75
CA LYS A 997 42.75 30.57 14.09
C LYS A 997 42.01 31.13 12.90
N LYS A 998 41.95 30.40 11.79
CA LYS A 998 41.32 30.92 10.59
C LYS A 998 40.55 29.86 9.81
N LEU A 999 40.13 28.78 10.46
CA LEU A 999 39.22 27.82 9.83
C LEU A 999 37.82 28.00 10.39
N PHE A 1000 37.22 29.14 10.05
CA PHE A 1000 35.98 29.56 10.64
C PHE A 1000 34.81 28.77 10.07
N VAL A 1001 34.17 27.96 10.90
CA VAL A 1001 32.91 27.37 10.47
C VAL A 1001 31.77 28.18 11.08
N LEU A 1002 31.89 28.51 12.36
CA LEU A 1002 30.84 29.20 13.10
C LEU A 1002 31.43 30.43 13.77
N ARG A 1003 31.11 31.62 13.26
CA ARG A 1003 31.75 32.83 13.75
C ARG A 1003 31.08 33.29 15.04
N GLY A 1004 31.62 34.36 15.60
CA GLY A 1004 31.15 34.93 16.84
C GLY A 1004 32.13 34.65 17.98
N GLU A 1005 31.85 35.26 19.13
CA GLU A 1005 32.77 35.08 20.25
C GLU A 1005 32.06 34.63 21.52
N ASN A 1006 30.75 34.47 21.47
CA ASN A 1006 30.06 33.86 22.58
C ASN A 1006 30.68 32.51 22.90
N GLU A 1007 30.80 32.20 24.19
CA GLU A 1007 31.73 31.15 24.58
C GLU A 1007 31.34 29.79 24.00
N LEU A 1008 30.04 29.51 23.90
CA LEU A 1008 29.64 28.30 23.21
C LEU A 1008 30.02 28.32 21.74
N ILE A 1009 30.02 29.48 21.08
CA ILE A 1009 30.49 29.50 19.70
C ILE A 1009 31.88 28.91 19.60
N LYS A 1010 32.80 29.35 20.45
CA LYS A 1010 34.17 28.89 20.32
C LYS A 1010 34.30 27.42 20.67
N GLU A 1011 33.58 26.97 21.70
CA GLU A 1011 33.63 25.55 21.99
C GLU A 1011 33.14 24.76 20.78
N ALA A 1012 32.15 25.26 20.07
CA ALA A 1012 31.68 24.53 18.90
C ALA A 1012 32.67 24.56 17.74
N GLN A 1013 33.17 25.74 17.40
CA GLN A 1013 34.24 25.85 16.41
C GLN A 1013 35.24 24.75 16.63
N GLN A 1014 35.83 24.70 17.82
CA GLN A 1014 36.92 23.79 18.07
C GLN A 1014 36.44 22.35 18.20
N ASN A 1015 35.18 22.14 18.53
CA ASN A 1015 34.66 20.78 18.51
C ASN A 1015 34.57 20.27 17.09
N ALA A 1016 34.36 21.17 16.14
CA ALA A 1016 34.06 20.74 14.78
C ALA A 1016 35.29 20.22 14.06
N THR A 1017 36.28 21.09 13.87
CA THR A 1017 37.39 20.82 12.97
C THR A 1017 38.54 20.13 13.66
N SER A 1018 38.29 19.24 14.63
CA SER A 1018 39.40 18.50 15.20
C SER A 1018 39.99 17.55 14.17
N LEU A 1019 39.16 16.81 13.46
CA LEU A 1019 39.70 15.83 12.53
C LEU A 1019 40.48 16.50 11.41
N PHE A 1020 39.95 17.60 10.88
CA PHE A 1020 40.69 18.33 9.84
C PHE A 1020 41.93 19.04 10.39
N GLN A 1021 41.88 19.55 11.62
CA GLN A 1021 43.13 20.04 12.17
C GLN A 1021 44.13 18.92 12.30
N CYS A 1022 43.66 17.72 12.62
CA CYS A 1022 44.56 16.58 12.71
C CYS A 1022 45.21 16.31 11.38
N LEU A 1023 44.45 16.42 10.30
CA LEU A 1023 45.06 16.19 9.00
C LEU A 1023 46.11 17.26 8.71
N VAL A 1024 45.76 18.53 8.85
CA VAL A 1024 46.70 19.59 8.52
C VAL A 1024 47.99 19.43 9.31
N ARG A 1025 47.89 19.26 10.62
CA ARG A 1025 49.12 19.07 11.39
C ARG A 1025 49.76 17.72 11.12
N ALA A 1026 49.03 16.75 10.59
CA ALA A 1026 49.68 15.50 10.26
C ALA A 1026 50.56 15.64 9.03
N ARG A 1027 50.27 16.60 8.16
CA ARG A 1027 51.17 16.84 7.03
C ARG A 1027 52.22 17.90 7.33
N LEU A 1028 51.81 19.14 7.59
CA LEU A 1028 52.81 20.21 7.65
C LEU A 1028 53.51 20.21 9.01
N ALA A 1029 53.88 19.03 9.46
CA ALA A 1029 54.80 18.93 10.58
C ALA A 1029 56.16 19.44 10.15
N THR A 1030 57.04 19.70 11.11
CA THR A 1030 58.23 20.47 10.79
C THR A 1030 59.30 19.61 10.12
N ARG A 1031 59.54 18.42 10.64
CA ARG A 1031 60.43 17.52 9.91
C ARG A 1031 59.96 17.28 8.49
N ARG A 1032 58.68 17.05 8.29
CA ARG A 1032 58.27 16.63 6.95
C ARG A 1032 58.54 17.72 5.95
N ILE A 1033 58.26 18.96 6.31
CA ILE A 1033 58.62 20.07 5.44
C ILE A 1033 60.12 20.12 5.22
N LEU A 1034 60.89 20.22 6.29
CA LEU A 1034 62.29 20.50 6.07
C LEU A 1034 63.07 19.29 5.58
N GLU A 1035 62.44 18.14 5.46
CA GLU A 1035 63.15 16.94 5.07
C GLU A 1035 62.69 16.45 3.71
N GLU A 1036 61.44 16.68 3.33
CA GLU A 1036 60.95 16.05 2.11
C GLU A 1036 60.32 17.01 1.12
N PHE A 1037 59.51 17.95 1.56
CA PHE A 1037 58.82 18.82 0.63
C PHE A 1037 59.60 20.07 0.31
N ARG A 1038 60.63 20.38 1.07
CA ARG A 1038 61.65 21.36 0.70
C ARG A 1038 61.02 22.69 0.25
N LEU A 1039 59.98 23.09 0.94
CA LEU A 1039 59.36 24.34 0.56
C LEU A 1039 60.33 25.49 0.84
N ASN A 1040 59.89 26.71 0.60
CA ASN A 1040 60.70 27.85 0.99
C ASN A 1040 59.87 28.75 1.88
N ARG A 1041 60.21 30.04 1.89
CA ARG A 1041 59.34 31.01 2.55
C ARG A 1041 58.21 31.45 1.62
N ASP A 1042 58.55 31.80 0.38
CA ASP A 1042 57.50 32.21 -0.54
C ASP A 1042 56.47 31.10 -0.71
N ALA A 1043 56.89 29.95 -1.25
CA ALA A 1043 55.96 28.86 -1.52
C ALA A 1043 55.18 28.50 -0.27
N PHE A 1044 55.80 28.66 0.89
CA PHE A 1044 55.08 28.33 2.10
C PHE A 1044 53.96 29.31 2.37
N GLU A 1045 54.26 30.60 2.28
CA GLU A 1045 53.18 31.56 2.48
C GLU A 1045 52.08 31.33 1.47
N TRP A 1046 52.46 30.91 0.27
CA TRP A 1046 51.44 30.64 -0.73
C TRP A 1046 50.55 29.48 -0.30
N VAL A 1047 51.15 28.40 0.19
CA VAL A 1047 50.35 27.26 0.62
C VAL A 1047 49.41 27.67 1.74
N LEU A 1048 49.88 28.50 2.66
CA LEU A 1048 48.97 28.94 3.71
C LEU A 1048 47.81 29.72 3.14
N GLY A 1049 48.10 30.72 2.32
CA GLY A 1049 47.02 31.47 1.72
C GLY A 1049 46.00 30.57 1.06
N THR A 1050 46.47 29.58 0.30
CA THR A 1050 45.52 28.77 -0.42
C THR A 1050 44.72 27.86 0.50
N ILE A 1051 45.33 27.23 1.50
CA ILE A 1051 44.52 26.32 2.30
C ILE A 1051 43.50 27.11 3.09
N GLU A 1052 43.85 28.31 3.51
CA GLU A 1052 42.84 29.22 4.03
C GLU A 1052 41.68 29.37 3.05
N ALA A 1053 41.97 29.88 1.86
CA ALA A 1053 40.88 30.24 0.96
C ALA A 1053 40.00 29.05 0.64
N GLN A 1054 40.59 27.88 0.43
CA GLN A 1054 39.72 26.78 0.06
C GLN A 1054 39.01 26.14 1.23
N PHE A 1055 39.57 26.16 2.44
CA PHE A 1055 38.65 25.76 3.48
C PHE A 1055 37.51 26.74 3.62
N GLN A 1056 37.71 27.98 3.21
CA GLN A 1056 36.52 28.80 3.09
C GLN A 1056 35.56 28.25 2.06
N ARG A 1057 36.01 28.06 0.84
CA ARG A 1057 35.04 27.79 -0.21
C ARG A 1057 34.32 26.46 -0.04
N SER A 1058 34.65 25.65 0.95
CA SER A 1058 33.94 24.40 1.13
C SER A 1058 33.00 24.43 2.31
N LEU A 1059 32.44 25.60 2.61
CA LEU A 1059 31.36 25.67 3.58
C LEU A 1059 30.02 25.58 2.89
N VAL A 1060 29.18 24.67 3.35
CA VAL A 1060 27.90 24.46 2.71
C VAL A 1060 27.03 25.70 2.79
N HIS A 1061 26.53 26.12 1.68
CA HIS A 1061 25.99 27.45 1.57
C HIS A 1061 24.63 27.53 2.22
N PRO A 1062 24.40 28.55 3.00
CA PRO A 1062 23.12 28.66 3.68
C PRO A 1062 21.96 28.82 2.73
N GLY A 1063 21.00 27.91 2.88
CA GLY A 1063 19.85 27.79 2.02
C GLY A 1063 19.70 26.44 1.40
N GLU A 1064 20.79 25.85 0.94
CA GLU A 1064 20.82 24.60 0.20
C GLU A 1064 19.84 23.59 0.79
N MET A 1065 18.69 23.38 0.14
CA MET A 1065 17.68 22.53 0.76
C MET A 1065 18.13 21.09 0.90
N VAL A 1066 19.26 20.90 1.57
CA VAL A 1066 19.92 19.61 1.59
C VAL A 1066 19.00 18.42 1.78
N GLY A 1067 17.95 18.56 2.57
CA GLY A 1067 17.19 17.39 2.96
C GLY A 1067 16.68 16.63 1.75
N VAL A 1068 16.22 17.35 0.74
CA VAL A 1068 15.80 16.72 -0.48
C VAL A 1068 16.95 15.95 -1.10
N ILE A 1069 18.13 16.55 -1.11
CA ILE A 1069 19.29 15.86 -1.67
C ILE A 1069 19.47 14.55 -0.95
N ALA A 1070 19.26 14.57 0.35
CA ALA A 1070 19.37 13.34 1.12
C ALA A 1070 18.37 12.31 0.63
N ALA A 1071 17.12 12.69 0.51
CA ALA A 1071 16.14 11.71 0.07
C ALA A 1071 16.54 11.14 -1.27
N GLN A 1072 16.89 12.00 -2.21
CA GLN A 1072 17.13 11.51 -3.55
C GLN A 1072 18.33 10.59 -3.59
N SER A 1073 19.44 11.00 -3.01
CA SER A 1073 20.61 10.15 -3.08
C SER A 1073 20.62 9.09 -2.01
N ILE A 1074 19.52 8.84 -1.34
CA ILE A 1074 19.41 7.55 -0.69
C ILE A 1074 18.57 6.64 -1.54
N GLY A 1075 17.46 7.17 -2.08
CA GLY A 1075 16.57 6.34 -2.85
C GLY A 1075 17.13 5.95 -4.20
N GLU A 1076 18.00 6.75 -4.76
CA GLU A 1076 18.53 6.48 -6.08
C GLU A 1076 19.32 5.18 -6.06
N PRO A 1077 20.33 5.00 -5.20
CA PRO A 1077 20.99 3.70 -5.17
C PRO A 1077 20.08 2.62 -4.66
N ALA A 1078 18.95 2.98 -4.06
CA ALA A 1078 17.94 1.98 -3.82
C ALA A 1078 17.30 1.54 -5.13
N THR A 1079 17.30 2.40 -6.14
CA THR A 1079 16.78 1.99 -7.43
C THR A 1079 17.68 0.94 -8.07
N GLN A 1080 18.95 1.26 -8.24
CA GLN A 1080 19.77 0.42 -9.09
C GLN A 1080 20.26 -0.81 -8.36
N MET A 1081 19.63 -1.14 -7.23
CA MET A 1081 20.10 -2.25 -6.45
C MET A 1081 19.11 -3.42 -6.51
N ASN A 1095 23.09 -15.36 5.53
CA ASN A 1095 21.68 -15.70 5.49
C ASN A 1095 20.86 -14.58 6.11
N VAL A 1096 20.77 -13.44 5.42
CA VAL A 1096 20.10 -12.27 5.95
C VAL A 1096 19.26 -11.62 4.85
N THR A 1097 18.74 -10.43 5.17
CA THR A 1097 17.94 -9.66 4.24
C THR A 1097 18.72 -8.47 3.72
N LEU A 1098 18.65 -8.23 2.41
CA LEU A 1098 19.31 -7.09 1.81
C LEU A 1098 18.45 -6.53 0.71
N GLY A 1099 18.86 -5.35 0.24
CA GLY A 1099 18.15 -4.69 -0.83
C GLY A 1099 16.85 -4.03 -0.39
N VAL A 1100 15.92 -3.98 -1.35
CA VAL A 1100 14.67 -3.29 -1.10
C VAL A 1100 13.91 -3.86 0.08
N PRO A 1101 13.83 -5.17 0.29
CA PRO A 1101 13.07 -5.64 1.44
C PRO A 1101 13.59 -5.07 2.75
N ARG A 1102 14.91 -5.03 2.92
CA ARG A 1102 15.44 -4.51 4.17
C ARG A 1102 15.19 -3.03 4.28
N LEU A 1103 15.46 -2.28 3.21
CA LEU A 1103 15.27 -0.85 3.29
C LEU A 1103 13.81 -0.51 3.56
N LYS A 1104 12.92 -1.41 3.13
CA LYS A 1104 11.50 -1.26 3.41
C LYS A 1104 11.19 -1.52 4.86
N GLU A 1105 11.73 -2.61 5.42
CA GLU A 1105 11.47 -2.90 6.83
C GLU A 1105 12.22 -1.97 7.75
N ILE A 1106 13.07 -1.10 7.21
CA ILE A 1106 13.66 -0.10 8.08
C ILE A 1106 12.98 1.25 7.94
N LEU A 1107 12.54 1.63 6.75
CA LEU A 1107 11.85 2.91 6.74
C LEU A 1107 10.49 2.80 7.40
N ASN A 1108 9.79 1.70 7.19
CA ASN A 1108 8.54 1.43 7.92
C ASN A 1108 8.84 0.88 9.28
N VAL A 1109 9.37 1.66 10.22
CA VAL A 1109 10.09 1.06 11.34
C VAL A 1109 9.24 0.00 11.98
N ALA A 1110 9.61 -1.24 11.74
CA ALA A 1110 8.70 -2.34 11.98
C ALA A 1110 9.28 -3.25 13.03
N LYS A 1111 8.40 -3.73 13.89
CA LYS A 1111 8.84 -4.48 15.05
C LYS A 1111 8.95 -5.96 14.76
N ASN A 1112 8.73 -6.36 13.51
CA ASN A 1112 8.83 -7.75 13.11
C ASN A 1112 9.54 -7.86 11.77
N ILE A 1113 10.87 -7.83 11.79
CA ILE A 1113 11.65 -8.01 10.57
C ILE A 1113 11.74 -9.49 10.27
N LYS A 1114 12.18 -9.83 9.06
CA LYS A 1114 12.00 -11.18 8.55
C LYS A 1114 12.79 -12.19 9.38
N THR A 1115 14.03 -11.86 9.70
CA THR A 1115 14.84 -12.66 10.62
C THR A 1115 15.83 -11.75 11.30
N PRO A 1116 15.59 -11.41 12.56
CA PRO A 1116 16.45 -10.45 13.26
C PRO A 1116 17.76 -11.11 13.66
N ALA A 1117 18.61 -10.32 14.30
CA ALA A 1117 19.91 -10.86 14.64
C ALA A 1117 20.49 -10.14 15.84
N LEU A 1118 21.33 -10.86 16.57
CA LEU A 1118 22.17 -10.29 17.60
C LEU A 1118 23.64 -10.53 17.28
N THR A 1119 24.48 -9.68 17.85
CA THR A 1119 25.91 -9.93 17.94
C THR A 1119 26.25 -9.91 19.42
N VAL A 1120 26.96 -10.93 19.88
CA VAL A 1120 27.35 -11.08 21.27
C VAL A 1120 28.85 -11.23 21.32
N TYR A 1121 29.52 -10.23 21.91
CA TYR A 1121 30.96 -10.30 22.07
C TYR A 1121 31.32 -10.93 23.40
N LEU A 1122 32.50 -11.52 23.44
CA LEU A 1122 32.97 -12.11 24.68
C LEU A 1122 34.27 -11.43 25.11
N ASP A 1123 34.54 -11.52 26.41
CA ASP A 1123 35.78 -11.00 26.95
C ASP A 1123 36.97 -11.68 26.29
N ARG A 1124 38.13 -11.01 26.35
CA ARG A 1124 39.28 -11.56 25.66
C ARG A 1124 39.65 -12.94 26.18
N GLU A 1125 39.54 -13.17 27.49
CA GLU A 1125 39.93 -14.44 28.10
C GLU A 1125 39.18 -15.61 27.53
N ILE A 1126 38.24 -15.37 26.63
CA ILE A 1126 37.61 -16.42 25.85
C ILE A 1126 37.70 -16.10 24.37
N ALA A 1127 37.93 -14.84 24.02
CA ALA A 1127 37.93 -14.43 22.62
C ALA A 1127 38.94 -15.20 21.79
N LEU A 1128 39.95 -15.76 22.44
CA LEU A 1128 40.93 -16.61 21.78
C LEU A 1128 40.80 -18.05 22.23
N ASP A 1129 40.05 -18.28 23.30
CA ASP A 1129 39.77 -19.61 23.76
C ASP A 1129 38.62 -20.13 22.93
N ILE A 1130 38.45 -21.43 22.88
CA ILE A 1130 37.28 -21.95 22.19
C ILE A 1130 36.39 -22.73 23.13
N GLU A 1131 36.96 -23.45 24.09
CA GLU A 1131 36.14 -24.35 24.89
C GLU A 1131 35.28 -23.58 25.87
N LYS A 1132 35.86 -22.55 26.49
CA LYS A 1132 35.07 -21.60 27.25
C LYS A 1132 33.97 -21.01 26.39
N ALA A 1133 34.27 -20.70 25.12
CA ALA A 1133 33.24 -20.20 24.25
C ALA A 1133 32.15 -21.25 24.05
N LYS A 1134 32.54 -22.51 23.88
CA LYS A 1134 31.51 -23.53 23.72
C LYS A 1134 30.59 -23.57 24.92
N VAL A 1135 31.15 -23.50 26.14
CA VAL A 1135 30.29 -23.53 27.32
C VAL A 1135 29.39 -22.31 27.35
N ILE A 1136 29.94 -21.13 27.04
CA ILE A 1136 29.11 -19.93 27.04
C ILE A 1136 27.94 -20.09 26.10
N GLN A 1137 28.21 -20.44 24.86
CA GLN A 1137 27.11 -20.60 23.91
C GLN A 1137 26.08 -21.55 24.49
N SER A 1138 26.49 -22.76 24.81
CA SER A 1138 25.55 -23.74 25.34
C SER A 1138 24.71 -23.17 26.48
N SER A 1139 25.28 -22.29 27.29
CA SER A 1139 24.45 -21.67 28.31
C SER A 1139 23.47 -20.67 27.71
N ILE A 1140 23.81 -20.04 26.59
CA ILE A 1140 22.88 -19.06 26.00
C ILE A 1140 21.79 -19.72 25.19
N GLU A 1141 22.08 -20.81 24.50
CA GLU A 1141 21.07 -21.53 23.71
C GLU A 1141 19.82 -21.74 24.53
N TYR A 1142 18.78 -20.99 24.23
CA TYR A 1142 17.51 -21.29 24.84
C TYR A 1142 17.06 -22.68 24.44
N THR A 1143 16.38 -23.36 25.35
CA THR A 1143 16.11 -24.77 25.14
C THR A 1143 14.95 -25.20 26.01
N THR A 1144 13.85 -25.57 25.36
CA THR A 1144 12.75 -26.23 26.03
C THR A 1144 13.01 -27.72 26.10
N LEU A 1145 12.32 -28.38 27.03
CA LEU A 1145 12.37 -29.83 27.06
C LEU A 1145 12.00 -30.43 25.72
N LYS A 1146 11.07 -29.79 25.03
CA LYS A 1146 10.70 -30.17 23.67
C LYS A 1146 11.91 -30.28 22.76
N ASN A 1147 12.99 -29.55 23.05
CA ASN A 1147 14.19 -29.59 22.23
C ASN A 1147 14.99 -30.86 22.42
N VAL A 1148 14.73 -31.63 23.48
CA VAL A 1148 15.48 -32.86 23.70
C VAL A 1148 14.51 -34.02 23.81
N THR A 1149 13.22 -33.71 23.81
CA THR A 1149 12.22 -34.74 24.03
C THR A 1149 12.15 -35.68 22.84
N SER A 1150 12.04 -36.97 23.14
CA SER A 1150 11.94 -38.00 22.11
C SER A 1150 10.52 -38.45 21.82
N ALA A 1151 9.65 -38.46 22.83
CA ALA A 1151 8.27 -38.87 22.63
C ALA A 1151 7.46 -38.45 23.85
N THR A 1152 6.17 -38.78 23.84
CA THR A 1152 5.28 -38.53 24.96
C THR A 1152 4.57 -39.82 25.32
N GLU A 1153 4.20 -40.00 26.59
CA GLU A 1153 3.65 -41.27 27.01
C GLU A 1153 2.70 -41.07 28.19
N ILE A 1154 1.53 -41.69 28.13
CA ILE A 1154 0.61 -41.79 29.27
C ILE A 1154 0.38 -43.24 29.58
N TYR A 1155 0.88 -43.71 30.72
CA TYR A 1155 0.64 -45.07 31.14
C TYR A 1155 -0.25 -45.07 32.36
N TYR A 1156 -0.89 -46.20 32.65
CA TYR A 1156 -1.76 -46.27 33.80
C TYR A 1156 -1.16 -47.24 34.81
N ASP A 1157 -0.53 -46.69 35.87
CA ASP A 1157 0.07 -47.46 36.94
C ASP A 1157 -0.75 -47.29 38.20
N PRO A 1158 -1.65 -48.24 38.49
CA PRO A 1158 -2.36 -48.19 39.77
C PRO A 1158 -1.65 -48.96 40.87
N ASP A 1159 -0.51 -49.56 40.57
CA ASP A 1159 0.18 -50.42 41.51
C ASP A 1159 1.44 -49.75 42.02
N PRO A 1160 1.45 -49.25 43.25
CA PRO A 1160 2.66 -48.63 43.81
C PRO A 1160 3.72 -49.63 44.27
N THR A 1161 3.66 -50.87 43.84
CA THR A 1161 4.72 -51.84 44.12
C THR A 1161 5.48 -52.26 42.87
N SER A 1162 4.77 -52.58 41.80
CA SER A 1162 5.38 -52.88 40.51
C SER A 1162 4.46 -52.34 39.41
N THR A 1163 4.73 -52.76 38.18
CA THR A 1163 4.02 -52.20 37.03
C THR A 1163 3.75 -53.29 36.01
N VAL A 1164 3.22 -52.86 34.87
CA VAL A 1164 2.97 -53.74 33.74
C VAL A 1164 4.11 -53.53 32.72
N ILE A 1165 4.68 -52.33 32.71
CA ILE A 1165 5.88 -52.10 31.92
C ILE A 1165 6.95 -53.07 32.39
N GLU A 1166 7.53 -53.80 31.46
CA GLU A 1166 8.65 -54.65 31.80
C GLU A 1166 9.94 -53.87 32.00
N GLU A 1167 10.24 -52.93 31.10
CA GLU A 1167 11.53 -52.27 31.03
C GLU A 1167 11.87 -51.55 32.34
N ASP A 1168 10.87 -51.30 33.16
CA ASP A 1168 11.02 -50.50 34.37
C ASP A 1168 11.35 -51.35 35.59
N PHE A 1169 11.04 -52.64 35.55
CA PHE A 1169 10.91 -53.43 36.77
C PHE A 1169 12.15 -53.35 37.64
N ASP A 1170 13.32 -53.57 37.03
CA ASP A 1170 14.57 -53.55 37.78
C ASP A 1170 14.83 -52.19 38.39
N THR A 1171 14.81 -51.14 37.57
CA THR A 1171 15.15 -49.80 38.04
C THR A 1171 14.10 -49.24 38.98
N VAL A 1172 12.82 -49.60 38.76
CA VAL A 1172 11.80 -49.14 39.70
C VAL A 1172 11.86 -49.88 41.02
N GLU A 1173 12.05 -51.21 41.03
CA GLU A 1173 12.31 -51.89 42.30
C GLU A 1173 13.56 -51.36 42.96
N ALA A 1174 14.51 -50.86 42.17
CA ALA A 1174 15.60 -50.09 42.75
C ALA A 1174 15.08 -48.77 43.33
N TYR A 1175 13.99 -48.25 42.80
CA TYR A 1175 13.50 -46.96 43.28
C TYR A 1175 12.32 -47.07 44.24
N PHE A 1176 11.42 -48.04 44.06
CA PHE A 1176 10.33 -48.23 45.02
C PHE A 1176 10.83 -48.21 46.45
N SER A 1177 11.98 -48.82 46.71
CA SER A 1177 12.59 -48.78 48.01
C SER A 1177 14.09 -48.73 47.80
N GLN A 1190 -2.87 -39.30 45.88
CA GLN A 1190 -1.92 -39.77 44.88
C GLN A 1190 -2.64 -40.25 43.63
N SER A 1191 -2.07 -39.98 42.47
CA SER A 1191 -2.79 -40.18 41.20
C SER A 1191 -2.19 -41.35 40.42
N PRO A 1192 -3.01 -42.29 39.93
CA PRO A 1192 -2.43 -43.51 39.34
C PRO A 1192 -1.96 -43.32 37.92
N TRP A 1193 -2.53 -42.39 37.17
CA TRP A 1193 -2.18 -42.23 35.76
C TRP A 1193 -0.75 -41.74 35.67
N LEU A 1194 0.19 -42.66 35.48
CA LEU A 1194 1.58 -42.28 35.45
C LEU A 1194 1.91 -41.65 34.11
N LEU A 1195 2.36 -40.40 34.14
CA LEU A 1195 2.81 -39.72 32.94
C LEU A 1195 4.27 -40.10 32.74
N ARG A 1196 4.73 -40.07 31.51
CA ARG A 1196 6.05 -40.58 31.22
C ARG A 1196 6.59 -39.95 29.96
N LEU A 1197 7.90 -39.72 29.93
CA LEU A 1197 8.50 -39.20 28.71
C LEU A 1197 9.94 -39.64 28.63
N GLU A 1198 10.44 -39.68 27.40
CA GLU A 1198 11.71 -40.31 27.05
C GLU A 1198 12.63 -39.28 26.42
N LEU A 1199 13.88 -39.31 26.81
CA LEU A 1199 14.83 -38.31 26.35
C LEU A 1199 15.88 -38.94 25.46
N ASP A 1200 16.49 -38.10 24.61
CA ASP A 1200 17.49 -38.56 23.65
C ASP A 1200 18.92 -38.37 24.17
N ARG A 1201 19.58 -39.48 24.48
CA ARG A 1201 20.95 -39.43 25.00
C ARG A 1201 21.87 -38.68 24.07
N ALA A 1202 21.68 -38.84 22.76
CA ALA A 1202 22.45 -38.04 21.81
C ALA A 1202 22.21 -36.55 22.04
N ARG A 1203 20.95 -36.14 22.19
CA ARG A 1203 20.70 -34.75 22.55
C ARG A 1203 21.07 -34.47 24.00
N MET A 1204 21.05 -35.49 24.87
CA MET A 1204 21.43 -35.26 26.25
C MET A 1204 22.89 -34.86 26.37
N LEU A 1205 23.74 -35.44 25.52
CA LEU A 1205 25.08 -34.90 25.35
C LEU A 1205 25.05 -33.57 24.66
N ASP A 1206 24.47 -33.52 23.45
CA ASP A 1206 24.54 -32.33 22.62
C ASP A 1206 24.02 -31.10 23.33
N LYS A 1207 23.36 -31.29 24.47
CA LYS A 1207 22.92 -30.17 25.29
C LYS A 1207 23.49 -30.26 26.70
N GLN A 1208 24.30 -31.29 26.98
CA GLN A 1208 25.13 -31.34 28.19
C GLN A 1208 24.26 -31.38 29.45
N LEU A 1209 23.55 -32.49 29.62
CA LEU A 1209 22.48 -32.56 30.61
C LEU A 1209 22.38 -33.97 31.18
N THR A 1210 21.59 -34.10 32.24
CA THR A 1210 21.41 -35.35 32.96
C THR A 1210 19.93 -35.66 33.11
N MET A 1211 19.65 -36.83 33.70
CA MET A 1211 18.31 -37.01 34.26
C MET A 1211 18.11 -36.12 35.48
N ASN A 1212 19.14 -36.04 36.33
CA ASN A 1212 19.05 -35.29 37.57
C ASN A 1212 18.72 -33.83 37.31
N GLN A 1213 19.54 -33.16 36.49
CA GLN A 1213 19.37 -31.74 36.28
C GLN A 1213 17.96 -31.42 35.78
N VAL A 1214 17.47 -32.20 34.83
CA VAL A 1214 16.21 -31.84 34.21
C VAL A 1214 15.05 -32.17 35.14
N ALA A 1215 15.14 -33.27 35.88
CA ALA A 1215 14.13 -33.51 36.91
C ALA A 1215 14.12 -32.37 37.91
N ASP A 1216 15.29 -31.82 38.20
CA ASP A 1216 15.38 -30.63 39.03
C ASP A 1216 14.63 -29.46 38.41
N LYS A 1217 14.85 -29.24 37.11
CA LYS A 1217 14.21 -28.11 36.46
C LYS A 1217 12.71 -28.31 36.39
N ILE A 1218 12.25 -29.56 36.35
CA ILE A 1218 10.82 -29.83 36.45
C ILE A 1218 10.30 -29.42 37.81
N SER A 1219 10.95 -29.89 38.85
CA SER A 1219 10.52 -29.52 40.19
C SER A 1219 10.73 -28.04 40.48
N GLU A 1220 11.45 -27.33 39.62
CA GLU A 1220 11.54 -25.87 39.79
C GLU A 1220 10.18 -25.23 39.86
N VAL A 1221 9.25 -25.63 39.00
CA VAL A 1221 7.89 -25.09 39.02
C VAL A 1221 6.84 -26.16 39.18
N PHE A 1222 7.22 -27.42 39.30
CA PHE A 1222 6.31 -28.51 39.62
C PHE A 1222 6.65 -29.06 41.00
N SER A 1223 6.74 -28.15 41.97
CA SER A 1223 7.17 -28.49 43.32
C SER A 1223 6.33 -29.58 43.94
N ASP A 1224 5.07 -29.28 44.26
CA ASP A 1224 4.16 -30.25 44.86
C ASP A 1224 2.85 -30.35 44.10
N ASP A 1225 2.88 -30.22 42.78
CA ASP A 1225 1.78 -30.64 41.95
C ASP A 1225 2.06 -31.96 41.24
N LEU A 1226 3.29 -32.43 41.29
CA LEU A 1226 3.66 -33.54 40.43
C LEU A 1226 4.82 -34.27 41.06
N PHE A 1227 4.55 -35.45 41.60
CA PHE A 1227 5.62 -36.32 42.04
C PHE A 1227 6.52 -36.68 40.87
N VAL A 1228 7.78 -36.33 41.00
CA VAL A 1228 8.79 -36.59 39.98
C VAL A 1228 9.49 -37.89 40.35
N MET A 1229 9.82 -38.66 39.33
CA MET A 1229 10.51 -39.93 39.46
C MET A 1229 11.40 -40.10 38.25
N TRP A 1230 12.69 -40.28 38.46
CA TRP A 1230 13.54 -40.42 37.29
C TRP A 1230 14.37 -41.67 37.40
N SER A 1231 14.27 -42.51 36.37
CA SER A 1231 15.06 -43.73 36.31
C SER A 1231 16.52 -43.38 36.05
N GLU A 1232 17.40 -44.31 36.42
CA GLU A 1232 18.81 -43.99 36.54
C GLU A 1232 19.44 -43.63 35.19
N ASP A 1233 20.69 -43.17 35.28
CA ASP A 1233 21.45 -42.72 34.11
C ASP A 1233 21.74 -43.86 33.15
N ASN A 1234 22.05 -45.03 33.67
CA ASN A 1234 22.36 -46.20 32.86
C ASN A 1234 21.11 -46.93 32.40
N ALA A 1235 19.93 -46.42 32.73
CA ALA A 1235 18.71 -47.04 32.25
C ALA A 1235 18.74 -47.11 30.72
N ASP A 1236 18.13 -48.17 30.19
CA ASP A 1236 18.17 -48.40 28.76
C ASP A 1236 17.62 -47.21 27.98
N LYS A 1237 16.62 -46.53 28.51
CA LYS A 1237 16.04 -45.37 27.87
C LYS A 1237 15.84 -44.28 28.91
N LEU A 1238 16.05 -43.05 28.51
CA LEU A 1238 16.05 -41.91 29.44
C LEU A 1238 14.60 -41.60 29.77
N ILE A 1239 14.13 -42.21 30.85
CA ILE A 1239 12.71 -42.24 31.21
C ILE A 1239 12.48 -41.31 32.37
N ILE A 1240 11.34 -40.61 32.35
CA ILE A 1240 10.91 -39.76 33.44
C ILE A 1240 9.45 -40.10 33.68
N ARG A 1241 9.08 -40.25 34.97
CA ARG A 1241 7.82 -40.82 35.39
C ARG A 1241 7.20 -39.94 36.47
N CYS A 1242 5.97 -39.52 36.27
CA CYS A 1242 5.39 -38.44 37.07
C CYS A 1242 3.97 -38.79 37.50
N ARG A 1243 3.61 -38.35 38.70
CA ARG A 1243 2.30 -38.60 39.25
C ARG A 1243 1.64 -37.29 39.64
N VAL A 1244 0.34 -37.17 39.40
CA VAL A 1244 -0.35 -35.96 39.80
C VAL A 1244 -0.55 -35.96 41.31
N ILE A 1245 -0.36 -34.81 41.93
CA ILE A 1245 -0.51 -34.68 43.36
C ILE A 1245 -1.68 -33.78 43.71
N GLU A 1258 -11.85 -36.58 36.33
CA GLU A 1258 -11.15 -36.48 35.06
C GLU A 1258 -9.64 -36.36 35.28
N GLU A 1259 -8.86 -37.34 34.81
CA GLU A 1259 -7.40 -37.21 34.87
C GLU A 1259 -6.73 -37.43 33.51
N ASP A 1260 -7.51 -37.66 32.46
CA ASP A 1260 -6.85 -37.71 31.17
C ASP A 1260 -6.49 -36.32 30.71
N GLN A 1261 -7.50 -35.48 30.49
CA GLN A 1261 -7.22 -34.12 30.03
C GLN A 1261 -6.51 -33.28 31.07
N MET A 1262 -6.72 -33.56 32.35
CA MET A 1262 -5.88 -32.95 33.37
C MET A 1262 -4.41 -33.23 33.07
N LEU A 1263 -4.05 -34.51 32.98
CA LEU A 1263 -2.67 -34.86 32.75
C LEU A 1263 -2.21 -34.39 31.39
N LYS A 1264 -3.11 -34.23 30.43
CA LYS A 1264 -2.70 -33.84 29.08
C LYS A 1264 -2.44 -32.35 28.98
N ARG A 1265 -3.29 -31.52 29.60
CA ARG A 1265 -2.90 -30.13 29.75
C ARG A 1265 -1.58 -30.04 30.48
N ILE A 1266 -1.38 -30.89 31.49
CA ILE A 1266 -0.08 -30.94 32.12
C ILE A 1266 1.00 -31.24 31.10
N GLU A 1267 0.77 -32.21 30.24
CA GLU A 1267 1.82 -32.68 29.34
C GLU A 1267 2.16 -31.62 28.31
N ALA A 1268 1.14 -31.00 27.73
CA ALA A 1268 1.38 -29.95 26.75
C ALA A 1268 2.02 -28.73 27.42
N HIS A 1269 1.53 -28.37 28.61
CA HIS A 1269 2.11 -27.24 29.33
C HIS A 1269 3.58 -27.52 29.64
N MET A 1270 3.90 -28.76 29.97
CA MET A 1270 5.28 -29.18 30.18
C MET A 1270 6.09 -28.91 28.94
N LEU A 1271 5.77 -29.63 27.86
CA LEU A 1271 6.53 -29.50 26.63
C LEU A 1271 6.56 -28.08 26.10
N ASP A 1272 5.69 -27.20 26.59
CA ASP A 1272 5.78 -25.81 26.22
C ASP A 1272 6.74 -25.05 27.12
N LEU A 1273 6.66 -25.27 28.43
CA LEU A 1273 7.26 -24.36 29.39
C LEU A 1273 8.50 -24.89 30.08
N ILE A 1274 8.76 -26.20 30.04
CA ILE A 1274 9.96 -26.70 30.69
C ILE A 1274 11.18 -26.10 30.01
N ALA A 1275 11.70 -25.03 30.60
CA ALA A 1275 12.88 -24.38 30.08
C ALA A 1275 14.11 -24.92 30.78
N LEU A 1276 14.95 -25.61 30.02
CA LEU A 1276 16.08 -26.31 30.60
C LEU A 1276 17.20 -25.36 30.97
N ARG A 1277 17.65 -24.57 30.02
CA ARG A 1277 18.55 -23.46 30.28
C ARG A 1277 18.47 -22.52 29.10
N GLY A 1278 19.28 -21.49 29.11
CA GLY A 1278 19.25 -20.53 28.03
C GLY A 1278 18.33 -19.37 28.32
N ILE A 1279 17.96 -18.67 27.26
CA ILE A 1279 17.22 -17.43 27.35
C ILE A 1279 16.04 -17.50 26.38
N PRO A 1280 14.82 -17.58 26.84
CA PRO A 1280 13.69 -17.63 25.90
C PRO A 1280 13.61 -16.41 25.02
N GLY A 1281 13.79 -16.64 23.73
CA GLY A 1281 13.77 -15.57 22.74
C GLY A 1281 14.95 -15.71 21.80
N ILE A 1282 15.84 -16.63 22.12
CA ILE A 1282 17.09 -16.80 21.39
C ILE A 1282 17.21 -18.27 21.02
N SER A 1283 16.75 -18.62 19.83
CA SER A 1283 16.48 -20.02 19.53
C SER A 1283 17.68 -20.79 19.05
N LYS A 1284 18.68 -20.14 18.46
CA LYS A 1284 19.78 -20.89 17.90
C LYS A 1284 20.96 -19.95 17.72
N VAL A 1285 22.13 -20.39 18.16
CA VAL A 1285 23.29 -19.52 18.28
C VAL A 1285 24.42 -20.09 17.45
N TYR A 1286 25.15 -19.22 16.76
CA TYR A 1286 26.24 -19.65 15.91
C TYR A 1286 27.57 -19.19 16.48
N MET A 1287 28.50 -20.13 16.52
CA MET A 1287 29.88 -19.90 16.90
C MET A 1287 30.60 -19.33 15.68
N VAL A 1288 31.05 -18.07 15.76
CA VAL A 1288 31.52 -17.35 14.59
C VAL A 1288 32.89 -16.73 14.91
N LYS A 1289 33.61 -16.33 13.85
CA LYS A 1289 34.94 -15.70 13.95
C LYS A 1289 34.89 -14.28 13.40
N HIS A 1290 35.47 -13.33 14.13
CA HIS A 1290 35.55 -11.95 13.63
C HIS A 1290 36.97 -11.43 13.65
N LYS A 1291 37.57 -11.30 12.48
CA LYS A 1291 38.91 -10.73 12.39
C LYS A 1291 38.87 -9.27 12.78
N VAL A 1292 39.95 -8.79 13.38
CA VAL A 1292 39.97 -7.41 13.82
C VAL A 1292 41.40 -6.91 13.86
N SER A 1293 41.54 -5.61 13.63
CA SER A 1293 42.79 -4.93 13.90
C SER A 1293 42.91 -4.65 15.40
N VAL A 1294 44.08 -4.92 15.94
CA VAL A 1294 44.37 -4.70 17.34
C VAL A 1294 45.65 -3.88 17.39
N PRO A 1295 45.70 -2.78 18.11
CA PRO A 1295 46.94 -2.01 18.18
C PRO A 1295 48.00 -2.76 18.95
N ASP A 1296 49.06 -3.12 18.24
CA ASP A 1296 50.17 -3.89 18.79
C ASP A 1296 51.09 -2.95 19.58
N GLU A 1297 51.93 -3.53 20.44
CA GLU A 1297 52.72 -2.77 21.39
C GLU A 1297 53.82 -1.94 20.75
N SER A 1298 54.08 -2.13 19.46
CA SER A 1298 54.93 -1.19 18.76
C SER A 1298 54.14 -0.04 18.17
N GLY A 1299 52.82 -0.13 18.18
CA GLY A 1299 51.97 0.90 17.65
C GLY A 1299 51.33 0.56 16.33
N GLU A 1300 51.79 -0.46 15.64
CA GLU A 1300 51.30 -0.75 14.31
C GLU A 1300 50.27 -1.85 14.36
N TYR A 1301 49.16 -1.63 13.67
CA TYR A 1301 47.97 -2.45 13.87
C TYR A 1301 48.18 -3.84 13.32
N LYS A 1302 47.86 -4.83 14.12
CA LYS A 1302 48.03 -6.22 13.73
C LYS A 1302 46.69 -6.91 13.73
N ASN A 1303 46.41 -7.59 12.64
CA ASN A 1303 45.13 -8.24 12.52
C ASN A 1303 45.16 -9.54 13.33
N GLU A 1304 43.97 -10.02 13.67
CA GLU A 1304 43.93 -11.18 14.54
C GLU A 1304 42.55 -11.83 14.46
N GLU A 1305 42.52 -13.13 14.72
CA GLU A 1305 41.28 -13.88 14.79
C GLU A 1305 40.78 -13.91 16.22
N LEU A 1306 39.47 -13.78 16.37
CA LEU A 1306 38.85 -13.92 17.66
C LEU A 1306 37.75 -14.95 17.60
N TRP A 1307 36.85 -14.91 18.56
CA TRP A 1307 35.61 -15.62 18.48
C TRP A 1307 34.51 -14.70 18.94
N ALA A 1308 33.33 -14.87 18.36
CA ALA A 1308 32.16 -14.12 18.78
C ALA A 1308 30.94 -14.99 18.54
N LEU A 1309 29.80 -14.51 19.02
CA LEU A 1309 28.58 -15.27 18.91
C LEU A 1309 27.54 -14.41 18.21
N GLU A 1310 26.66 -15.04 17.47
CA GLU A 1310 25.52 -14.37 16.86
C GLU A 1310 24.34 -15.29 17.02
N THR A 1311 23.13 -14.73 16.97
CA THR A 1311 21.99 -15.46 17.49
C THR A 1311 20.81 -15.35 16.53
N ASP A 1312 19.79 -16.15 16.83
CA ASP A 1312 18.55 -16.07 16.07
C ASP A 1312 17.42 -15.59 16.95
N GLY A 1313 16.87 -14.43 16.62
CA GLY A 1313 15.94 -13.77 17.51
C GLY A 1313 16.68 -12.83 18.42
N ILE A 1314 15.93 -11.97 19.09
CA ILE A 1314 16.52 -10.86 19.84
C ILE A 1314 15.93 -10.83 21.23
N ASN A 1315 16.79 -10.56 22.22
CA ASN A 1315 16.35 -10.51 23.61
C ASN A 1315 17.48 -9.84 24.38
N LEU A 1316 17.41 -8.53 24.52
CA LEU A 1316 18.67 -7.84 24.72
C LEU A 1316 19.09 -7.84 26.18
N ALA A 1317 18.18 -7.48 27.07
CA ALA A 1317 18.58 -7.30 28.46
C ALA A 1317 18.96 -8.62 29.11
N GLU A 1318 18.28 -9.70 28.75
CA GLU A 1318 18.63 -10.97 29.36
C GLU A 1318 19.98 -11.47 28.85
N VAL A 1319 20.49 -10.90 27.77
CA VAL A 1319 21.76 -11.38 27.28
C VAL A 1319 22.91 -10.53 27.76
N MET A 1320 22.75 -9.21 27.81
CA MET A 1320 23.90 -8.40 28.21
C MET A 1320 24.44 -8.73 29.59
N ALA A 1321 23.95 -9.77 30.26
CA ALA A 1321 24.33 -9.99 31.64
C ALA A 1321 24.83 -11.39 31.95
N VAL A 1322 24.50 -12.38 31.14
CA VAL A 1322 24.88 -13.77 31.45
C VAL A 1322 26.40 -13.83 31.68
N PRO A 1323 26.86 -14.47 32.75
CA PRO A 1323 28.22 -14.20 33.24
C PRO A 1323 29.26 -14.46 32.18
N GLY A 1324 30.09 -13.45 31.94
CA GLY A 1324 31.18 -13.60 31.00
C GLY A 1324 30.90 -13.05 29.63
N VAL A 1325 30.01 -12.07 29.48
CA VAL A 1325 29.69 -11.52 28.17
C VAL A 1325 29.91 -10.03 28.21
N ASP A 1326 30.57 -9.50 27.19
CA ASP A 1326 31.07 -8.15 27.29
C ASP A 1326 29.89 -7.21 27.16
N SER A 1327 29.41 -6.74 28.30
CA SER A 1327 28.23 -5.90 28.35
C SER A 1327 28.50 -4.52 27.86
N SER A 1328 29.68 -4.23 27.35
CA SER A 1328 29.90 -2.90 26.81
C SER A 1328 29.60 -2.84 25.32
N ARG A 1329 29.29 -3.98 24.71
CA ARG A 1329 29.37 -4.07 23.26
C ARG A 1329 28.16 -4.68 22.59
N THR A 1330 27.37 -5.51 23.27
CA THR A 1330 26.37 -6.33 22.61
C THR A 1330 25.57 -5.50 21.62
N TYR A 1331 25.29 -6.09 20.46
CA TYR A 1331 24.64 -5.36 19.39
C TYR A 1331 23.51 -6.17 18.77
N SER A 1332 22.45 -5.45 18.42
CA SER A 1332 21.31 -6.06 17.77
C SER A 1332 20.99 -5.32 16.49
N ASN A 1333 20.30 -5.99 15.58
CA ASN A 1333 19.86 -5.28 14.40
C ASN A 1333 18.47 -4.70 14.58
N SER A 1334 17.51 -5.51 15.03
CA SER A 1334 16.14 -5.02 15.21
C SER A 1334 16.15 -3.99 16.32
N PHE A 1335 16.28 -2.74 15.94
CA PHE A 1335 16.85 -1.75 16.82
C PHE A 1335 15.82 -1.05 17.68
N VAL A 1336 14.52 -1.23 17.44
CA VAL A 1336 13.58 -0.66 18.37
C VAL A 1336 13.77 -1.28 19.75
N GLU A 1337 14.18 -2.54 19.79
CA GLU A 1337 14.55 -3.12 21.07
C GLU A 1337 15.66 -2.32 21.71
N ILE A 1338 16.59 -1.81 20.90
CA ILE A 1338 17.61 -0.90 21.41
C ILE A 1338 16.98 0.34 21.97
N LEU A 1339 15.94 0.84 21.30
CA LEU A 1339 15.28 1.99 21.90
C LEU A 1339 14.80 1.65 23.29
N SER A 1340 14.14 0.51 23.44
CA SER A 1340 13.62 0.14 24.75
C SER A 1340 14.74 0.06 25.77
N VAL A 1341 15.85 -0.55 25.41
CA VAL A 1341 16.89 -0.88 26.37
C VAL A 1341 17.95 0.20 26.45
N LEU A 1342 18.69 0.42 25.38
CA LEU A 1342 19.88 1.23 25.44
C LEU A 1342 19.61 2.66 25.06
N GLY A 1343 18.46 3.17 25.41
CA GLY A 1343 18.25 4.61 25.30
C GLY A 1343 18.06 5.07 23.88
N ILE A 1344 18.41 6.34 23.65
CA ILE A 1344 18.13 6.93 22.35
C ILE A 1344 19.38 6.92 21.45
N GLU A 1345 20.55 7.23 21.97
CA GLU A 1345 21.65 7.45 21.06
C GLU A 1345 22.12 6.17 20.43
N ALA A 1346 22.08 5.08 21.18
CA ALA A 1346 22.36 3.80 20.56
C ALA A 1346 21.32 3.44 19.55
N THR A 1347 20.05 3.75 19.80
CA THR A 1347 19.08 3.54 18.75
C THR A 1347 19.51 4.25 17.49
N ARG A 1348 19.96 5.49 17.64
CA ARG A 1348 20.36 6.27 16.48
C ARG A 1348 21.50 5.59 15.74
N SER A 1349 22.56 5.25 16.45
CA SER A 1349 23.70 4.70 15.74
C SER A 1349 23.45 3.28 15.24
N SER A 1350 22.56 2.53 15.88
CA SER A 1350 22.18 1.25 15.29
C SER A 1350 21.44 1.46 14.00
N LEU A 1351 20.56 2.46 13.97
CA LEU A 1351 19.93 2.84 12.73
C LEU A 1351 20.99 3.11 11.67
N TYR A 1352 22.00 3.88 12.04
CA TYR A 1352 23.02 4.23 11.07
C TYR A 1352 23.76 3.00 10.59
N LYS A 1353 24.05 2.09 11.49
CA LYS A 1353 24.78 0.91 11.09
C LYS A 1353 23.97 0.09 10.12
N GLU A 1354 22.67 -0.04 10.36
CA GLU A 1354 21.87 -0.84 9.44
C GLU A 1354 21.77 -0.20 8.07
N ILE A 1355 21.49 1.10 8.04
CA ILE A 1355 21.38 1.75 6.75
C ILE A 1355 22.70 1.69 6.01
N LEU A 1356 23.81 1.98 6.67
CA LEU A 1356 25.07 1.90 5.98
C LEU A 1356 25.33 0.49 5.49
N ASN A 1357 25.03 -0.52 6.30
CA ASN A 1357 25.18 -1.88 5.84
C ASN A 1357 24.48 -2.08 4.51
N VAL A 1358 23.19 -1.75 4.44
CA VAL A 1358 22.48 -2.11 3.22
C VAL A 1358 22.84 -1.24 2.03
N ILE A 1359 22.94 0.08 2.18
CA ILE A 1359 23.33 0.89 1.03
C ILE A 1359 24.73 0.55 0.58
N ALA A 1360 25.66 0.46 1.51
CA ALA A 1360 27.03 0.14 1.12
C ALA A 1360 27.26 -1.34 1.23
N PHE A 1361 26.24 -2.13 0.93
CA PHE A 1361 26.48 -3.56 0.79
C PHE A 1361 27.16 -3.90 -0.52
N ASP A 1362 26.59 -3.49 -1.64
CA ASP A 1362 27.07 -3.96 -2.93
C ASP A 1362 28.10 -3.00 -3.51
N GLY A 1363 29.04 -2.58 -2.69
CA GLY A 1363 30.04 -1.64 -3.14
C GLY A 1363 29.56 -0.25 -3.50
N SER A 1364 28.29 0.06 -3.27
CA SER A 1364 27.87 1.44 -3.44
C SER A 1364 28.38 2.25 -2.27
N TYR A 1365 28.48 3.54 -2.48
CA TYR A 1365 29.02 4.43 -1.46
C TYR A 1365 28.17 5.68 -1.36
N VAL A 1366 27.97 6.16 -0.14
CA VAL A 1366 27.21 7.37 0.11
C VAL A 1366 27.92 8.19 1.16
N ASN A 1367 28.15 9.46 0.88
CA ASN A 1367 28.72 10.35 1.87
C ASN A 1367 28.02 10.19 3.20
N TYR A 1368 28.73 10.46 4.27
CA TYR A 1368 28.13 10.31 5.60
C TYR A 1368 26.95 11.22 5.74
N ARG A 1369 27.09 12.46 5.33
CA ARG A 1369 26.17 13.47 5.78
C ARG A 1369 24.75 13.18 5.38
N HIS A 1370 24.51 12.37 4.35
CA HIS A 1370 23.14 12.10 3.95
C HIS A 1370 22.49 11.08 4.86
N MET A 1371 23.09 9.91 5.02
CA MET A 1371 22.56 8.99 6.01
C MET A 1371 22.49 9.66 7.38
N ALA A 1372 23.37 10.60 7.65
CA ALA A 1372 23.25 11.35 8.89
C ALA A 1372 21.95 12.11 8.94
N LEU A 1373 21.69 12.92 7.93
CA LEU A 1373 20.48 13.73 7.93
C LEU A 1373 19.25 12.85 8.08
N LEU A 1374 19.24 11.72 7.38
CA LEU A 1374 18.10 10.83 7.50
C LEU A 1374 17.98 10.26 8.91
N VAL A 1375 19.06 9.66 9.43
CA VAL A 1375 18.92 9.07 10.74
C VAL A 1375 18.64 10.09 11.81
N ASP A 1376 18.86 11.37 11.52
CA ASP A 1376 18.55 12.38 12.52
C ASP A 1376 17.13 12.89 12.44
N VAL A 1377 16.50 12.83 11.28
CA VAL A 1377 15.07 13.06 11.39
C VAL A 1377 14.39 11.93 12.14
N MET A 1378 14.82 10.69 11.94
CA MET A 1378 14.09 9.59 12.56
C MET A 1378 14.25 9.51 14.07
N THR A 1379 15.08 10.34 14.69
CA THR A 1379 15.11 10.45 16.14
C THR A 1379 15.24 11.90 16.55
N SER A 1380 14.35 12.73 16.04
CA SER A 1380 14.17 14.04 16.62
C SER A 1380 13.40 13.93 17.92
N ARG A 1381 12.30 13.19 17.88
CA ARG A 1381 11.34 13.21 18.97
C ARG A 1381 11.47 12.00 19.87
N GLY A 1382 12.67 11.46 19.97
CA GLY A 1382 12.91 10.37 20.87
C GLY A 1382 12.19 9.10 20.55
N TYR A 1383 10.99 9.16 20.01
CA TYR A 1383 10.35 7.95 19.56
C TYR A 1383 10.66 7.80 18.09
N LEU A 1384 10.74 6.57 17.62
CA LEU A 1384 11.13 6.35 16.23
C LEU A 1384 10.09 6.88 15.28
N MET A 1385 10.27 8.11 14.79
CA MET A 1385 9.28 8.73 13.94
C MET A 1385 9.36 8.07 12.57
N ALA A 1386 8.85 6.84 12.50
CA ALA A 1386 8.95 6.05 11.29
C ALA A 1386 8.53 6.87 10.09
N ILE A 1387 9.11 6.55 8.93
CA ILE A 1387 8.78 7.27 7.70
C ILE A 1387 7.65 6.50 7.05
N THR A 1388 6.43 6.80 7.48
CA THR A 1388 5.22 6.39 6.78
C THR A 1388 4.34 7.62 6.73
N ARG A 1389 3.07 7.41 6.43
CA ARG A 1389 2.11 8.48 6.59
C ARG A 1389 1.93 8.83 8.06
N HIS A 1390 2.26 7.92 8.96
CA HIS A 1390 2.07 8.18 10.38
C HIS A 1390 3.21 8.99 10.97
N GLY A 1391 4.32 9.10 10.25
CA GLY A 1391 5.42 9.90 10.71
C GLY A 1391 5.22 11.33 10.32
N ILE A 1392 4.87 11.55 9.05
CA ILE A 1392 4.56 12.91 8.63
C ILE A 1392 3.31 13.42 9.32
N ASN A 1393 2.21 12.65 9.30
CA ASN A 1393 0.92 13.24 9.65
C ASN A 1393 0.88 13.72 11.09
N ARG A 1394 1.36 12.92 12.02
CA ARG A 1394 1.30 13.25 13.42
C ARG A 1394 2.40 14.20 13.85
N ALA A 1395 3.00 14.89 12.90
CA ALA A 1395 3.96 15.94 13.22
C ALA A 1395 3.24 17.25 13.43
N ASP A 1396 3.78 18.07 14.33
CA ASP A 1396 3.18 19.36 14.62
C ASP A 1396 3.44 20.38 13.55
N THR A 1397 3.81 19.93 12.34
CA THR A 1397 3.92 20.81 11.20
C THR A 1397 2.55 21.40 10.88
N GLY A 1398 2.49 22.29 9.89
CA GLY A 1398 1.22 22.91 9.55
C GLY A 1398 0.22 21.87 9.05
N ALA A 1399 -0.94 22.35 8.65
CA ALA A 1399 -1.95 21.46 8.10
C ALA A 1399 -1.67 21.13 6.64
N LEU A 1400 -1.33 22.14 5.84
CA LEU A 1400 -1.24 21.90 4.41
C LEU A 1400 -0.09 20.97 4.06
N MET A 1401 1.14 21.35 4.40
CA MET A 1401 2.29 20.54 4.03
C MET A 1401 2.04 19.08 4.34
N ARG A 1402 1.23 18.80 5.35
CA ARG A 1402 0.83 17.44 5.60
C ARG A 1402 -0.29 17.02 4.67
N CYS A 1403 -1.13 17.95 4.23
CA CYS A 1403 -2.34 17.55 3.55
C CYS A 1403 -2.04 16.97 2.17
N SER A 1404 -0.79 17.06 1.72
CA SER A 1404 -0.48 16.65 0.36
C SER A 1404 0.11 15.27 0.28
N PHE A 1405 0.21 14.54 1.38
CA PHE A 1405 0.94 13.28 1.35
C PHE A 1405 0.02 12.11 1.10
N GLU A 1406 -0.82 11.79 2.07
CA GLU A 1406 -1.78 10.70 1.97
C GLU A 1406 -2.88 11.00 2.98
N GLU A 1407 -4.07 10.48 2.71
CA GLU A 1407 -5.24 10.77 3.53
C GLU A 1407 -5.46 12.29 3.59
N THR A 1408 -5.65 12.90 2.43
CA THR A 1408 -5.91 14.34 2.42
C THR A 1408 -7.26 14.67 3.03
N VAL A 1409 -8.26 13.82 2.80
CA VAL A 1409 -9.60 14.13 3.29
C VAL A 1409 -9.59 14.29 4.79
N GLU A 1410 -9.23 13.23 5.50
CA GLU A 1410 -9.41 13.19 6.93
C GLU A 1410 -8.52 14.21 7.63
N ILE A 1411 -7.32 14.44 7.10
CA ILE A 1411 -6.56 15.56 7.63
C ILE A 1411 -7.30 16.86 7.52
N LEU A 1412 -7.85 17.17 6.34
CA LEU A 1412 -8.53 18.45 6.23
C LEU A 1412 -9.72 18.54 7.17
N PHE A 1413 -10.46 17.47 7.34
CA PHE A 1413 -11.64 17.56 8.19
C PHE A 1413 -11.28 17.62 9.68
N GLU A 1414 -10.26 16.90 10.11
CA GLU A 1414 -9.80 17.16 11.46
C GLU A 1414 -9.36 18.60 11.64
N ALA A 1415 -8.54 19.11 10.74
CA ALA A 1415 -8.02 20.46 10.88
C ALA A 1415 -9.16 21.47 10.90
N GLY A 1416 -10.23 21.19 10.16
CA GLY A 1416 -11.36 22.05 10.26
C GLY A 1416 -12.02 22.02 11.61
N ALA A 1417 -11.86 20.92 12.34
CA ALA A 1417 -12.52 20.72 13.62
C ALA A 1417 -11.66 21.16 14.79
N ALA A 1418 -10.49 21.71 14.52
CA ALA A 1418 -9.64 22.09 15.64
C ALA A 1418 -9.05 23.47 15.45
N ALA A 1419 -9.38 24.17 14.39
CA ALA A 1419 -8.99 25.56 14.27
C ALA A 1419 -7.47 25.71 14.29
N GLU A 1420 -6.81 25.03 13.36
CA GLU A 1420 -5.36 25.06 13.31
C GLU A 1420 -4.89 26.36 12.70
N LEU A 1421 -3.60 26.59 12.77
CA LEU A 1421 -2.99 27.79 12.20
C LEU A 1421 -1.76 27.38 11.42
N ASP A 1422 -1.92 27.16 10.13
CA ASP A 1422 -0.85 26.66 9.29
C ASP A 1422 -0.02 27.86 8.83
N ASP A 1423 1.07 28.11 9.53
CA ASP A 1423 1.76 29.38 9.44
C ASP A 1423 2.54 29.58 8.15
N CYS A 1424 2.24 28.84 7.10
CA CYS A 1424 2.81 29.09 5.78
C CYS A 1424 4.33 29.17 5.79
N ARG A 1425 5.01 28.15 6.30
CA ARG A 1425 6.47 28.14 6.15
C ARG A 1425 6.98 26.95 5.37
N GLY A 1426 6.26 25.84 5.32
CA GLY A 1426 6.68 24.74 4.50
C GLY A 1426 6.86 25.18 3.06
N VAL A 1427 7.46 24.33 2.25
CA VAL A 1427 7.51 24.65 0.84
C VAL A 1427 6.34 24.04 0.10
N SER A 1428 5.81 22.92 0.60
CA SER A 1428 4.56 22.42 0.07
C SER A 1428 3.54 23.55 -0.09
N GLU A 1429 3.27 24.25 1.01
CA GLU A 1429 2.34 25.37 0.96
C GLU A 1429 2.72 26.35 -0.12
N ASN A 1430 3.83 27.05 0.06
CA ASN A 1430 4.10 28.15 -0.84
C ASN A 1430 4.30 27.73 -2.28
N VAL A 1431 4.33 26.44 -2.56
CA VAL A 1431 4.04 25.99 -3.92
C VAL A 1431 2.54 26.07 -4.19
N MET A 1432 1.74 25.37 -3.38
CA MET A 1432 0.30 25.32 -3.66
C MET A 1432 -0.39 26.65 -3.45
N LEU A 1433 0.32 27.66 -2.97
CA LEU A 1433 -0.13 29.03 -3.05
C LEU A 1433 0.83 29.89 -3.82
N GLY A 1434 1.57 29.30 -4.74
CA GLY A 1434 2.31 30.03 -5.74
C GLY A 1434 2.89 31.32 -5.23
N GLN A 1435 3.80 31.22 -4.28
CA GLN A 1435 4.54 32.36 -3.81
C GLN A 1435 6.03 32.10 -3.95
N LEU A 1436 6.79 33.17 -3.95
CA LEU A 1436 8.22 33.03 -4.09
C LEU A 1436 8.71 32.25 -2.90
N ALA A 1437 9.00 30.98 -3.09
CA ALA A 1437 9.13 30.06 -1.97
C ALA A 1437 10.20 30.51 -0.99
N PRO A 1438 10.14 30.04 0.25
CA PRO A 1438 11.22 30.33 1.21
C PRO A 1438 12.28 29.22 1.25
N MET A 1439 13.01 29.09 0.16
CA MET A 1439 14.20 28.26 0.10
C MET A 1439 15.08 28.86 -0.98
N GLY A 1440 16.18 28.19 -1.25
CA GLY A 1440 17.05 28.61 -2.33
C GLY A 1440 17.13 30.10 -2.46
N THR A 1441 16.87 30.63 -3.64
CA THR A 1441 16.92 32.05 -3.88
C THR A 1441 15.74 32.78 -3.31
N GLY A 1442 14.89 32.08 -2.56
CA GLY A 1442 13.83 32.75 -1.85
C GLY A 1442 14.14 32.78 -0.37
N ALA A 1443 15.39 32.52 -0.01
CA ALA A 1443 15.79 32.63 1.37
C ALA A 1443 16.12 34.03 1.79
N PHE A 1444 15.88 35.05 0.97
CA PHE A 1444 16.19 36.40 1.41
C PHE A 1444 15.65 37.49 0.51
N ASP A 1445 15.20 38.59 1.09
CA ASP A 1445 14.67 39.67 0.28
C ASP A 1445 15.78 40.36 -0.47
N VAL A 1446 15.41 41.40 -1.21
CA VAL A 1446 16.38 42.21 -1.93
C VAL A 1446 15.98 43.65 -1.77
N MET A 1447 16.79 44.42 -1.07
CA MET A 1447 16.50 45.82 -0.80
C MET A 1447 16.82 46.67 -2.02
N ILE A 1448 16.52 47.95 -1.92
CA ILE A 1448 17.22 48.95 -2.68
C ILE A 1448 18.03 49.79 -1.72
N ASP A 1449 19.29 50.04 -2.05
CA ASP A 1449 20.17 50.73 -1.13
C ASP A 1449 20.03 52.23 -1.33
N GLU A 1450 19.56 52.90 -0.29
CA GLU A 1450 19.59 54.34 -0.28
C GLU A 1450 21.01 54.89 -0.24
N LYS A 1451 21.85 54.38 0.66
CA LYS A 1451 23.18 54.93 0.82
C LYS A 1451 23.93 54.89 -0.50
N LEU A 1452 23.70 53.85 -1.29
CA LEU A 1452 24.58 53.60 -2.42
C LEU A 1452 24.21 54.47 -3.61
N LEU A 1453 22.92 54.61 -3.90
CA LEU A 1453 22.52 55.64 -4.85
C LEU A 1453 22.80 57.05 -4.35
N THR A 1454 22.93 57.25 -3.03
CA THR A 1454 23.35 58.58 -2.59
C THR A 1454 24.80 58.83 -2.96
N SER A 1455 25.67 57.83 -2.79
CA SER A 1455 27.05 58.03 -3.19
C SER A 1455 27.17 58.18 -4.70
N LEU A 1456 26.22 57.64 -5.46
CA LEU A 1456 26.24 57.55 -6.90
C LEU A 1456 25.69 58.81 -7.57
N PRO A 1457 25.83 58.91 -8.91
CA PRO A 1457 25.09 59.91 -9.68
C PRO A 1457 23.62 59.57 -9.75
N ASP B 9 12.25 -49.69 -43.29
CA ASP B 9 12.41 -48.34 -42.77
C ASP B 9 13.79 -47.77 -42.91
N ASP B 10 13.93 -46.61 -42.28
CA ASP B 10 15.20 -46.02 -41.93
C ASP B 10 14.94 -45.20 -40.68
N THR B 11 15.84 -44.30 -40.34
CA THR B 11 15.56 -43.39 -39.23
C THR B 11 14.66 -42.28 -39.74
N ILE B 12 13.63 -41.96 -38.97
CA ILE B 12 12.82 -40.81 -39.33
C ILE B 12 13.75 -39.61 -39.40
N THR B 13 13.97 -39.11 -40.59
CA THR B 13 14.89 -38.00 -40.77
C THR B 13 14.31 -36.77 -40.11
N THR B 14 15.03 -35.66 -40.14
CA THR B 14 14.41 -34.42 -39.76
C THR B 14 13.22 -34.11 -40.66
N GLU B 15 13.43 -34.17 -41.97
CA GLU B 15 12.38 -33.60 -42.77
C GLU B 15 11.10 -34.40 -42.69
N ASP B 16 11.14 -35.63 -42.21
CA ASP B 16 9.89 -36.36 -42.06
C ASP B 16 9.10 -35.80 -40.88
N CYS B 17 9.79 -35.42 -39.82
CA CYS B 17 9.13 -34.57 -38.85
C CYS B 17 8.55 -33.34 -39.52
N TRP B 18 9.20 -32.86 -40.56
CA TRP B 18 8.63 -31.68 -41.18
C TRP B 18 7.46 -31.96 -42.11
N THR B 19 7.36 -33.15 -42.65
CA THR B 19 6.12 -33.45 -43.36
C THR B 19 4.98 -33.63 -42.38
N VAL B 20 5.27 -34.14 -41.18
CA VAL B 20 4.18 -34.28 -40.22
C VAL B 20 3.69 -32.92 -39.78
N ILE B 21 4.59 -31.99 -39.45
CA ILE B 21 4.08 -30.64 -39.22
C ILE B 21 3.38 -30.07 -40.46
N SER B 22 3.80 -30.45 -41.66
CA SER B 22 3.06 -29.93 -42.79
C SER B 22 1.61 -30.40 -42.76
N ALA B 23 1.38 -31.70 -42.62
CA ALA B 23 0.01 -32.19 -42.59
C ALA B 23 -0.76 -31.56 -41.46
N PHE B 24 -0.10 -31.30 -40.34
CA PHE B 24 -0.80 -30.68 -39.24
C PHE B 24 -1.30 -29.29 -39.62
N PHE B 25 -0.39 -28.42 -40.02
CA PHE B 25 -0.93 -27.13 -40.43
C PHE B 25 -1.76 -27.22 -41.69
N GLU B 26 -1.82 -28.39 -42.31
CA GLU B 26 -2.65 -28.55 -43.48
C GLU B 26 -4.07 -28.91 -43.12
N GLU B 27 -4.28 -29.45 -41.94
CA GLU B 27 -5.65 -29.71 -41.54
C GLU B 27 -6.19 -28.61 -40.64
N LYS B 28 -5.50 -28.34 -39.55
CA LYS B 28 -6.12 -27.43 -38.60
C LYS B 28 -5.97 -25.97 -38.97
N GLY B 29 -4.90 -25.60 -39.65
CA GLY B 29 -4.67 -24.18 -39.77
C GLY B 29 -4.26 -23.63 -38.42
N LEU B 30 -3.78 -22.41 -38.42
CA LEU B 30 -3.27 -21.84 -37.20
C LEU B 30 -4.33 -21.80 -36.11
N VAL B 31 -5.52 -21.28 -36.40
CA VAL B 31 -6.39 -20.82 -35.33
C VAL B 31 -7.60 -21.71 -35.12
N SER B 32 -7.46 -22.98 -35.45
CA SER B 32 -8.58 -23.91 -35.52
C SER B 32 -9.55 -23.85 -34.36
N GLN B 33 -9.03 -23.67 -33.15
CA GLN B 33 -9.85 -23.89 -31.96
C GLN B 33 -10.99 -22.90 -31.87
N GLN B 34 -10.74 -21.64 -32.23
CA GLN B 34 -11.81 -20.66 -32.26
C GLN B 34 -12.98 -21.20 -33.05
N LEU B 35 -12.71 -21.76 -34.22
CA LEU B 35 -13.80 -22.19 -35.06
C LEU B 35 -14.42 -23.46 -34.54
N ASP B 36 -13.61 -24.39 -34.05
CA ASP B 36 -14.25 -25.58 -33.50
C ASP B 36 -15.04 -25.25 -32.25
N SER B 37 -14.53 -24.38 -31.39
CA SER B 37 -15.32 -24.05 -30.22
C SER B 37 -16.58 -23.26 -30.57
N PHE B 38 -16.44 -22.19 -31.35
CA PHE B 38 -17.59 -21.41 -31.77
C PHE B 38 -18.61 -22.29 -32.43
N ASP B 39 -18.18 -23.23 -33.26
CA ASP B 39 -19.16 -24.08 -33.91
C ASP B 39 -19.87 -24.97 -32.94
N GLU B 40 -19.10 -25.60 -32.03
CA GLU B 40 -19.74 -26.39 -31.00
C GLU B 40 -20.80 -25.57 -30.28
N PHE B 41 -20.48 -24.31 -30.00
CA PHE B 41 -21.45 -23.40 -29.42
C PHE B 41 -22.70 -23.34 -30.27
N MET B 42 -22.60 -22.75 -31.45
CA MET B 42 -23.77 -22.50 -32.25
C MET B 42 -24.60 -23.74 -32.48
N GLU B 43 -24.00 -24.91 -32.41
CA GLU B 43 -24.76 -26.08 -32.80
C GLU B 43 -25.42 -26.78 -31.65
N THR B 44 -24.80 -26.77 -30.46
CA THR B 44 -25.44 -27.52 -29.40
C THR B 44 -25.62 -26.69 -28.13
N SER B 45 -24.72 -25.74 -27.91
CA SER B 45 -24.77 -24.96 -26.69
C SER B 45 -26.07 -24.18 -26.57
N ILE B 46 -26.53 -23.56 -27.65
CA ILE B 46 -27.74 -22.77 -27.48
C ILE B 46 -28.96 -23.65 -27.38
N GLN B 47 -29.03 -24.67 -28.21
CA GLN B 47 -30.11 -25.65 -28.08
C GLN B 47 -30.26 -26.12 -26.65
N ASP B 48 -29.15 -26.34 -25.96
CA ASP B 48 -29.25 -26.85 -24.61
C ASP B 48 -29.09 -25.79 -23.54
N LEU B 49 -28.97 -24.53 -23.93
CA LEU B 49 -29.35 -23.48 -23.00
C LEU B 49 -30.85 -23.34 -22.94
N VAL B 50 -31.53 -23.50 -24.06
CA VAL B 50 -32.98 -23.44 -24.03
C VAL B 50 -33.52 -24.41 -23.02
N TRP B 51 -33.23 -25.67 -23.20
CA TRP B 51 -33.87 -26.69 -22.40
C TRP B 51 -33.39 -26.70 -20.98
N GLU B 52 -32.84 -25.58 -20.53
CA GLU B 52 -32.55 -25.43 -19.12
C GLU B 52 -33.84 -25.21 -18.35
N GLU B 53 -34.54 -24.11 -18.65
CA GLU B 53 -35.84 -23.77 -18.08
C GLU B 53 -36.86 -24.05 -19.16
N PRO B 54 -37.25 -25.31 -19.36
CA PRO B 54 -38.08 -25.63 -20.52
C PRO B 54 -39.45 -25.01 -20.50
N ARG B 55 -39.95 -24.55 -19.35
CA ARG B 55 -41.32 -24.07 -19.23
C ARG B 55 -41.46 -22.97 -18.20
N LEU B 56 -42.24 -21.97 -18.56
CA LEU B 56 -42.85 -21.06 -17.60
C LEU B 56 -44.23 -21.56 -17.20
N ILE B 57 -44.74 -21.03 -16.08
CA ILE B 57 -46.07 -21.37 -15.61
C ILE B 57 -46.71 -20.13 -15.00
N LEU B 58 -47.94 -19.84 -15.42
CA LEU B 58 -48.89 -19.14 -14.57
C LEU B 58 -50.04 -20.08 -14.24
N ASP B 59 -50.45 -20.07 -12.98
CA ASP B 59 -51.53 -20.95 -12.56
C ASP B 59 -52.53 -20.18 -11.71
N GLN B 60 -53.68 -19.88 -12.28
CA GLN B 60 -54.75 -19.15 -11.59
C GLN B 60 -55.80 -20.20 -11.28
N PRO B 61 -55.80 -20.75 -10.08
CA PRO B 61 -56.69 -21.87 -9.79
C PRO B 61 -58.15 -21.46 -9.68
N ALA B 62 -58.44 -20.43 -8.88
CA ALA B 62 -59.82 -20.25 -8.48
C ALA B 62 -60.05 -18.81 -8.06
N GLN B 63 -61.31 -18.40 -8.16
CA GLN B 63 -61.85 -17.19 -7.55
C GLN B 63 -61.06 -15.95 -7.97
N HIS B 64 -61.15 -15.63 -9.25
CA HIS B 64 -60.81 -14.30 -9.76
C HIS B 64 -62.07 -13.44 -9.86
N THR B 65 -62.64 -13.12 -8.70
CA THR B 65 -64.01 -12.60 -8.62
C THR B 65 -64.97 -13.51 -9.39
N ASN B 66 -64.58 -14.77 -9.46
CA ASN B 66 -65.33 -15.82 -10.17
C ASN B 66 -66.41 -16.38 -9.26
N GLU B 67 -67.21 -17.27 -9.81
CA GLU B 67 -68.13 -18.06 -9.00
C GLU B 67 -67.43 -19.33 -8.52
N LYS B 68 -66.21 -19.13 -7.99
CA LYS B 68 -65.32 -20.22 -7.63
C LYS B 68 -65.21 -21.23 -8.75
N ASP B 69 -65.25 -20.77 -10.00
CA ASP B 69 -65.01 -21.67 -11.12
C ASP B 69 -63.55 -22.09 -11.04
N ASN B 70 -63.25 -23.04 -10.16
CA ASN B 70 -61.88 -23.30 -9.75
C ASN B 70 -61.12 -23.91 -10.92
N ILE B 71 -61.00 -23.13 -11.99
CA ILE B 71 -60.32 -23.54 -13.21
C ILE B 71 -58.85 -23.17 -13.09
N ASN B 72 -57.97 -24.17 -13.16
CA ASN B 72 -56.55 -23.88 -13.21
C ASN B 72 -56.24 -23.21 -14.53
N LYS B 73 -56.17 -21.88 -14.49
CA LYS B 73 -55.67 -21.12 -15.62
C LYS B 73 -54.14 -21.25 -15.62
N ARG B 74 -53.69 -22.48 -15.84
CA ARG B 74 -52.28 -22.75 -16.00
C ARG B 74 -51.92 -22.44 -17.43
N TYR B 75 -51.50 -21.20 -17.66
CA TYR B 75 -50.82 -20.79 -18.88
C TYR B 75 -49.40 -21.32 -18.83
N GLU B 76 -49.14 -22.33 -19.64
CA GLU B 76 -47.86 -23.03 -19.64
C GLU B 76 -47.19 -22.68 -20.95
N ILE B 77 -46.09 -21.95 -20.88
CA ILE B 77 -45.32 -21.57 -22.05
C ILE B 77 -44.09 -22.46 -22.12
N ARG B 78 -44.08 -23.36 -23.10
CA ARG B 78 -43.07 -24.39 -23.23
C ARG B 78 -42.18 -24.02 -24.40
N PHE B 79 -40.87 -23.93 -24.17
CA PHE B 79 -39.95 -23.51 -25.20
C PHE B 79 -39.67 -24.64 -26.18
N GLY B 80 -39.38 -24.28 -27.41
CA GLY B 80 -39.14 -25.29 -28.42
C GLY B 80 -37.91 -25.08 -29.26
N LYS B 81 -38.03 -25.39 -30.55
CA LYS B 81 -36.89 -25.56 -31.42
C LYS B 81 -36.12 -24.26 -31.59
N ILE B 82 -34.88 -24.38 -32.03
CA ILE B 82 -34.12 -23.23 -32.50
C ILE B 82 -33.85 -23.39 -33.98
N TYR B 83 -33.97 -22.31 -34.74
CA TYR B 83 -33.60 -22.30 -36.14
C TYR B 83 -32.70 -21.11 -36.42
N LEU B 84 -31.74 -21.30 -37.33
CA LEU B 84 -30.79 -20.26 -37.69
C LEU B 84 -30.62 -20.21 -39.20
N SER B 85 -30.54 -18.99 -39.73
CA SER B 85 -30.26 -18.81 -41.15
C SER B 85 -29.08 -17.86 -41.28
N ARG B 86 -28.52 -17.79 -42.47
CA ARG B 86 -27.34 -17.00 -42.75
C ARG B 86 -27.53 -15.57 -42.26
N PRO B 87 -26.46 -14.81 -42.08
CA PRO B 87 -26.62 -13.41 -41.71
C PRO B 87 -27.47 -12.72 -42.74
N THR B 88 -28.16 -11.68 -42.33
CA THR B 88 -29.14 -11.09 -43.22
C THR B 88 -29.19 -9.60 -43.03
N MET B 89 -29.18 -8.86 -44.14
CA MET B 89 -29.22 -7.41 -44.16
C MET B 89 -30.66 -6.98 -44.38
N THR B 90 -31.34 -6.59 -43.30
CA THR B 90 -32.65 -5.98 -43.43
C THR B 90 -32.52 -4.48 -43.46
N GLU B 91 -32.84 -3.89 -44.60
CA GLU B 91 -32.64 -2.46 -44.81
C GLU B 91 -33.63 -1.65 -43.96
N ALA B 92 -33.59 -0.33 -44.16
CA ALA B 92 -34.72 0.50 -43.76
C ALA B 92 -35.83 0.46 -44.79
N ASP B 93 -35.48 0.29 -46.06
CA ASP B 93 -36.47 0.19 -47.11
C ASP B 93 -37.44 -0.94 -46.86
N GLY B 94 -36.96 -2.07 -46.37
CA GLY B 94 -37.75 -3.26 -46.20
C GLY B 94 -37.19 -4.47 -46.92
N THR B 95 -36.20 -4.27 -47.78
CA THR B 95 -35.60 -5.38 -48.50
C THR B 95 -34.66 -6.14 -47.59
N THR B 96 -34.43 -7.40 -47.94
CA THR B 96 -33.45 -8.24 -47.27
C THR B 96 -32.54 -8.88 -48.30
N HIS B 97 -31.30 -9.13 -47.91
CA HIS B 97 -30.37 -9.80 -48.79
C HIS B 97 -29.18 -10.28 -47.97
N ALA B 98 -28.45 -11.23 -48.53
CA ALA B 98 -27.29 -11.78 -47.84
C ALA B 98 -26.24 -10.69 -47.69
N MET B 99 -25.95 -10.29 -46.46
CA MET B 99 -24.83 -9.39 -46.28
C MET B 99 -23.55 -10.12 -46.58
N PHE B 100 -22.47 -9.37 -46.69
CA PHE B 100 -21.16 -9.98 -46.75
C PHE B 100 -20.15 -9.17 -45.99
N PRO B 101 -19.16 -9.84 -45.41
CA PRO B 101 -18.21 -9.15 -44.55
C PRO B 101 -17.72 -7.88 -45.14
N GLN B 102 -17.53 -7.84 -46.45
CA GLN B 102 -17.04 -6.60 -47.03
C GLN B 102 -18.05 -5.49 -46.83
N GLU B 103 -19.28 -5.72 -47.29
CA GLU B 103 -20.29 -4.70 -47.11
C GLU B 103 -20.45 -4.37 -45.65
N ALA B 104 -20.25 -5.37 -44.78
CA ALA B 104 -20.30 -5.13 -43.36
C ALA B 104 -19.32 -4.06 -42.97
N ARG B 105 -18.03 -4.31 -43.20
CA ARG B 105 -17.05 -3.35 -42.75
C ARG B 105 -17.25 -2.00 -43.39
N LEU B 106 -17.75 -1.98 -44.61
CA LEU B 106 -17.79 -0.70 -45.29
C LEU B 106 -18.87 0.21 -44.75
N ARG B 107 -19.79 -0.31 -43.94
CA ARG B 107 -21.03 0.40 -43.65
C ARG B 107 -21.32 0.56 -42.17
N ASN B 108 -20.37 0.25 -41.29
CA ASN B 108 -20.65 0.21 -39.87
C ASN B 108 -21.90 -0.60 -39.58
N LEU B 109 -21.93 -1.84 -40.03
CA LEU B 109 -23.01 -2.72 -39.66
C LEU B 109 -22.57 -3.66 -38.55
N THR B 110 -23.27 -4.77 -38.38
CA THR B 110 -22.86 -5.79 -37.44
C THR B 110 -23.28 -7.15 -37.97
N TYR B 111 -22.31 -7.88 -38.45
CA TYR B 111 -22.52 -9.17 -39.05
C TYR B 111 -23.20 -10.03 -38.02
N SER B 112 -24.49 -10.28 -38.19
CA SER B 112 -25.27 -10.94 -37.17
C SER B 112 -26.23 -11.90 -37.82
N SER B 113 -26.71 -12.84 -37.04
CA SER B 113 -27.68 -13.77 -37.53
C SER B 113 -28.92 -13.80 -36.67
N PRO B 114 -30.09 -13.69 -37.27
CA PRO B 114 -31.32 -13.78 -36.49
C PRO B 114 -31.51 -15.19 -35.98
N VAL B 115 -32.09 -15.31 -34.79
CA VAL B 115 -32.24 -16.58 -34.12
C VAL B 115 -33.71 -16.86 -33.98
N TYR B 116 -34.27 -17.73 -34.81
CA TYR B 116 -35.71 -17.92 -34.73
C TYR B 116 -36.09 -19.00 -33.73
N LEU B 117 -37.15 -18.72 -32.99
CA LEU B 117 -37.44 -19.37 -31.72
C LEU B 117 -38.92 -19.75 -31.62
N ASP B 118 -39.18 -20.93 -31.08
CA ASP B 118 -40.53 -21.43 -30.86
C ASP B 118 -40.97 -21.21 -29.42
N MET B 119 -42.20 -20.74 -29.24
CA MET B 119 -42.70 -20.43 -27.92
C MET B 119 -44.11 -21.00 -27.82
N GLU B 120 -44.18 -22.29 -27.52
CA GLU B 120 -45.40 -23.08 -27.62
C GLU B 120 -46.27 -22.84 -26.40
N LYS B 121 -47.41 -22.19 -26.61
CA LYS B 121 -48.26 -21.73 -25.51
C LYS B 121 -49.41 -22.70 -25.33
N SER B 122 -49.79 -22.98 -24.08
CA SER B 122 -50.90 -23.88 -23.85
C SER B 122 -51.55 -23.65 -22.50
N MET B 123 -52.58 -24.45 -22.24
CA MET B 123 -53.40 -24.35 -21.03
C MET B 123 -53.55 -25.72 -20.40
N PHE B 124 -53.18 -25.84 -19.14
CA PHE B 124 -53.68 -26.96 -18.36
C PHE B 124 -55.16 -26.77 -18.10
N THR B 125 -55.95 -27.80 -18.34
CA THR B 125 -57.30 -27.89 -17.80
C THR B 125 -57.28 -29.04 -16.81
N SER B 126 -56.74 -28.76 -15.63
CA SER B 126 -56.69 -29.68 -14.50
C SER B 126 -56.86 -28.74 -13.33
N ILE B 127 -58.12 -28.58 -12.91
CA ILE B 127 -58.57 -27.32 -12.32
C ILE B 127 -58.82 -27.51 -10.83
N ASP B 128 -58.36 -26.55 -10.03
CA ASP B 128 -58.54 -26.64 -8.59
C ASP B 128 -58.71 -25.27 -7.95
N GLY B 153 -47.24 -17.92 -31.11
CA GLY B 153 -47.23 -19.37 -31.08
C GLY B 153 -46.48 -19.94 -32.26
N ASN B 154 -45.34 -19.35 -32.56
CA ASN B 154 -44.65 -19.77 -33.77
C ASN B 154 -43.20 -19.29 -33.68
N LYS B 155 -42.50 -19.32 -34.81
CA LYS B 155 -41.16 -18.77 -34.83
C LYS B 155 -41.15 -17.32 -34.41
N VAL B 156 -40.42 -17.02 -33.37
CA VAL B 156 -40.16 -15.63 -33.04
C VAL B 156 -38.70 -15.28 -33.34
N HIS B 157 -38.53 -14.19 -34.05
CA HIS B 157 -37.28 -13.46 -34.10
C HIS B 157 -37.03 -12.91 -32.71
N ILE B 158 -35.89 -13.27 -32.11
CA ILE B 158 -35.65 -12.87 -30.73
C ILE B 158 -34.33 -12.16 -30.52
N GLY B 159 -33.43 -12.21 -31.47
CA GLY B 159 -32.12 -11.61 -31.27
C GLY B 159 -31.12 -12.14 -32.25
N LYS B 160 -29.91 -11.59 -32.13
CA LYS B 160 -28.91 -11.74 -33.18
C LYS B 160 -27.57 -12.23 -32.63
N VAL B 161 -27.35 -13.54 -32.68
CA VAL B 161 -26.05 -14.10 -32.41
C VAL B 161 -25.12 -13.71 -33.56
N PRO B 162 -23.95 -13.14 -33.31
CA PRO B 162 -23.10 -12.75 -34.43
C PRO B 162 -22.14 -13.86 -34.81
N ILE B 163 -22.16 -14.23 -36.09
CA ILE B 163 -21.37 -15.34 -36.59
C ILE B 163 -19.90 -14.97 -36.60
N MET B 164 -19.05 -15.91 -36.20
CA MET B 164 -17.60 -15.76 -36.25
C MET B 164 -17.07 -16.14 -37.62
N LEU B 165 -16.39 -15.19 -38.25
CA LEU B 165 -16.04 -15.38 -39.64
C LEU B 165 -15.40 -16.72 -39.85
N ARG B 166 -15.66 -17.30 -41.01
CA ARG B 166 -15.14 -18.63 -41.32
C ARG B 166 -15.66 -19.68 -40.37
N SER B 167 -16.82 -19.47 -39.77
CA SER B 167 -17.44 -20.61 -39.11
C SER B 167 -18.00 -21.55 -40.16
N LYS B 168 -18.84 -22.47 -39.72
CA LYS B 168 -19.66 -23.14 -40.70
C LYS B 168 -20.86 -22.28 -41.06
N PHE B 169 -21.13 -21.28 -40.24
CA PHE B 169 -22.35 -20.50 -40.37
C PHE B 169 -22.08 -19.11 -40.87
N CYS B 170 -20.89 -18.86 -41.39
CA CYS B 170 -20.70 -17.64 -42.14
C CYS B 170 -20.85 -17.93 -43.62
N SER B 171 -20.81 -16.87 -44.41
CA SER B 171 -21.01 -17.00 -45.84
C SER B 171 -19.76 -17.39 -46.58
N LEU B 172 -18.60 -17.28 -45.95
CA LEU B 172 -17.34 -17.42 -46.65
C LEU B 172 -16.70 -18.76 -46.38
N ARG B 173 -17.40 -19.67 -45.73
CA ARG B 173 -16.82 -20.98 -45.51
C ARG B 173 -16.49 -21.67 -46.83
N THR B 174 -17.47 -21.83 -47.68
CA THR B 174 -17.33 -22.53 -48.94
C THR B 174 -16.92 -21.54 -50.02
N LEU B 175 -17.21 -21.88 -51.27
CA LEU B 175 -17.27 -20.91 -52.36
C LEU B 175 -15.96 -20.43 -53.00
N ASP B 176 -15.20 -21.37 -53.59
CA ASP B 176 -14.57 -21.09 -54.87
C ASP B 176 -13.55 -19.97 -54.89
N GLU B 177 -12.36 -20.24 -54.36
CA GLU B 177 -11.39 -19.23 -53.96
C GLU B 177 -11.39 -17.97 -54.83
N VAL B 178 -11.54 -18.14 -56.15
CA VAL B 178 -11.66 -16.98 -57.02
C VAL B 178 -12.87 -16.15 -56.63
N ASP B 179 -13.99 -16.81 -56.39
CA ASP B 179 -15.14 -16.07 -55.91
C ASP B 179 -14.93 -15.49 -54.53
N LEU B 180 -14.08 -16.12 -53.70
CA LEU B 180 -13.69 -15.42 -52.49
C LEU B 180 -13.04 -14.10 -52.84
N TYR B 181 -12.21 -14.09 -53.88
CA TYR B 181 -11.76 -12.80 -54.38
C TYR B 181 -12.93 -11.93 -54.74
N LYS B 182 -13.97 -12.49 -55.36
CA LYS B 182 -15.08 -11.62 -55.72
C LYS B 182 -15.71 -10.98 -54.52
N MET B 183 -15.43 -11.48 -53.32
CA MET B 183 -16.03 -10.89 -52.13
C MET B 183 -15.08 -9.96 -51.40
N LYS B 184 -13.86 -9.82 -51.91
CA LYS B 184 -12.81 -8.99 -51.33
C LYS B 184 -12.22 -9.60 -50.06
N GLU B 185 -12.40 -10.91 -49.88
CA GLU B 185 -11.87 -11.63 -48.73
C GLU B 185 -10.47 -12.12 -49.04
N CYS B 186 -9.47 -11.32 -48.69
CA CYS B 186 -8.07 -11.69 -48.89
C CYS B 186 -7.77 -13.08 -48.34
N PRO B 187 -7.58 -14.08 -49.20
CA PRO B 187 -7.67 -15.46 -48.72
C PRO B 187 -6.65 -15.83 -47.68
N TYR B 188 -5.62 -15.02 -47.46
CA TYR B 188 -4.71 -15.36 -46.37
C TYR B 188 -5.33 -15.14 -45.03
N ASP B 189 -6.47 -14.49 -44.97
CA ASP B 189 -7.14 -14.28 -43.71
C ASP B 189 -7.76 -15.58 -43.24
N MET B 190 -7.86 -15.72 -41.92
CA MET B 190 -8.61 -16.82 -41.36
C MET B 190 -9.65 -16.38 -40.35
N GLY B 191 -10.06 -15.12 -40.35
CA GLY B 191 -11.20 -14.73 -39.55
C GLY B 191 -10.93 -14.94 -38.08
N GLY B 192 -11.66 -15.87 -37.49
CA GLY B 192 -11.54 -16.11 -36.07
C GLY B 192 -12.19 -15.05 -35.22
N TYR B 193 -12.56 -13.92 -35.80
CA TYR B 193 -13.10 -12.83 -35.02
C TYR B 193 -14.47 -12.44 -35.57
N PHE B 194 -15.20 -11.64 -34.79
CA PHE B 194 -16.54 -11.19 -35.13
C PHE B 194 -16.43 -9.79 -35.68
N VAL B 195 -17.54 -9.28 -36.18
CA VAL B 195 -17.62 -7.90 -36.61
C VAL B 195 -18.75 -7.27 -35.81
N ILE B 196 -18.58 -6.02 -35.38
CA ILE B 196 -19.58 -5.35 -34.55
C ILE B 196 -19.54 -3.86 -34.83
N ASN B 197 -20.71 -3.27 -35.04
CA ASN B 197 -20.82 -1.85 -35.40
C ASN B 197 -19.85 -1.48 -36.52
N GLY B 198 -19.44 -2.46 -37.29
CA GLY B 198 -18.43 -2.21 -38.28
C GLY B 198 -17.06 -2.71 -37.88
N SER B 199 -16.55 -2.29 -36.72
CA SER B 199 -15.19 -2.66 -36.41
C SER B 199 -15.07 -4.16 -36.20
N GLU B 200 -13.85 -4.57 -35.86
CA GLU B 200 -13.50 -5.98 -35.73
C GLU B 200 -13.30 -6.31 -34.27
N LYS B 201 -13.78 -7.45 -33.82
CA LYS B 201 -13.57 -7.77 -32.42
C LYS B 201 -13.17 -9.22 -32.27
N VAL B 202 -12.37 -9.49 -31.25
CA VAL B 202 -11.81 -10.81 -31.02
C VAL B 202 -12.15 -11.29 -29.63
N LEU B 203 -11.91 -12.57 -29.37
CA LEU B 203 -12.10 -13.12 -28.03
C LEU B 203 -10.77 -13.57 -27.46
N ILE B 204 -10.31 -12.84 -26.44
CA ILE B 204 -9.13 -13.23 -25.70
C ILE B 204 -9.50 -14.30 -24.70
N ALA B 205 -9.38 -15.54 -25.11
CA ALA B 205 -9.88 -16.65 -24.28
C ALA B 205 -9.38 -16.46 -22.86
N GLN B 206 -10.27 -16.58 -21.88
CA GLN B 206 -9.88 -16.39 -20.49
C GLN B 206 -9.38 -17.69 -19.87
N GLU B 207 -8.84 -17.57 -18.66
CA GLU B 207 -8.28 -18.71 -17.94
C GLU B 207 -8.82 -18.75 -16.52
N ARG B 208 -9.60 -19.79 -16.25
CA ARG B 208 -10.20 -20.00 -14.95
C ARG B 208 -9.57 -21.20 -14.27
N SER B 209 -9.46 -21.10 -12.95
CA SER B 209 -8.94 -22.19 -12.13
C SER B 209 -9.92 -23.35 -12.13
N ALA B 210 -9.39 -24.55 -12.07
CA ALA B 210 -10.16 -25.71 -12.50
C ALA B 210 -11.36 -25.92 -11.62
N ALA B 211 -12.43 -26.40 -12.21
CA ALA B 211 -13.54 -26.87 -11.43
C ALA B 211 -13.43 -28.38 -11.26
N ASN B 212 -13.89 -28.87 -10.11
CA ASN B 212 -14.08 -30.30 -9.85
C ASN B 212 -12.78 -31.04 -9.55
N ILE B 213 -11.89 -30.45 -8.78
CA ILE B 213 -10.73 -31.14 -8.22
C ILE B 213 -10.55 -30.68 -6.79
N VAL B 214 -9.63 -31.33 -6.08
CA VAL B 214 -9.54 -31.20 -4.63
C VAL B 214 -8.23 -30.51 -4.28
N GLN B 215 -8.23 -29.19 -4.28
CA GLN B 215 -6.98 -28.46 -4.13
C GLN B 215 -6.68 -28.28 -2.65
N VAL B 216 -5.39 -28.30 -2.30
CA VAL B 216 -5.00 -28.33 -0.89
C VAL B 216 -3.96 -27.26 -0.64
N PHE B 217 -4.40 -26.10 -0.21
CA PHE B 217 -3.50 -24.98 0.01
C PHE B 217 -3.11 -24.94 1.48
N LYS B 218 -2.09 -24.15 1.79
CA LYS B 218 -1.86 -23.71 3.16
C LYS B 218 -2.17 -22.23 3.27
N LYS B 219 -2.73 -21.84 4.40
CA LYS B 219 -2.91 -20.43 4.68
C LYS B 219 -1.63 -19.92 5.32
N ALA B 220 -1.44 -18.61 5.26
CA ALA B 220 -0.31 -17.95 5.91
C ALA B 220 -0.34 -18.17 7.41
N ALA B 221 0.69 -17.69 8.08
CA ALA B 221 0.86 -17.95 9.50
C ALA B 221 -0.23 -17.33 10.38
N PRO B 222 -0.59 -16.04 10.22
CA PRO B 222 -1.53 -15.44 11.18
C PRO B 222 -2.95 -15.93 11.06
N SER B 223 -3.16 -17.21 11.31
CA SER B 223 -4.49 -17.78 11.23
C SER B 223 -4.52 -19.08 12.01
N PRO B 224 -5.68 -19.48 12.53
CA PRO B 224 -5.80 -20.78 13.19
C PRO B 224 -5.77 -21.97 12.26
N ILE B 225 -5.50 -21.77 10.97
CA ILE B 225 -5.68 -22.77 9.94
C ILE B 225 -4.34 -23.07 9.31
N SER B 226 -4.00 -24.34 9.20
CA SER B 226 -2.76 -24.72 8.53
C SER B 226 -3.02 -25.13 7.10
N HIS B 227 -4.15 -25.76 6.85
CA HIS B 227 -4.41 -26.39 5.57
C HIS B 227 -5.87 -26.24 5.17
N VAL B 228 -6.11 -25.84 3.92
CA VAL B 228 -7.44 -25.61 3.40
C VAL B 228 -7.67 -26.55 2.22
N ALA B 229 -8.73 -27.34 2.29
CA ALA B 229 -9.10 -28.26 1.21
C ALA B 229 -10.28 -27.66 0.47
N GLU B 230 -10.01 -27.06 -0.68
CA GLU B 230 -10.98 -26.27 -1.41
C GLU B 230 -11.38 -26.95 -2.72
N ILE B 231 -12.63 -26.74 -3.12
CA ILE B 231 -13.13 -27.16 -4.42
C ILE B 231 -14.04 -26.06 -4.93
N ARG B 232 -14.06 -25.86 -6.24
CA ARG B 232 -14.98 -24.92 -6.87
C ARG B 232 -15.97 -25.67 -7.71
N SER B 233 -17.05 -26.13 -7.10
CA SER B 233 -17.97 -27.01 -7.82
C SER B 233 -18.72 -26.22 -8.87
N ALA B 234 -19.09 -26.91 -9.95
CA ALA B 234 -19.77 -26.29 -11.07
C ALA B 234 -20.27 -27.39 -11.99
N LEU B 235 -21.53 -27.30 -12.40
CA LEU B 235 -22.14 -28.39 -13.16
C LEU B 235 -21.38 -28.66 -14.44
N GLU B 236 -21.24 -29.96 -14.75
CA GLU B 236 -20.50 -30.39 -15.93
C GLU B 236 -20.96 -29.64 -17.17
N LYS B 237 -22.24 -29.76 -17.49
CA LYS B 237 -22.77 -29.06 -18.63
C LYS B 237 -22.90 -27.58 -18.30
N GLY B 238 -22.65 -26.74 -19.30
CA GLY B 238 -22.67 -25.30 -19.13
C GLY B 238 -21.38 -24.70 -18.60
N SER B 239 -20.73 -25.39 -17.67
CA SER B 239 -19.49 -24.95 -17.06
C SER B 239 -19.66 -23.58 -16.41
N ARG B 240 -20.53 -23.54 -15.39
CA ARG B 240 -20.83 -22.34 -14.66
C ARG B 240 -20.77 -22.60 -13.16
N LEU B 241 -20.30 -21.61 -12.41
CA LEU B 241 -20.10 -21.77 -10.98
C LEU B 241 -21.40 -22.06 -10.26
N ILE B 242 -21.35 -23.06 -9.37
CA ILE B 242 -22.50 -23.39 -8.55
C ILE B 242 -22.18 -22.95 -7.12
N SER B 243 -21.15 -23.53 -6.52
CA SER B 243 -20.83 -23.36 -5.12
C SER B 243 -19.33 -23.44 -4.90
N THR B 244 -18.91 -23.13 -3.67
CA THR B 244 -17.50 -23.15 -3.31
C THR B 244 -17.40 -23.66 -1.87
N MET B 245 -17.37 -24.97 -1.71
CA MET B 245 -17.33 -25.54 -0.36
C MET B 245 -15.92 -25.53 0.18
N GLN B 246 -15.69 -24.80 1.25
CA GLN B 246 -14.35 -24.78 1.82
C GLN B 246 -14.29 -25.70 3.02
N ILE B 247 -13.10 -26.20 3.29
CA ILE B 247 -12.81 -26.89 4.55
C ILE B 247 -11.58 -26.27 5.16
N LYS B 248 -11.60 -26.11 6.47
CA LYS B 248 -10.53 -25.45 7.20
C LYS B 248 -10.06 -26.39 8.30
N LEU B 249 -8.78 -26.34 8.63
CA LEU B 249 -8.27 -27.08 9.77
C LEU B 249 -7.83 -26.13 10.86
N TYR B 250 -8.70 -25.87 11.83
CA TYR B 250 -8.36 -24.91 12.88
C TYR B 250 -7.35 -25.50 13.85
N GLY B 251 -6.43 -24.65 14.29
CA GLY B 251 -5.40 -25.04 15.24
C GLY B 251 -4.01 -25.02 14.66
N ARG B 252 -3.33 -23.89 14.83
CA ARG B 252 -1.96 -23.72 14.35
C ARG B 252 -1.05 -24.56 15.25
N GLU B 253 0.26 -24.38 15.11
CA GLU B 253 1.23 -25.07 15.93
C GLU B 253 1.11 -24.65 17.39
N ASP B 254 0.55 -25.52 18.21
CA ASP B 254 0.52 -25.36 19.67
C ASP B 254 -0.39 -24.20 20.11
N LYS B 255 -1.69 -24.37 19.91
CA LYS B 255 -2.67 -23.38 20.33
C LYS B 255 -4.06 -23.96 20.29
N GLY B 256 -4.76 -23.95 21.43
CA GLY B 256 -6.12 -24.44 21.44
C GLY B 256 -6.18 -25.94 21.21
N THR B 257 -5.73 -26.71 22.21
CA THR B 257 -5.34 -28.12 22.08
C THR B 257 -6.11 -28.91 21.02
N GLY B 258 -7.39 -28.59 20.85
CA GLY B 258 -8.20 -29.26 19.84
C GLY B 258 -7.82 -28.94 18.41
N ARG B 259 -7.37 -29.95 17.68
CA ARG B 259 -7.02 -29.81 16.26
C ARG B 259 -8.17 -30.36 15.40
N THR B 260 -9.19 -29.53 15.23
CA THR B 260 -10.41 -29.98 14.60
C THR B 260 -10.66 -29.25 13.28
N ILE B 261 -11.71 -29.70 12.62
CA ILE B 261 -11.97 -29.36 11.23
C ILE B 261 -13.34 -28.72 11.19
N LYS B 262 -13.47 -27.64 10.45
CA LYS B 262 -14.77 -27.04 10.29
C LYS B 262 -15.09 -26.89 8.81
N ALA B 263 -16.32 -27.26 8.46
CA ALA B 263 -16.79 -27.13 7.10
C ALA B 263 -17.29 -25.71 6.91
N THR B 264 -17.37 -25.30 5.65
CA THR B 264 -17.93 -24.00 5.29
C THR B 264 -18.69 -24.17 3.99
N LEU B 265 -19.93 -23.74 3.99
CA LEU B 265 -20.87 -24.07 2.94
C LEU B 265 -21.36 -22.78 2.29
N PRO B 266 -22.29 -22.84 1.34
CA PRO B 266 -22.90 -21.61 0.86
C PRO B 266 -24.22 -21.34 1.56
N TYR B 267 -24.66 -20.08 1.48
CA TYR B 267 -25.89 -19.66 2.13
C TYR B 267 -25.85 -20.00 3.62
N VAL B 268 -24.70 -19.75 4.25
CA VAL B 268 -24.61 -19.67 5.69
C VAL B 268 -23.77 -18.45 6.03
N LYS B 269 -23.85 -18.03 7.28
CA LYS B 269 -23.06 -16.94 7.82
C LYS B 269 -22.08 -17.44 8.85
N GLN B 270 -21.90 -18.75 8.95
CA GLN B 270 -21.34 -19.33 10.16
C GLN B 270 -20.93 -20.76 9.84
N ASP B 271 -19.89 -21.21 10.53
CA ASP B 271 -19.15 -22.38 10.11
C ASP B 271 -19.58 -23.60 10.89
N ILE B 272 -19.41 -24.77 10.28
CA ILE B 272 -19.86 -26.01 10.92
C ILE B 272 -18.69 -26.96 11.12
N PRO B 273 -18.51 -27.52 12.31
CA PRO B 273 -17.58 -28.64 12.45
C PRO B 273 -18.13 -29.90 11.83
N ILE B 274 -17.23 -30.84 11.57
CA ILE B 274 -17.44 -31.76 10.46
C ILE B 274 -18.37 -32.89 10.85
N VAL B 275 -18.03 -33.62 11.90
CA VAL B 275 -18.77 -34.85 12.15
C VAL B 275 -20.23 -34.50 12.37
N ILE B 276 -20.51 -33.26 12.74
CA ILE B 276 -21.85 -32.73 12.57
C ILE B 276 -22.38 -33.05 11.19
N VAL B 277 -21.70 -32.57 10.15
CA VAL B 277 -22.26 -32.70 8.81
C VAL B 277 -22.23 -34.14 8.34
N PHE B 278 -21.26 -34.93 8.78
CA PHE B 278 -21.29 -36.33 8.38
C PHE B 278 -22.50 -37.02 8.97
N ARG B 279 -22.66 -36.98 10.29
CA ARG B 279 -23.86 -37.55 10.86
C ARG B 279 -25.11 -36.96 10.23
N ALA B 280 -25.04 -35.70 9.79
CA ALA B 280 -26.20 -35.06 9.20
C ALA B 280 -26.56 -35.68 7.87
N LEU B 281 -25.56 -36.04 7.09
CA LEU B 281 -25.90 -36.60 5.80
C LEU B 281 -26.13 -38.09 5.84
N GLY B 282 -26.18 -38.70 7.02
CA GLY B 282 -26.62 -40.07 7.07
C GLY B 282 -25.59 -41.09 7.50
N VAL B 283 -24.56 -40.67 8.22
CA VAL B 283 -23.67 -41.58 8.91
C VAL B 283 -23.67 -41.16 10.38
N VAL B 284 -24.62 -41.68 11.14
CA VAL B 284 -24.72 -41.26 12.53
C VAL B 284 -23.80 -42.07 13.44
N PRO B 285 -23.61 -43.38 13.28
CA PRO B 285 -22.67 -44.06 14.14
C PRO B 285 -21.24 -43.83 13.66
N ASP B 286 -20.39 -43.41 14.59
CA ASP B 286 -19.11 -42.86 14.15
C ASP B 286 -18.20 -43.94 13.59
N GLY B 287 -18.30 -45.16 14.10
CA GLY B 287 -17.48 -46.24 13.58
C GLY B 287 -17.52 -46.30 12.07
N GLU B 288 -18.72 -46.25 11.49
CA GLU B 288 -18.81 -46.20 10.05
C GLU B 288 -18.15 -44.94 9.50
N ILE B 289 -18.15 -43.85 10.25
CA ILE B 289 -17.53 -42.64 9.73
C ILE B 289 -16.04 -42.82 9.58
N LEU B 290 -15.35 -43.19 10.65
CA LEU B 290 -13.93 -43.46 10.52
C LEU B 290 -13.66 -44.55 9.52
N GLN B 291 -14.62 -45.44 9.29
CA GLN B 291 -14.45 -46.39 8.22
C GLN B 291 -14.42 -45.68 6.87
N HIS B 292 -15.39 -44.80 6.65
CA HIS B 292 -15.42 -44.00 5.43
C HIS B 292 -14.12 -43.24 5.22
N ILE B 293 -13.54 -42.69 6.27
CA ILE B 293 -12.37 -41.85 6.07
C ILE B 293 -11.07 -42.63 6.13
N CYS B 294 -10.76 -43.20 7.30
CA CYS B 294 -9.47 -43.84 7.49
C CYS B 294 -9.30 -44.99 6.51
N TYR B 295 -8.14 -45.03 5.86
CA TYR B 295 -7.83 -46.09 4.92
C TYR B 295 -6.61 -46.91 5.35
N ASP B 296 -5.86 -46.42 6.34
CA ASP B 296 -4.77 -47.18 6.96
C ASP B 296 -5.06 -47.28 8.45
N GLU B 297 -5.35 -48.48 8.92
CA GLU B 297 -5.80 -48.64 10.29
C GLU B 297 -4.70 -48.41 11.31
N ASN B 298 -3.45 -48.67 10.98
CA ASN B 298 -2.36 -48.38 11.91
C ASN B 298 -2.02 -46.91 11.98
N ASP B 299 -2.46 -46.12 11.01
CA ASP B 299 -2.13 -44.71 10.92
C ASP B 299 -2.72 -44.01 12.13
N TRP B 300 -2.15 -44.35 13.28
CA TRP B 300 -2.67 -43.89 14.55
C TRP B 300 -2.67 -42.39 14.68
N GLN B 301 -1.82 -41.68 13.95
CA GLN B 301 -1.83 -40.22 14.00
C GLN B 301 -3.09 -39.66 13.36
N MET B 302 -3.52 -40.29 12.26
CA MET B 302 -4.79 -39.93 11.66
C MET B 302 -5.90 -39.98 12.70
N LEU B 303 -6.04 -41.14 13.36
CA LEU B 303 -7.00 -41.24 14.45
C LEU B 303 -6.71 -40.22 15.52
N GLU B 304 -5.44 -39.89 15.71
CA GLU B 304 -5.05 -39.13 16.89
C GLU B 304 -5.40 -37.67 16.71
N MET B 305 -5.52 -37.22 15.47
CA MET B 305 -6.05 -35.90 15.24
C MET B 305 -7.54 -35.95 14.92
N LEU B 306 -8.07 -37.14 14.63
CA LEU B 306 -9.52 -37.30 14.48
C LEU B 306 -10.24 -37.11 15.80
N LYS B 307 -9.87 -37.89 16.81
CA LYS B 307 -10.60 -38.00 18.07
C LYS B 307 -11.05 -36.65 18.60
N PRO B 308 -10.27 -35.57 18.45
CA PRO B 308 -10.86 -34.24 18.67
C PRO B 308 -12.19 -34.05 17.97
N CYS B 309 -12.26 -34.28 16.67
CA CYS B 309 -13.49 -33.99 15.95
C CYS B 309 -14.62 -34.90 16.39
N ILE B 310 -14.35 -36.21 16.48
CA ILE B 310 -15.40 -37.14 16.90
C ILE B 310 -15.97 -36.70 18.24
N GLU B 311 -15.11 -36.51 19.22
CA GLU B 311 -15.62 -36.30 20.57
C GLU B 311 -16.17 -34.90 20.75
N GLU B 312 -15.89 -33.98 19.83
CA GLU B 312 -16.56 -32.68 19.97
C GLU B 312 -17.89 -32.66 19.24
N GLY B 313 -18.02 -33.45 18.19
CA GLY B 313 -19.32 -33.54 17.56
C GLY B 313 -20.20 -34.58 18.22
N PHE B 314 -19.66 -35.31 19.20
CA PHE B 314 -20.43 -36.35 19.88
C PHE B 314 -21.70 -35.82 20.54
N VAL B 315 -21.77 -34.52 20.80
CA VAL B 315 -22.96 -33.96 21.43
C VAL B 315 -24.21 -34.05 20.58
N ILE B 316 -24.10 -34.55 19.35
CA ILE B 316 -25.24 -34.70 18.44
C ILE B 316 -25.24 -36.13 17.95
N GLN B 317 -26.13 -36.95 18.49
CA GLN B 317 -26.02 -38.39 18.29
C GLN B 317 -27.07 -38.95 17.33
N ASP B 318 -27.78 -38.10 16.60
CA ASP B 318 -28.77 -38.59 15.65
C ASP B 318 -28.99 -37.50 14.60
N LYS B 319 -29.98 -37.74 13.74
CA LYS B 319 -30.07 -37.00 12.48
C LYS B 319 -30.63 -35.61 12.65
N GLU B 320 -31.87 -35.52 13.11
CA GLU B 320 -32.60 -34.29 12.91
C GLU B 320 -32.16 -33.16 13.81
N VAL B 321 -31.60 -33.44 14.99
CA VAL B 321 -31.02 -32.32 15.73
C VAL B 321 -29.75 -31.86 15.06
N ALA B 322 -29.12 -32.72 14.26
CA ALA B 322 -28.00 -32.25 13.47
C ALA B 322 -28.48 -31.30 12.37
N LEU B 323 -29.48 -31.74 11.60
CA LEU B 323 -30.06 -30.85 10.61
C LEU B 323 -30.50 -29.54 11.25
N ASP B 324 -31.04 -29.61 12.46
CA ASP B 324 -31.42 -28.41 13.15
C ASP B 324 -30.23 -27.57 13.54
N PHE B 325 -29.14 -28.19 14.01
CA PHE B 325 -27.99 -27.39 14.36
C PHE B 325 -27.45 -26.69 13.14
N ILE B 326 -27.69 -27.26 11.97
CA ILE B 326 -27.37 -26.56 10.74
C ILE B 326 -28.31 -25.38 10.51
N GLY B 327 -29.62 -25.63 10.49
CA GLY B 327 -30.58 -24.56 10.29
C GLY B 327 -30.44 -23.44 11.29
N ARG B 328 -29.98 -23.75 12.50
CA ARG B 328 -29.70 -22.72 13.50
C ARG B 328 -28.64 -21.75 13.00
N ARG B 329 -27.96 -22.09 11.92
CA ARG B 329 -27.18 -21.14 11.16
C ARG B 329 -27.74 -20.95 9.75
N GLY B 330 -28.15 -22.05 9.14
CA GLY B 330 -28.35 -22.10 7.71
C GLY B 330 -29.52 -21.28 7.19
N SER B 331 -29.40 -19.97 7.26
CA SER B 331 -30.36 -19.02 6.70
C SER B 331 -31.80 -19.35 7.05
N ALA B 332 -32.01 -20.21 8.04
CA ALA B 332 -33.37 -20.52 8.48
C ALA B 332 -33.90 -19.34 9.28
N ALA B 333 -34.84 -18.61 8.70
CA ALA B 333 -35.45 -17.50 9.40
C ALA B 333 -36.11 -18.03 10.68
N LEU B 334 -35.81 -17.36 11.78
CA LEU B 334 -36.31 -17.80 13.07
C LEU B 334 -37.83 -17.91 13.02
N GLY B 335 -38.37 -18.82 13.83
CA GLY B 335 -39.78 -19.14 13.82
C GLY B 335 -40.16 -20.25 12.88
N ILE B 336 -39.45 -20.40 11.77
CA ILE B 336 -39.59 -21.59 10.93
C ILE B 336 -39.55 -22.79 11.86
N ARG B 337 -40.63 -23.57 11.88
CA ARG B 337 -40.75 -24.60 12.89
C ARG B 337 -39.66 -25.65 12.69
N ARG B 338 -39.48 -26.48 13.73
CA ARG B 338 -38.36 -27.39 13.73
C ARG B 338 -38.39 -28.33 12.53
N GLU B 339 -39.53 -28.94 12.24
CA GLU B 339 -39.57 -29.80 11.07
C GLU B 339 -39.42 -29.00 9.78
N LYS B 340 -39.93 -27.76 9.72
CA LYS B 340 -39.66 -26.92 8.57
C LYS B 340 -38.20 -26.50 8.47
N ARG B 341 -37.57 -26.12 9.59
CA ARG B 341 -36.16 -25.81 9.57
C ARG B 341 -35.36 -26.99 9.05
N ILE B 342 -35.74 -28.20 9.47
CA ILE B 342 -35.08 -29.40 9.02
C ILE B 342 -35.32 -29.65 7.54
N GLN B 343 -36.52 -29.35 7.06
CA GLN B 343 -36.73 -29.41 5.62
C GLN B 343 -35.79 -28.48 4.89
N TYR B 344 -35.57 -27.29 5.46
CA TYR B 344 -34.68 -26.34 4.80
C TYR B 344 -33.24 -26.82 4.81
N ALA B 345 -32.78 -27.35 5.93
CA ALA B 345 -31.46 -27.97 5.96
C ALA B 345 -31.35 -29.03 4.87
N LYS B 346 -32.31 -29.96 4.83
CA LYS B 346 -32.33 -30.89 3.72
C LYS B 346 -32.22 -30.20 2.37
N ASP B 347 -32.77 -29.01 2.25
CA ASP B 347 -32.63 -28.29 0.99
C ASP B 347 -31.19 -27.88 0.71
N ILE B 348 -30.56 -27.09 1.59
CA ILE B 348 -29.20 -26.66 1.30
C ILE B 348 -28.25 -27.84 1.12
N LEU B 349 -28.45 -28.93 1.86
CA LEU B 349 -27.65 -30.12 1.66
C LEU B 349 -28.28 -31.06 0.65
N GLN B 350 -29.26 -30.60 -0.11
CA GLN B 350 -29.68 -31.29 -1.31
C GLN B 350 -29.02 -30.66 -2.53
N LYS B 351 -29.32 -29.41 -2.79
CA LYS B 351 -28.61 -28.64 -3.78
C LYS B 351 -27.35 -28.12 -3.11
N GLU B 352 -26.73 -27.12 -3.72
CA GLU B 352 -25.91 -26.11 -3.05
C GLU B 352 -24.88 -26.69 -2.10
N LEU B 353 -24.53 -27.96 -2.23
CA LEU B 353 -23.44 -28.55 -1.48
C LEU B 353 -23.11 -29.88 -2.12
N LEU B 354 -21.91 -29.97 -2.64
CA LEU B 354 -21.56 -31.07 -3.52
C LEU B 354 -22.58 -31.18 -4.63
N PRO B 355 -22.83 -30.11 -5.38
CA PRO B 355 -23.84 -30.22 -6.43
C PRO B 355 -23.48 -31.23 -7.48
N HIS B 356 -22.33 -31.07 -8.13
CA HIS B 356 -22.16 -31.68 -9.43
C HIS B 356 -22.14 -33.19 -9.37
N ILE B 357 -21.91 -33.78 -8.20
CA ILE B 357 -21.89 -35.23 -8.11
C ILE B 357 -23.22 -35.80 -8.53
N THR B 358 -24.28 -35.40 -7.84
CA THR B 358 -25.63 -35.88 -8.11
C THR B 358 -26.61 -35.02 -7.34
N GLN B 359 -27.73 -34.71 -7.98
CA GLN B 359 -28.74 -33.85 -7.38
C GLN B 359 -30.07 -34.54 -7.14
N GLU B 360 -30.27 -35.72 -7.68
CA GLU B 360 -31.34 -36.58 -7.19
C GLU B 360 -30.99 -37.02 -5.78
N GLU B 361 -31.99 -37.55 -5.07
CA GLU B 361 -31.73 -38.10 -3.75
C GLU B 361 -31.90 -39.62 -3.77
N GLY B 362 -31.61 -40.25 -2.63
CA GLY B 362 -31.12 -41.60 -2.63
C GLY B 362 -29.64 -41.66 -2.94
N PHE B 363 -28.99 -40.51 -3.01
CA PHE B 363 -27.60 -40.40 -3.39
C PHE B 363 -26.85 -39.49 -2.43
N GLU B 364 -27.12 -39.64 -1.14
CA GLU B 364 -26.23 -39.02 -0.16
C GLU B 364 -24.97 -39.86 0.04
N THR B 365 -25.04 -41.15 -0.27
CA THR B 365 -23.87 -42.02 -0.17
C THR B 365 -22.71 -41.44 -0.94
N ARG B 366 -22.97 -40.96 -2.15
CA ARG B 366 -21.88 -40.53 -3.00
C ARG B 366 -21.31 -39.22 -2.50
N LYS B 367 -22.18 -38.30 -2.10
CA LYS B 367 -21.72 -37.08 -1.43
C LYS B 367 -20.84 -37.42 -0.24
N THR B 368 -21.23 -38.44 0.52
CA THR B 368 -20.43 -38.78 1.68
C THR B 368 -19.05 -39.26 1.29
N PHE B 369 -18.96 -40.32 0.50
CA PHE B 369 -17.63 -40.80 0.17
C PHE B 369 -16.78 -39.73 -0.46
N PHE B 370 -17.37 -38.78 -1.15
CA PHE B 370 -16.53 -37.74 -1.72
C PHE B 370 -16.04 -36.78 -0.65
N LEU B 371 -16.88 -36.48 0.33
CA LEU B 371 -16.29 -35.82 1.48
C LEU B 371 -15.12 -36.62 1.98
N GLY B 372 -15.34 -37.91 2.17
CA GLY B 372 -14.32 -38.74 2.75
C GLY B 372 -13.01 -38.56 2.05
N TYR B 373 -13.06 -38.48 0.74
CA TYR B 373 -11.83 -38.15 0.03
C TYR B 373 -11.32 -36.80 0.49
N MET B 374 -12.19 -35.79 0.58
CA MET B 374 -11.64 -34.46 0.89
C MET B 374 -10.93 -34.46 2.22
N VAL B 375 -11.52 -35.12 3.20
CA VAL B 375 -10.89 -35.19 4.50
C VAL B 375 -9.57 -35.95 4.43
N ASN B 376 -9.59 -37.13 3.80
CA ASN B 376 -8.37 -37.90 3.72
C ASN B 376 -7.25 -37.08 3.14
N ARG B 377 -7.60 -36.23 2.19
CA ARG B 377 -6.55 -35.42 1.58
C ARG B 377 -6.11 -34.33 2.53
N LEU B 378 -7.05 -33.69 3.21
CA LEU B 378 -6.63 -32.63 4.09
C LEU B 378 -5.72 -33.15 5.18
N LEU B 379 -5.94 -34.40 5.59
CA LEU B 379 -5.05 -35.00 6.58
C LEU B 379 -3.72 -35.41 5.98
N LEU B 380 -3.71 -35.93 4.76
CA LEU B 380 -2.42 -36.25 4.18
C LEU B 380 -1.62 -35.01 3.90
N CYS B 381 -2.23 -33.83 3.96
CA CYS B 381 -1.39 -32.65 3.75
C CYS B 381 -1.14 -31.85 5.01
N ALA B 382 -1.94 -32.03 6.06
CA ALA B 382 -1.55 -31.39 7.30
C ALA B 382 -0.38 -32.09 7.97
N LEU B 383 -0.28 -33.40 7.82
CA LEU B 383 0.83 -34.16 8.38
C LEU B 383 2.07 -34.08 7.51
N GLU B 384 2.02 -33.34 6.42
CA GLU B 384 3.16 -33.15 5.52
C GLU B 384 3.65 -34.48 4.95
N ARG B 385 2.77 -35.47 4.97
CA ARG B 385 3.02 -36.76 4.33
C ARG B 385 2.76 -36.71 2.84
N LYS B 386 2.44 -35.53 2.33
CA LYS B 386 2.22 -35.25 0.92
C LYS B 386 2.23 -33.74 0.77
N ASP B 387 2.97 -33.29 -0.23
CA ASP B 387 3.17 -31.87 -0.39
C ASP B 387 1.85 -31.17 -0.69
N GLN B 388 1.81 -29.89 -0.35
CA GLN B 388 0.68 -29.07 -0.74
C GLN B 388 0.63 -29.00 -2.25
N ASP B 389 -0.57 -28.79 -2.78
CA ASP B 389 -0.65 -28.57 -4.21
C ASP B 389 -0.51 -27.10 -4.55
N ASP B 390 0.14 -26.85 -5.68
CA ASP B 390 0.64 -25.52 -5.99
C ASP B 390 -0.15 -24.95 -7.14
N ARG B 391 -0.31 -23.63 -7.11
CA ARG B 391 -1.31 -23.00 -7.94
C ARG B 391 -0.97 -22.99 -9.41
N ASP B 392 0.27 -22.76 -9.78
CA ASP B 392 0.57 -22.46 -11.18
C ASP B 392 0.55 -23.69 -12.06
N HIS B 393 0.28 -24.86 -11.50
CA HIS B 393 0.34 -26.09 -12.28
C HIS B 393 -0.62 -25.95 -13.45
N PHE B 394 -0.09 -25.95 -14.67
CA PHE B 394 -0.96 -25.62 -15.79
C PHE B 394 -1.88 -26.77 -16.16
N GLY B 395 -1.58 -27.99 -15.72
CA GLY B 395 -2.50 -29.08 -15.98
C GLY B 395 -3.78 -28.97 -15.18
N LYS B 396 -3.73 -28.29 -14.04
CA LYS B 396 -4.93 -28.04 -13.25
C LYS B 396 -5.51 -26.69 -13.52
N LYS B 397 -5.46 -26.21 -14.76
CA LYS B 397 -6.30 -25.09 -15.14
C LYS B 397 -7.11 -25.50 -16.34
N ARG B 398 -7.83 -24.52 -16.85
CA ARG B 398 -8.66 -24.71 -18.03
C ARG B 398 -8.58 -23.43 -18.82
N LEU B 399 -8.90 -23.50 -20.10
CA LEU B 399 -9.12 -22.29 -20.84
C LEU B 399 -10.54 -22.25 -21.33
N ASP B 400 -11.07 -21.03 -21.44
CA ASP B 400 -12.42 -20.79 -21.90
C ASP B 400 -12.35 -19.94 -23.16
N LEU B 401 -12.81 -20.48 -24.26
CA LEU B 401 -12.66 -19.88 -25.57
C LEU B 401 -13.84 -18.95 -25.85
N ALA B 402 -14.08 -18.66 -27.13
CA ALA B 402 -15.34 -18.07 -27.51
C ALA B 402 -16.52 -18.93 -27.11
N GLY B 403 -16.36 -20.25 -27.13
CA GLY B 403 -17.48 -21.15 -26.91
C GLY B 403 -18.16 -20.94 -25.59
N PRO B 404 -17.60 -21.47 -24.51
CA PRO B 404 -18.23 -21.28 -23.20
C PRO B 404 -18.46 -19.84 -22.84
N LEU B 405 -17.72 -18.90 -23.40
CA LEU B 405 -17.99 -17.50 -23.07
C LEU B 405 -19.33 -17.04 -23.61
N LEU B 406 -19.59 -17.26 -24.89
CA LEU B 406 -20.93 -16.97 -25.34
C LEU B 406 -21.93 -17.85 -24.63
N ALA B 407 -21.57 -19.08 -24.29
CA ALA B 407 -22.54 -19.92 -23.59
C ALA B 407 -23.04 -19.24 -22.34
N ASN B 408 -22.13 -18.67 -21.54
CA ASN B 408 -22.59 -18.04 -20.30
C ASN B 408 -23.31 -16.73 -20.57
N LEU B 409 -22.74 -15.86 -21.38
CA LEU B 409 -23.43 -14.59 -21.53
C LEU B 409 -24.79 -14.80 -22.17
N PHE B 410 -24.97 -15.90 -22.86
CA PHE B 410 -26.24 -16.14 -23.50
C PHE B 410 -27.22 -16.77 -22.54
N ARG B 411 -26.77 -17.69 -21.69
CA ARG B 411 -27.65 -18.13 -20.61
C ARG B 411 -28.20 -16.95 -19.84
N ILE B 412 -27.34 -16.02 -19.47
CA ILE B 412 -27.80 -14.92 -18.63
C ILE B 412 -28.80 -14.05 -19.37
N LEU B 413 -28.43 -13.53 -20.53
CA LEU B 413 -29.43 -12.67 -21.12
C LEU B 413 -30.68 -13.42 -21.54
N PHE B 414 -30.60 -14.72 -21.72
CA PHE B 414 -31.80 -15.46 -22.02
C PHE B 414 -32.74 -15.49 -20.84
N ARG B 415 -32.19 -15.61 -19.63
CA ARG B 415 -33.04 -15.47 -18.45
C ARG B 415 -33.66 -14.08 -18.39
N LYS B 416 -32.90 -13.05 -18.74
CA LYS B 416 -33.48 -11.72 -18.59
C LYS B 416 -34.63 -11.52 -19.55
N LEU B 417 -34.48 -12.03 -20.76
CA LEU B 417 -35.62 -12.07 -21.67
C LEU B 417 -36.78 -12.81 -21.05
N THR B 418 -36.52 -13.95 -20.44
CA THR B 418 -37.64 -14.74 -19.94
C THR B 418 -38.34 -14.05 -18.78
N ARG B 419 -37.60 -13.27 -18.00
CA ARG B 419 -38.31 -12.45 -17.02
C ARG B 419 -39.18 -11.39 -17.65
N GLU B 420 -38.75 -10.75 -18.74
CA GLU B 420 -39.71 -9.82 -19.35
C GLU B 420 -40.92 -10.55 -19.90
N ILE B 421 -40.71 -11.71 -20.50
CA ILE B 421 -41.86 -12.41 -21.07
C ILE B 421 -42.76 -12.94 -19.98
N TYR B 422 -42.21 -13.27 -18.82
CA TYR B 422 -43.07 -13.64 -17.72
C TYR B 422 -43.88 -12.45 -17.26
N ARG B 423 -43.26 -11.27 -17.24
CA ARG B 423 -44.04 -10.05 -17.01
C ARG B 423 -45.19 -9.93 -17.98
N TYR B 424 -44.89 -9.97 -19.27
CA TYR B 424 -45.91 -9.76 -20.28
C TYR B 424 -46.96 -10.86 -20.26
N MET B 425 -46.67 -12.00 -19.66
CA MET B 425 -47.73 -12.92 -19.34
C MET B 425 -48.72 -12.30 -18.37
N GLN B 426 -48.22 -11.80 -17.25
CA GLN B 426 -49.06 -11.30 -16.18
C GLN B 426 -49.67 -9.95 -16.47
N ARG B 427 -49.94 -9.62 -17.73
CA ARG B 427 -50.95 -8.62 -18.03
C ARG B 427 -52.00 -9.13 -19.00
N CYS B 428 -51.60 -9.79 -20.08
CA CYS B 428 -52.54 -10.24 -21.09
C CYS B 428 -53.22 -11.53 -20.72
N ILE B 429 -53.17 -11.91 -19.46
CA ILE B 429 -53.94 -13.05 -18.98
C ILE B 429 -54.99 -12.55 -18.00
N GLU B 430 -54.68 -11.50 -17.26
CA GLU B 430 -55.69 -10.88 -16.42
C GLU B 430 -56.70 -10.11 -17.27
N THR B 431 -56.21 -9.18 -18.10
CA THR B 431 -57.06 -8.60 -19.13
C THR B 431 -57.44 -9.63 -20.18
N ASP B 432 -56.97 -10.86 -20.02
CA ASP B 432 -57.42 -12.04 -20.77
C ASP B 432 -57.31 -11.80 -22.27
N ARG B 433 -56.10 -11.42 -22.68
CA ARG B 433 -55.80 -11.06 -24.05
C ARG B 433 -54.96 -12.15 -24.70
N ASP B 434 -55.51 -12.77 -25.74
CA ASP B 434 -54.80 -13.83 -26.45
C ASP B 434 -53.58 -13.27 -27.13
N PHE B 435 -52.53 -12.99 -26.35
CA PHE B 435 -51.37 -12.28 -26.84
C PHE B 435 -50.71 -13.00 -28.01
N ASN B 436 -49.99 -12.21 -28.82
CA ASN B 436 -49.61 -12.65 -30.16
C ASN B 436 -48.25 -13.32 -30.20
N LEU B 437 -47.39 -13.09 -29.22
CA LEU B 437 -46.04 -13.66 -29.17
C LEU B 437 -45.16 -13.15 -30.30
N ASN B 438 -45.73 -12.35 -31.18
CA ASN B 438 -44.94 -11.68 -32.18
C ASN B 438 -44.52 -10.29 -31.74
N LEU B 439 -45.28 -9.70 -30.83
CA LEU B 439 -44.93 -8.40 -30.27
C LEU B 439 -44.44 -8.56 -28.84
N ALA B 440 -44.40 -9.78 -28.34
CA ALA B 440 -44.16 -10.08 -26.95
C ALA B 440 -42.70 -10.30 -26.62
N VAL B 441 -41.82 -10.27 -27.60
CA VAL B 441 -40.41 -10.57 -27.42
C VAL B 441 -39.61 -9.34 -27.81
N LYS B 442 -39.25 -8.52 -26.83
CA LYS B 442 -38.51 -7.31 -27.14
C LYS B 442 -37.12 -7.75 -27.57
N SER B 443 -36.99 -8.10 -28.85
CA SER B 443 -35.74 -8.63 -29.36
C SER B 443 -34.64 -7.61 -29.34
N THR B 444 -34.87 -6.46 -28.74
CA THR B 444 -33.74 -5.61 -28.41
C THR B 444 -32.95 -6.17 -27.25
N THR B 445 -33.52 -7.12 -26.50
CA THR B 445 -32.86 -7.61 -25.29
C THR B 445 -31.52 -8.20 -25.64
N ILE B 446 -31.55 -9.35 -26.31
CA ILE B 446 -30.33 -10.08 -26.57
C ILE B 446 -29.43 -9.30 -27.50
N THR B 447 -29.98 -8.53 -28.41
CA THR B 447 -29.14 -7.80 -29.36
C THR B 447 -28.35 -6.71 -28.67
N SER B 448 -29.00 -5.75 -28.03
CA SER B 448 -28.20 -4.73 -27.36
C SER B 448 -27.35 -5.36 -26.28
N GLY B 449 -27.80 -6.47 -25.70
CA GLY B 449 -26.97 -7.16 -24.75
C GLY B 449 -25.64 -7.60 -25.34
N LEU B 450 -25.67 -8.49 -26.33
CA LEU B 450 -24.44 -8.98 -26.93
C LEU B 450 -23.63 -7.85 -27.54
N LYS B 451 -24.27 -6.96 -28.26
CA LYS B 451 -23.51 -5.93 -28.94
C LYS B 451 -22.79 -5.03 -27.96
N TYR B 452 -23.41 -4.71 -26.82
CA TYR B 452 -22.66 -3.91 -25.87
C TYR B 452 -21.63 -4.75 -25.14
N SER B 453 -21.95 -6.00 -24.88
CA SER B 453 -20.97 -6.87 -24.29
C SER B 453 -19.70 -6.97 -25.11
N LEU B 454 -19.78 -6.77 -26.42
CA LEU B 454 -18.57 -6.85 -27.22
C LEU B 454 -18.02 -5.49 -27.61
N ALA B 455 -18.82 -4.43 -27.54
CA ALA B 455 -18.36 -3.14 -28.06
C ALA B 455 -17.27 -2.56 -27.19
N THR B 456 -17.40 -2.70 -25.89
CA THR B 456 -16.33 -2.38 -24.96
C THR B 456 -15.92 -3.58 -24.14
N GLY B 457 -16.66 -4.68 -24.23
CA GLY B 457 -16.20 -5.87 -23.58
C GLY B 457 -16.32 -5.86 -22.08
N ASN B 458 -16.94 -4.85 -21.48
CA ASN B 458 -17.20 -5.00 -20.07
C ASN B 458 -18.10 -6.21 -19.95
N TRP B 459 -17.50 -7.37 -19.86
CA TRP B 459 -18.17 -8.63 -20.15
C TRP B 459 -19.22 -8.89 -19.09
N GLY B 460 -20.42 -8.43 -19.36
CA GLY B 460 -21.49 -8.41 -18.40
C GLY B 460 -22.57 -7.50 -18.94
N GLU B 461 -23.66 -7.39 -18.19
CA GLU B 461 -24.77 -6.56 -18.63
C GLU B 461 -24.42 -5.09 -18.51
N GLN B 462 -25.13 -4.25 -19.26
CA GLN B 462 -24.75 -2.84 -19.36
C GLN B 462 -24.84 -2.12 -18.03
N LYS B 463 -25.79 -2.49 -17.19
CA LYS B 463 -25.99 -1.74 -15.95
C LYS B 463 -25.01 -2.13 -14.87
N LYS B 464 -24.17 -3.13 -15.11
CA LYS B 464 -23.28 -3.67 -14.09
C LYS B 464 -21.86 -3.61 -14.57
N ALA B 465 -21.45 -2.42 -15.04
CA ALA B 465 -20.08 -2.22 -15.50
C ALA B 465 -19.08 -2.77 -14.49
N MET B 466 -19.04 -2.19 -13.30
CA MET B 466 -18.17 -2.71 -12.27
C MET B 466 -18.74 -4.04 -11.75
N SER B 467 -17.96 -4.70 -10.90
CA SER B 467 -18.23 -6.08 -10.49
C SER B 467 -18.36 -6.99 -11.71
N SER B 468 -17.59 -6.70 -12.74
CA SER B 468 -17.66 -7.45 -13.98
C SER B 468 -16.27 -7.58 -14.58
N ARG B 469 -15.99 -8.75 -15.16
CA ARG B 469 -14.67 -9.11 -15.68
C ARG B 469 -14.37 -8.26 -16.91
N ALA B 470 -13.53 -7.25 -16.75
CA ALA B 470 -13.44 -6.23 -17.77
C ALA B 470 -12.46 -6.64 -18.85
N GLY B 471 -12.59 -6.01 -20.02
CA GLY B 471 -11.63 -6.19 -21.10
C GLY B 471 -11.53 -7.62 -21.56
N VAL B 472 -12.50 -8.11 -22.30
CA VAL B 472 -12.48 -9.50 -22.73
C VAL B 472 -12.62 -9.61 -24.24
N SER B 473 -13.12 -8.57 -24.87
CA SER B 473 -12.97 -8.45 -26.30
C SER B 473 -12.02 -7.32 -26.64
N GLN B 474 -11.18 -7.53 -27.64
CA GLN B 474 -10.21 -6.52 -28.02
C GLN B 474 -10.33 -6.20 -29.51
N VAL B 475 -9.80 -5.03 -29.88
CA VAL B 475 -9.82 -4.57 -31.26
C VAL B 475 -8.70 -5.25 -32.03
N LEU B 476 -9.04 -6.24 -32.84
CA LEU B 476 -8.03 -7.09 -33.46
C LEU B 476 -7.07 -6.26 -34.28
N ASN B 477 -5.79 -6.39 -34.00
CA ASN B 477 -4.82 -5.40 -34.43
C ASN B 477 -4.17 -5.81 -35.74
N ARG B 478 -4.37 -4.99 -36.76
CA ARG B 478 -3.88 -5.25 -38.10
C ARG B 478 -2.73 -4.32 -38.41
N TYR B 479 -1.80 -4.15 -37.50
CA TYR B 479 -0.70 -3.29 -37.89
C TYR B 479 0.39 -4.07 -38.60
N THR B 480 0.22 -5.38 -38.72
CA THR B 480 1.08 -6.26 -39.48
C THR B 480 0.44 -7.63 -39.50
N TYR B 481 1.02 -8.57 -40.23
CA TYR B 481 0.42 -9.89 -40.17
C TYR B 481 0.85 -10.66 -38.93
N SER B 482 2.03 -10.38 -38.41
CA SER B 482 2.46 -11.12 -37.24
C SER B 482 1.56 -10.84 -36.05
N SER B 483 1.21 -9.58 -35.85
CA SER B 483 0.34 -9.25 -34.73
C SER B 483 -0.94 -10.03 -34.85
N THR B 484 -1.68 -9.78 -35.93
CA THR B 484 -2.93 -10.48 -36.14
C THR B 484 -2.80 -11.97 -35.93
N LEU B 485 -1.62 -12.55 -36.15
CA LEU B 485 -1.51 -13.92 -35.68
C LEU B 485 -1.50 -14.03 -34.17
N SER B 486 -0.52 -13.43 -33.50
CA SER B 486 -0.50 -13.55 -32.03
C SER B 486 -1.87 -13.28 -31.47
N HIS B 487 -2.45 -12.17 -31.88
CA HIS B 487 -3.52 -11.53 -31.17
C HIS B 487 -4.82 -12.29 -31.30
N LEU B 488 -4.82 -13.36 -32.09
CA LEU B 488 -5.92 -14.31 -32.10
C LEU B 488 -5.76 -15.41 -31.07
N ARG B 489 -4.56 -15.55 -30.54
CA ARG B 489 -4.25 -16.63 -29.63
C ARG B 489 -4.04 -16.14 -28.21
N ARG B 490 -3.87 -14.84 -28.02
CA ARG B 490 -3.37 -14.33 -26.76
C ARG B 490 -4.28 -14.76 -25.64
N THR B 491 -3.71 -15.16 -24.51
CA THR B 491 -4.52 -15.49 -23.35
C THR B 491 -4.21 -14.57 -22.18
N ASN B 492 -5.25 -14.29 -21.42
CA ASN B 492 -5.15 -13.41 -20.28
C ASN B 492 -5.45 -14.26 -19.06
N THR B 493 -5.36 -13.64 -17.89
CA THR B 493 -5.76 -14.33 -16.67
C THR B 493 -6.16 -13.30 -15.62
N PRO B 494 -7.36 -13.36 -15.13
CA PRO B 494 -7.90 -12.23 -14.40
C PRO B 494 -7.46 -12.31 -12.95
N ILE B 495 -6.23 -12.77 -12.72
CA ILE B 495 -5.75 -12.78 -11.35
C ILE B 495 -5.70 -11.36 -10.83
N GLY B 496 -5.97 -10.39 -11.70
CA GLY B 496 -5.99 -9.01 -11.34
C GLY B 496 -4.60 -8.59 -11.00
N ARG B 497 -4.43 -7.35 -10.58
CA ARG B 497 -3.12 -6.88 -10.20
C ARG B 497 -3.12 -6.39 -8.77
N ASP B 498 -4.23 -6.60 -8.05
CA ASP B 498 -4.27 -6.59 -6.58
C ASP B 498 -3.72 -7.92 -6.11
N GLY B 499 -2.43 -7.93 -5.81
CA GLY B 499 -1.65 -9.14 -5.60
C GLY B 499 -0.55 -9.22 -6.63
N LYS B 500 0.54 -8.52 -6.34
CA LYS B 500 1.78 -8.62 -7.08
C LYS B 500 2.66 -9.69 -6.49
N LEU B 501 2.10 -10.52 -5.62
CA LEU B 501 2.74 -11.77 -5.26
C LEU B 501 3.33 -12.38 -6.53
N ALA B 502 4.64 -12.41 -6.58
CA ALA B 502 5.33 -12.69 -7.83
C ALA B 502 5.32 -14.16 -8.19
N LYS B 503 4.36 -14.91 -7.72
CA LYS B 503 4.27 -16.32 -8.07
C LYS B 503 3.55 -16.58 -9.39
N PRO B 504 2.36 -16.02 -9.63
CA PRO B 504 1.66 -16.35 -10.87
C PRO B 504 2.36 -15.82 -12.10
N ARG B 505 3.45 -15.10 -11.96
CA ARG B 505 4.12 -14.55 -13.12
C ARG B 505 5.28 -15.39 -13.60
N GLN B 506 5.85 -16.25 -12.77
CA GLN B 506 7.03 -16.98 -13.18
C GLN B 506 6.67 -18.22 -13.99
N LEU B 507 7.49 -18.51 -14.99
CA LEU B 507 7.11 -19.52 -15.96
C LEU B 507 7.18 -20.88 -15.29
N HIS B 508 6.17 -21.17 -14.50
CA HIS B 508 6.15 -22.43 -13.77
C HIS B 508 6.24 -23.62 -14.70
N ASN B 509 6.92 -24.65 -14.24
CA ASN B 509 7.61 -25.60 -15.11
C ASN B 509 6.72 -26.49 -15.90
N THR B 510 5.41 -26.32 -15.87
CA THR B 510 4.68 -27.16 -16.79
C THR B 510 4.41 -26.46 -18.09
N HIS B 511 4.96 -25.29 -18.28
CA HIS B 511 4.73 -24.65 -19.55
C HIS B 511 5.65 -25.16 -20.63
N TRP B 512 6.17 -26.36 -20.50
CA TRP B 512 6.93 -26.97 -21.58
C TRP B 512 5.97 -27.41 -22.65
N GLY B 513 5.78 -26.57 -23.64
CA GLY B 513 5.05 -26.99 -24.82
C GLY B 513 3.58 -26.67 -24.80
N LEU B 514 3.10 -26.03 -23.75
CA LEU B 514 1.71 -25.65 -23.72
C LEU B 514 1.51 -24.15 -23.81
N VAL B 515 2.52 -23.37 -23.47
CA VAL B 515 2.54 -21.95 -23.81
C VAL B 515 3.96 -21.63 -24.24
N CYS B 516 4.24 -20.37 -24.50
CA CYS B 516 5.48 -19.95 -25.14
C CYS B 516 6.38 -19.22 -24.18
N PRO B 517 7.65 -19.61 -24.06
CA PRO B 517 8.56 -18.88 -23.18
C PRO B 517 9.11 -17.63 -23.80
N ALA B 518 9.03 -17.46 -25.11
CA ALA B 518 9.62 -16.26 -25.68
C ALA B 518 8.63 -15.12 -25.70
N GLU B 519 7.40 -15.40 -26.08
CA GLU B 519 6.40 -14.36 -26.22
C GLU B 519 5.84 -14.01 -24.85
N THR B 520 5.57 -12.72 -24.64
CA THR B 520 4.66 -12.19 -23.64
C THR B 520 4.86 -10.69 -23.54
N PRO B 521 3.87 -9.93 -23.10
CA PRO B 521 4.05 -8.49 -22.99
C PRO B 521 5.10 -8.13 -21.96
N GLU B 522 5.21 -6.83 -21.72
CA GLU B 522 6.22 -6.31 -20.83
C GLU B 522 5.65 -5.18 -20.00
N GLY B 523 6.30 -4.90 -18.87
CA GLY B 523 5.78 -3.93 -17.92
C GLY B 523 4.67 -4.57 -17.08
N GLN B 524 3.48 -3.99 -17.14
CA GLN B 524 2.39 -4.46 -16.31
C GLN B 524 2.02 -5.89 -16.60
N ALA B 525 1.41 -6.15 -17.75
CA ALA B 525 0.85 -7.45 -18.02
C ALA B 525 1.89 -8.55 -18.05
N CYS B 526 3.14 -8.22 -17.74
CA CYS B 526 4.24 -9.16 -17.78
C CYS B 526 3.87 -10.44 -17.06
N GLY B 527 4.24 -11.56 -17.65
CA GLY B 527 4.06 -12.83 -17.01
C GLY B 527 2.64 -13.35 -17.00
N LEU B 528 1.64 -12.47 -16.99
CA LEU B 528 0.28 -12.98 -17.03
C LEU B 528 -0.15 -13.32 -18.45
N VAL B 529 -0.01 -12.38 -19.36
CA VAL B 529 -0.60 -12.53 -20.68
C VAL B 529 0.22 -13.56 -21.44
N LYS B 530 -0.29 -14.78 -21.49
CA LYS B 530 0.42 -15.93 -22.00
C LYS B 530 -0.05 -16.19 -23.42
N ASN B 531 0.76 -16.90 -24.20
CA ASN B 531 0.46 -17.18 -25.59
C ASN B 531 0.66 -18.64 -25.89
N LEU B 532 0.08 -19.11 -26.97
CA LEU B 532 -0.05 -20.54 -27.11
C LEU B 532 1.10 -21.14 -27.89
N SER B 533 1.52 -22.32 -27.46
CA SER B 533 2.52 -23.08 -28.16
C SER B 533 2.02 -23.47 -29.54
N LEU B 534 2.90 -23.38 -30.52
CA LEU B 534 2.50 -23.58 -31.89
C LEU B 534 1.89 -24.96 -32.14
N LEU B 535 1.66 -25.74 -31.10
CA LEU B 535 0.89 -26.95 -31.22
C LEU B 535 -0.11 -27.06 -30.08
N SER B 536 -0.71 -25.95 -29.73
CA SER B 536 -1.77 -25.93 -28.73
C SER B 536 -3.02 -26.47 -29.37
N GLY B 537 -3.64 -27.44 -28.72
CA GLY B 537 -4.95 -27.89 -29.14
C GLY B 537 -5.88 -27.92 -27.94
N ILE B 538 -7.01 -27.24 -28.07
CA ILE B 538 -7.97 -27.08 -27.00
C ILE B 538 -9.13 -28.02 -27.24
N SER B 539 -9.56 -28.71 -26.21
CA SER B 539 -10.52 -29.78 -26.42
C SER B 539 -11.92 -29.23 -26.59
N ILE B 540 -12.64 -29.83 -27.52
CA ILE B 540 -14.08 -29.64 -27.60
C ILE B 540 -14.73 -30.06 -26.31
N GLY B 541 -14.45 -31.26 -25.87
CA GLY B 541 -15.13 -31.82 -24.71
C GLY B 541 -16.14 -32.84 -25.13
N SER B 542 -15.80 -34.11 -24.98
CA SER B 542 -16.68 -35.20 -25.34
C SER B 542 -17.56 -35.51 -24.14
N PRO B 543 -18.76 -35.99 -24.36
CA PRO B 543 -19.60 -36.38 -23.23
C PRO B 543 -19.01 -37.54 -22.47
N SER B 544 -19.29 -37.57 -21.17
CA SER B 544 -18.70 -38.55 -20.28
C SER B 544 -19.39 -39.89 -20.37
N GLU B 545 -20.59 -39.94 -20.91
CA GLU B 545 -21.34 -41.20 -20.90
C GLU B 545 -20.62 -42.35 -21.58
N PRO B 546 -20.06 -42.23 -22.78
CA PRO B 546 -19.37 -43.38 -23.36
C PRO B 546 -18.21 -43.84 -22.51
N ILE B 547 -17.44 -42.89 -21.95
CA ILE B 547 -16.35 -43.26 -21.05
C ILE B 547 -16.88 -44.09 -19.89
N ILE B 548 -17.95 -43.61 -19.25
CA ILE B 548 -18.55 -44.36 -18.17
C ILE B 548 -18.89 -45.76 -18.64
N ASN B 549 -19.48 -45.86 -19.82
CA ASN B 549 -19.88 -47.18 -20.30
C ASN B 549 -18.67 -48.07 -20.50
N PHE B 550 -17.59 -47.54 -21.06
CA PHE B 550 -16.42 -48.39 -21.25
C PHE B 550 -15.85 -48.85 -19.94
N LEU B 551 -15.75 -47.94 -18.96
CA LEU B 551 -15.23 -48.34 -17.68
C LEU B 551 -16.05 -49.46 -17.09
N GLU B 552 -17.35 -49.22 -16.92
CA GLU B 552 -18.17 -50.26 -16.34
C GLU B 552 -18.31 -51.46 -17.25
N GLU B 553 -17.88 -51.36 -18.49
CA GLU B 553 -17.76 -52.53 -19.32
C GLU B 553 -16.60 -53.40 -18.90
N TRP B 554 -15.71 -52.88 -18.07
CA TRP B 554 -14.56 -53.66 -17.61
C TRP B 554 -14.61 -53.90 -16.11
N GLY B 555 -15.75 -53.64 -15.49
CA GLY B 555 -16.02 -54.20 -14.19
C GLY B 555 -15.63 -53.38 -12.99
N MET B 556 -15.47 -52.07 -13.15
CA MET B 556 -15.29 -51.20 -12.01
C MET B 556 -16.36 -51.51 -10.98
N GLU B 557 -15.96 -51.57 -9.72
CA GLU B 557 -17.21 -51.85 -9.06
C GLU B 557 -17.76 -50.57 -8.45
N PRO B 558 -19.07 -50.35 -8.52
CA PRO B 558 -19.63 -49.06 -8.13
C PRO B 558 -19.38 -48.84 -6.65
N LEU B 559 -19.34 -47.56 -6.27
CA LEU B 559 -18.87 -47.17 -4.94
C LEU B 559 -19.32 -48.08 -3.81
N GLU B 560 -20.59 -48.44 -3.76
CA GLU B 560 -21.15 -49.22 -2.66
C GLU B 560 -20.47 -50.56 -2.46
N ASP B 561 -19.80 -51.10 -3.48
CA ASP B 561 -19.01 -52.32 -3.31
C ASP B 561 -17.64 -52.01 -2.73
N TYR B 562 -17.46 -50.83 -2.19
CA TYR B 562 -16.24 -50.47 -1.47
C TYR B 562 -16.52 -50.67 0.02
N ASP B 563 -15.81 -51.61 0.63
CA ASP B 563 -15.81 -51.77 2.07
C ASP B 563 -14.37 -51.61 2.53
N PRO B 564 -13.97 -50.42 2.97
CA PRO B 564 -12.54 -50.19 3.17
C PRO B 564 -11.88 -51.17 4.11
N ALA B 565 -12.56 -51.62 5.16
CA ALA B 565 -12.01 -52.68 5.98
C ALA B 565 -11.83 -53.95 5.17
N GLN B 566 -12.51 -54.07 4.04
CA GLN B 566 -12.34 -55.25 3.21
C GLN B 566 -11.44 -54.96 2.00
N HIS B 567 -11.28 -53.70 1.65
CA HIS B 567 -10.45 -53.34 0.50
C HIS B 567 -9.55 -52.19 0.91
N THR B 568 -8.25 -52.41 0.86
CA THR B 568 -7.30 -51.39 1.28
C THR B 568 -6.24 -51.06 0.24
N LYS B 569 -6.31 -51.64 -0.96
CA LYS B 569 -5.22 -51.50 -1.91
C LYS B 569 -5.65 -51.16 -3.34
N SER B 570 -6.94 -51.12 -3.63
CA SER B 570 -7.38 -50.98 -5.01
C SER B 570 -7.26 -49.52 -5.49
N THR B 571 -7.86 -49.25 -6.64
CA THR B 571 -7.79 -47.92 -7.26
C THR B 571 -9.14 -47.23 -7.20
N ARG B 572 -9.14 -45.99 -6.72
CA ARG B 572 -10.34 -45.16 -6.59
C ARG B 572 -10.56 -44.32 -7.85
N ILE B 573 -11.47 -44.76 -8.70
CA ILE B 573 -11.56 -44.29 -10.08
C ILE B 573 -12.35 -43.01 -10.18
N PHE B 574 -11.75 -42.00 -10.77
CA PHE B 574 -12.36 -40.70 -10.97
C PHE B 574 -13.05 -40.64 -12.32
N VAL B 575 -13.96 -39.68 -12.50
CA VAL B 575 -14.32 -39.16 -13.83
C VAL B 575 -14.60 -37.68 -13.66
N ASN B 576 -13.59 -36.83 -13.76
CA ASN B 576 -13.67 -35.37 -13.69
C ASN B 576 -13.62 -34.80 -12.28
N GLY B 577 -13.74 -35.61 -11.25
CA GLY B 577 -14.02 -35.02 -9.96
C GLY B 577 -15.33 -35.53 -9.43
N VAL B 578 -15.74 -36.68 -9.94
CA VAL B 578 -16.82 -37.45 -9.37
C VAL B 578 -16.35 -38.90 -9.27
N TRP B 579 -15.79 -39.25 -8.13
CA TRP B 579 -15.38 -40.63 -7.93
C TRP B 579 -16.61 -41.51 -8.09
N THR B 580 -16.43 -42.64 -8.71
CA THR B 580 -17.57 -43.49 -9.00
C THR B 580 -17.38 -44.93 -8.63
N GLY B 581 -16.16 -45.43 -8.57
CA GLY B 581 -15.99 -46.83 -8.28
C GLY B 581 -14.55 -47.11 -7.92
N ILE B 582 -14.26 -48.41 -7.88
CA ILE B 582 -12.94 -48.89 -7.51
C ILE B 582 -12.63 -50.02 -8.45
N HIS B 583 -11.36 -50.32 -8.55
CA HIS B 583 -11.07 -51.59 -9.18
C HIS B 583 -9.89 -52.24 -8.49
N ARG B 584 -9.99 -53.55 -8.34
CA ARG B 584 -8.90 -54.28 -7.72
C ARG B 584 -7.60 -54.07 -8.50
N ASP B 585 -7.56 -54.50 -9.76
CA ASP B 585 -6.34 -54.48 -10.56
C ASP B 585 -6.49 -53.58 -11.78
N PRO B 586 -5.81 -52.44 -11.82
CA PRO B 586 -6.08 -51.41 -12.84
C PRO B 586 -5.12 -51.44 -14.01
N SER B 587 -4.07 -52.25 -13.96
CA SER B 587 -3.09 -52.26 -15.03
C SER B 587 -3.71 -52.53 -16.39
N MET B 588 -4.28 -53.73 -16.55
CA MET B 588 -4.93 -54.09 -17.81
C MET B 588 -5.95 -53.07 -18.22
N LEU B 589 -6.72 -52.56 -17.26
CA LEU B 589 -7.69 -51.52 -17.56
C LEU B 589 -7.04 -50.36 -18.28
N VAL B 590 -6.04 -49.73 -17.65
CA VAL B 590 -5.51 -48.51 -18.24
C VAL B 590 -4.83 -48.82 -19.55
N SER B 591 -4.28 -50.02 -19.68
CA SER B 591 -3.65 -50.38 -20.95
C SER B 591 -4.67 -50.35 -22.07
N THR B 592 -5.75 -51.11 -21.91
CA THR B 592 -6.75 -51.16 -22.97
C THR B 592 -7.36 -49.79 -23.20
N MET B 593 -7.50 -49.00 -22.14
CA MET B 593 -8.08 -47.68 -22.33
C MET B 593 -7.18 -46.81 -23.16
N ARG B 594 -5.88 -46.82 -22.89
CA ARG B 594 -5.03 -45.97 -23.70
C ARG B 594 -4.98 -46.47 -25.13
N ASP B 595 -4.96 -47.79 -25.33
CA ASP B 595 -5.10 -48.28 -26.68
C ASP B 595 -6.30 -47.71 -27.37
N LEU B 596 -7.47 -47.77 -26.75
CA LEU B 596 -8.64 -47.27 -27.46
C LEU B 596 -8.57 -45.78 -27.70
N ARG B 597 -8.08 -45.00 -26.75
CA ARG B 597 -7.91 -43.59 -27.08
C ARG B 597 -7.07 -43.43 -28.33
N ARG B 598 -6.10 -44.32 -28.54
CA ARG B 598 -5.34 -44.28 -29.78
C ARG B 598 -6.10 -44.86 -30.94
N SER B 599 -7.07 -45.73 -30.69
CA SER B 599 -7.75 -46.45 -31.77
C SER B 599 -8.87 -45.59 -32.35
N GLY B 600 -9.38 -44.66 -31.57
CA GLY B 600 -10.25 -43.63 -32.10
C GLY B 600 -11.68 -43.73 -31.62
N ALA B 601 -12.09 -44.92 -31.18
CA ALA B 601 -13.47 -45.10 -30.73
C ALA B 601 -13.81 -44.15 -29.60
N ILE B 602 -12.84 -43.87 -28.73
CA ILE B 602 -12.98 -42.86 -27.74
C ILE B 602 -12.54 -41.54 -28.36
N SER B 603 -13.07 -40.46 -27.83
CA SER B 603 -12.70 -39.17 -28.36
C SER B 603 -11.18 -39.04 -28.38
N PRO B 604 -10.61 -38.49 -29.44
CA PRO B 604 -9.15 -38.39 -29.52
C PRO B 604 -8.52 -37.39 -28.59
N GLU B 605 -9.25 -36.83 -27.63
CA GLU B 605 -8.71 -35.80 -26.75
C GLU B 605 -9.13 -35.97 -25.30
N VAL B 606 -9.53 -37.18 -24.91
CA VAL B 606 -9.68 -37.57 -23.52
C VAL B 606 -8.29 -37.56 -22.91
N SER B 607 -8.17 -37.42 -21.60
CA SER B 607 -6.84 -37.44 -21.01
C SER B 607 -6.71 -38.50 -19.92
N ILE B 608 -6.69 -39.77 -20.30
CA ILE B 608 -6.47 -40.83 -19.32
C ILE B 608 -5.17 -40.56 -18.60
N ILE B 609 -5.16 -40.76 -17.28
CA ILE B 609 -3.99 -40.54 -16.45
C ILE B 609 -3.95 -41.58 -15.35
N ARG B 610 -2.80 -42.21 -15.16
CA ARG B 610 -2.58 -43.07 -14.02
C ARG B 610 -1.48 -42.50 -13.15
N ASP B 611 -1.73 -42.44 -11.85
CA ASP B 611 -0.79 -41.82 -10.96
C ASP B 611 -0.62 -42.72 -9.74
N ILE B 612 0.39 -43.58 -9.79
CA ILE B 612 0.50 -44.69 -8.85
C ILE B 612 0.93 -44.25 -7.46
N ARG B 613 1.36 -43.00 -7.28
CA ARG B 613 1.63 -42.48 -5.96
C ARG B 613 0.38 -42.40 -5.11
N GLU B 614 -0.79 -42.53 -5.72
CA GLU B 614 -2.01 -42.29 -4.98
C GLU B 614 -3.06 -43.37 -5.13
N ARG B 615 -2.80 -44.41 -5.91
CA ARG B 615 -3.83 -45.38 -6.30
C ARG B 615 -5.00 -44.67 -6.96
N GLU B 616 -4.71 -43.48 -7.49
CA GLU B 616 -5.69 -42.70 -8.21
C GLU B 616 -5.56 -43.01 -9.69
N PHE B 617 -6.66 -42.85 -10.41
CA PHE B 617 -6.67 -43.15 -11.82
C PHE B 617 -7.71 -42.28 -12.50
N LYS B 618 -7.29 -41.17 -13.06
CA LYS B 618 -8.25 -40.21 -13.52
C LYS B 618 -8.49 -40.38 -15.01
N ILE B 619 -9.68 -39.98 -15.44
CA ILE B 619 -10.00 -39.82 -16.84
C ILE B 619 -10.75 -38.52 -16.92
N PHE B 620 -10.08 -37.46 -17.28
CA PHE B 620 -10.81 -36.25 -17.55
C PHE B 620 -11.61 -36.42 -18.84
N THR B 621 -12.82 -35.88 -18.85
CA THR B 621 -13.53 -35.57 -20.09
C THR B 621 -14.05 -34.15 -20.07
N ASP B 622 -13.20 -33.21 -19.73
CA ASP B 622 -13.61 -31.83 -19.65
C ASP B 622 -13.45 -31.11 -20.98
N VAL B 623 -14.07 -29.94 -21.07
CA VAL B 623 -13.76 -28.97 -22.10
C VAL B 623 -12.94 -27.84 -21.51
N GLY B 624 -11.82 -27.52 -22.15
CA GLY B 624 -10.98 -26.43 -21.69
C GLY B 624 -9.58 -26.81 -21.25
N ARG B 625 -9.24 -28.09 -21.29
CA ARG B 625 -7.88 -28.54 -20.98
C ARG B 625 -6.96 -28.16 -22.12
N VAL B 626 -5.74 -27.73 -21.82
CA VAL B 626 -4.77 -27.35 -22.84
C VAL B 626 -3.98 -28.58 -23.23
N TYR B 627 -3.63 -28.73 -24.51
CA TYR B 627 -2.82 -29.89 -24.87
C TYR B 627 -2.00 -29.71 -26.14
N ARG B 628 -1.07 -30.64 -26.33
CA ARG B 628 -0.24 -30.74 -27.53
C ARG B 628 -0.05 -32.21 -27.86
N PRO B 629 0.37 -32.53 -29.07
CA PRO B 629 0.52 -33.92 -29.48
C PRO B 629 1.94 -34.41 -29.37
N LEU B 630 2.12 -35.71 -29.61
CA LEU B 630 3.44 -36.33 -29.55
C LEU B 630 3.46 -37.67 -30.27
N PHE B 631 4.67 -38.14 -30.59
CA PHE B 631 4.85 -39.42 -31.24
C PHE B 631 4.73 -40.53 -30.23
N ILE B 632 4.39 -41.73 -30.70
CA ILE B 632 4.07 -42.83 -29.81
C ILE B 632 5.17 -43.85 -29.77
N VAL B 633 6.13 -43.66 -28.88
CA VAL B 633 7.17 -44.64 -28.68
C VAL B 633 6.55 -45.99 -28.40
N GLU B 634 6.92 -47.00 -29.17
CA GLU B 634 6.38 -48.31 -28.88
C GLU B 634 6.90 -48.77 -27.55
N ASP B 635 6.00 -49.04 -26.62
CA ASP B 635 6.35 -49.19 -25.21
C ASP B 635 6.13 -50.58 -24.67
N ASP B 636 6.26 -51.62 -25.48
CA ASP B 636 6.08 -52.99 -25.02
C ASP B 636 7.29 -53.81 -25.40
N GLU B 637 7.60 -54.82 -24.57
CA GLU B 637 8.56 -55.84 -24.95
C GLU B 637 7.81 -57.14 -25.24
N SER B 638 6.94 -57.07 -26.23
CA SER B 638 6.31 -58.25 -26.81
C SER B 638 6.57 -58.20 -28.30
N LYS B 639 7.09 -57.06 -28.74
CA LYS B 639 7.53 -56.87 -30.10
C LYS B 639 8.83 -56.10 -30.06
N ASP B 640 9.80 -56.57 -30.82
CA ASP B 640 11.10 -55.91 -30.83
C ASP B 640 11.04 -54.53 -31.46
N ASN B 641 9.84 -54.04 -31.76
CA ASN B 641 9.68 -52.64 -32.09
C ASN B 641 10.07 -51.75 -30.91
N LYS B 642 10.29 -52.33 -29.73
CA LYS B 642 10.51 -51.53 -28.53
C LYS B 642 11.61 -50.52 -28.76
N GLY B 643 11.49 -49.37 -28.12
CA GLY B 643 12.46 -48.32 -28.29
C GLY B 643 12.27 -47.58 -29.59
N GLU B 644 11.85 -48.27 -30.63
CA GLU B 644 11.71 -47.59 -31.91
C GLU B 644 10.39 -46.81 -31.94
N LEU B 645 10.39 -45.74 -32.73
CA LEU B 645 9.17 -44.98 -32.98
C LEU B 645 8.18 -45.86 -33.70
N ARG B 646 6.92 -45.43 -33.71
CA ARG B 646 5.95 -46.25 -34.38
C ARG B 646 5.61 -45.70 -35.76
N ILE B 647 5.87 -44.42 -36.02
CA ILE B 647 5.64 -43.89 -37.35
C ILE B 647 6.79 -44.29 -38.27
N THR B 648 6.62 -45.42 -38.95
CA THR B 648 7.55 -45.90 -39.96
C THR B 648 7.59 -44.92 -41.13
N LYS B 649 8.45 -45.19 -42.10
CA LYS B 649 8.44 -44.33 -43.27
C LYS B 649 7.21 -44.53 -44.13
N GLU B 650 6.52 -45.66 -43.96
CA GLU B 650 5.25 -45.83 -44.63
C GLU B 650 4.39 -44.59 -44.49
N HIS B 651 4.31 -44.08 -43.27
CA HIS B 651 3.37 -43.01 -43.03
C HIS B 651 3.82 -41.72 -43.70
N ILE B 652 5.11 -41.42 -43.66
CA ILE B 652 5.55 -40.22 -44.36
C ILE B 652 5.25 -40.36 -45.83
N ARG B 653 5.48 -41.53 -46.42
CA ARG B 653 5.18 -41.69 -47.83
C ARG B 653 3.72 -41.38 -48.11
N LYS B 654 2.82 -42.01 -47.37
CA LYS B 654 1.40 -41.77 -47.61
C LYS B 654 1.08 -40.29 -47.49
N ILE B 655 1.51 -39.67 -46.39
CA ILE B 655 1.22 -38.25 -46.20
C ILE B 655 1.78 -37.45 -47.35
N GLN B 656 2.80 -37.95 -48.01
CA GLN B 656 3.31 -37.29 -49.19
C GLN B 656 2.36 -37.43 -50.37
N GLN B 657 1.86 -38.62 -50.65
CA GLN B 657 0.91 -38.76 -51.73
C GLN B 657 -0.35 -37.95 -51.49
N GLY B 658 -0.89 -37.98 -50.28
CA GLY B 658 -2.15 -37.35 -50.00
C GLY B 658 -3.33 -38.29 -50.06
N TYR B 659 -3.11 -39.59 -50.18
CA TYR B 659 -4.20 -40.53 -50.29
C TYR B 659 -3.73 -41.87 -49.78
N ASP B 660 -4.67 -42.71 -49.40
CA ASP B 660 -4.33 -43.98 -48.79
C ASP B 660 -4.15 -45.04 -49.86
N ASP B 661 -3.13 -45.87 -49.69
CA ASP B 661 -2.83 -46.90 -50.66
C ASP B 661 -3.46 -48.23 -50.25
N ASP B 662 -4.77 -48.21 -50.10
CA ASP B 662 -5.64 -49.38 -50.00
C ASP B 662 -5.06 -50.54 -49.20
N VAL B 675 -9.15 -38.91 -48.48
CA VAL B 675 -8.08 -38.01 -48.09
C VAL B 675 -7.41 -38.62 -46.87
N TYR B 676 -6.15 -38.30 -46.62
CA TYR B 676 -5.41 -38.95 -45.53
C TYR B 676 -4.45 -37.93 -44.92
N GLY B 677 -4.97 -37.10 -44.02
CA GLY B 677 -4.20 -36.05 -43.43
C GLY B 677 -4.15 -36.14 -41.92
N TRP B 678 -3.82 -35.02 -41.29
CA TRP B 678 -3.47 -35.01 -39.88
C TRP B 678 -4.37 -35.87 -39.03
N SER B 679 -5.65 -35.52 -38.97
CA SER B 679 -6.53 -36.22 -38.05
C SER B 679 -6.51 -37.71 -38.31
N SER B 680 -6.22 -38.12 -39.52
CA SER B 680 -6.09 -39.54 -39.73
C SER B 680 -4.82 -40.09 -39.12
N LEU B 681 -3.75 -39.31 -39.06
CA LEU B 681 -2.62 -39.75 -38.24
C LEU B 681 -3.08 -40.04 -36.84
N VAL B 682 -3.63 -39.03 -36.18
CA VAL B 682 -3.98 -39.22 -34.78
C VAL B 682 -4.85 -40.44 -34.60
N THR B 683 -5.99 -40.50 -35.28
CA THR B 683 -6.87 -41.64 -35.11
C THR B 683 -6.25 -42.94 -35.60
N SER B 684 -5.13 -42.87 -36.30
CA SER B 684 -4.56 -44.09 -36.84
C SER B 684 -3.71 -44.85 -35.84
N GLY B 685 -2.99 -44.16 -34.98
CA GLY B 685 -2.24 -44.82 -33.94
C GLY B 685 -0.80 -44.42 -33.81
N VAL B 686 -0.42 -43.24 -34.29
CA VAL B 686 0.98 -42.90 -34.30
C VAL B 686 1.28 -41.59 -33.62
N ILE B 687 0.29 -40.78 -33.34
CA ILE B 687 0.48 -39.56 -32.58
C ILE B 687 -0.68 -39.49 -31.62
N GLU B 688 -0.41 -39.17 -30.37
CA GLU B 688 -1.49 -39.04 -29.43
C GLU B 688 -1.33 -37.76 -28.67
N TYR B 689 -2.41 -37.29 -28.10
CA TYR B 689 -2.38 -36.01 -27.43
C TYR B 689 -2.10 -36.21 -25.96
N VAL B 690 -1.30 -35.31 -25.42
CA VAL B 690 -1.09 -35.23 -23.99
C VAL B 690 -1.42 -33.82 -23.60
N ASP B 691 -2.04 -33.68 -22.44
CA ASP B 691 -2.51 -32.40 -21.97
C ASP B 691 -1.59 -31.87 -20.90
N GLY B 692 -2.10 -30.92 -20.10
CA GLY B 692 -1.28 -30.36 -19.05
C GLY B 692 -1.01 -31.30 -17.88
N GLU B 693 -1.79 -32.36 -17.72
CA GLU B 693 -1.50 -33.21 -16.58
C GLU B 693 -0.80 -34.49 -16.98
N GLU B 694 -1.40 -35.28 -17.85
CA GLU B 694 -0.79 -36.55 -18.20
C GLU B 694 0.67 -36.39 -18.52
N GLU B 695 1.07 -35.21 -18.95
CA GLU B 695 2.48 -34.93 -19.19
C GLU B 695 3.28 -35.03 -17.92
N GLU B 696 2.64 -35.38 -16.81
CA GLU B 696 3.39 -35.77 -15.62
C GLU B 696 3.93 -37.18 -15.71
N THR B 697 3.08 -38.13 -16.06
CA THR B 697 3.39 -39.52 -15.81
C THR B 697 3.89 -40.23 -17.05
N ILE B 698 4.67 -39.55 -17.87
CA ILE B 698 5.20 -40.09 -19.10
C ILE B 698 6.68 -39.77 -19.20
N MET B 699 7.24 -39.99 -20.38
CA MET B 699 8.68 -39.88 -20.56
C MET B 699 8.98 -39.41 -21.97
N ILE B 700 9.77 -38.36 -22.11
CA ILE B 700 10.00 -37.76 -23.42
C ILE B 700 11.47 -37.74 -23.76
N ALA B 701 11.81 -38.31 -24.89
CA ALA B 701 13.10 -38.08 -25.52
C ALA B 701 13.02 -36.84 -26.39
N MET B 702 14.12 -36.12 -26.47
CA MET B 702 14.05 -34.87 -27.17
C MET B 702 13.86 -35.07 -28.66
N THR B 703 14.85 -35.63 -29.34
CA THR B 703 14.56 -35.89 -30.74
C THR B 703 14.68 -37.36 -31.02
N PRO B 704 14.01 -37.86 -32.05
CA PRO B 704 14.01 -39.31 -32.32
C PRO B 704 15.38 -39.91 -32.45
N GLU B 705 16.43 -39.11 -32.38
CA GLU B 705 17.79 -39.64 -32.38
C GLU B 705 18.22 -40.14 -31.03
N ASP B 706 17.49 -39.82 -29.97
CA ASP B 706 17.84 -40.30 -28.65
C ASP B 706 17.06 -41.53 -28.23
N LEU B 707 16.29 -42.14 -29.12
CA LEU B 707 15.69 -43.40 -28.74
C LEU B 707 16.74 -44.42 -28.36
N GLN B 708 17.58 -44.80 -29.31
CA GLN B 708 18.63 -45.75 -29.01
C GLN B 708 19.59 -45.12 -28.03
N THR B 709 20.17 -45.95 -27.17
CA THR B 709 21.26 -45.48 -26.31
C THR B 709 22.37 -44.99 -27.21
N ARG B 710 22.62 -43.68 -27.18
CA ARG B 710 23.51 -43.05 -28.14
C ARG B 710 24.95 -43.03 -27.60
N SER B 711 25.91 -43.07 -28.52
CA SER B 711 27.32 -43.09 -28.18
C SER B 711 27.95 -41.75 -28.53
N LEU B 719 34.88 -39.58 -30.35
CA LEU B 719 34.16 -38.70 -29.45
C LEU B 719 34.97 -37.45 -29.09
N ASN B 720 34.30 -36.51 -28.45
CA ASN B 720 34.87 -35.24 -28.00
C ASN B 720 35.44 -34.45 -29.17
N ASP B 721 34.54 -34.02 -30.04
CA ASP B 721 34.83 -33.01 -31.04
C ASP B 721 34.02 -31.76 -30.73
N THR B 722 34.64 -30.58 -30.90
CA THR B 722 34.15 -29.33 -30.34
C THR B 722 33.10 -28.65 -31.20
N ALA B 723 32.39 -29.40 -32.04
CA ALA B 723 31.49 -28.79 -33.00
C ALA B 723 30.03 -28.83 -32.59
N LYS B 724 29.58 -29.95 -32.05
CA LYS B 724 28.17 -30.11 -31.74
C LYS B 724 27.89 -29.63 -30.31
N ARG B 725 26.69 -29.97 -29.83
CA ARG B 725 26.18 -29.59 -28.52
C ARG B 725 26.06 -30.84 -27.66
N ILE B 726 25.88 -30.62 -26.36
CA ILE B 726 26.03 -31.70 -25.39
C ILE B 726 24.63 -32.14 -24.97
N LYS B 727 24.22 -33.31 -25.44
CA LYS B 727 23.05 -33.96 -24.89
C LYS B 727 23.45 -34.85 -23.71
N PRO B 728 22.54 -35.14 -22.77
CA PRO B 728 22.80 -36.19 -21.79
C PRO B 728 22.64 -37.56 -22.41
N GLU B 729 23.50 -38.49 -21.99
CA GLU B 729 23.48 -39.81 -22.62
C GLU B 729 22.39 -40.71 -22.02
N MET B 730 21.73 -40.26 -20.95
CA MET B 730 20.88 -41.11 -20.11
C MET B 730 21.71 -42.14 -19.33
N SER B 731 22.47 -41.65 -18.36
CA SER B 731 23.38 -42.46 -17.57
C SER B 731 22.74 -43.10 -16.34
N THR B 732 21.41 -43.08 -16.21
CA THR B 732 20.77 -43.70 -15.05
C THR B 732 20.49 -45.18 -15.29
N SER B 733 19.73 -45.50 -16.32
CA SER B 733 19.25 -46.86 -16.53
C SER B 733 20.02 -47.52 -17.66
N SER B 734 20.61 -48.69 -17.38
CA SER B 734 21.23 -49.47 -18.45
C SER B 734 20.19 -49.99 -19.44
N HIS B 735 18.91 -49.87 -19.11
CA HIS B 735 17.83 -50.18 -20.05
C HIS B 735 16.66 -49.24 -19.76
N HIS B 736 16.51 -48.21 -20.58
CA HIS B 736 15.50 -47.20 -20.33
C HIS B 736 14.13 -47.60 -20.86
N THR B 737 13.14 -46.80 -20.53
CA THR B 737 11.77 -46.99 -20.98
C THR B 737 11.22 -45.63 -21.37
N PHE B 738 11.40 -45.25 -22.63
CA PHE B 738 10.64 -44.14 -23.16
C PHE B 738 9.25 -44.60 -23.53
N THR B 739 8.30 -43.66 -23.54
CA THR B 739 7.00 -43.91 -24.15
C THR B 739 6.50 -42.74 -24.97
N HIS B 740 7.32 -41.74 -25.19
CA HIS B 740 6.93 -40.63 -26.04
C HIS B 740 8.17 -39.94 -26.55
N CYS B 741 8.11 -39.46 -27.77
CA CYS B 741 9.24 -38.76 -28.37
C CYS B 741 8.76 -37.55 -29.13
N GLU B 742 9.37 -36.39 -28.86
CA GLU B 742 8.91 -35.16 -29.47
C GLU B 742 8.82 -35.25 -30.97
N ILE B 743 8.02 -34.35 -31.55
CA ILE B 743 8.13 -34.11 -32.99
C ILE B 743 9.40 -33.33 -33.29
N HIS B 744 9.45 -32.10 -32.83
CA HIS B 744 10.64 -31.33 -33.04
C HIS B 744 10.54 -30.11 -32.16
N PRO B 745 11.50 -29.90 -31.27
CA PRO B 745 11.27 -28.99 -30.17
C PRO B 745 11.32 -27.55 -30.55
N SER B 746 11.77 -27.23 -31.75
CA SER B 746 11.55 -25.86 -32.19
C SER B 746 10.08 -25.48 -32.17
N MET B 747 9.20 -26.43 -31.94
CA MET B 747 7.82 -26.14 -31.67
C MET B 747 7.53 -25.93 -30.20
N ILE B 748 8.38 -25.23 -29.47
CA ILE B 748 7.89 -24.66 -28.23
C ILE B 748 7.64 -23.18 -28.38
N LEU B 749 8.05 -22.58 -29.47
CA LEU B 749 7.98 -21.13 -29.47
C LEU B 749 6.57 -20.67 -29.79
N GLY B 750 6.36 -19.37 -29.67
CA GLY B 750 5.10 -18.79 -30.05
C GLY B 750 5.07 -18.37 -31.49
N VAL B 751 3.87 -18.00 -31.92
CA VAL B 751 3.68 -17.67 -33.33
C VAL B 751 4.46 -16.42 -33.68
N ALA B 752 4.75 -15.59 -32.70
CA ALA B 752 5.58 -14.43 -32.97
C ALA B 752 7.01 -14.63 -32.52
N ALA B 753 7.45 -15.87 -32.37
CA ALA B 753 8.80 -16.13 -31.92
C ALA B 753 9.53 -17.13 -32.78
N SER B 754 8.85 -17.97 -33.53
CA SER B 754 9.58 -18.74 -34.51
C SER B 754 10.28 -17.82 -35.50
N ILE B 755 9.81 -16.59 -35.61
CA ILE B 755 10.43 -15.61 -36.48
C ILE B 755 11.86 -15.34 -36.09
N ILE B 756 12.18 -15.43 -34.82
CA ILE B 756 13.54 -15.15 -34.41
C ILE B 756 14.43 -16.22 -35.03
N PRO B 757 15.44 -15.87 -35.80
CA PRO B 757 16.24 -16.91 -36.45
C PRO B 757 17.44 -17.23 -35.60
N PHE B 758 17.70 -18.52 -35.42
CA PHE B 758 18.63 -18.95 -34.40
C PHE B 758 18.22 -18.32 -33.09
N PRO B 759 17.15 -18.77 -32.47
CA PRO B 759 16.77 -18.17 -31.20
C PRO B 759 17.66 -18.64 -30.09
N ASP B 760 18.06 -19.89 -30.10
CA ASP B 760 18.66 -20.55 -28.95
C ASP B 760 20.12 -20.19 -28.76
N HIS B 761 20.67 -19.31 -29.57
CA HIS B 761 21.97 -18.74 -29.32
C HIS B 761 21.77 -17.37 -28.71
N ASN B 762 20.81 -17.25 -27.79
CA ASN B 762 20.51 -15.94 -27.21
C ASN B 762 20.21 -15.95 -25.71
N GLN B 763 20.12 -14.73 -25.20
CA GLN B 763 19.77 -14.43 -23.81
C GLN B 763 18.30 -14.07 -23.76
N SER B 764 17.52 -14.74 -22.92
CA SER B 764 16.09 -14.70 -23.12
C SER B 764 15.53 -13.28 -23.16
N PRO B 765 15.95 -12.33 -22.31
CA PRO B 765 15.38 -10.99 -22.42
C PRO B 765 15.43 -10.46 -23.84
N ARG B 766 16.32 -10.98 -24.65
CA ARG B 766 16.24 -10.57 -26.04
C ARG B 766 15.17 -11.31 -26.81
N ASN B 767 14.99 -12.63 -26.64
CA ASN B 767 13.81 -13.22 -27.26
C ASN B 767 12.58 -12.44 -26.91
N THR B 768 12.50 -11.99 -25.66
CA THR B 768 11.30 -11.31 -25.25
C THR B 768 11.15 -10.00 -25.98
N TYR B 769 12.18 -9.14 -26.00
CA TYR B 769 11.98 -7.92 -26.79
C TYR B 769 11.70 -8.25 -28.25
N GLN B 770 12.14 -9.41 -28.72
CA GLN B 770 11.83 -9.73 -30.10
C GLN B 770 10.34 -9.92 -30.27
N SER B 771 9.80 -10.94 -29.65
CA SER B 771 8.38 -11.19 -29.85
C SER B 771 7.54 -10.10 -29.21
N ALA B 772 8.14 -9.04 -28.73
CA ALA B 772 7.37 -7.84 -28.48
C ALA B 772 7.70 -6.68 -29.41
N MET B 773 8.57 -6.88 -30.38
CA MET B 773 8.72 -5.88 -31.42
C MET B 773 8.34 -6.35 -32.80
N GLY B 774 8.69 -7.58 -33.17
CA GLY B 774 8.28 -8.11 -34.44
C GLY B 774 6.80 -7.93 -34.69
N LYS B 775 6.01 -7.91 -33.62
CA LYS B 775 4.59 -7.62 -33.76
C LYS B 775 4.31 -6.15 -33.91
N GLN B 776 5.28 -5.35 -34.32
CA GLN B 776 5.02 -3.97 -34.68
C GLN B 776 5.65 -3.61 -36.02
N ALA B 777 5.95 -4.60 -36.83
CA ALA B 777 6.65 -4.35 -38.07
C ALA B 777 5.74 -3.74 -39.13
N MET B 778 6.15 -2.62 -39.71
CA MET B 778 5.48 -2.15 -40.92
C MET B 778 5.59 -3.25 -41.95
N GLY B 779 4.55 -3.41 -42.75
CA GLY B 779 4.58 -4.51 -43.69
C GLY B 779 3.33 -4.61 -44.50
N VAL B 780 2.91 -5.82 -44.77
CA VAL B 780 1.81 -6.09 -45.68
C VAL B 780 0.91 -7.11 -45.02
N PHE B 781 -0.18 -6.63 -44.43
CA PHE B 781 -0.91 -7.49 -43.52
C PHE B 781 -1.98 -8.32 -44.21
N LEU B 782 -2.80 -7.71 -45.05
CA LEU B 782 -3.65 -8.50 -45.91
C LEU B 782 -3.61 -7.92 -47.29
N THR B 783 -3.65 -8.78 -48.27
CA THR B 783 -3.41 -8.39 -49.63
C THR B 783 -4.55 -7.61 -50.24
N ASN B 784 -5.42 -6.98 -49.44
CA ASN B 784 -6.48 -6.18 -50.03
C ASN B 784 -6.61 -4.83 -49.38
N TYR B 785 -5.51 -4.17 -49.07
CA TYR B 785 -5.66 -2.85 -48.51
C TYR B 785 -6.48 -1.92 -49.38
N ASN B 786 -6.69 -2.25 -50.66
CA ASN B 786 -7.43 -1.34 -51.51
C ASN B 786 -8.86 -1.18 -51.05
N VAL B 787 -9.49 -2.28 -50.65
CA VAL B 787 -10.92 -2.22 -50.37
C VAL B 787 -11.21 -1.97 -48.91
N ARG B 788 -10.60 -2.70 -47.99
CA ARG B 788 -10.75 -2.37 -46.58
C ARG B 788 -10.53 -0.88 -46.41
N MET B 789 -11.27 -0.28 -45.51
CA MET B 789 -11.03 1.10 -45.16
C MET B 789 -10.91 1.19 -43.66
N ASP B 790 -9.67 1.23 -43.17
CA ASP B 790 -9.37 1.08 -41.76
C ASP B 790 -8.71 2.32 -41.22
N THR B 791 -8.69 2.43 -39.91
CA THR B 791 -8.25 3.66 -39.29
C THR B 791 -6.75 3.87 -39.44
N MET B 792 -5.98 2.81 -39.28
CA MET B 792 -4.57 2.81 -39.66
C MET B 792 -4.36 1.70 -40.66
N ALA B 793 -3.35 1.85 -41.48
CA ALA B 793 -2.76 0.71 -42.14
C ALA B 793 -1.37 1.16 -42.55
N ASN B 794 -0.46 0.23 -42.74
CA ASN B 794 0.83 0.69 -43.23
C ASN B 794 1.45 -0.31 -44.15
N ILE B 795 1.58 0.04 -45.42
CA ILE B 795 2.26 -0.82 -46.35
C ILE B 795 3.65 -0.27 -46.57
N LEU B 796 4.62 -1.14 -46.35
CA LEU B 796 5.99 -0.87 -46.69
C LEU B 796 6.13 -1.07 -48.18
N TYR B 797 6.83 -0.17 -48.84
CA TYR B 797 6.92 -0.28 -50.29
C TYR B 797 7.35 -1.66 -50.74
N TYR B 798 8.60 -2.02 -50.48
CA TYR B 798 9.28 -3.13 -51.14
C TYR B 798 9.64 -4.20 -50.13
N PRO B 799 8.81 -5.12 -49.91
CA PRO B 799 9.05 -6.11 -48.86
C PRO B 799 10.06 -7.11 -49.36
N GLN B 800 10.62 -7.94 -48.50
CA GLN B 800 11.55 -8.98 -48.90
C GLN B 800 11.50 -10.15 -47.94
N LYS B 801 11.19 -11.32 -48.44
CA LYS B 801 11.35 -12.49 -47.62
C LYS B 801 12.80 -12.57 -47.22
N PRO B 802 13.08 -12.85 -45.96
CA PRO B 802 14.45 -12.78 -45.49
C PRO B 802 15.11 -14.12 -45.56
N LEU B 803 16.42 -14.12 -45.30
CA LEU B 803 17.26 -15.27 -45.58
C LEU B 803 17.35 -16.22 -44.40
N ALA B 804 17.29 -15.70 -43.19
CA ALA B 804 17.47 -16.53 -42.01
C ALA B 804 16.15 -17.22 -41.65
N LYS B 805 15.53 -17.80 -42.65
CA LYS B 805 14.22 -18.39 -42.45
C LYS B 805 14.32 -19.59 -41.52
N THR B 806 13.19 -20.03 -41.03
CA THR B 806 13.13 -21.26 -40.28
C THR B 806 12.48 -22.34 -41.15
N GLN B 807 12.09 -23.44 -40.53
CA GLN B 807 11.14 -24.34 -41.14
C GLN B 807 9.71 -23.99 -40.74
N ALA B 808 9.49 -22.91 -40.01
CA ALA B 808 8.13 -22.56 -39.66
C ALA B 808 7.58 -21.43 -40.50
N MET B 809 8.41 -20.51 -40.98
CA MET B 809 7.86 -19.58 -41.95
C MET B 809 7.41 -20.27 -43.21
N GLU B 810 7.70 -21.55 -43.35
CA GLU B 810 6.97 -22.41 -44.27
C GLU B 810 5.52 -22.58 -43.87
N TYR B 811 5.07 -21.94 -42.80
CA TYR B 811 3.68 -22.12 -42.37
C TYR B 811 3.02 -20.83 -41.95
N LEU B 812 3.79 -19.81 -41.56
CA LEU B 812 3.17 -18.55 -41.20
C LEU B 812 3.04 -17.64 -42.41
N LYS B 813 3.27 -18.14 -43.59
CA LYS B 813 3.10 -17.32 -44.79
C LYS B 813 3.94 -16.06 -44.74
N PHE B 814 4.80 -15.92 -43.71
CA PHE B 814 5.59 -14.73 -43.54
C PHE B 814 6.47 -14.45 -44.75
N ARG B 815 6.79 -15.47 -45.54
CA ARG B 815 7.61 -15.28 -46.71
C ARG B 815 6.80 -14.91 -47.94
N GLU B 816 5.51 -15.21 -47.96
CA GLU B 816 4.65 -14.69 -49.00
C GLU B 816 4.12 -13.33 -48.62
N LEU B 817 4.45 -12.86 -47.43
CA LEU B 817 3.85 -11.66 -46.86
C LEU B 817 4.81 -11.09 -45.83
N PRO B 818 5.98 -10.75 -46.22
CA PRO B 818 6.95 -10.30 -45.24
C PRO B 818 6.62 -8.94 -44.70
N ALA B 819 7.43 -8.45 -43.79
CA ALA B 819 7.29 -7.10 -43.27
C ALA B 819 8.65 -6.53 -42.96
N GLY B 820 9.65 -6.94 -43.71
CA GLY B 820 10.98 -6.41 -43.40
C GLY B 820 11.92 -6.53 -44.56
N GLN B 821 13.08 -5.91 -44.41
CA GLN B 821 13.99 -5.73 -45.52
C GLN B 821 15.36 -6.28 -45.14
N ASN B 822 16.23 -6.43 -46.14
CA ASN B 822 17.59 -6.91 -45.90
C ASN B 822 18.60 -5.85 -46.27
N ALA B 823 19.27 -5.30 -45.29
CA ALA B 823 20.26 -4.28 -45.57
C ALA B 823 21.64 -4.72 -45.14
N ILE B 824 22.65 -4.09 -45.74
CA ILE B 824 24.05 -4.40 -45.46
C ILE B 824 24.43 -3.75 -44.15
N VAL B 825 24.58 -4.58 -43.13
CA VAL B 825 24.92 -4.15 -41.79
C VAL B 825 26.42 -4.28 -41.60
N ALA B 826 27.02 -3.23 -41.05
CA ALA B 826 28.47 -3.16 -40.95
C ALA B 826 28.83 -2.80 -39.51
N ILE B 827 29.08 -3.83 -38.70
CA ILE B 827 29.18 -3.61 -37.27
C ILE B 827 30.51 -3.00 -36.91
N ALA B 828 30.59 -1.68 -36.89
CA ALA B 828 31.89 -1.05 -36.71
C ALA B 828 31.71 0.41 -36.37
N CYS B 829 32.14 0.80 -35.19
CA CYS B 829 32.08 2.20 -34.81
C CYS B 829 32.73 3.01 -35.90
N TYR B 830 32.09 4.09 -36.29
CA TYR B 830 32.54 4.79 -37.49
C TYR B 830 32.97 6.22 -37.20
N SER B 831 32.08 7.09 -36.78
CA SER B 831 32.53 8.41 -36.40
C SER B 831 31.79 8.85 -35.18
N GLY B 832 31.40 7.89 -34.35
CA GLY B 832 30.78 8.20 -33.11
C GLY B 832 29.36 8.70 -33.19
N TYR B 833 28.80 8.88 -34.38
CA TYR B 833 27.38 9.15 -34.39
C TYR B 833 26.57 7.94 -34.06
N ASN B 834 27.14 6.75 -34.03
CA ASN B 834 26.25 5.65 -33.72
C ASN B 834 26.42 5.16 -32.28
N GLN B 835 26.78 6.04 -31.34
CA GLN B 835 27.00 5.63 -29.96
C GLN B 835 25.71 5.37 -29.20
N GLU B 836 25.70 4.38 -28.32
CA GLU B 836 24.54 4.06 -27.48
C GLU B 836 23.31 3.71 -28.31
N ASP B 837 23.50 2.73 -29.18
CA ASP B 837 22.47 2.13 -30.00
C ASP B 837 21.94 3.02 -31.11
N SER B 838 22.36 4.27 -31.25
CA SER B 838 21.98 4.91 -32.49
C SER B 838 22.72 4.24 -33.62
N MET B 839 22.12 4.22 -34.80
CA MET B 839 22.72 3.56 -35.94
C MET B 839 22.69 4.55 -37.08
N ILE B 840 23.26 4.17 -38.22
CA ILE B 840 23.38 5.11 -39.30
C ILE B 840 22.89 4.47 -40.59
N MET B 841 22.37 5.31 -41.47
CA MET B 841 21.78 4.85 -42.71
C MET B 841 22.30 5.70 -43.84
N ASN B 842 22.65 5.07 -44.95
CA ASN B 842 23.22 5.74 -46.09
C ASN B 842 22.13 6.44 -46.90
N GLN B 843 22.15 7.77 -46.92
CA GLN B 843 21.01 8.50 -47.41
C GLN B 843 20.62 8.07 -48.81
N SER B 844 21.56 8.10 -49.75
CA SER B 844 21.24 7.60 -51.07
C SER B 844 20.67 6.20 -50.99
N SER B 845 21.14 5.40 -50.03
CA SER B 845 20.63 4.04 -49.95
C SER B 845 19.20 4.02 -49.46
N ILE B 846 18.67 5.16 -49.00
CA ILE B 846 17.24 5.28 -48.79
C ILE B 846 16.56 5.66 -50.08
N ASP B 847 17.11 6.67 -50.75
CA ASP B 847 16.45 7.20 -51.93
C ASP B 847 16.22 6.15 -52.98
N ARG B 848 16.88 5.03 -52.87
CA ARG B 848 16.54 3.89 -53.72
C ARG B 848 15.38 3.10 -53.15
N GLY B 849 14.66 3.64 -52.20
CA GLY B 849 13.39 3.08 -51.82
C GLY B 849 13.45 2.19 -50.60
N LEU B 850 14.47 2.37 -49.79
CA LEU B 850 14.64 1.46 -48.67
C LEU B 850 13.65 1.84 -47.59
N PHE B 851 12.88 0.88 -47.09
CA PHE B 851 11.96 1.10 -45.99
C PHE B 851 11.03 2.28 -46.25
N ARG B 852 10.50 2.43 -47.45
CA ARG B 852 9.62 3.56 -47.72
C ARG B 852 8.17 3.17 -47.45
N SER B 853 7.46 3.98 -46.66
CA SER B 853 6.23 3.56 -46.00
C SER B 853 5.00 4.24 -46.56
N LEU B 854 3.99 3.44 -46.95
CA LEU B 854 2.68 4.02 -47.21
C LEU B 854 1.86 4.08 -45.94
N PHE B 855 0.93 5.02 -45.90
CA PHE B 855 0.16 5.32 -44.71
C PHE B 855 -1.28 5.64 -45.05
N PHE B 856 -2.20 4.89 -44.46
CA PHE B 856 -3.62 4.90 -44.72
C PHE B 856 -4.37 5.30 -43.46
N ARG B 857 -5.29 6.25 -43.58
CA ARG B 857 -6.09 6.65 -42.44
C ARG B 857 -7.52 6.90 -42.86
N SER B 858 -8.45 6.15 -42.28
CA SER B 858 -9.84 6.18 -42.67
C SER B 858 -10.62 7.05 -41.70
N TYR B 859 -10.88 8.28 -42.08
CA TYR B 859 -11.80 9.09 -41.33
C TYR B 859 -13.19 8.46 -41.42
N MET B 860 -14.17 9.11 -40.82
CA MET B 860 -15.56 8.71 -41.02
C MET B 860 -16.42 9.72 -40.32
N ASP B 861 -17.59 9.99 -40.88
CA ASP B 861 -18.52 10.90 -40.24
C ASP B 861 -19.91 10.66 -40.80
N GLN B 862 -20.93 11.13 -40.09
CA GLN B 862 -22.30 10.90 -40.50
C GLN B 862 -23.21 11.92 -39.80
N GLU B 863 -24.48 11.93 -40.21
CA GLU B 863 -25.50 12.79 -39.63
C GLU B 863 -26.17 12.08 -38.47
N LYS B 864 -26.92 12.84 -37.68
CA LYS B 864 -27.80 12.26 -36.68
C LYS B 864 -29.20 12.82 -36.83
N ARG B 865 -30.20 11.98 -36.57
CA ARG B 865 -31.60 12.35 -36.70
C ARG B 865 -32.08 12.91 -35.37
N PHE B 866 -31.83 14.20 -35.16
CA PHE B 866 -32.19 14.90 -33.93
C PHE B 866 -33.68 14.95 -33.68
N GLY B 867 -34.47 15.12 -34.73
CA GLY B 867 -35.91 15.07 -34.65
C GLY B 867 -36.38 14.91 -36.08
N ILE B 868 -37.46 14.15 -36.24
CA ILE B 868 -37.83 13.64 -37.55
C ILE B 868 -37.90 14.76 -38.58
N SER B 869 -37.93 16.01 -38.13
CA SER B 869 -37.92 17.15 -39.02
C SER B 869 -36.65 17.99 -38.92
N ILE B 870 -35.77 17.67 -37.97
CA ILE B 870 -34.50 18.36 -37.81
C ILE B 870 -33.39 17.34 -37.95
N VAL B 871 -32.75 17.32 -39.11
CA VAL B 871 -31.57 16.48 -39.31
C VAL B 871 -30.46 17.38 -39.81
N GLU B 872 -29.26 16.82 -39.91
CA GLU B 872 -28.06 17.57 -40.27
C GLU B 872 -27.88 17.53 -41.77
N GLU B 873 -26.93 18.32 -42.27
CA GLU B 873 -26.85 18.55 -43.72
C GLU B 873 -25.41 18.50 -44.19
N PHE B 874 -25.15 17.68 -45.21
CA PHE B 874 -23.86 17.72 -45.88
C PHE B 874 -23.87 18.84 -46.90
N GLU B 875 -23.23 19.96 -46.57
CA GLU B 875 -23.12 21.06 -47.51
C GLU B 875 -21.84 21.82 -47.26
N LYS B 876 -21.36 22.43 -48.31
CA LYS B 876 -20.44 23.54 -48.14
C LYS B 876 -21.14 24.64 -47.37
N PRO B 877 -20.77 24.88 -46.13
CA PRO B 877 -21.46 25.92 -45.36
C PRO B 877 -21.05 27.29 -45.84
N THR B 878 -22.00 28.21 -45.75
CA THR B 878 -21.71 29.58 -46.12
C THR B 878 -20.93 30.26 -45.01
N ARG B 879 -20.93 31.58 -45.07
CA ARG B 879 -20.32 32.40 -44.04
C ARG B 879 -21.32 33.34 -43.39
N ALA B 880 -22.59 33.24 -43.77
CA ALA B 880 -23.66 34.04 -43.19
C ALA B 880 -24.79 33.16 -42.65
N THR B 881 -25.09 32.04 -43.31
CA THR B 881 -26.15 31.15 -42.88
C THR B 881 -25.72 30.17 -41.80
N THR B 882 -24.47 30.25 -41.35
CA THR B 882 -23.91 29.36 -40.34
C THR B 882 -23.06 30.17 -39.36
N LEU B 883 -22.96 29.69 -38.13
CA LEU B 883 -22.22 30.38 -37.09
C LEU B 883 -20.99 29.58 -36.66
N ARG B 884 -20.05 30.26 -36.01
CA ARG B 884 -18.85 29.62 -35.45
C ARG B 884 -18.11 28.78 -36.49
N LEU B 885 -17.60 29.48 -37.49
CA LEU B 885 -16.85 28.84 -38.56
C LEU B 885 -15.43 28.53 -38.11
N LYS B 886 -14.96 27.34 -38.47
CA LYS B 886 -13.62 26.90 -38.09
C LYS B 886 -12.57 27.92 -38.50
N HIS B 887 -11.47 27.92 -37.78
CA HIS B 887 -10.37 28.82 -38.10
C HIS B 887 -9.69 28.46 -39.39
N GLY B 888 -9.78 27.21 -39.84
CA GLY B 888 -9.22 26.82 -41.11
C GLY B 888 -10.02 27.37 -42.27
N THR B 889 -9.71 26.85 -43.45
CA THR B 889 -10.44 27.25 -44.65
C THR B 889 -11.20 26.05 -45.21
N TYR B 890 -12.11 26.32 -46.15
CA TYR B 890 -13.03 25.33 -46.67
C TYR B 890 -12.86 25.10 -48.16
N GLU B 891 -11.87 25.75 -48.78
CA GLU B 891 -11.82 25.86 -50.23
C GLU B 891 -12.15 24.56 -50.92
N LYS B 892 -11.64 23.46 -50.38
CA LYS B 892 -11.53 22.26 -51.18
C LYS B 892 -12.83 21.48 -51.24
N LEU B 893 -13.82 21.82 -50.42
CA LEU B 893 -15.06 21.06 -50.41
C LEU B 893 -15.72 21.14 -51.79
N ASP B 894 -16.68 20.26 -52.02
CA ASP B 894 -17.43 20.21 -53.25
C ASP B 894 -18.81 20.83 -53.09
N GLU B 895 -19.62 20.71 -54.15
CA GLU B 895 -21.01 21.11 -54.07
C GLU B 895 -21.71 20.46 -52.88
N ASP B 896 -21.40 19.19 -52.62
CA ASP B 896 -21.95 18.49 -51.47
C ASP B 896 -20.90 18.29 -50.39
N GLY B 897 -19.94 19.21 -50.28
CA GLY B 897 -19.04 19.30 -49.14
C GLY B 897 -17.94 18.26 -49.08
N LEU B 898 -18.22 17.03 -49.47
CA LEU B 898 -17.22 15.98 -49.53
C LEU B 898 -16.17 16.39 -50.55
N ILE B 899 -14.93 16.51 -50.11
CA ILE B 899 -13.86 16.80 -51.04
C ILE B 899 -13.71 15.63 -52.00
N ALA B 900 -13.34 15.93 -53.24
CA ALA B 900 -13.16 14.89 -54.24
C ALA B 900 -11.71 14.43 -54.27
N PRO B 901 -11.45 13.15 -54.53
CA PRO B 901 -10.09 12.64 -54.45
C PRO B 901 -9.15 13.40 -55.37
N GLY B 902 -7.89 13.44 -54.97
CA GLY B 902 -6.86 14.02 -55.79
C GLY B 902 -6.37 15.37 -55.35
N VAL B 903 -7.15 16.10 -54.60
CA VAL B 903 -6.74 17.42 -54.15
C VAL B 903 -5.58 17.24 -53.19
N ARG B 904 -4.60 18.13 -53.27
CA ARG B 904 -3.56 18.15 -52.27
C ARG B 904 -4.13 18.68 -50.96
N VAL B 905 -4.04 17.88 -49.89
CA VAL B 905 -4.52 18.32 -48.59
C VAL B 905 -3.33 18.57 -47.69
N SER B 906 -3.34 19.73 -47.05
CA SER B 906 -2.44 20.04 -45.96
C SER B 906 -3.15 19.77 -44.66
N GLY B 907 -2.52 20.13 -43.56
CA GLY B 907 -3.22 20.10 -42.30
C GLY B 907 -4.32 21.15 -42.29
N ASP B 908 -5.33 20.90 -41.46
CA ASP B 908 -6.34 21.88 -41.07
C ASP B 908 -7.33 22.26 -42.15
N ASP B 909 -7.41 21.52 -43.25
CA ASP B 909 -8.40 21.81 -44.28
C ASP B 909 -9.51 20.77 -44.22
N ILE B 910 -10.74 21.27 -44.23
CA ILE B 910 -11.87 20.40 -43.93
C ILE B 910 -11.99 19.34 -45.00
N ILE B 911 -12.63 18.22 -44.67
CA ILE B 911 -12.99 17.23 -45.68
C ILE B 911 -14.49 16.99 -45.72
N ILE B 912 -15.15 16.87 -44.57
CA ILE B 912 -16.56 16.56 -44.54
C ILE B 912 -17.27 17.76 -43.94
N GLY B 913 -18.05 18.45 -44.74
CA GLY B 913 -18.72 19.65 -44.31
C GLY B 913 -20.15 19.41 -43.89
N LYS B 914 -20.35 19.28 -42.59
CA LYS B 914 -21.65 18.91 -42.04
C LYS B 914 -22.06 19.99 -41.05
N THR B 915 -23.24 20.55 -41.24
CA THR B 915 -23.72 21.61 -40.35
C THR B 915 -24.93 21.10 -39.58
N THR B 916 -25.15 21.66 -38.45
CA THR B 916 -26.34 21.24 -37.74
C THR B 916 -27.27 22.43 -37.54
N PRO B 917 -28.53 22.31 -37.90
CA PRO B 917 -29.42 23.47 -37.80
C PRO B 917 -29.66 23.83 -36.34
N ILE B 918 -29.64 25.14 -36.06
CA ILE B 918 -29.93 25.61 -34.70
C ILE B 918 -31.42 25.55 -34.47
N PRO B 919 -31.90 24.85 -33.45
CA PRO B 919 -33.31 24.96 -33.07
C PRO B 919 -33.62 26.36 -32.59
N PRO B 920 -34.65 27.02 -33.14
CA PRO B 920 -34.93 28.43 -32.92
C PRO B 920 -35.26 28.79 -31.48
N TYR B 931 -32.52 35.01 -39.83
CA TYR B 931 -31.80 33.95 -40.54
C TYR B 931 -30.81 33.29 -39.61
N HIS B 932 -29.73 32.78 -40.20
CA HIS B 932 -28.52 32.48 -39.44
C HIS B 932 -28.80 31.42 -38.37
N THR B 933 -29.22 30.25 -38.83
CA THR B 933 -29.69 29.19 -37.94
C THR B 933 -28.92 27.89 -38.09
N LYS B 934 -27.73 27.91 -38.68
CA LYS B 934 -26.90 26.72 -38.75
C LYS B 934 -25.64 26.89 -37.90
N ARG B 935 -25.24 25.82 -37.27
CA ARG B 935 -24.02 25.75 -36.48
C ARG B 935 -23.02 24.97 -37.30
N ASP B 936 -21.79 25.46 -37.35
CA ASP B 936 -20.71 24.83 -38.11
C ASP B 936 -20.24 23.60 -37.37
N ALA B 937 -20.28 22.44 -38.04
CA ALA B 937 -19.96 21.20 -37.34
C ALA B 937 -19.18 20.22 -38.21
N SER B 938 -18.20 20.71 -38.95
CA SER B 938 -17.50 19.87 -39.91
C SER B 938 -16.29 19.19 -39.27
N THR B 939 -15.81 18.14 -39.93
CA THR B 939 -14.67 17.35 -39.46
C THR B 939 -13.37 17.87 -40.03
N PRO B 940 -12.37 18.15 -39.22
CA PRO B 940 -11.11 18.64 -39.74
C PRO B 940 -10.17 17.50 -40.09
N LEU B 941 -9.16 17.84 -40.88
CA LEU B 941 -7.98 17.04 -41.08
C LEU B 941 -6.89 17.52 -40.12
N ARG B 942 -6.22 16.57 -39.48
CA ARG B 942 -5.43 16.86 -38.28
C ARG B 942 -4.29 17.84 -38.54
N SER B 943 -3.59 18.17 -37.46
CA SER B 943 -2.75 19.34 -37.43
C SER B 943 -1.31 19.11 -37.90
N THR B 944 -0.91 17.89 -38.21
CA THR B 944 0.46 17.66 -38.62
C THR B 944 0.62 16.84 -39.87
N GLU B 945 -0.46 16.43 -40.51
CA GLU B 945 -0.36 15.47 -41.60
C GLU B 945 -0.55 16.17 -42.93
N ASN B 946 -0.04 15.54 -43.96
CA ASN B 946 -0.19 16.00 -45.33
C ASN B 946 -0.76 14.86 -46.15
N GLY B 947 -1.06 15.11 -47.40
CA GLY B 947 -1.26 13.97 -48.27
C GLY B 947 -2.28 14.23 -49.36
N ILE B 948 -2.87 13.12 -49.80
CA ILE B 948 -3.72 13.11 -50.98
C ILE B 948 -4.93 12.25 -50.71
N VAL B 949 -6.09 12.85 -50.71
CA VAL B 949 -7.33 12.12 -50.51
C VAL B 949 -7.43 11.04 -51.56
N ASP B 950 -8.05 9.92 -51.21
CA ASP B 950 -8.02 8.80 -52.13
C ASP B 950 -9.38 8.29 -52.58
N GLN B 951 -10.19 7.73 -51.68
CA GLN B 951 -11.30 6.88 -52.14
C GLN B 951 -12.50 7.12 -51.23
N VAL B 952 -13.34 8.07 -51.61
CA VAL B 952 -14.43 8.48 -50.75
C VAL B 952 -15.59 7.52 -50.94
N LEU B 953 -15.69 6.55 -50.04
CA LEU B 953 -16.85 5.68 -50.05
C LEU B 953 -18.06 6.44 -49.53
N LEU B 954 -19.18 6.24 -50.21
CA LEU B 954 -20.44 6.85 -49.84
C LEU B 954 -21.54 5.82 -49.94
N THR B 955 -22.34 5.75 -48.89
CA THR B 955 -23.46 4.83 -48.82
C THR B 955 -24.41 5.35 -47.75
N THR B 956 -25.37 4.53 -47.37
CA THR B 956 -26.36 4.91 -46.38
C THR B 956 -26.22 4.06 -45.15
N ASN B 957 -26.14 4.72 -44.00
CA ASN B 957 -26.10 4.02 -42.73
C ASN B 957 -27.35 3.16 -42.59
N GLN B 958 -27.34 2.29 -41.58
CA GLN B 958 -28.53 1.51 -41.26
C GLN B 958 -29.71 2.42 -40.97
N GLU B 959 -29.43 3.65 -40.55
CA GLU B 959 -30.45 4.54 -40.07
C GLU B 959 -31.30 5.09 -41.20
N GLY B 960 -30.76 5.16 -42.41
CA GLY B 960 -31.39 5.88 -43.48
C GLY B 960 -30.78 7.24 -43.75
N LEU B 961 -29.65 7.55 -43.12
CA LEU B 961 -28.92 8.77 -43.42
C LEU B 961 -27.80 8.46 -44.41
N LYS B 962 -27.22 9.51 -45.00
CA LYS B 962 -25.99 9.28 -45.72
C LYS B 962 -24.91 8.79 -44.77
N PHE B 963 -23.76 8.48 -45.35
CA PHE B 963 -22.73 7.80 -44.61
C PHE B 963 -21.47 7.78 -45.46
N VAL B 964 -20.40 8.35 -44.95
CA VAL B 964 -19.20 8.54 -45.72
C VAL B 964 -18.02 7.91 -44.98
N LYS B 965 -17.16 7.26 -45.75
CA LYS B 965 -15.84 6.92 -45.26
C LYS B 965 -14.83 7.54 -46.20
N VAL B 966 -13.77 8.07 -45.63
CA VAL B 966 -12.73 8.75 -46.37
C VAL B 966 -11.42 8.09 -46.01
N ARG B 967 -10.65 7.65 -47.01
CA ARG B 967 -9.34 7.06 -46.80
C ARG B 967 -8.28 7.99 -47.34
N MET B 968 -7.70 8.80 -46.47
CA MET B 968 -6.62 9.66 -46.89
C MET B 968 -5.30 8.92 -46.72
N ARG B 969 -4.31 9.27 -47.53
CA ARG B 969 -3.06 8.52 -47.41
C ARG B 969 -1.86 9.35 -47.85
N THR B 970 -0.68 8.87 -47.48
CA THR B 970 0.60 9.55 -47.78
C THR B 970 1.77 8.56 -47.65
N THR B 971 2.99 9.06 -47.86
CA THR B 971 4.19 8.22 -47.86
C THR B 971 5.29 8.85 -47.02
N LYS B 972 5.65 8.15 -45.95
CA LYS B 972 6.65 8.61 -44.99
C LYS B 972 7.94 7.83 -45.18
N VAL B 973 9.07 8.50 -44.97
CA VAL B 973 10.36 8.00 -45.45
C VAL B 973 11.39 8.15 -44.34
N PRO B 974 12.13 7.10 -44.03
CA PRO B 974 13.10 7.13 -42.93
C PRO B 974 13.91 8.40 -42.83
N GLN B 975 13.80 9.07 -41.71
CA GLN B 975 14.57 10.25 -41.41
C GLN B 975 15.02 10.13 -39.95
N ILE B 976 15.65 11.18 -39.44
CA ILE B 976 16.28 11.08 -38.13
C ILE B 976 15.25 10.82 -37.06
N GLY B 977 15.34 9.68 -36.41
CA GLY B 977 14.39 9.25 -35.42
C GLY B 977 13.57 8.06 -35.85
N ASP B 978 13.24 7.97 -37.13
CA ASP B 978 12.43 6.87 -37.62
C ASP B 978 13.03 5.56 -37.15
N LYS B 979 12.31 4.82 -36.35
CA LYS B 979 12.90 3.73 -35.59
C LYS B 979 13.16 2.52 -36.49
N PHE B 980 13.86 1.51 -35.93
CA PHE B 980 14.24 0.24 -36.56
C PHE B 980 14.56 -0.76 -35.48
N ALA B 981 14.68 -2.02 -35.86
CA ALA B 981 15.05 -3.02 -34.88
C ALA B 981 15.23 -4.35 -35.57
N SER B 982 16.36 -4.99 -35.32
CA SER B 982 16.67 -6.23 -35.99
C SER B 982 15.83 -7.31 -35.37
N ARG B 983 16.15 -8.55 -35.65
CA ARG B 983 15.40 -9.59 -35.00
C ARG B 983 16.10 -10.13 -33.77
N HIS B 984 16.79 -9.27 -33.03
CA HIS B 984 17.31 -9.68 -31.73
C HIS B 984 17.32 -8.53 -30.73
N GLY B 985 16.38 -7.62 -30.81
CA GLY B 985 16.32 -6.55 -29.85
C GLY B 985 17.35 -5.48 -30.06
N GLN B 986 18.31 -5.67 -30.95
CA GLN B 986 19.35 -4.68 -31.11
C GLN B 986 18.78 -3.39 -31.66
N LYS B 987 17.71 -2.89 -31.07
CA LYS B 987 16.88 -1.87 -31.67
C LYS B 987 17.60 -0.54 -31.62
N GLY B 988 16.88 0.52 -31.92
CA GLY B 988 17.46 1.83 -31.87
C GLY B 988 17.18 2.57 -33.14
N THR B 989 17.37 3.87 -33.15
CA THR B 989 16.92 4.68 -34.26
C THR B 989 18.07 5.29 -35.03
N ILE B 990 17.72 5.88 -36.16
CA ILE B 990 18.67 6.51 -37.07
C ILE B 990 19.24 7.75 -36.41
N GLY B 991 20.56 7.88 -36.40
CA GLY B 991 21.17 9.02 -35.77
C GLY B 991 21.51 10.12 -36.76
N VAL B 992 21.82 9.76 -38.00
CA VAL B 992 22.33 10.72 -38.96
C VAL B 992 22.39 10.06 -40.33
N THR B 993 22.55 10.87 -41.37
CA THR B 993 22.51 10.40 -42.74
C THR B 993 23.77 10.80 -43.49
N TYR B 994 24.40 9.83 -44.13
CA TYR B 994 25.55 10.06 -45.00
C TYR B 994 25.17 9.73 -46.43
N ARG B 995 25.74 10.48 -47.37
CA ARG B 995 25.49 10.23 -48.79
C ARG B 995 26.26 8.98 -49.19
N HIS B 996 26.21 8.61 -50.46
CA HIS B 996 26.62 7.26 -50.83
C HIS B 996 28.13 7.09 -50.74
N GLU B 997 28.89 8.13 -50.95
CA GLU B 997 30.31 7.92 -50.87
C GLU B 997 30.83 7.92 -49.45
N ASP B 998 30.36 8.83 -48.61
CA ASP B 998 31.05 9.08 -47.35
C ASP B 998 31.07 7.88 -46.43
N MET B 999 30.35 6.83 -46.76
CA MET B 999 30.38 5.65 -45.95
C MET B 999 31.73 4.98 -46.13
N PRO B 1000 32.04 3.95 -45.36
CA PRO B 1000 33.12 3.07 -45.76
C PRO B 1000 32.69 2.33 -47.00
N PHE B 1001 33.57 1.46 -47.50
CA PHE B 1001 33.20 0.60 -48.61
C PHE B 1001 34.29 -0.40 -48.90
N SER B 1002 33.94 -1.66 -48.99
CA SER B 1002 34.96 -2.69 -49.11
C SER B 1002 35.57 -2.62 -50.49
N ALA B 1003 36.29 -3.67 -50.84
CA ALA B 1003 37.12 -3.62 -52.03
C ALA B 1003 36.30 -3.72 -53.31
N GLU B 1004 35.33 -4.62 -53.35
CA GLU B 1004 34.59 -4.88 -54.57
C GLU B 1004 33.76 -3.71 -55.02
N GLY B 1005 33.46 -2.77 -54.14
CA GLY B 1005 32.53 -1.69 -54.42
C GLY B 1005 31.30 -1.69 -53.54
N ILE B 1006 31.04 -2.76 -52.80
CA ILE B 1006 29.93 -2.77 -51.84
C ILE B 1006 30.06 -1.55 -50.96
N VAL B 1007 28.95 -1.12 -50.37
CA VAL B 1007 29.02 -0.11 -49.33
C VAL B 1007 28.26 -0.68 -48.15
N PRO B 1008 28.16 -0.02 -47.04
CA PRO B 1008 27.31 -0.56 -46.00
C PRO B 1008 25.92 0.00 -46.22
N ASP B 1009 24.93 -0.45 -45.49
CA ASP B 1009 23.64 0.19 -45.51
C ASP B 1009 23.27 0.85 -44.23
N LEU B 1010 23.41 0.14 -43.13
CA LEU B 1010 22.82 0.48 -41.86
C LEU B 1010 23.78 0.01 -40.79
N ILE B 1011 24.46 0.94 -40.12
CA ILE B 1011 25.69 0.65 -39.36
C ILE B 1011 25.38 0.59 -37.87
N ILE B 1012 25.13 -0.62 -37.33
CA ILE B 1012 24.89 -0.69 -35.90
C ILE B 1012 26.17 -0.28 -35.21
N ASN B 1013 26.15 -0.18 -33.90
CA ASN B 1013 27.35 0.16 -33.13
C ASN B 1013 27.80 -1.01 -32.26
N PRO B 1014 29.00 -1.53 -32.50
CA PRO B 1014 29.41 -2.78 -31.86
C PRO B 1014 29.14 -2.81 -30.38
N HIS B 1015 29.47 -1.71 -29.68
CA HIS B 1015 29.22 -1.62 -28.25
C HIS B 1015 27.87 -2.14 -27.84
N ALA B 1016 26.96 -2.30 -28.78
CA ALA B 1016 25.76 -2.99 -28.38
C ALA B 1016 26.03 -4.41 -27.99
N ILE B 1017 27.00 -5.06 -28.63
CA ILE B 1017 26.98 -6.52 -28.58
C ILE B 1017 27.53 -7.12 -27.30
N PRO B 1018 28.74 -6.77 -26.85
CA PRO B 1018 29.39 -7.62 -25.86
C PRO B 1018 28.67 -7.69 -24.54
N SER B 1019 27.91 -6.66 -24.17
CA SER B 1019 27.13 -6.78 -22.95
C SER B 1019 25.78 -7.39 -23.18
N ARG B 1020 25.34 -7.53 -24.43
CA ARG B 1020 24.00 -8.03 -24.58
C ARG B 1020 23.97 -9.51 -24.85
N MET B 1021 25.14 -10.13 -24.98
CA MET B 1021 25.23 -11.57 -25.14
C MET B 1021 24.18 -12.08 -26.12
N THR B 1022 24.15 -11.51 -27.33
CA THR B 1022 23.26 -11.98 -28.39
C THR B 1022 24.09 -12.39 -29.59
N VAL B 1023 24.60 -13.62 -29.51
CA VAL B 1023 25.46 -14.13 -30.55
C VAL B 1023 24.65 -14.45 -31.78
N ALA B 1024 23.35 -14.68 -31.60
CA ALA B 1024 22.51 -15.00 -32.75
C ALA B 1024 22.61 -13.94 -33.81
N HIS B 1025 22.79 -12.69 -33.45
CA HIS B 1025 22.80 -11.68 -34.48
C HIS B 1025 24.01 -11.83 -35.37
N LEU B 1026 25.17 -12.05 -34.79
CA LEU B 1026 26.31 -12.32 -35.65
C LEU B 1026 26.06 -13.58 -36.46
N ILE B 1027 25.78 -14.70 -35.79
CA ILE B 1027 25.63 -15.95 -36.54
C ILE B 1027 24.68 -15.77 -37.70
N GLU B 1028 23.64 -14.97 -37.51
CA GLU B 1028 22.75 -14.70 -38.61
C GLU B 1028 23.48 -14.00 -39.73
N CYS B 1029 24.13 -12.88 -39.44
CA CYS B 1029 24.74 -12.11 -40.52
C CYS B 1029 25.71 -12.97 -41.31
N LEU B 1030 26.45 -13.81 -40.62
CA LEU B 1030 27.29 -14.78 -41.32
C LEU B 1030 26.47 -15.63 -42.27
N LEU B 1031 25.49 -16.35 -41.70
CA LEU B 1031 24.66 -17.22 -42.52
C LEU B 1031 24.10 -16.49 -43.73
N SER B 1032 23.70 -15.24 -43.56
CA SER B 1032 23.16 -14.52 -44.70
C SER B 1032 24.22 -14.33 -45.76
N LYS B 1033 25.42 -13.95 -45.37
CA LYS B 1033 26.46 -13.75 -46.37
C LYS B 1033 26.63 -15.01 -47.19
N VAL B 1034 26.62 -16.16 -46.52
CA VAL B 1034 26.67 -17.43 -47.25
C VAL B 1034 25.44 -17.61 -48.13
N GLY B 1035 24.27 -17.37 -47.56
CA GLY B 1035 23.05 -17.60 -48.32
C GLY B 1035 22.97 -16.80 -49.59
N SER B 1036 23.44 -15.56 -49.56
CA SER B 1036 23.45 -14.78 -50.79
C SER B 1036 24.47 -15.34 -51.76
N ILE B 1037 25.67 -15.63 -51.28
CA ILE B 1037 26.71 -16.05 -52.21
C ILE B 1037 26.33 -17.34 -52.91
N ARG B 1038 26.17 -18.44 -52.18
CA ARG B 1038 25.76 -19.64 -52.89
C ARG B 1038 24.39 -19.49 -53.51
N GLY B 1039 23.55 -18.63 -52.95
CA GLY B 1039 22.24 -18.44 -53.52
C GLY B 1039 21.18 -19.40 -53.05
N TYR B 1040 20.98 -19.54 -51.75
CA TYR B 1040 19.82 -20.23 -51.25
C TYR B 1040 19.66 -19.91 -49.78
N GLU B 1041 18.43 -19.99 -49.31
CA GLU B 1041 18.04 -19.48 -48.01
C GLU B 1041 18.53 -20.45 -46.94
N GLY B 1042 19.25 -19.91 -45.96
CA GLY B 1042 19.93 -20.75 -45.00
C GLY B 1042 19.01 -21.18 -43.86
N ASP B 1043 19.09 -22.46 -43.51
CA ASP B 1043 18.15 -23.03 -42.55
C ASP B 1043 18.58 -22.69 -41.14
N ALA B 1044 17.89 -21.73 -40.53
CA ALA B 1044 18.16 -21.34 -39.16
C ALA B 1044 17.21 -22.00 -38.18
N THR B 1045 16.73 -23.18 -38.48
CA THR B 1045 15.90 -23.85 -37.50
C THR B 1045 16.68 -24.05 -36.22
N PRO B 1046 16.22 -23.53 -35.10
CA PRO B 1046 16.88 -23.80 -33.83
C PRO B 1046 16.96 -25.28 -33.56
N PHE B 1047 17.80 -25.64 -32.60
CA PHE B 1047 17.87 -27.00 -32.08
C PHE B 1047 18.23 -28.01 -33.17
N THR B 1048 18.93 -27.55 -34.20
CA THR B 1048 19.40 -28.41 -35.27
C THR B 1048 20.90 -28.62 -35.15
N ASP B 1049 21.50 -29.12 -36.21
CA ASP B 1049 22.89 -29.54 -36.16
C ASP B 1049 23.82 -28.61 -36.92
N LEU B 1050 23.43 -27.39 -37.17
CA LEU B 1050 24.26 -26.47 -37.92
C LEU B 1050 25.24 -25.80 -36.98
N THR B 1051 26.52 -26.02 -37.19
CA THR B 1051 27.55 -25.48 -36.32
C THR B 1051 27.80 -24.01 -36.66
N VAL B 1052 28.88 -23.44 -36.13
CA VAL B 1052 29.42 -22.22 -36.69
C VAL B 1052 30.58 -22.51 -37.63
N ASP B 1053 31.22 -23.67 -37.51
CA ASP B 1053 32.28 -24.01 -38.43
C ASP B 1053 31.73 -24.28 -39.82
N ALA B 1054 30.90 -25.30 -39.97
CA ALA B 1054 30.44 -25.70 -41.28
C ALA B 1054 30.03 -24.47 -42.10
N VAL B 1055 29.36 -23.53 -41.45
CA VAL B 1055 29.11 -22.25 -42.09
C VAL B 1055 30.41 -21.60 -42.51
N SER B 1056 31.38 -21.54 -41.61
CA SER B 1056 32.63 -20.85 -41.92
C SER B 1056 33.32 -21.47 -43.12
N ASN B 1057 33.38 -22.80 -43.18
CA ASN B 1057 34.02 -23.44 -44.31
C ASN B 1057 33.30 -23.08 -45.59
N LEU B 1058 31.99 -23.29 -45.63
CA LEU B 1058 31.27 -22.95 -46.84
C LEU B 1058 31.56 -21.52 -47.24
N LEU B 1059 31.78 -20.66 -46.26
CA LEU B 1059 32.10 -19.29 -46.60
C LEU B 1059 33.45 -19.19 -47.27
N ARG B 1060 34.48 -19.77 -46.67
CA ARG B 1060 35.81 -19.48 -47.16
C ARG B 1060 36.05 -20.13 -48.50
N ASP B 1061 35.37 -21.25 -48.76
CA ASP B 1061 35.45 -21.88 -50.07
C ASP B 1061 35.08 -20.94 -51.21
N ASN B 1062 34.24 -19.93 -50.95
CA ASN B 1062 33.85 -18.98 -51.97
C ASN B 1062 34.74 -17.76 -51.99
N GLY B 1063 35.87 -17.84 -51.31
CA GLY B 1063 36.80 -16.74 -51.35
C GLY B 1063 36.39 -15.59 -50.46
N TYR B 1064 36.18 -15.86 -49.19
CA TYR B 1064 36.00 -14.81 -48.21
C TYR B 1064 36.55 -15.28 -46.88
N GLN B 1065 36.92 -14.32 -46.03
CA GLN B 1065 37.52 -14.64 -44.74
C GLN B 1065 36.56 -15.40 -43.85
N SER B 1066 37.00 -16.56 -43.38
CA SER B 1066 36.03 -17.55 -42.91
C SER B 1066 35.43 -17.22 -41.56
N ARG B 1067 35.75 -16.06 -41.01
CA ARG B 1067 35.13 -15.59 -39.79
C ARG B 1067 34.49 -14.22 -40.00
N GLY B 1068 33.83 -14.04 -41.13
CA GLY B 1068 32.98 -12.90 -41.39
C GLY B 1068 33.67 -11.68 -41.98
N PHE B 1069 34.84 -11.33 -41.48
CA PHE B 1069 35.42 -10.02 -41.73
C PHE B 1069 35.61 -9.72 -43.20
N GLU B 1070 35.67 -8.44 -43.52
CA GLU B 1070 36.29 -8.01 -44.76
C GLU B 1070 37.04 -6.72 -44.57
N VAL B 1071 38.13 -6.59 -45.32
CA VAL B 1071 39.00 -5.43 -45.31
C VAL B 1071 38.17 -4.27 -45.79
N MET B 1072 37.98 -3.27 -44.98
CA MET B 1072 37.21 -2.13 -45.46
C MET B 1072 38.05 -0.88 -45.49
N TYR B 1073 37.45 0.14 -46.07
CA TYR B 1073 38.07 1.37 -46.51
C TYR B 1073 37.33 2.55 -45.94
N ASN B 1074 38.08 3.50 -45.43
CA ASN B 1074 37.48 4.80 -45.15
C ASN B 1074 37.05 5.45 -46.44
N GLY B 1075 36.00 6.24 -46.35
CA GLY B 1075 35.49 6.95 -47.50
C GLY B 1075 35.91 8.38 -47.60
N HIS B 1076 36.46 8.95 -46.55
CA HIS B 1076 36.89 10.33 -46.61
C HIS B 1076 38.32 10.49 -47.09
N THR B 1077 39.15 9.50 -46.95
CA THR B 1077 40.53 9.64 -47.39
C THR B 1077 41.06 8.41 -48.08
N GLY B 1078 40.24 7.40 -48.28
CA GLY B 1078 40.70 6.19 -48.91
C GLY B 1078 41.68 5.41 -48.09
N LYS B 1079 42.38 6.06 -47.18
CA LYS B 1079 43.34 5.41 -46.33
C LYS B 1079 42.70 4.24 -45.61
N LYS B 1080 43.26 3.05 -45.79
CA LYS B 1080 42.63 1.88 -45.22
C LYS B 1080 42.29 2.09 -43.76
N LEU B 1081 41.18 1.54 -43.34
CA LEU B 1081 40.90 1.48 -41.92
C LEU B 1081 41.79 0.43 -41.29
N MET B 1082 42.53 0.84 -40.26
CA MET B 1082 43.56 -0.02 -39.67
C MET B 1082 42.99 -1.34 -39.19
N ALA B 1083 41.71 -1.39 -38.90
CA ALA B 1083 41.12 -2.62 -38.40
C ALA B 1083 40.22 -3.22 -39.47
N GLN B 1084 39.93 -4.49 -39.30
CA GLN B 1084 39.03 -5.17 -40.19
C GLN B 1084 37.65 -5.25 -39.55
N VAL B 1085 36.63 -5.26 -40.39
CA VAL B 1085 35.26 -4.98 -39.98
C VAL B 1085 34.35 -6.12 -40.35
N PHE B 1086 33.36 -6.39 -39.50
CA PHE B 1086 32.35 -7.39 -39.81
C PHE B 1086 31.43 -6.80 -40.86
N PHE B 1087 30.75 -7.64 -41.62
CA PHE B 1087 30.09 -7.08 -42.79
C PHE B 1087 29.12 -8.02 -43.49
N GLY B 1088 27.86 -7.70 -43.58
CA GLY B 1088 26.99 -8.59 -44.32
C GLY B 1088 25.63 -8.03 -44.66
N PRO B 1089 24.73 -8.86 -45.15
CA PRO B 1089 23.32 -8.50 -45.19
C PRO B 1089 22.62 -9.11 -43.99
N THR B 1090 21.81 -8.29 -43.33
CA THR B 1090 21.05 -8.76 -42.19
C THR B 1090 19.68 -8.13 -42.28
N TYR B 1091 18.72 -8.74 -41.59
CA TYR B 1091 17.31 -8.48 -41.84
C TYR B 1091 16.77 -7.53 -40.80
N TYR B 1092 16.53 -6.31 -41.19
CA TYR B 1092 15.86 -5.47 -40.22
C TYR B 1092 14.40 -5.38 -40.56
N GLN B 1093 13.66 -4.70 -39.69
CA GLN B 1093 12.24 -4.52 -39.92
C GLN B 1093 11.78 -3.25 -39.24
N ARG B 1094 11.23 -2.35 -40.04
CA ARG B 1094 10.78 -1.03 -39.61
C ARG B 1094 9.84 -1.17 -38.43
N LEU B 1095 9.82 -0.17 -37.54
CA LEU B 1095 8.90 -0.11 -36.42
C LEU B 1095 8.11 1.19 -36.39
N ARG B 1096 6.92 1.12 -35.83
CA ARG B 1096 5.96 2.19 -36.00
C ARG B 1096 6.47 3.52 -35.49
N HIS B 1097 7.07 3.56 -34.33
CA HIS B 1097 7.06 4.80 -33.59
C HIS B 1097 7.87 5.85 -34.32
N MET B 1098 7.20 6.55 -35.22
CA MET B 1098 7.87 7.46 -36.12
C MET B 1098 8.08 8.76 -35.41
N VAL B 1099 9.04 9.56 -35.86
CA VAL B 1099 9.33 10.77 -35.13
C VAL B 1099 8.19 11.77 -35.19
N ASP B 1100 7.26 11.62 -36.13
CA ASP B 1100 6.10 12.50 -36.13
C ASP B 1100 4.88 11.89 -35.47
N ASP B 1101 5.04 10.79 -34.75
CA ASP B 1101 4.01 10.35 -33.83
C ASP B 1101 4.36 10.59 -32.38
N LYS B 1102 5.39 11.38 -32.10
CA LYS B 1102 5.66 11.80 -30.73
C LYS B 1102 6.07 13.25 -30.60
N ILE B 1103 6.70 13.84 -31.62
CA ILE B 1103 7.11 15.21 -31.49
C ILE B 1103 5.89 16.09 -31.38
N HIS B 1104 6.10 17.33 -30.96
CA HIS B 1104 5.05 18.05 -30.27
C HIS B 1104 5.57 19.41 -29.85
N ALA B 1105 4.69 20.27 -29.40
CA ALA B 1105 5.10 21.51 -28.79
C ALA B 1105 3.88 22.13 -28.16
N ARG B 1106 4.09 23.27 -27.51
CA ARG B 1106 2.95 24.09 -27.12
C ARG B 1106 3.37 25.49 -26.76
N ALA B 1107 2.94 26.45 -27.55
CA ALA B 1107 3.11 27.83 -27.17
C ALA B 1107 2.20 28.17 -26.00
N ARG B 1108 0.91 28.16 -26.24
CA ARG B 1108 -0.16 28.38 -25.27
C ARG B 1108 -1.33 27.56 -25.75
N GLY B 1109 -2.53 28.09 -25.64
CA GLY B 1109 -3.59 27.59 -26.46
C GLY B 1109 -4.81 27.16 -25.68
N PRO B 1110 -5.35 26.01 -26.06
CA PRO B 1110 -6.59 25.51 -25.47
C PRO B 1110 -6.36 25.06 -24.04
N VAL B 1111 -7.31 25.38 -23.18
CA VAL B 1111 -7.24 25.11 -21.76
C VAL B 1111 -8.46 24.29 -21.41
N GLN B 1112 -8.40 23.58 -20.29
CA GLN B 1112 -9.66 22.99 -19.86
C GLN B 1112 -10.56 24.11 -19.37
N VAL B 1113 -11.83 23.76 -19.14
CA VAL B 1113 -12.71 24.76 -18.54
C VAL B 1113 -12.77 24.57 -17.03
N LEU B 1114 -12.69 23.32 -16.56
CA LEU B 1114 -12.84 23.08 -15.13
C LEU B 1114 -11.71 23.71 -14.33
N THR B 1115 -10.55 23.91 -14.95
CA THR B 1115 -9.42 24.44 -14.19
C THR B 1115 -8.62 25.51 -14.89
N ARG B 1116 -8.81 25.74 -16.17
CA ARG B 1116 -7.85 26.50 -16.98
C ARG B 1116 -6.48 25.89 -16.96
N GLN B 1117 -6.33 24.69 -16.46
CA GLN B 1117 -4.96 24.25 -16.69
C GLN B 1117 -4.84 23.65 -18.08
N PRO B 1118 -3.77 23.98 -18.80
CA PRO B 1118 -3.63 23.54 -20.20
C PRO B 1118 -3.89 22.06 -20.41
N VAL B 1119 -4.44 21.73 -21.60
CA VAL B 1119 -5.22 20.52 -21.75
C VAL B 1119 -4.36 19.29 -21.97
N GLU B 1120 -5.00 18.15 -22.08
CA GLU B 1120 -4.36 16.85 -22.06
C GLU B 1120 -4.24 16.27 -23.45
N GLY B 1121 -3.09 15.70 -23.77
CA GLY B 1121 -2.95 14.97 -25.00
C GLY B 1121 -2.14 15.70 -26.04
N ARG B 1122 -1.79 15.00 -27.10
CA ARG B 1122 -0.93 15.59 -28.12
C ARG B 1122 -1.74 16.25 -29.22
N SER B 1123 -2.76 15.56 -29.72
CA SER B 1123 -3.49 16.05 -30.89
C SER B 1123 -4.29 17.31 -30.59
N ARG B 1124 -4.08 17.94 -29.45
CA ARG B 1124 -4.89 19.08 -29.04
C ARG B 1124 -4.06 20.29 -28.63
N ASP B 1125 -2.84 20.42 -29.11
CA ASP B 1125 -1.92 21.44 -28.61
C ASP B 1125 -1.81 21.37 -27.10
N GLY B 1126 -1.73 20.14 -26.60
CA GLY B 1126 -1.62 19.92 -25.17
C GLY B 1126 -0.30 20.43 -24.66
N GLY B 1127 -0.07 20.18 -23.37
CA GLY B 1127 1.14 20.62 -22.72
C GLY B 1127 1.69 19.53 -21.83
N LEU B 1128 2.80 19.83 -21.18
CA LEU B 1128 3.50 18.79 -20.43
C LEU B 1128 3.33 18.95 -18.93
N ARG B 1129 3.57 17.85 -18.23
CA ARG B 1129 3.29 17.75 -16.81
C ARG B 1129 4.55 18.05 -16.05
N PHE B 1130 4.54 19.13 -15.30
CA PHE B 1130 5.65 19.44 -14.40
C PHE B 1130 5.35 18.66 -13.13
N GLY B 1131 5.53 17.35 -13.21
CA GLY B 1131 5.06 16.45 -12.19
C GLY B 1131 5.83 16.56 -10.90
N GLU B 1132 5.22 16.00 -9.84
CA GLU B 1132 5.82 16.03 -8.51
C GLU B 1132 7.34 15.93 -8.55
N MET B 1133 7.83 14.83 -9.05
CA MET B 1133 9.24 14.56 -8.93
C MET B 1133 10.06 15.68 -9.55
N GLU B 1134 9.50 16.39 -10.51
CA GLU B 1134 10.15 17.62 -10.94
C GLU B 1134 10.08 18.68 -9.87
N ARG B 1135 9.00 18.72 -9.10
CA ARG B 1135 9.07 19.63 -7.95
C ARG B 1135 10.22 19.22 -7.05
N ASP B 1136 10.44 17.92 -6.86
CA ASP B 1136 11.57 17.47 -6.07
C ASP B 1136 12.87 18.05 -6.60
N CYS B 1137 13.12 17.82 -7.88
CA CYS B 1137 14.36 18.33 -8.44
C CYS B 1137 14.48 19.82 -8.28
N MET B 1138 13.55 20.58 -8.84
CA MET B 1138 13.72 22.02 -8.85
C MET B 1138 13.72 22.61 -7.46
N ILE B 1139 13.29 21.83 -6.46
CA ILE B 1139 13.63 22.17 -5.11
C ILE B 1139 15.10 21.95 -4.86
N ALA B 1140 15.59 20.75 -5.12
CA ALA B 1140 16.96 20.43 -4.74
C ALA B 1140 17.93 21.41 -5.36
N HIS B 1141 17.72 21.77 -6.61
CA HIS B 1141 18.51 22.84 -7.17
C HIS B 1141 18.26 24.14 -6.45
N GLY B 1142 17.20 24.21 -5.67
CA GLY B 1142 16.95 25.39 -4.89
C GLY B 1142 16.37 26.56 -5.65
N ALA B 1143 16.61 26.66 -6.94
CA ALA B 1143 16.19 27.90 -7.59
C ALA B 1143 14.68 27.97 -7.61
N ALA B 1144 14.08 28.68 -6.65
CA ALA B 1144 12.64 28.71 -6.60
C ALA B 1144 12.02 29.80 -7.43
N GLY B 1145 12.72 30.88 -7.76
CA GLY B 1145 12.15 31.84 -8.67
C GLY B 1145 11.59 31.12 -9.89
N PHE B 1146 12.28 30.09 -10.33
CA PHE B 1146 11.77 29.28 -11.40
C PHE B 1146 10.56 28.47 -10.96
N LEU B 1147 10.64 27.82 -9.81
CA LEU B 1147 9.52 26.96 -9.44
C LEU B 1147 8.25 27.76 -9.28
N LYS B 1148 8.37 29.05 -9.02
CA LYS B 1148 7.21 29.91 -9.13
C LYS B 1148 6.84 30.14 -10.57
N GLU B 1149 7.76 30.64 -11.37
CA GLU B 1149 7.41 30.94 -12.76
C GLU B 1149 7.11 29.66 -13.54
N ARG B 1150 6.91 28.54 -12.85
CA ARG B 1150 6.19 27.44 -13.50
C ARG B 1150 4.76 27.39 -13.03
N LEU B 1151 4.54 26.96 -11.80
CA LEU B 1151 3.19 26.54 -11.39
C LEU B 1151 2.25 27.71 -11.21
N MET B 1152 2.56 28.85 -11.77
CA MET B 1152 1.77 30.07 -11.65
C MET B 1152 1.50 30.77 -12.97
N GLU B 1153 2.36 30.59 -13.95
CA GLU B 1153 2.30 31.39 -15.15
C GLU B 1153 2.31 30.59 -16.44
N ALA B 1154 2.82 29.37 -16.42
CA ALA B 1154 2.52 28.45 -17.51
C ALA B 1154 1.22 27.72 -17.24
N SER B 1155 0.38 28.35 -16.45
CA SER B 1155 -0.90 27.81 -16.01
C SER B 1155 -1.83 28.99 -15.76
N ASP B 1156 -2.81 28.76 -14.92
CA ASP B 1156 -3.82 29.74 -14.54
C ASP B 1156 -3.31 30.88 -13.69
N ALA B 1157 -2.57 31.81 -14.26
CA ALA B 1157 -2.30 33.03 -13.52
C ALA B 1157 -3.62 33.72 -13.25
N PHE B 1158 -4.01 33.74 -11.98
CA PHE B 1158 -5.38 34.08 -11.66
C PHE B 1158 -5.39 35.09 -10.54
N ARG B 1159 -6.49 35.82 -10.41
CA ARG B 1159 -6.58 36.87 -9.42
C ARG B 1159 -7.89 36.74 -8.66
N VAL B 1160 -7.83 36.92 -7.34
CA VAL B 1160 -8.98 36.93 -6.44
C VAL B 1160 -8.81 38.07 -5.47
N HIS B 1161 -9.87 38.36 -4.71
CA HIS B 1161 -9.84 39.43 -3.72
C HIS B 1161 -10.10 38.86 -2.33
N VAL B 1162 -9.76 39.63 -1.30
CA VAL B 1162 -10.05 39.25 0.08
C VAL B 1162 -10.46 40.44 0.91
N CYS B 1163 -11.41 40.21 1.82
CA CYS B 1163 -11.73 41.14 2.89
C CYS B 1163 -10.75 40.93 4.02
N GLY B 1164 -10.06 41.99 4.40
CA GLY B 1164 -9.00 41.79 5.37
C GLY B 1164 -9.46 41.31 6.71
N ILE B 1165 -10.75 41.28 6.98
CA ILE B 1165 -11.21 40.99 8.33
C ILE B 1165 -11.83 39.61 8.41
N CYS B 1166 -12.88 39.36 7.65
CA CYS B 1166 -13.38 37.99 7.60
C CYS B 1166 -12.39 37.09 6.89
N GLY B 1167 -11.52 37.65 6.07
CA GLY B 1167 -10.53 36.87 5.41
C GLY B 1167 -11.07 35.85 4.43
N LEU B 1168 -11.92 36.25 3.50
CA LEU B 1168 -12.38 35.29 2.51
C LEU B 1168 -12.30 35.83 1.10
N MET B 1169 -12.66 34.94 0.18
CA MET B 1169 -12.87 35.22 -1.23
C MET B 1169 -14.35 35.42 -1.50
N SER B 1170 -14.94 36.42 -0.88
CA SER B 1170 -16.37 36.65 -1.01
C SER B 1170 -16.67 37.93 -1.74
N VAL B 1171 -15.68 38.81 -1.84
CA VAL B 1171 -15.95 40.18 -2.22
C VAL B 1171 -16.70 40.22 -3.54
N ILE B 1172 -17.88 40.77 -3.51
CA ILE B 1172 -18.49 41.28 -4.71
C ILE B 1172 -17.72 42.52 -5.12
N ALA B 1173 -17.20 42.52 -6.34
CA ALA B 1173 -16.31 43.58 -6.78
C ALA B 1173 -16.60 43.94 -8.23
N ASN B 1174 -17.24 45.10 -8.45
CA ASN B 1174 -17.28 45.69 -9.78
C ASN B 1174 -16.06 46.54 -9.99
N LEU B 1175 -15.51 46.44 -11.17
CA LEU B 1175 -14.35 47.23 -11.52
C LEU B 1175 -14.70 48.49 -12.29
N LYS B 1176 -15.51 48.40 -13.33
CA LYS B 1176 -15.71 49.59 -14.15
C LYS B 1176 -16.46 50.68 -13.40
N LYS B 1177 -17.15 50.36 -12.30
CA LYS B 1177 -17.65 51.39 -11.41
C LYS B 1177 -16.83 51.49 -10.12
N ASN B 1178 -15.86 50.61 -9.92
CA ASN B 1178 -14.92 50.69 -8.80
C ASN B 1178 -15.63 50.59 -7.46
N GLN B 1179 -16.32 49.47 -7.24
CA GLN B 1179 -16.98 49.24 -5.97
C GLN B 1179 -16.51 47.92 -5.41
N PHE B 1180 -16.76 47.73 -4.12
CA PHE B 1180 -16.33 46.52 -3.43
C PHE B 1180 -17.23 46.32 -2.23
N GLU B 1181 -17.36 45.08 -1.80
CA GLU B 1181 -18.23 44.82 -0.66
C GLU B 1181 -17.98 43.41 -0.14
N CYS B 1182 -17.90 43.29 1.17
CA CYS B 1182 -17.89 41.97 1.81
C CYS B 1182 -19.26 41.74 2.41
N ARG B 1183 -20.19 41.22 1.62
CA ARG B 1183 -21.56 41.24 2.07
C ARG B 1183 -21.83 40.28 3.21
N SER B 1184 -20.81 39.66 3.76
CA SER B 1184 -20.98 38.97 5.02
C SER B 1184 -20.61 39.82 6.21
N CYS B 1185 -19.92 40.93 5.99
CA CYS B 1185 -19.37 41.72 7.08
C CYS B 1185 -19.50 43.20 6.89
N LYS B 1186 -20.11 43.66 5.81
CA LYS B 1186 -20.27 45.08 5.57
C LYS B 1186 -18.92 45.80 5.62
N ASN B 1187 -17.92 45.21 5.01
CA ASN B 1187 -16.65 45.86 4.85
C ASN B 1187 -16.52 46.40 3.44
N LYS B 1188 -16.01 47.61 3.33
CA LYS B 1188 -15.85 48.26 2.04
C LYS B 1188 -14.50 48.92 1.84
N THR B 1189 -13.56 48.76 2.76
CA THR B 1189 -12.28 49.38 2.52
C THR B 1189 -11.15 48.38 2.64
N ASN B 1190 -11.18 47.59 3.71
CA ASN B 1190 -10.10 46.68 4.00
C ASN B 1190 -10.17 45.46 3.08
N ILE B 1191 -9.69 45.67 1.86
CA ILE B 1191 -9.78 44.65 0.82
C ILE B 1191 -8.48 44.65 0.03
N TYR B 1192 -8.05 43.47 -0.40
CA TYR B 1192 -6.82 43.35 -1.16
C TYR B 1192 -7.04 42.44 -2.34
N GLN B 1193 -6.09 42.43 -3.26
CA GLN B 1193 -6.07 41.40 -4.28
C GLN B 1193 -4.86 40.48 -4.09
N LEU B 1194 -5.08 39.20 -4.32
CA LEU B 1194 -4.03 38.21 -4.29
C LEU B 1194 -3.65 37.82 -5.71
N HIS B 1195 -2.79 36.81 -5.80
CA HIS B 1195 -2.39 36.16 -7.05
C HIS B 1195 -2.22 34.69 -6.72
N ILE B 1196 -3.22 33.87 -7.04
CA ILE B 1196 -3.08 32.48 -6.67
C ILE B 1196 -3.45 31.64 -7.88
N PRO B 1197 -3.05 30.39 -7.88
CA PRO B 1197 -3.34 29.53 -9.03
C PRO B 1197 -4.78 29.14 -9.06
N TYR B 1198 -5.47 29.51 -10.15
CA TYR B 1198 -6.90 29.27 -10.26
C TYR B 1198 -7.25 27.84 -9.88
N ALA B 1199 -6.30 26.93 -9.95
CA ALA B 1199 -6.54 25.63 -9.34
C ALA B 1199 -6.65 25.74 -7.83
N ALA B 1200 -5.87 26.61 -7.21
CA ALA B 1200 -6.02 26.80 -5.78
C ALA B 1200 -7.39 27.36 -5.44
N LYS B 1201 -7.85 28.36 -6.19
CA LYS B 1201 -9.13 28.93 -5.85
C LYS B 1201 -10.23 27.90 -6.06
N LEU B 1202 -10.11 27.05 -7.08
CA LEU B 1202 -11.04 25.94 -7.20
C LEU B 1202 -11.04 25.09 -5.95
N LEU B 1203 -9.86 24.78 -5.45
CA LEU B 1203 -9.79 23.99 -4.24
C LEU B 1203 -10.56 24.66 -3.12
N PHE B 1204 -10.29 25.94 -2.89
CA PHE B 1204 -10.94 26.61 -1.79
C PHE B 1204 -12.45 26.53 -1.91
N GLN B 1205 -12.98 26.69 -3.11
CA GLN B 1205 -14.43 26.62 -3.24
C GLN B 1205 -14.96 25.22 -2.99
N GLU B 1206 -14.28 24.18 -3.48
CA GLU B 1206 -14.79 22.85 -3.18
C GLU B 1206 -14.83 22.64 -1.68
N LEU B 1207 -13.84 23.17 -0.98
CA LEU B 1207 -13.89 23.15 0.47
C LEU B 1207 -15.12 23.86 1.00
N MET B 1208 -15.26 25.15 0.70
CA MET B 1208 -16.39 25.87 1.25
C MET B 1208 -17.70 25.24 0.88
N ALA B 1209 -17.69 24.30 -0.04
CA ALA B 1209 -18.89 23.49 -0.19
C ALA B 1209 -18.89 22.29 0.73
N MET B 1210 -17.77 21.93 1.34
CA MET B 1210 -17.83 20.89 2.36
C MET B 1210 -17.86 21.41 3.78
N ASN B 1211 -18.11 22.71 3.99
CA ASN B 1211 -18.05 23.32 5.32
C ASN B 1211 -16.68 23.18 5.97
N ILE B 1212 -15.72 23.84 5.37
CA ILE B 1212 -14.44 24.18 5.97
C ILE B 1212 -14.13 25.57 5.46
N ALA B 1213 -13.55 26.41 6.29
CA ALA B 1213 -13.48 27.83 5.97
C ALA B 1213 -12.04 28.29 5.83
N PRO B 1214 -11.40 28.05 4.70
CA PRO B 1214 -9.99 28.43 4.61
C PRO B 1214 -9.89 29.94 4.56
N ARG B 1215 -9.63 30.54 5.70
CA ARG B 1215 -9.44 31.96 5.76
C ARG B 1215 -8.01 32.25 5.36
N LEU B 1216 -7.84 33.12 4.39
CA LEU B 1216 -6.53 33.59 3.97
C LEU B 1216 -6.31 34.94 4.65
N TYR B 1217 -5.47 34.96 5.65
CA TYR B 1217 -5.07 36.21 6.25
C TYR B 1217 -3.79 36.67 5.60
N THR B 1218 -3.62 37.97 5.44
CA THR B 1218 -2.43 38.48 4.79
C THR B 1218 -1.39 38.97 5.76
N GLU B 1219 -1.66 38.99 7.05
CA GLU B 1219 -0.71 39.53 8.00
C GLU B 1219 -0.37 38.54 9.10
N ARG B 1220 0.87 38.58 9.54
CA ARG B 1220 1.30 37.68 10.59
C ARG B 1220 0.89 38.20 11.97
N SER B 1221 0.23 37.34 12.73
CA SER B 1221 -0.07 37.64 14.11
C SER B 1221 0.37 36.54 15.06
N GLY B 1222 0.29 35.28 14.63
CA GLY B 1222 0.71 34.16 15.46
C GLY B 1222 -0.03 34.06 16.76
N GLU C 4 53.63 13.19 -65.21
CA GLU C 4 54.02 12.08 -64.37
C GLU C 4 52.95 11.00 -64.22
N PRO C 5 51.73 11.37 -63.82
CA PRO C 5 50.69 10.37 -63.59
C PRO C 5 50.47 9.55 -64.83
N LYS C 6 50.03 8.31 -64.65
CA LYS C 6 49.89 7.42 -65.79
C LYS C 6 48.62 6.62 -65.68
N VAL C 7 48.26 5.97 -66.75
CA VAL C 7 47.01 5.25 -66.81
C VAL C 7 47.20 3.92 -67.50
N ASN C 8 46.43 2.94 -67.08
CA ASN C 8 46.53 1.66 -67.72
C ASN C 8 45.19 0.95 -67.58
N ILE C 9 44.32 1.11 -68.58
CA ILE C 9 43.18 0.24 -68.75
C ILE C 9 43.66 -1.20 -68.69
N ILE C 10 42.78 -2.12 -68.34
CA ILE C 10 43.09 -3.53 -68.43
C ILE C 10 41.99 -4.29 -69.15
N ASN C 11 40.78 -4.29 -68.60
CA ASN C 11 39.64 -4.82 -69.30
C ASN C 11 38.58 -3.74 -69.42
N ALA C 12 38.01 -3.64 -70.61
CA ALA C 12 37.18 -2.48 -70.90
C ALA C 12 36.02 -2.89 -71.77
N GLN C 13 34.90 -2.25 -71.55
CA GLN C 13 33.75 -2.31 -72.42
C GLN C 13 33.04 -0.97 -72.21
N ASP C 14 31.76 -0.90 -72.50
CA ASP C 14 31.12 0.39 -72.32
C ASP C 14 30.65 0.64 -70.89
N ASP C 15 30.52 -0.39 -70.08
CA ASP C 15 30.02 -0.19 -68.74
C ASP C 15 31.09 -0.32 -67.67
N GLU C 16 31.99 -1.29 -67.76
CA GLU C 16 32.99 -1.44 -66.72
C GLU C 16 34.37 -1.26 -67.33
N VAL C 17 35.26 -0.63 -66.57
CA VAL C 17 36.54 -0.20 -67.09
C VAL C 17 37.59 -0.37 -66.01
N GLU C 18 38.20 -1.54 -65.98
CA GLU C 18 39.07 -1.93 -64.88
C GLU C 18 40.45 -1.33 -65.13
N LEU C 19 40.66 -0.11 -64.68
CA LEU C 19 41.88 0.60 -65.00
C LEU C 19 42.81 0.53 -63.82
N MET C 20 44.05 0.96 -64.02
CA MET C 20 45.10 0.90 -63.00
C MET C 20 45.80 2.25 -62.94
N LEU C 21 45.13 3.20 -62.33
CA LEU C 21 45.73 4.51 -62.18
C LEU C 21 46.91 4.38 -61.26
N SER C 22 48.08 4.75 -61.72
CA SER C 22 49.28 4.57 -60.92
C SER C 22 50.05 5.86 -60.80
N ASP C 23 50.85 5.93 -59.75
CA ASP C 23 51.83 6.98 -59.57
C ASP C 23 51.17 8.33 -59.33
N VAL C 24 50.08 8.29 -58.58
CA VAL C 24 49.44 9.47 -58.02
C VAL C 24 49.10 9.18 -56.57
N ASN C 25 48.76 10.24 -55.86
CA ASN C 25 48.57 10.21 -54.43
C ASN C 25 47.45 9.27 -54.05
N LEU C 26 47.14 9.23 -52.76
CA LEU C 26 45.94 8.54 -52.33
C LEU C 26 44.74 9.46 -52.36
N SER C 27 44.89 10.66 -51.84
CA SER C 27 43.76 11.56 -51.85
C SER C 27 43.27 11.83 -53.25
N LEU C 28 44.16 11.78 -54.23
CA LEU C 28 43.69 12.11 -55.56
C LEU C 28 42.78 11.02 -56.10
N ALA C 29 43.16 9.77 -55.91
CA ALA C 29 42.24 8.71 -56.30
C ALA C 29 40.95 8.81 -55.52
N ASN C 30 41.03 9.20 -54.26
CA ASN C 30 39.78 9.24 -53.51
C ASN C 30 38.88 10.36 -53.98
N SER C 31 39.42 11.55 -54.19
CA SER C 31 38.64 12.63 -54.77
C SER C 31 38.00 12.19 -56.06
N LEU C 32 38.76 11.51 -56.91
CA LEU C 32 38.20 11.04 -58.16
C LEU C 32 37.04 10.11 -57.90
N ARG C 33 37.16 9.22 -56.92
CA ARG C 33 36.08 8.29 -56.68
C ARG C 33 34.81 9.02 -56.25
N ARG C 34 34.95 9.93 -55.29
CA ARG C 34 33.78 10.68 -54.86
C ARG C 34 33.19 11.48 -56.00
N THR C 35 34.01 11.95 -56.94
CA THR C 35 33.43 12.69 -58.04
C THR C 35 32.65 11.79 -58.96
N MET C 36 33.21 10.66 -59.33
CA MET C 36 32.44 9.76 -60.17
C MET C 36 31.19 9.26 -59.48
N LEU C 37 31.08 9.34 -58.17
CA LEU C 37 29.77 8.95 -57.67
C LEU C 37 28.85 10.10 -57.38
N ALA C 38 29.34 11.28 -57.08
CA ALA C 38 28.44 12.36 -56.75
C ALA C 38 28.21 13.32 -57.92
N GLU C 39 29.24 14.06 -58.31
CA GLU C 39 29.01 15.33 -58.98
C GLU C 39 29.15 15.26 -60.50
N VAL C 40 28.68 14.20 -61.14
CA VAL C 40 28.68 14.09 -62.59
C VAL C 40 27.25 14.24 -63.08
N PRO C 41 26.86 15.37 -63.66
CA PRO C 41 25.45 15.64 -63.89
C PRO C 41 24.81 14.67 -64.87
N THR C 42 23.61 14.21 -64.55
CA THR C 42 22.79 13.54 -65.54
C THR C 42 21.39 14.12 -65.58
N LEU C 43 20.48 13.37 -66.19
CA LEU C 43 19.20 13.87 -66.64
C LEU C 43 18.14 12.85 -66.31
N ALA C 44 17.22 13.21 -65.45
CA ALA C 44 16.30 12.19 -64.98
C ALA C 44 14.96 12.83 -64.67
N ILE C 45 13.97 11.99 -64.41
CA ILE C 45 12.59 12.38 -64.23
C ILE C 45 12.45 13.09 -62.90
N ASP C 46 11.86 14.28 -62.93
CA ASP C 46 11.80 15.15 -61.77
C ASP C 46 10.41 15.63 -61.39
N LEU C 47 9.46 15.75 -62.33
CA LEU C 47 8.09 16.14 -62.00
C LEU C 47 7.12 15.27 -62.75
N VAL C 48 6.74 14.15 -62.19
CA VAL C 48 5.62 13.39 -62.69
C VAL C 48 4.41 14.29 -62.58
N GLU C 49 3.52 14.23 -63.58
CA GLU C 49 2.23 14.91 -63.51
C GLU C 49 1.17 13.95 -64.02
N ILE C 50 0.63 13.14 -63.11
CA ILE C 50 -0.34 12.14 -63.51
C ILE C 50 -1.58 12.82 -64.05
N LYS C 51 -2.08 12.31 -65.17
CA LYS C 51 -3.39 12.72 -65.65
C LYS C 51 -4.41 11.63 -65.42
N MET C 52 -4.02 10.37 -65.48
CA MET C 52 -5.03 9.36 -65.19
C MET C 52 -4.40 8.08 -64.70
N ASN C 53 -4.91 7.58 -63.60
CA ASN C 53 -4.49 6.29 -63.07
C ASN C 53 -5.70 5.45 -62.73
N THR C 54 -5.62 4.20 -63.13
CA THR C 54 -6.60 3.18 -62.79
C THR C 54 -5.88 1.88 -62.54
N SER C 55 -4.62 1.97 -62.12
CA SER C 55 -3.82 0.80 -61.87
C SER C 55 -4.31 0.08 -60.63
N VAL C 56 -3.43 -0.74 -60.04
CA VAL C 56 -3.58 -1.08 -58.63
C VAL C 56 -2.54 -0.42 -57.76
N LEU C 57 -1.54 0.22 -58.37
CA LEU C 57 -0.45 0.82 -57.63
C LEU C 57 -0.78 2.26 -57.32
N ALA C 58 -0.22 2.74 -56.23
CA ALA C 58 -0.39 4.13 -55.84
C ALA C 58 0.19 5.04 -56.92
N ASP C 59 0.05 6.35 -56.71
CA ASP C 59 0.47 7.33 -57.71
C ASP C 59 1.92 7.74 -57.53
N GLU C 60 2.22 8.39 -56.42
CA GLU C 60 3.58 8.72 -56.03
C GLU C 60 4.51 7.54 -56.17
N PHE C 61 3.99 6.32 -56.12
CA PHE C 61 4.80 5.13 -56.31
C PHE C 61 5.38 5.09 -57.72
N ILE C 62 4.50 5.13 -58.72
CA ILE C 62 5.01 5.11 -60.08
C ILE C 62 5.77 6.39 -60.34
N SER C 63 5.40 7.47 -59.68
CA SER C 63 6.27 8.63 -59.70
C SER C 63 7.66 8.26 -59.27
N HIS C 64 7.77 7.59 -58.13
CA HIS C 64 9.05 7.19 -57.59
C HIS C 64 9.85 6.38 -58.59
N ARG C 65 9.27 5.32 -59.12
CA ARG C 65 10.07 4.50 -60.03
C ARG C 65 10.49 5.27 -61.25
N LEU C 66 9.56 5.91 -61.95
CA LEU C 66 9.97 6.70 -63.10
C LEU C 66 11.03 7.69 -62.74
N GLY C 67 11.04 8.16 -61.49
CA GLY C 67 12.04 9.13 -61.10
C GLY C 67 13.45 8.57 -61.13
N LEU C 68 13.60 7.27 -61.28
CA LEU C 68 14.94 6.72 -61.22
C LEU C 68 15.49 6.36 -62.58
N ILE C 69 14.64 6.09 -63.55
CA ILE C 69 15.00 5.39 -64.78
C ILE C 69 16.27 5.93 -65.40
N PRO C 70 17.17 5.07 -65.88
CA PRO C 70 18.36 5.57 -66.58
C PRO C 70 17.97 6.22 -67.89
N LEU C 71 18.52 7.39 -68.16
CA LEU C 71 18.22 8.12 -69.38
C LEU C 71 19.50 8.42 -70.17
N VAL C 72 19.43 8.13 -71.45
CA VAL C 72 20.59 8.33 -72.31
C VAL C 72 20.95 9.80 -72.25
N SER C 73 22.03 10.10 -71.57
CA SER C 73 22.29 11.48 -71.18
C SER C 73 23.61 11.93 -71.73
N GLU C 74 24.01 11.36 -72.84
CA GLU C 74 25.33 11.61 -73.40
C GLU C 74 25.57 13.08 -73.67
N ASP C 75 24.52 13.84 -73.94
CA ASP C 75 24.64 15.24 -74.32
C ASP C 75 24.21 16.16 -73.22
N VAL C 76 23.98 15.61 -72.03
CA VAL C 76 23.29 16.34 -70.98
C VAL C 76 24.04 17.61 -70.58
N GLU C 77 25.34 17.67 -70.82
CA GLU C 77 26.14 18.79 -70.34
C GLU C 77 26.09 20.01 -71.24
N GLU C 78 25.05 20.17 -72.04
CA GLU C 78 24.81 21.39 -72.79
C GLU C 78 23.43 21.96 -72.54
N MET C 79 22.91 21.76 -71.33
CA MET C 79 21.50 21.97 -71.03
C MET C 79 21.40 22.58 -69.63
N LYS C 80 21.03 23.86 -69.56
CA LYS C 80 21.22 24.64 -68.34
C LYS C 80 20.49 24.03 -67.16
N TYR C 81 20.90 24.41 -65.96
CA TYR C 81 20.34 23.88 -64.72
C TYR C 81 18.90 24.30 -64.52
N SER C 82 18.16 23.45 -63.81
CA SER C 82 16.73 23.64 -63.65
C SER C 82 16.42 24.93 -62.91
N ARG C 83 17.25 25.28 -61.95
CA ARG C 83 16.96 26.45 -61.13
C ARG C 83 17.50 27.74 -61.72
N ASP C 84 18.15 27.67 -62.88
CA ASP C 84 18.84 28.85 -63.39
C ASP C 84 18.55 29.09 -64.87
N CYS C 85 17.46 28.55 -65.39
CA CYS C 85 17.07 28.82 -66.77
C CYS C 85 16.30 30.13 -66.83
N THR C 86 16.64 30.95 -67.83
CA THR C 86 16.11 32.31 -67.90
C THR C 86 14.62 32.36 -68.13
N CYS C 87 13.95 31.22 -68.18
CA CYS C 87 12.52 31.14 -68.39
C CYS C 87 11.83 30.81 -67.07
N GLU C 88 10.51 30.73 -67.12
CA GLU C 88 9.75 30.23 -65.99
C GLU C 88 9.74 28.70 -65.99
N ASP C 89 8.86 28.14 -65.16
CA ASP C 89 8.75 26.68 -65.02
C ASP C 89 8.59 26.01 -66.37
N TYR C 90 8.92 24.73 -66.43
CA TYR C 90 9.52 24.08 -67.60
C TYR C 90 9.09 24.61 -68.95
N CYS C 91 10.08 24.95 -69.77
CA CYS C 91 9.91 25.07 -71.21
C CYS C 91 10.76 23.97 -71.81
N ASP C 92 10.96 23.97 -73.13
CA ASP C 92 11.72 22.89 -73.74
C ASP C 92 13.20 23.23 -73.87
N GLU C 93 13.68 24.23 -73.13
CA GLU C 93 15.10 24.53 -73.11
C GLU C 93 15.83 23.72 -72.04
N CYS C 94 15.30 23.66 -70.82
CA CYS C 94 15.90 22.96 -69.69
C CYS C 94 15.03 21.81 -69.23
N SER C 95 14.46 21.08 -70.16
CA SER C 95 13.62 19.96 -69.83
C SER C 95 13.38 19.13 -71.07
N VAL C 96 13.24 17.85 -70.88
CA VAL C 96 12.77 16.98 -71.94
C VAL C 96 11.56 16.27 -71.38
N VAL C 97 10.46 16.31 -72.14
CA VAL C 97 9.17 15.85 -71.65
C VAL C 97 8.88 14.48 -72.24
N LEU C 98 8.40 13.57 -71.41
CA LEU C 98 8.17 12.21 -71.83
C LEU C 98 6.77 11.79 -71.44
N GLU C 99 5.95 11.38 -72.39
CA GLU C 99 4.59 10.94 -72.06
C GLU C 99 4.41 9.47 -72.31
N LEU C 100 3.83 8.77 -71.35
CA LEU C 100 3.50 7.38 -71.48
C LEU C 100 2.04 7.20 -71.16
N SER C 101 1.38 6.28 -71.85
CA SER C 101 -0.02 6.01 -71.57
C SER C 101 -0.42 4.69 -72.23
N ALA C 102 -0.41 3.63 -71.44
CA ALA C 102 -0.91 2.36 -71.95
C ALA C 102 -2.22 2.03 -71.27
N ARG C 103 -2.92 1.05 -71.85
CA ARG C 103 -4.25 0.76 -71.37
C ARG C 103 -4.58 -0.68 -71.75
N HIS C 104 -4.58 -1.58 -70.77
CA HIS C 104 -4.84 -2.98 -71.09
C HIS C 104 -6.30 -3.09 -71.49
N GLU C 105 -6.58 -2.64 -72.69
CA GLU C 105 -7.92 -2.67 -73.24
C GLU C 105 -8.22 -4.07 -73.73
N GLY C 106 -9.45 -4.51 -73.51
CA GLY C 106 -9.76 -5.90 -73.72
C GLY C 106 -9.81 -6.55 -72.36
N GLU C 107 -10.89 -7.26 -72.07
CA GLU C 107 -11.19 -7.68 -70.71
C GLU C 107 -10.60 -9.05 -70.37
N GLU C 108 -9.38 -9.32 -70.80
CA GLU C 108 -8.68 -10.52 -70.36
C GLU C 108 -7.19 -10.37 -70.61
N GLY C 109 -6.39 -10.63 -69.59
CA GLY C 109 -4.94 -10.69 -69.71
C GLY C 109 -4.25 -9.60 -68.92
N THR C 110 -2.92 -9.64 -68.96
CA THR C 110 -2.07 -8.73 -68.20
C THR C 110 -1.22 -7.94 -69.18
N THR C 111 -0.89 -6.70 -68.82
CA THR C 111 -0.03 -5.86 -69.64
C THR C 111 1.12 -5.36 -68.80
N ASP C 112 2.35 -5.67 -69.21
CA ASP C 112 3.56 -5.22 -68.55
C ASP C 112 3.93 -3.85 -69.09
N VAL C 113 3.62 -2.79 -68.35
CA VAL C 113 3.96 -1.50 -68.89
C VAL C 113 5.46 -1.28 -68.68
N TYR C 114 6.27 -1.62 -69.67
CA TYR C 114 7.70 -1.53 -69.49
C TYR C 114 8.16 -0.09 -69.55
N SER C 115 9.48 0.06 -69.68
CA SER C 115 10.02 1.39 -69.90
C SER C 115 10.19 1.67 -71.37
N SER C 116 10.42 0.65 -72.17
CA SER C 116 10.56 0.87 -73.60
C SER C 116 9.36 1.62 -74.17
N SER C 117 8.20 1.49 -73.55
CA SER C 117 7.01 2.17 -74.00
C SER C 117 7.08 3.68 -73.81
N LEU C 118 8.02 4.18 -73.01
CA LEU C 118 8.15 5.61 -72.91
C LEU C 118 8.57 6.20 -74.23
N ILE C 119 7.75 7.10 -74.73
CA ILE C 119 8.01 7.77 -75.99
C ILE C 119 8.38 9.20 -75.68
N LYS C 120 9.57 9.61 -76.09
CA LYS C 120 9.88 11.03 -76.03
C LYS C 120 8.88 11.79 -76.86
N VAL C 121 8.22 12.77 -76.25
CA VAL C 121 7.39 13.68 -77.01
C VAL C 121 8.21 14.79 -77.64
N SER C 122 8.94 15.54 -76.82
CA SER C 122 9.68 16.67 -77.31
C SER C 122 10.96 16.77 -76.50
N GLY C 123 11.76 17.78 -76.78
CA GLY C 123 13.03 17.98 -76.12
C GLY C 123 13.98 18.78 -76.98
N PRO C 124 14.84 19.60 -76.36
CA PRO C 124 15.74 20.44 -77.18
C PRO C 124 16.73 19.56 -77.95
N GLY C 125 16.27 19.07 -79.09
CA GLY C 125 17.05 18.17 -79.91
C GLY C 125 18.02 18.88 -80.83
N ASN C 126 18.70 18.07 -81.63
CA ASN C 126 18.51 16.63 -81.57
C ASN C 126 19.59 15.99 -80.72
N LEU C 127 20.00 16.74 -79.70
CA LEU C 127 20.89 16.20 -78.69
C LEU C 127 20.33 14.88 -78.21
N ASN C 128 21.09 13.80 -78.40
CA ASN C 128 20.55 12.46 -78.18
C ASN C 128 20.32 12.26 -76.68
N VAL C 129 19.28 12.91 -76.18
CA VAL C 129 19.01 12.91 -74.75
C VAL C 129 17.66 12.27 -74.50
N GLY C 130 17.32 12.17 -73.23
CA GLY C 130 15.97 11.92 -72.79
C GLY C 130 15.44 10.53 -73.04
N GLU C 131 15.95 9.81 -74.01
CA GLU C 131 15.40 8.50 -74.28
C GLU C 131 15.61 7.62 -73.05
N PRO C 132 14.82 6.60 -72.86
CA PRO C 132 15.19 5.57 -71.90
C PRO C 132 16.39 4.82 -72.46
N VAL C 133 17.09 4.12 -71.58
CA VAL C 133 18.29 3.43 -71.98
C VAL C 133 18.00 1.95 -72.22
N ARG C 134 18.66 1.39 -73.22
CA ARG C 134 18.41 0.03 -73.66
C ARG C 134 19.68 -0.79 -73.57
N ARG C 135 19.58 -1.99 -72.97
CA ARG C 135 20.70 -2.90 -73.03
C ARG C 135 20.93 -3.25 -74.48
N ASP C 136 20.00 -3.97 -75.03
CA ASP C 136 20.01 -4.39 -76.41
C ASP C 136 18.97 -3.53 -77.11
N ASP C 137 18.70 -3.81 -78.39
CA ASP C 137 17.63 -3.08 -79.02
C ASP C 137 16.31 -3.84 -78.97
N TYR C 138 16.34 -5.11 -78.59
CA TYR C 138 15.17 -5.88 -78.19
C TYR C 138 15.03 -5.93 -76.69
N ASP C 139 15.34 -4.84 -76.03
CA ASP C 139 15.47 -4.80 -74.58
C ASP C 139 14.26 -4.06 -74.03
N GLN C 140 13.31 -4.83 -73.52
CA GLN C 140 12.07 -4.23 -73.01
C GLN C 140 12.37 -3.23 -71.92
N GLY C 141 13.04 -3.68 -70.86
CA GLY C 141 13.55 -2.75 -69.87
C GLY C 141 12.90 -2.81 -68.51
N ILE C 142 12.79 -1.66 -67.85
CA ILE C 142 12.26 -1.60 -66.50
C ILE C 142 10.81 -2.08 -66.51
N LEU C 143 10.33 -2.53 -65.34
CA LEU C 143 8.99 -3.13 -65.22
C LEU C 143 8.10 -2.23 -64.38
N LEU C 144 7.64 -1.14 -64.98
CA LEU C 144 7.01 -0.03 -64.26
C LEU C 144 5.69 -0.39 -63.61
N CYS C 145 4.98 -1.40 -64.11
CA CYS C 145 3.64 -1.66 -63.62
C CYS C 145 3.05 -2.85 -64.33
N LYS C 146 2.08 -3.46 -63.68
CA LYS C 146 1.24 -4.45 -64.34
C LYS C 146 -0.19 -3.94 -64.37
N LEU C 147 -0.87 -4.17 -65.48
CA LEU C 147 -2.27 -3.80 -65.59
C LEU C 147 -3.13 -4.99 -65.95
N ARG C 148 -4.39 -4.90 -65.57
CA ARG C 148 -5.46 -5.79 -65.98
C ARG C 148 -6.60 -4.97 -66.58
N ASN C 149 -7.71 -5.64 -66.82
CA ASN C 149 -8.91 -5.10 -67.46
C ASN C 149 -9.21 -3.66 -67.05
N HIS C 150 -9.37 -2.79 -68.04
CA HIS C 150 -9.80 -1.41 -67.89
C HIS C 150 -8.84 -0.56 -67.07
N GLN C 151 -7.72 -1.09 -66.67
CA GLN C 151 -6.83 -0.36 -65.80
C GLN C 151 -5.98 0.56 -66.67
N GLU C 152 -6.54 1.70 -67.03
CA GLU C 152 -5.81 2.66 -67.84
C GLU C 152 -4.75 3.35 -67.00
N LEU C 153 -3.64 3.70 -67.63
CA LEU C 153 -2.58 4.51 -67.03
C LEU C 153 -2.11 5.54 -68.05
N ASN C 154 -1.96 6.80 -67.63
CA ASN C 154 -1.61 7.89 -68.53
C ASN C 154 -0.91 8.97 -67.72
N ILE C 155 0.34 9.26 -68.10
CA ILE C 155 1.27 10.02 -67.28
C ILE C 155 2.17 10.85 -68.16
N ARG C 156 2.56 11.99 -67.65
CA ARG C 156 3.44 12.92 -68.35
C ARG C 156 4.61 13.18 -67.42
N CYS C 157 5.79 13.40 -67.97
CA CYS C 157 6.98 13.56 -67.17
C CYS C 157 7.84 14.71 -67.66
N ILE C 158 8.30 15.50 -66.72
CA ILE C 158 9.42 16.39 -66.93
C ILE C 158 10.69 15.62 -66.62
N ALA C 159 11.78 16.02 -67.25
CA ALA C 159 13.10 15.48 -66.94
C ALA C 159 14.08 16.63 -66.88
N LYS C 160 14.85 16.70 -65.80
CA LYS C 160 15.74 17.81 -65.59
C LYS C 160 17.15 17.30 -65.31
N LYS C 161 18.08 18.23 -65.15
CA LYS C 161 19.49 17.94 -65.04
C LYS C 161 20.00 18.25 -63.66
N GLY C 162 20.41 17.21 -62.94
CA GLY C 162 20.79 17.36 -61.54
C GLY C 162 22.02 16.54 -61.22
N ILE C 163 22.53 16.76 -60.01
CA ILE C 163 23.77 16.12 -59.58
C ILE C 163 23.37 15.01 -58.63
N ALA C 164 24.32 14.37 -57.96
CA ALA C 164 23.90 13.36 -57.01
C ALA C 164 23.62 13.89 -55.62
N LYS C 165 24.24 14.99 -55.21
CA LYS C 165 23.88 15.57 -53.92
C LYS C 165 22.39 15.85 -53.83
N GLU C 166 21.74 16.06 -54.96
CA GLU C 166 20.31 16.25 -54.95
C GLU C 166 19.62 14.97 -54.52
N HIS C 167 20.05 13.85 -55.07
CA HIS C 167 19.29 12.65 -54.80
C HIS C 167 20.08 11.49 -55.35
N ALA C 168 19.55 10.30 -55.17
CA ALA C 168 20.19 9.10 -55.69
C ALA C 168 19.74 8.76 -57.09
N LYS C 169 19.21 9.72 -57.83
CA LYS C 169 18.78 9.39 -59.17
C LYS C 169 19.67 10.00 -60.22
N TRP C 170 20.30 11.12 -59.95
CA TRP C 170 21.35 11.55 -60.85
C TRP C 170 22.66 10.88 -60.50
N SER C 171 22.59 9.65 -60.01
CA SER C 171 23.76 8.85 -59.73
C SER C 171 24.29 8.19 -60.99
N PRO C 172 25.18 8.84 -61.75
CA PRO C 172 25.51 8.29 -63.05
C PRO C 172 26.10 6.91 -62.97
N CYS C 173 27.01 6.69 -62.03
CA CYS C 173 27.77 5.47 -61.98
C CYS C 173 27.31 4.68 -60.78
N SER C 174 27.41 3.36 -60.86
CA SER C 174 26.76 2.59 -59.81
C SER C 174 27.72 2.31 -58.67
N ALA C 175 28.73 1.49 -58.90
CA ALA C 175 29.40 0.87 -57.77
C ALA C 175 30.90 0.82 -58.02
N ILE C 176 31.62 1.81 -57.53
CA ILE C 176 33.04 1.97 -57.78
C ILE C 176 33.79 1.00 -56.89
N ALA C 177 34.56 0.10 -57.52
CA ALA C 177 35.48 -0.73 -56.77
C ALA C 177 36.75 0.05 -56.45
N PHE C 178 37.66 -0.59 -55.72
CA PHE C 178 38.87 0.10 -55.32
C PHE C 178 39.78 -0.85 -54.58
N GLU C 179 41.10 -0.80 -54.81
CA GLU C 179 42.06 -1.33 -53.82
C GLU C 179 43.48 -1.13 -54.30
N TYR C 180 44.38 -0.93 -53.35
CA TYR C 180 45.78 -0.66 -53.65
C TYR C 180 46.67 -1.29 -52.60
N ASP C 181 47.85 -1.74 -53.02
CA ASP C 181 48.75 -2.46 -52.13
C ASP C 181 48.03 -3.68 -51.59
N PRO C 182 47.69 -4.64 -52.44
CA PRO C 182 47.03 -5.84 -51.96
C PRO C 182 47.87 -6.68 -51.04
N HIS C 183 49.18 -6.49 -51.01
CA HIS C 183 50.01 -7.23 -50.06
C HIS C 183 50.46 -6.40 -48.88
N ASN C 184 49.66 -5.47 -48.41
CA ASN C 184 49.88 -4.89 -47.10
C ASN C 184 51.25 -4.24 -47.00
N LYS C 185 51.94 -4.13 -48.11
CA LYS C 185 53.36 -3.82 -48.03
C LYS C 185 53.60 -2.44 -47.49
N LEU C 186 52.57 -1.78 -47.02
CA LEU C 186 52.71 -0.57 -46.25
C LEU C 186 52.36 -0.76 -44.80
N LYS C 187 51.86 -1.94 -44.43
CA LYS C 187 51.36 -2.16 -43.09
C LYS C 187 50.35 -1.09 -42.72
N HIS C 188 49.51 -0.71 -43.69
CA HIS C 188 48.39 0.14 -43.37
C HIS C 188 47.28 -0.62 -42.69
N THR C 189 47.23 -1.92 -42.86
CA THR C 189 46.19 -2.69 -42.20
C THR C 189 46.80 -3.44 -41.04
N ASP C 190 46.01 -4.32 -40.46
CA ASP C 190 46.50 -5.11 -39.34
C ASP C 190 45.64 -6.37 -39.24
N PHE C 191 45.96 -7.37 -40.02
CA PHE C 191 45.04 -8.47 -40.22
C PHE C 191 44.72 -9.14 -38.89
N TRP C 192 43.43 -9.29 -38.64
CA TRP C 192 42.96 -10.18 -37.59
C TRP C 192 43.35 -11.58 -37.96
N PHE C 193 43.58 -12.42 -36.98
CA PHE C 193 44.02 -13.77 -37.27
C PHE C 193 43.94 -14.57 -35.99
N GLU C 194 43.76 -15.87 -36.13
CA GLU C 194 43.84 -16.72 -34.95
C GLU C 194 45.11 -17.55 -34.98
N VAL C 195 45.31 -18.27 -36.07
CA VAL C 195 46.38 -19.24 -36.19
C VAL C 195 47.53 -18.67 -36.98
N ASP C 196 47.25 -17.98 -38.07
CA ASP C 196 48.28 -17.35 -38.87
C ASP C 196 47.64 -16.31 -39.77
N ALA C 197 48.36 -15.23 -40.05
CA ALA C 197 47.80 -14.26 -40.97
C ALA C 197 47.70 -14.81 -42.38
N LYS C 198 48.83 -15.17 -42.98
CA LYS C 198 48.86 -15.45 -44.40
C LYS C 198 47.89 -16.54 -44.83
N LYS C 199 47.42 -17.36 -43.90
CA LYS C 199 46.45 -18.34 -44.35
C LYS C 199 45.14 -17.68 -44.75
N GLU C 200 44.42 -17.10 -43.79
CA GLU C 200 42.99 -16.93 -43.96
C GLU C 200 42.59 -15.82 -44.92
N TRP C 201 43.17 -14.64 -44.82
CA TRP C 201 42.77 -13.55 -45.70
C TRP C 201 43.06 -13.93 -47.14
N PRO C 202 42.06 -14.32 -47.92
CA PRO C 202 42.33 -14.79 -49.26
C PRO C 202 42.92 -13.66 -50.07
N ASP C 203 43.81 -14.03 -50.98
CA ASP C 203 44.55 -12.99 -51.67
C ASP C 203 43.65 -12.29 -52.67
N SER C 204 43.83 -10.99 -52.76
CA SER C 204 42.96 -10.19 -53.60
C SER C 204 43.13 -10.55 -55.06
N LYS C 205 42.08 -10.27 -55.83
CA LYS C 205 42.10 -10.43 -57.27
C LYS C 205 43.25 -9.70 -57.93
N TYR C 206 44.06 -9.00 -57.15
CA TYR C 206 45.25 -8.32 -57.64
C TYR C 206 46.52 -8.95 -57.09
N ALA C 207 46.58 -10.27 -57.02
CA ALA C 207 47.82 -10.90 -56.61
C ALA C 207 48.93 -10.61 -57.58
N THR C 208 48.78 -11.04 -58.82
CA THR C 208 49.92 -11.08 -59.71
C THR C 208 50.42 -9.72 -60.13
N TRP C 209 49.67 -8.65 -59.91
CA TRP C 209 50.12 -7.37 -60.44
C TRP C 209 51.27 -6.78 -59.66
N GLU C 210 51.54 -7.27 -58.45
CA GLU C 210 52.75 -6.86 -57.72
C GLU C 210 53.33 -8.10 -57.05
N GLU C 211 54.63 -8.10 -56.86
CA GLU C 211 55.37 -9.30 -56.51
C GLU C 211 55.43 -9.50 -55.01
N PRO C 212 55.37 -10.75 -54.55
CA PRO C 212 55.17 -11.01 -53.13
C PRO C 212 56.32 -10.45 -52.30
N PRO C 213 56.16 -10.35 -50.99
CA PRO C 213 57.19 -9.70 -50.17
C PRO C 213 58.35 -10.62 -49.91
N LYS C 214 59.54 -10.02 -49.82
CA LYS C 214 60.53 -11.05 -49.52
C LYS C 214 60.62 -11.30 -48.02
N PRO C 215 60.98 -12.52 -47.62
CA PRO C 215 61.01 -12.83 -46.18
C PRO C 215 61.95 -11.95 -45.37
N GLY C 216 63.21 -11.79 -45.80
CA GLY C 216 64.11 -10.93 -45.06
C GLY C 216 63.89 -9.45 -45.24
N GLU C 217 62.92 -9.07 -46.06
CA GLU C 217 62.68 -7.66 -46.32
C GLU C 217 62.30 -6.95 -45.02
N VAL C 218 62.93 -5.80 -44.79
CA VAL C 218 62.60 -4.96 -43.66
C VAL C 218 61.39 -4.10 -44.04
N PHE C 219 60.81 -3.40 -43.07
CA PHE C 219 59.76 -2.45 -43.37
C PHE C 219 60.36 -1.25 -44.10
N ASP C 220 59.83 -0.94 -45.27
CA ASP C 220 60.19 0.34 -45.88
C ASP C 220 59.44 1.44 -45.17
N TYR C 221 60.14 2.18 -44.31
CA TYR C 221 59.49 3.25 -43.59
C TYR C 221 59.27 4.48 -44.44
N LYS C 222 59.62 4.45 -45.72
CA LYS C 222 59.46 5.63 -46.55
C LYS C 222 58.50 5.42 -47.71
N ALA C 223 58.08 4.20 -47.97
CA ALA C 223 57.22 3.90 -49.10
C ALA C 223 55.87 4.60 -48.97
N LYS C 224 55.06 4.50 -50.02
CA LYS C 224 53.75 5.10 -50.07
C LYS C 224 52.80 4.23 -50.86
N PRO C 225 51.50 4.44 -50.73
CA PRO C 225 50.57 3.84 -51.67
C PRO C 225 50.76 4.51 -53.02
N ASN C 226 51.15 3.73 -54.00
CA ASN C 226 51.56 4.38 -55.23
C ASN C 226 50.86 3.84 -56.45
N ARG C 227 50.23 2.70 -56.38
CA ARG C 227 49.43 2.18 -57.46
C ARG C 227 48.01 2.03 -56.93
N PHE C 228 47.07 1.79 -57.83
CA PHE C 228 45.68 1.58 -57.45
C PHE C 228 45.07 0.59 -58.42
N TYR C 229 43.84 0.18 -58.14
CA TYR C 229 43.05 -0.46 -59.17
C TYR C 229 41.61 -0.10 -58.87
N MET C 230 40.94 0.56 -59.79
CA MET C 230 39.54 0.88 -59.57
C MET C 230 38.75 0.37 -60.76
N THR C 231 37.44 0.57 -60.74
CA THR C 231 36.56 -0.18 -61.63
C THR C 231 35.20 0.51 -61.73
N VAL C 232 35.06 1.43 -62.66
CA VAL C 232 33.87 2.27 -62.71
C VAL C 232 32.82 1.50 -63.48
N GLU C 233 31.74 1.14 -62.83
CA GLU C 233 30.57 0.67 -63.57
C GLU C 233 29.55 1.78 -63.77
N THR C 234 28.71 1.61 -64.78
CA THR C 234 27.56 2.45 -65.01
C THR C 234 26.40 1.60 -65.47
N THR C 235 25.21 2.01 -65.06
CA THR C 235 23.98 1.35 -65.49
C THR C 235 23.72 1.49 -66.97
N GLY C 236 24.45 2.38 -67.66
CA GLY C 236 24.24 2.63 -69.05
C GLY C 236 23.90 4.07 -69.37
N SER C 237 23.47 4.83 -68.38
CA SER C 237 23.07 6.20 -68.63
C SER C 237 24.15 7.01 -69.32
N LEU C 238 25.42 6.67 -69.11
CA LEU C 238 26.50 7.35 -69.79
C LEU C 238 27.48 6.30 -70.30
N LYS C 239 28.47 6.76 -71.04
CA LYS C 239 29.54 5.88 -71.51
C LYS C 239 30.76 6.02 -70.62
N ALA C 240 31.18 4.88 -70.06
CA ALA C 240 32.13 4.87 -68.95
C ALA C 240 33.28 5.82 -69.19
N ASN C 241 33.79 5.86 -70.41
CA ASN C 241 34.84 6.81 -70.70
C ASN C 241 34.35 8.23 -70.49
N GLN C 242 33.09 8.52 -70.85
CA GLN C 242 32.57 9.84 -70.51
C GLN C 242 32.51 10.01 -69.01
N VAL C 243 32.20 8.94 -68.28
CA VAL C 243 32.26 9.04 -66.83
C VAL C 243 33.57 9.67 -66.42
N PHE C 244 34.65 9.00 -66.75
CA PHE C 244 35.93 9.43 -66.23
C PHE C 244 36.29 10.79 -66.77
N SER C 245 36.08 11.00 -68.06
CA SER C 245 36.46 12.26 -68.68
C SER C 245 35.71 13.41 -68.01
N ARG C 246 34.47 13.15 -67.61
CA ARG C 246 33.66 14.19 -67.01
C ARG C 246 33.95 14.38 -65.55
N GLY C 247 34.26 13.32 -64.84
CA GLY C 247 34.77 13.50 -63.49
C GLY C 247 35.93 14.47 -63.52
N ILE C 248 36.85 14.24 -64.45
CA ILE C 248 38.01 15.11 -64.56
C ILE C 248 37.59 16.52 -64.91
N LYS C 249 36.70 16.67 -65.88
CA LYS C 249 36.29 18.01 -66.25
C LYS C 249 35.68 18.73 -65.07
N THR C 250 34.79 18.05 -64.36
CA THR C 250 34.12 18.70 -63.25
C THR C 250 35.12 19.14 -62.21
N LEU C 251 36.09 18.30 -61.94
CA LEU C 251 36.98 18.63 -60.85
C LEU C 251 37.88 19.78 -61.25
N GLN C 252 38.32 19.78 -62.51
CA GLN C 252 38.95 20.96 -63.05
C GLN C 252 38.08 22.19 -62.83
N GLU C 253 36.79 22.08 -63.13
CA GLU C 253 35.97 23.27 -63.08
C GLU C 253 35.78 23.74 -61.65
N LYS C 254 35.72 22.82 -60.72
CA LYS C 254 35.58 23.20 -59.32
C LYS C 254 36.82 23.93 -58.82
N LEU C 255 37.99 23.35 -59.06
CA LEU C 255 39.21 24.04 -58.65
C LEU C 255 39.39 25.34 -59.40
N ALA C 256 38.93 25.40 -60.64
CA ALA C 256 38.99 26.67 -61.32
C ALA C 256 38.11 27.70 -60.63
N ASN C 257 36.93 27.30 -60.22
CA ASN C 257 36.07 28.18 -59.46
C ASN C 257 36.77 28.67 -58.21
N VAL C 258 37.48 27.79 -57.53
CA VAL C 258 38.15 28.18 -56.30
C VAL C 258 39.27 29.16 -56.56
N LEU C 259 40.11 28.87 -57.55
CA LEU C 259 41.17 29.79 -57.92
C LEU C 259 40.59 31.14 -58.25
N PHE C 260 39.48 31.14 -58.97
CA PHE C 260 38.82 32.39 -59.29
C PHE C 260 38.33 33.09 -58.05
N GLU C 261 37.85 32.36 -57.06
CA GLU C 261 37.35 33.01 -55.85
C GLU C 261 38.48 33.68 -55.09
N LEU C 262 39.60 32.98 -54.96
CA LEU C 262 40.77 33.59 -54.36
C LEU C 262 41.14 34.87 -55.09
N GLU C 263 41.28 34.77 -56.41
CA GLU C 263 41.57 35.98 -57.17
C GLU C 263 40.47 37.02 -57.02
N ASN C 264 39.25 36.60 -56.71
CA ASN C 264 38.14 37.54 -56.58
C ASN C 264 38.31 38.39 -55.34
N SER C 265 38.58 37.76 -54.19
CA SER C 265 39.00 38.55 -53.05
C SER C 265 40.16 39.46 -53.42
N ARG C 266 41.05 38.96 -54.27
CA ARG C 266 42.16 39.72 -54.79
C ARG C 266 41.66 40.74 -55.80
N VAL D 3 -7.46 50.90 1.79
CA VAL D 3 -6.17 50.89 1.12
C VAL D 3 -5.08 51.26 2.11
N SER D 4 -5.14 52.49 2.65
CA SER D 4 -4.17 52.97 3.61
C SER D 4 -4.58 52.52 5.01
N THR D 5 -3.58 52.31 5.87
CA THR D 5 -3.81 51.63 7.14
C THR D 5 -3.20 52.42 8.29
N SER D 6 -3.19 51.78 9.46
CA SER D 6 -2.56 52.32 10.66
C SER D 6 -1.74 51.23 11.34
N THR D 7 -1.21 51.52 12.52
CA THR D 7 -0.36 50.56 13.21
C THR D 7 -1.15 49.35 13.70
N VAL D 8 -2.41 49.56 14.10
CA VAL D 8 -3.24 48.47 14.58
C VAL D 8 -4.32 48.17 13.55
N GLY D 9 -4.67 46.90 13.39
CA GLY D 9 -5.71 46.48 12.47
C GLY D 9 -6.60 45.38 13.00
N GLU D 22 -19.73 52.30 17.81
CA GLU D 22 -20.25 53.54 17.24
C GLU D 22 -19.78 54.79 17.99
N GLU D 23 -19.59 55.88 17.25
CA GLU D 23 -19.25 57.16 17.85
C GLU D 23 -20.48 57.80 18.47
N ASN D 24 -20.27 58.49 19.60
CA ASN D 24 -21.27 59.36 20.19
C ASN D 24 -20.53 60.48 20.91
N ALA D 25 -20.72 61.71 20.45
CA ALA D 25 -20.15 62.87 21.15
C ALA D 25 -20.70 62.97 22.57
N THR D 26 -21.86 62.36 22.82
CA THR D 26 -22.44 62.40 24.15
C THR D 26 -22.04 61.19 24.98
N LEU D 27 -21.85 60.03 24.34
CA LEU D 27 -21.50 58.81 25.08
C LEU D 27 -20.11 58.25 24.76
N LEU D 28 -19.11 59.11 24.60
CA LEU D 28 -17.73 58.79 24.97
C LEU D 28 -17.17 57.56 24.26
N ARG D 29 -17.26 57.54 22.93
CA ARG D 29 -16.69 56.48 22.10
C ARG D 29 -16.21 57.16 20.82
N LEU D 30 -15.16 56.61 20.19
CA LEU D 30 -14.70 57.15 18.90
C LEU D 30 -14.30 56.09 17.88
N GLY D 31 -14.09 54.84 18.27
CA GLY D 31 -13.76 53.82 17.29
C GLY D 31 -12.35 53.29 17.37
N PRO D 32 -11.86 52.70 16.27
CA PRO D 32 -10.67 51.84 16.35
C PRO D 32 -9.37 52.58 16.57
N GLU D 33 -9.14 53.69 15.88
CA GLU D 33 -7.90 54.43 16.04
C GLU D 33 -7.89 55.21 17.35
N PHE D 34 -9.07 55.48 17.91
CA PHE D 34 -9.19 56.52 18.92
C PHE D 34 -9.57 55.94 20.27
N ALA D 35 -9.01 54.77 20.59
CA ALA D 35 -8.84 54.39 21.98
C ALA D 35 -7.69 55.19 22.57
N LEU D 36 -7.41 54.97 23.86
CA LEU D 36 -6.51 55.88 24.56
C LEU D 36 -5.10 55.85 23.96
N LYS D 37 -4.40 54.74 24.10
CA LYS D 37 -2.96 54.69 23.86
C LYS D 37 -2.69 54.00 22.52
N GLN D 38 -1.92 54.66 21.67
CA GLN D 38 -1.42 54.07 20.44
C GLN D 38 -0.02 53.51 20.67
N TYR D 39 0.49 52.81 19.67
CA TYR D 39 1.86 52.33 19.68
C TYR D 39 2.59 52.94 18.51
N ASP D 40 3.72 53.60 18.77
CA ASP D 40 4.39 54.32 17.72
C ASP D 40 5.25 53.37 16.88
N HIS D 41 5.95 53.94 15.90
CA HIS D 41 6.68 53.20 14.87
C HIS D 41 7.92 52.54 15.40
N ASP D 42 8.04 52.38 16.71
CA ASP D 42 9.27 51.87 17.33
C ASP D 42 9.01 50.76 18.34
N GLY D 43 7.81 50.70 18.92
CA GLY D 43 7.56 49.88 20.09
C GLY D 43 7.27 50.66 21.35
N ASN D 44 7.35 52.00 21.29
CA ASN D 44 6.97 52.83 22.42
C ASN D 44 5.47 53.09 22.42
N GLU D 45 4.91 53.22 23.62
CA GLU D 45 3.51 53.58 23.76
C GLU D 45 3.36 55.09 23.60
N HIS D 46 2.18 55.53 23.17
CA HIS D 46 1.95 56.95 22.90
C HIS D 46 0.54 57.34 23.30
N ASP D 47 0.38 58.60 23.69
CA ASP D 47 -0.94 59.21 23.78
C ASP D 47 -1.42 59.60 22.38
N LEU D 48 -2.73 59.61 22.21
CA LEU D 48 -3.32 60.13 20.99
C LEU D 48 -2.96 61.60 20.84
N ILE D 49 -2.96 62.08 19.60
CA ILE D 49 -2.81 63.49 19.31
C ILE D 49 -4.22 64.06 19.26
N ALA D 50 -4.56 64.91 20.23
CA ALA D 50 -5.75 65.74 20.15
C ALA D 50 -5.33 67.21 20.05
N LEU D 51 -5.78 67.86 18.99
CA LEU D 51 -5.26 69.16 18.59
C LEU D 51 -6.36 70.20 18.51
N SER D 52 -6.09 71.37 19.09
CA SER D 52 -7.02 72.49 19.09
C SER D 52 -6.73 73.41 17.90
N LEU D 53 -7.55 74.45 17.77
CA LEU D 53 -7.43 75.37 16.65
C LEU D 53 -6.12 76.15 16.69
N SER D 54 -5.73 76.67 17.86
CA SER D 54 -4.51 77.46 17.95
C SER D 54 -3.26 76.60 17.74
N GLU D 55 -3.17 75.47 18.45
CA GLU D 55 -2.00 74.59 18.35
C GLU D 55 -1.82 74.11 16.92
N SER D 56 -2.88 73.51 16.36
CA SER D 56 -2.81 73.03 14.99
C SER D 56 -2.52 74.16 14.02
N ARG D 57 -3.14 75.32 14.23
CA ARG D 57 -2.97 76.42 13.31
C ARG D 57 -1.52 76.89 13.29
N LEU D 58 -0.91 77.02 14.47
CA LEU D 58 0.51 77.34 14.54
C LEU D 58 1.34 76.33 13.78
N LEU D 59 1.04 75.03 13.99
CA LEU D 59 1.84 73.99 13.36
C LEU D 59 1.72 74.04 11.84
N ILE D 60 0.49 74.19 11.34
CA ILE D 60 0.27 74.27 9.89
C ILE D 60 0.98 75.47 9.31
N ARG D 61 0.83 76.63 9.95
CA ARG D 61 1.44 77.85 9.42
C ARG D 61 2.96 77.72 9.37
N GLU D 62 3.59 77.35 10.48
CA GLU D 62 5.06 77.27 10.49
C GLU D 62 5.55 76.18 9.55
N ALA D 63 4.85 75.04 9.48
CA ALA D 63 5.26 74.01 8.55
C ALA D 63 5.18 74.51 7.11
N LEU D 64 4.06 75.14 6.72
CA LEU D 64 3.94 75.63 5.36
C LEU D 64 5.04 76.63 5.03
N LYS D 65 5.31 77.56 5.94
CA LYS D 65 6.28 78.60 5.62
C LYS D 65 7.71 78.07 5.59
N ALA D 66 8.09 77.18 6.50
CA ALA D 66 9.41 76.57 6.41
C ALA D 66 9.54 75.73 5.15
N ARG D 67 8.48 75.00 4.79
CA ARG D 67 8.54 74.15 3.61
C ARG D 67 8.66 74.98 2.34
N SER D 68 7.93 76.10 2.25
CA SER D 68 8.09 76.97 1.09
C SER D 68 9.47 77.61 1.04
N ARG D 69 9.98 78.03 2.21
CA ARG D 69 11.31 78.62 2.23
C ARG D 69 12.35 77.60 1.80
N ALA D 70 12.09 76.32 2.06
CA ALA D 70 12.91 75.26 1.49
C ALA D 70 12.67 75.11 -0.02
N ARG D 71 11.43 75.33 -0.46
CA ARG D 71 11.13 75.32 -1.89
C ARG D 71 11.96 76.34 -2.65
N ASN D 72 12.18 77.52 -2.06
CA ASN D 72 12.98 78.58 -2.67
C ASN D 72 14.36 78.74 -2.06
N GLY D 73 14.68 78.01 -0.98
CA GLY D 73 16.07 77.85 -0.61
C GLY D 73 16.73 78.99 0.13
N GLY D 74 16.18 79.42 1.27
CA GLY D 74 16.85 80.41 2.09
C GLY D 74 16.33 81.82 1.85
N VAL D 75 15.01 81.93 1.64
CA VAL D 75 14.37 83.21 1.37
C VAL D 75 13.07 83.29 2.17
N ILE D 84 3.17 84.79 4.59
CA ILE D 84 2.68 85.97 5.28
C ILE D 84 1.14 85.96 5.36
N ASP D 85 0.46 85.65 4.26
CA ASP D 85 -1.00 85.55 4.23
C ASP D 85 -1.39 84.07 4.29
N ASP D 86 -2.69 83.80 4.13
CA ASP D 86 -3.10 82.48 3.65
C ASP D 86 -2.83 82.33 2.16
N ASP D 87 -2.82 83.46 1.43
CA ASP D 87 -2.68 83.40 -0.02
C ASP D 87 -1.33 82.83 -0.45
N GLU D 88 -0.22 83.43 -0.01
CA GLU D 88 1.07 82.85 -0.36
C GLU D 88 1.25 81.48 0.25
N LEU D 89 0.68 81.27 1.45
CA LEU D 89 1.10 80.17 2.30
C LEU D 89 0.39 78.87 1.95
N ALA D 90 -0.79 78.95 1.32
CA ALA D 90 -1.44 77.75 0.80
C ALA D 90 -0.75 77.19 -0.43
N LYS D 91 0.20 77.94 -1.00
CA LYS D 91 0.97 77.46 -2.15
C LYS D 91 1.79 76.22 -1.81
N VAL D 92 2.01 75.97 -0.52
CA VAL D 92 3.06 75.04 -0.13
C VAL D 92 2.58 73.59 -0.26
N THR D 93 1.28 73.37 -0.19
CA THR D 93 0.77 72.03 -0.38
C THR D 93 0.90 71.61 -1.85
N SER D 94 0.52 70.37 -2.11
CA SER D 94 0.64 69.76 -3.43
C SER D 94 -0.74 69.32 -3.89
N GLY D 95 -1.27 69.99 -4.91
CA GLY D 95 -2.50 69.52 -5.53
C GLY D 95 -3.54 70.57 -5.80
N ALA D 96 -4.16 70.51 -6.99
CA ALA D 96 -5.30 71.36 -7.27
C ALA D 96 -6.47 71.01 -6.35
N VAL D 97 -6.74 69.72 -6.18
CA VAL D 97 -7.66 69.29 -5.12
C VAL D 97 -7.15 69.78 -3.78
N ALA D 98 -5.84 69.78 -3.59
CA ALA D 98 -5.25 70.32 -2.38
C ALA D 98 -5.36 71.85 -2.34
N ASN D 99 -5.27 72.52 -3.50
CA ASN D 99 -5.59 73.94 -3.52
C ASN D 99 -6.98 74.19 -2.95
N GLY D 100 -7.98 73.47 -3.45
CA GLY D 100 -9.32 73.61 -2.93
C GLY D 100 -9.45 73.30 -1.46
N VAL D 101 -8.91 72.15 -1.05
CA VAL D 101 -9.02 71.71 0.34
C VAL D 101 -8.35 72.71 1.27
N VAL D 102 -7.12 73.11 0.96
CA VAL D 102 -6.40 74.03 1.80
C VAL D 102 -7.06 75.40 1.80
N LYS D 103 -7.67 75.79 0.67
CA LYS D 103 -8.34 77.08 0.62
C LYS D 103 -9.55 77.11 1.55
N LYS D 104 -10.44 76.10 1.42
CA LYS D 104 -11.61 76.02 2.29
C LYS D 104 -11.20 75.86 3.76
N THR D 105 -10.25 74.97 4.04
CA THR D 105 -9.87 74.75 5.43
C THR D 105 -9.16 75.97 6.01
N LEU D 106 -8.44 76.74 5.19
CA LEU D 106 -7.82 77.96 5.69
C LEU D 106 -8.85 79.00 6.04
N ASP D 107 -9.90 79.14 5.22
CA ASP D 107 -11.01 79.99 5.64
C ASP D 107 -11.53 79.53 6.99
N TYR D 108 -11.71 78.21 7.13
CA TYR D 108 -12.42 77.63 8.26
C TYR D 108 -11.56 77.64 9.54
N LEU D 109 -10.24 77.80 9.38
CA LEU D 109 -9.40 78.02 10.55
C LEU D 109 -8.97 79.47 10.71
N ASN D 110 -9.24 80.31 9.71
CA ASN D 110 -8.78 81.67 9.76
C ASN D 110 -9.81 82.59 10.38
N THR D 111 -11.10 82.35 10.17
CA THR D 111 -12.11 83.18 10.82
C THR D 111 -12.45 82.70 12.22
N PHE D 112 -11.61 81.84 12.82
CA PHE D 112 -11.90 81.29 14.14
C PHE D 112 -10.69 81.20 15.06
N ALA D 113 -9.58 81.85 14.76
CA ALA D 113 -8.36 81.68 15.53
C ALA D 113 -8.50 82.39 16.86
N ARG D 114 -8.38 81.64 17.95
CA ARG D 114 -8.54 82.23 19.29
C ARG D 114 -7.22 82.76 19.82
N PHE D 115 -6.21 81.90 19.92
CA PHE D 115 -4.89 82.29 20.41
C PHE D 115 -3.94 82.19 19.23
N LYS D 116 -3.36 83.31 18.82
CA LYS D 116 -2.79 83.41 17.50
C LYS D 116 -1.26 83.35 17.48
N ASP D 117 -0.62 83.14 18.63
CA ASP D 117 0.83 82.93 18.68
C ASP D 117 1.15 81.89 19.75
N GLU D 118 2.44 81.58 19.89
CA GLU D 118 2.84 80.43 20.68
C GLU D 118 2.84 80.70 22.17
N GLU D 119 3.00 81.96 22.57
CA GLU D 119 3.22 82.28 23.99
C GLU D 119 2.03 81.84 24.85
N THR D 120 0.89 82.49 24.68
CA THR D 120 -0.27 82.12 25.48
C THR D 120 -0.82 80.78 25.02
N CYS D 121 -0.32 80.25 23.91
CA CYS D 121 -0.60 78.85 23.58
C CYS D 121 0.06 77.90 24.56
N THR D 122 1.34 78.15 24.90
CA THR D 122 1.99 77.38 25.95
C THR D 122 1.36 77.70 27.30
N ALA D 123 0.90 78.92 27.49
CA ALA D 123 0.06 79.21 28.64
C ALA D 123 -1.17 78.30 28.68
N VAL D 124 -1.82 78.10 27.53
CA VAL D 124 -2.99 77.23 27.49
C VAL D 124 -2.58 75.78 27.75
N ASP D 125 -1.39 75.38 27.32
CA ASP D 125 -0.90 74.04 27.67
C ASP D 125 -0.69 73.93 29.18
N GLN D 126 -0.28 75.02 29.81
CA GLN D 126 -0.33 75.07 31.27
C GLN D 126 -1.77 74.99 31.76
N LEU D 127 -2.70 75.53 30.97
CA LEU D 127 -4.06 75.78 31.43
C LEU D 127 -4.93 74.54 31.33
N LEU D 128 -5.34 74.17 30.12
CA LEU D 128 -6.25 73.07 29.86
C LEU D 128 -5.55 71.72 29.88
N HIS D 129 -4.24 71.72 30.08
CA HIS D 129 -3.51 70.48 30.28
C HIS D 129 -2.92 70.48 31.69
N LEU D 137 -9.01 65.57 32.44
CA LEU D 137 -8.54 66.35 31.29
C LEU D 137 -8.48 65.48 30.04
N HIS D 138 -9.61 65.35 29.37
CA HIS D 138 -9.66 64.52 28.18
C HIS D 138 -9.12 65.31 26.98
N PRO D 139 -8.17 64.74 26.23
CA PRO D 139 -7.53 65.53 25.16
C PRO D 139 -8.51 66.10 24.14
N PHE D 140 -9.47 65.29 23.70
CA PHE D 140 -10.48 65.78 22.77
C PHE D 140 -11.32 66.88 23.41
N GLU D 141 -11.70 66.70 24.69
CA GLU D 141 -12.42 67.78 25.36
C GLU D 141 -11.52 68.99 25.51
N ILE D 142 -10.21 68.79 25.60
CA ILE D 142 -9.30 69.93 25.69
C ILE D 142 -9.38 70.78 24.44
N ALA D 143 -9.23 70.16 23.27
CA ALA D 143 -9.39 70.92 22.03
C ALA D 143 -10.78 71.53 21.90
N GLN D 144 -11.81 70.86 22.41
CA GLN D 144 -13.14 71.48 22.45
C GLN D 144 -13.16 72.70 23.37
N LEU D 145 -12.35 72.69 24.42
CA LEU D 145 -12.31 73.81 25.35
C LEU D 145 -11.57 74.99 24.75
N SER D 146 -10.65 74.72 23.83
CA SER D 146 -10.15 75.78 22.95
C SER D 146 -11.04 75.93 21.72
N SER D 147 -12.15 75.18 21.67
CA SER D 147 -13.05 75.27 20.53
C SER D 147 -14.31 76.07 20.88
N LEU D 148 -14.89 75.84 22.07
CA LEU D 148 -16.20 76.38 22.43
C LEU D 148 -16.10 77.16 23.75
N GLY D 149 -16.23 78.48 23.67
CA GLY D 149 -16.23 79.29 24.88
C GLY D 149 -17.60 79.90 25.13
N CYS D 150 -18.05 79.82 26.39
CA CYS D 150 -19.43 80.13 26.72
C CYS D 150 -19.53 80.80 28.09
N GLU D 151 -20.75 80.81 28.64
CA GLU D 151 -21.05 81.50 29.90
C GLU D 151 -20.98 80.58 31.11
N ASP D 152 -21.91 79.61 31.18
CA ASP D 152 -22.10 78.76 32.34
C ASP D 152 -22.00 77.29 31.94
N VAL D 153 -21.55 76.47 32.89
CA VAL D 153 -21.44 75.04 32.65
C VAL D 153 -22.79 74.48 32.23
N ASP D 154 -23.88 75.13 32.62
CA ASP D 154 -25.21 74.64 32.30
C ASP D 154 -25.38 74.48 30.80
N GLU D 155 -24.56 75.17 30.01
CA GLU D 155 -24.38 74.80 28.62
C GLU D 155 -23.31 73.72 28.44
N ALA D 156 -22.30 73.71 29.31
CA ALA D 156 -21.13 72.86 29.07
C ALA D 156 -21.46 71.38 29.20
N ILE D 157 -22.24 71.00 30.21
CA ILE D 157 -22.70 69.62 30.30
C ILE D 157 -23.83 69.34 29.33
N THR D 158 -24.29 70.34 28.58
CA THR D 158 -25.28 70.10 27.53
C THR D 158 -24.60 69.75 26.22
N LEU D 159 -23.76 70.65 25.70
CA LEU D 159 -23.03 70.37 24.47
C LEU D 159 -22.07 69.19 24.64
N ILE D 160 -21.22 69.25 25.66
CA ILE D 160 -20.28 68.17 25.96
C ILE D 160 -20.59 67.63 27.35
N PRO D 161 -21.43 66.62 27.46
CA PRO D 161 -21.77 66.09 28.77
C PRO D 161 -20.67 65.22 29.36
N SER D 162 -19.50 65.21 28.72
CA SER D 162 -18.37 64.46 29.26
C SER D 162 -17.95 64.94 30.64
N LEU D 163 -18.13 66.22 30.93
CA LEU D 163 -17.88 66.80 32.24
C LEU D 163 -19.12 66.82 33.13
N ALA D 164 -20.11 65.98 32.84
CA ALA D 164 -21.38 66.03 33.59
C ALA D 164 -21.17 65.74 35.06
N ALA D 165 -20.83 64.49 35.39
CA ALA D 165 -20.63 64.07 36.77
C ALA D 165 -19.17 64.10 37.17
N LYS D 166 -18.55 65.28 37.23
CA LYS D 166 -17.15 65.39 37.63
C LYS D 166 -16.92 66.22 38.88
N LYS D 167 -17.60 67.37 39.00
CA LYS D 167 -17.62 68.16 40.23
C LYS D 167 -16.25 68.73 40.59
N GLU D 168 -15.40 68.94 39.57
CA GLU D 168 -14.21 69.79 39.70
C GLU D 168 -14.33 70.81 38.57
N VAL D 169 -15.02 71.92 38.86
CA VAL D 169 -15.60 72.74 37.81
C VAL D 169 -14.57 73.72 37.27
N ASN D 170 -14.20 74.73 38.07
CA ASN D 170 -13.18 75.72 37.73
C ASN D 170 -13.54 76.42 36.41
N LEU D 171 -14.71 76.10 35.89
CA LEU D 171 -15.05 76.21 34.48
C LEU D 171 -15.63 77.57 34.14
N GLN D 172 -16.40 78.15 35.07
CA GLN D 172 -16.78 79.55 34.93
C GLN D 172 -15.57 80.43 34.77
N ARG D 173 -14.61 80.30 35.69
CA ARG D 173 -13.35 81.01 35.55
C ARG D 173 -12.64 80.62 34.26
N ILE D 174 -12.76 79.35 33.85
CA ILE D 174 -12.17 78.91 32.59
C ILE D 174 -12.69 79.76 31.43
N LEU D 175 -14.00 79.77 31.25
CA LEU D 175 -14.59 80.42 30.10
C LEU D 175 -14.39 81.93 30.13
N ASP D 176 -14.41 82.53 31.33
CA ASP D 176 -14.21 83.98 31.39
C ASP D 176 -12.74 84.35 31.19
N GLU D 177 -11.82 83.57 31.75
CA GLU D 177 -10.40 83.77 31.47
C GLU D 177 -10.14 83.63 29.97
N LEU D 178 -10.81 82.70 29.31
CA LEU D 178 -10.65 82.56 27.88
C LEU D 178 -11.20 83.76 27.14
N ASN D 179 -12.45 84.14 27.42
CA ASN D 179 -13.03 85.33 26.81
C ASN D 179 -12.14 86.55 26.98
N ARG D 180 -11.45 86.66 28.11
CA ARG D 180 -10.50 87.77 28.24
C ARG D 180 -9.29 87.58 27.35
N LEU D 181 -8.60 86.43 27.47
CA LEU D 181 -7.44 86.17 26.61
C LEU D 181 -7.87 85.92 25.17
N GLU D 182 -9.15 85.63 24.95
CA GLU D 182 -9.69 85.69 23.62
C GLU D 182 -9.40 87.08 23.08
N ASP D 183 -8.49 87.20 22.13
CA ASP D 183 -8.09 88.50 21.66
C ASP D 183 -9.14 89.10 20.72
N PRO D 184 -9.33 90.41 20.75
CA PRO D 184 -10.39 91.03 19.97
C PRO D 184 -10.17 90.86 18.47
N TYR D 185 -11.28 90.92 17.73
CA TYR D 185 -11.28 90.62 16.30
C TYR D 185 -12.28 91.49 15.53
N GLU E 2 26.88 -22.29 43.13
CA GLU E 2 25.62 -22.83 42.67
C GLU E 2 24.67 -21.71 42.26
N ASP E 3 23.40 -22.04 42.12
CA ASP E 3 22.41 -21.02 41.80
C ASP E 3 22.36 -19.93 42.85
N ASN E 4 22.77 -20.22 44.08
CA ASN E 4 22.93 -19.16 45.06
C ASN E 4 23.98 -18.16 44.61
N ASN E 5 25.13 -18.65 44.14
CA ASN E 5 26.19 -17.76 43.73
C ASN E 5 25.77 -16.88 42.58
N ARG E 6 25.05 -17.43 41.61
CA ARG E 6 24.65 -16.57 40.51
C ARG E 6 23.69 -15.50 40.97
N ILE E 7 22.73 -15.84 41.82
CA ILE E 7 21.80 -14.82 42.30
C ILE E 7 22.54 -13.76 43.09
N ILE E 8 23.45 -14.18 43.96
CA ILE E 8 24.15 -13.19 44.75
C ILE E 8 25.02 -12.33 43.87
N SER E 9 25.62 -12.92 42.85
CA SER E 9 26.40 -12.12 41.92
C SER E 9 25.54 -11.11 41.22
N ARG E 10 24.34 -11.51 40.81
CA ARG E 10 23.44 -10.57 40.19
C ARG E 10 23.12 -9.44 41.15
N LEU E 11 22.81 -9.78 42.39
CA LEU E 11 22.50 -8.75 43.36
C LEU E 11 23.69 -7.83 43.55
N TRP E 12 24.88 -8.41 43.58
CA TRP E 12 26.07 -7.61 43.75
C TRP E 12 26.25 -6.64 42.60
N ARG E 13 26.07 -7.12 41.37
CA ARG E 13 26.22 -6.23 40.24
C ARG E 13 25.15 -5.18 40.28
N SER E 14 23.97 -5.56 40.75
CA SER E 14 22.93 -4.58 40.97
C SER E 14 23.42 -3.48 41.87
N PHE E 15 23.96 -3.87 43.01
CA PHE E 15 24.36 -2.90 44.00
C PHE E 15 25.46 -2.01 43.46
N ARG E 16 26.41 -2.60 42.75
CA ARG E 16 27.48 -1.76 42.21
C ARG E 16 26.93 -0.81 41.18
N THR E 17 26.00 -1.27 40.34
CA THR E 17 25.39 -0.36 39.38
C THR E 17 24.76 0.80 40.11
N VAL E 18 24.07 0.50 41.20
CA VAL E 18 23.28 1.54 41.84
C VAL E 18 24.20 2.55 42.48
N LYS E 19 25.28 2.08 43.09
CA LYS E 19 26.24 3.04 43.61
C LYS E 19 26.83 3.86 42.49
N GLU E 20 27.08 3.24 41.33
CA GLU E 20 27.56 4.04 40.23
C GLU E 20 26.54 5.11 39.87
N MET E 21 25.27 4.75 39.90
CA MET E 21 24.24 5.71 39.56
C MET E 21 24.34 6.91 40.49
N ALA E 22 24.38 6.64 41.79
CA ALA E 22 24.40 7.72 42.75
C ALA E 22 25.67 8.54 42.58
N ALA E 23 26.74 7.90 42.14
CA ALA E 23 27.95 8.67 41.86
C ALA E 23 27.74 9.56 40.66
N ASP E 24 27.04 9.04 39.65
CA ASP E 24 26.86 9.78 38.42
C ASP E 24 26.01 11.01 38.65
N ARG E 25 25.00 10.87 39.49
CA ARG E 25 24.01 11.91 39.55
C ARG E 25 24.56 13.15 40.25
N GLY E 26 25.72 13.01 40.87
CA GLY E 26 26.38 14.15 41.48
C GLY E 26 26.75 13.89 42.92
N TYR E 27 26.24 12.80 43.49
CA TYR E 27 26.37 12.55 44.91
C TYR E 27 27.78 12.18 45.30
N PHE E 28 28.04 12.27 46.60
CA PHE E 28 29.31 11.90 47.19
C PHE E 28 29.28 10.44 47.60
N ILE E 29 30.23 9.68 47.11
CA ILE E 29 30.50 8.36 47.64
C ILE E 29 31.99 8.29 47.96
N SER E 30 32.31 7.78 49.13
CA SER E 30 33.71 7.55 49.48
C SER E 30 34.27 6.41 48.63
N GLN E 31 35.46 6.64 48.08
CA GLN E 31 36.01 5.72 47.10
C GLN E 31 36.23 4.32 47.67
N GLU E 32 36.35 4.19 48.99
CA GLU E 32 36.51 2.86 49.54
C GLU E 32 35.21 2.08 49.46
N GLU E 33 34.08 2.76 49.39
CA GLU E 33 32.84 2.04 49.25
C GLU E 33 32.51 1.74 47.79
N MET E 34 32.91 2.63 46.89
CA MET E 34 32.70 2.39 45.47
C MET E 34 33.09 0.98 45.06
N ASP E 35 34.12 0.42 45.69
CA ASP E 35 34.80 -0.75 45.16
C ASP E 35 34.65 -1.98 46.04
N GLN E 36 33.44 -2.25 46.51
CA GLN E 36 33.21 -3.48 47.25
C GLN E 36 33.42 -4.68 46.35
N SER E 37 34.05 -5.72 46.90
CA SER E 37 34.40 -6.89 46.11
C SER E 37 33.17 -7.72 45.82
N LEU E 38 33.36 -9.02 45.68
CA LEU E 38 32.21 -9.91 45.73
C LEU E 38 32.00 -10.47 47.13
N GLU E 39 33.07 -10.75 47.85
CA GLU E 39 32.90 -11.60 49.03
C GLU E 39 32.57 -10.83 50.28
N GLU E 40 33.15 -9.64 50.47
CA GLU E 40 32.70 -8.79 51.57
C GLU E 40 31.19 -8.67 51.55
N PHE E 41 30.63 -8.65 50.35
CA PHE E 41 29.19 -8.62 50.17
C PHE E 41 28.53 -9.78 50.87
N ARG E 42 28.95 -11.01 50.55
CA ARG E 42 28.38 -12.18 51.21
C ARG E 42 28.68 -12.21 52.68
N SER E 43 29.70 -11.49 53.11
CA SER E 43 29.94 -11.36 54.54
C SER E 43 28.84 -10.52 55.19
N LYS E 44 28.53 -9.37 54.59
CA LYS E 44 27.60 -8.45 55.22
C LYS E 44 26.16 -8.89 54.98
N ILE E 45 25.80 -9.12 53.72
CA ILE E 45 24.42 -9.12 53.31
C ILE E 45 23.86 -10.52 53.19
N CYS E 46 24.71 -11.54 53.25
CA CYS E 46 24.19 -12.89 53.28
C CYS E 46 23.75 -13.27 54.68
N ASP E 47 22.99 -14.35 54.76
CA ASP E 47 22.52 -14.86 56.04
C ASP E 47 23.45 -15.94 56.58
N SER E 48 22.94 -16.74 57.51
CA SER E 48 23.58 -17.98 57.92
C SER E 48 23.60 -19.02 56.81
N MET E 49 22.93 -18.73 55.70
CA MET E 49 22.83 -19.62 54.56
C MET E 49 23.54 -19.07 53.34
N GLY E 50 23.70 -17.76 53.25
CA GLY E 50 24.21 -17.15 52.05
C GLY E 50 23.07 -16.57 51.23
N ASN E 51 22.11 -15.95 51.91
CA ASN E 51 20.95 -15.42 51.22
C ASN E 51 20.83 -13.94 51.48
N PRO E 52 20.21 -13.18 50.57
CA PRO E 52 20.26 -11.73 50.66
C PRO E 52 19.43 -11.20 51.82
N GLN E 53 19.84 -10.03 52.30
CA GLN E 53 19.15 -9.28 53.35
C GLN E 53 18.80 -7.93 52.77
N ARG E 54 17.78 -7.90 51.91
CA ARG E 54 17.56 -6.74 51.08
C ARG E 54 17.46 -5.46 51.89
N LYS E 55 16.57 -5.42 52.87
CA LYS E 55 16.32 -4.22 53.63
C LYS E 55 17.58 -3.65 54.25
N LEU E 56 18.59 -4.48 54.49
CA LEU E 56 19.85 -4.06 55.08
C LEU E 56 20.70 -3.25 54.12
N MET E 57 20.36 -3.23 52.85
CA MET E 57 21.16 -2.54 51.85
C MET E 57 20.70 -1.12 51.64
N SER E 58 19.50 -0.79 52.08
CA SER E 58 19.00 0.57 51.99
C SER E 58 20.04 1.51 52.54
N PHE E 59 20.13 2.71 52.01
CA PHE E 59 21.11 3.61 52.57
C PHE E 59 20.80 5.04 52.17
N LEU E 60 21.30 5.94 52.99
CA LEU E 60 21.29 7.36 52.70
C LEU E 60 22.56 7.70 51.95
N ALA E 61 22.49 8.76 51.17
CA ALA E 61 23.63 9.29 50.46
C ALA E 61 23.42 10.79 50.33
N ASN E 62 24.53 11.47 50.07
CA ASN E 62 24.60 12.91 50.21
C ASN E 62 25.33 13.46 49.01
N PRO E 63 25.22 14.74 48.73
CA PRO E 63 25.90 15.29 47.57
C PRO E 63 27.40 15.40 47.79
N THR E 64 28.15 15.24 46.72
CA THR E 64 29.43 15.88 46.67
C THR E 64 29.23 17.37 46.89
N PRO E 65 30.23 18.08 47.39
CA PRO E 65 30.11 19.54 47.43
C PRO E 65 30.06 20.18 46.06
N GLU E 66 30.49 19.48 45.01
CA GLU E 66 30.53 20.10 43.69
C GLU E 66 29.23 20.01 42.94
N ALA E 67 28.57 18.85 42.95
CA ALA E 67 27.22 18.81 42.43
C ALA E 67 26.37 19.84 43.14
N LEU E 68 26.38 19.81 44.46
CA LEU E 68 25.68 20.80 45.24
C LEU E 68 26.13 22.20 44.92
N GLU E 69 27.40 22.35 44.56
CA GLU E 69 27.91 23.61 44.05
C GLU E 69 27.18 24.00 42.78
N LYS E 70 26.82 23.01 41.99
CA LYS E 70 26.46 23.26 40.60
C LYS E 70 24.96 23.33 40.41
N TYR E 71 24.24 22.24 40.72
CA TYR E 71 22.81 22.15 40.49
C TYR E 71 22.11 22.44 41.81
N SER E 72 21.55 23.63 41.94
CA SER E 72 21.12 24.15 43.24
C SER E 72 20.20 23.23 44.01
N ASP E 73 19.77 22.14 43.41
CA ASP E 73 18.60 21.45 43.92
C ASP E 73 18.88 20.05 44.43
N LEU E 74 20.08 19.55 44.33
CA LEU E 74 20.28 18.16 44.74
C LEU E 74 20.07 18.16 46.26
N GLY E 75 19.02 17.47 46.69
CA GLY E 75 18.71 17.35 48.10
C GLY E 75 19.49 16.23 48.72
N THR E 76 18.81 15.24 49.31
CA THR E 76 19.47 14.05 49.83
C THR E 76 18.82 12.81 49.25
N LEU E 77 19.59 11.73 49.20
CA LEU E 77 19.21 10.59 48.38
C LEU E 77 19.04 9.37 49.25
N TRP E 78 17.83 8.85 49.33
CA TRP E 78 17.57 7.61 50.02
C TRP E 78 17.32 6.54 48.98
N VAL E 79 17.94 5.39 49.14
CA VAL E 79 17.86 4.31 48.17
C VAL E 79 17.49 3.04 48.90
N GLU E 80 16.55 2.26 48.37
CA GLU E 80 16.01 1.17 49.16
C GLU E 80 15.54 0.02 48.30
N PHE E 81 15.65 -1.20 48.81
CA PHE E 81 15.20 -2.40 48.11
C PHE E 81 13.99 -2.97 48.83
N CYS E 82 13.57 -4.19 48.46
CA CYS E 82 12.44 -4.82 49.11
C CYS E 82 12.38 -6.31 48.78
N ASP E 83 12.19 -7.15 49.82
CA ASP E 83 12.02 -8.59 49.63
C ASP E 83 10.70 -8.97 48.99
N GLU E 84 9.82 -8.07 48.89
CA GLU E 84 8.51 -8.45 48.41
C GLU E 84 8.56 -8.67 46.91
N PRO E 85 8.34 -9.87 46.44
CA PRO E 85 8.43 -10.12 44.98
C PRO E 85 7.46 -9.27 44.17
N SER E 86 6.19 -9.21 44.57
CA SER E 86 5.28 -8.26 43.96
C SER E 86 4.89 -7.21 44.98
N VAL E 87 5.05 -5.94 44.63
CA VAL E 87 4.81 -4.85 45.57
C VAL E 87 3.50 -4.19 45.19
N GLY E 88 2.60 -4.06 46.17
CA GLY E 88 1.37 -3.34 45.95
C GLY E 88 1.37 -1.98 46.60
N ILE E 89 0.21 -1.36 46.73
CA ILE E 89 0.16 -0.03 47.32
C ILE E 89 0.54 -0.05 48.79
N LYS E 90 0.31 -1.17 49.46
CA LYS E 90 0.66 -1.31 50.86
C LYS E 90 2.09 -0.83 51.12
N THR E 91 3.06 -1.52 50.52
CA THR E 91 4.44 -1.23 50.87
C THR E 91 4.85 0.12 50.31
N MET E 92 4.31 0.49 49.16
CA MET E 92 4.66 1.79 48.60
C MET E 92 4.25 2.91 49.52
N ARG E 93 3.05 2.85 50.07
CA ARG E 93 2.62 3.89 50.99
C ARG E 93 3.45 3.89 52.26
N ASN E 94 3.75 2.70 52.80
CA ASN E 94 4.69 2.64 53.91
C ASN E 94 5.97 3.38 53.57
N PHE E 95 6.48 3.13 52.38
CA PHE E 95 7.69 3.81 51.93
C PHE E 95 7.47 5.31 51.84
N CYS E 96 6.29 5.72 51.39
CA CYS E 96 5.99 7.14 51.29
C CYS E 96 6.12 7.80 52.65
N LEU E 97 5.53 7.17 53.66
CA LEU E 97 5.73 7.60 55.03
C LEU E 97 7.20 7.71 55.36
N ARG E 98 7.93 6.61 55.20
CA ARG E 98 9.30 6.56 55.67
C ARG E 98 10.13 7.64 55.01
N ILE E 99 9.74 8.05 53.80
CA ILE E 99 10.43 9.15 53.14
C ILE E 99 10.05 10.47 53.78
N GLN E 100 8.75 10.75 53.89
CA GLN E 100 8.33 12.01 54.47
C GLN E 100 8.91 12.20 55.85
N GLU E 101 9.32 11.12 56.49
CA GLU E 101 10.01 11.23 57.77
C GLU E 101 11.32 12.00 57.64
N LYS E 102 12.28 11.42 56.95
CA LYS E 102 13.64 11.95 57.01
C LYS E 102 13.86 13.12 56.09
N ASN E 103 12.79 13.82 55.69
CA ASN E 103 12.81 14.97 54.78
C ASN E 103 13.97 14.88 53.78
N PHE E 104 13.93 13.80 53.02
CA PHE E 104 14.82 13.59 51.90
C PHE E 104 14.53 14.60 50.80
N SER E 105 14.97 14.27 49.60
CA SER E 105 14.51 15.00 48.43
C SER E 105 14.44 14.15 47.18
N THR E 106 14.84 12.89 47.22
CA THR E 106 14.76 12.06 46.03
C THR E 106 14.80 10.60 46.45
N GLY E 107 13.73 9.87 46.16
CA GLY E 107 13.64 8.47 46.54
C GLY E 107 13.89 7.57 45.35
N ILE E 108 14.35 6.36 45.63
CA ILE E 108 14.67 5.38 44.61
C ILE E 108 14.34 4.01 45.15
N PHE E 109 13.38 3.35 44.54
CA PHE E 109 12.80 2.14 45.11
C PHE E 109 12.98 1.01 44.11
N ILE E 110 13.98 0.18 44.31
CA ILE E 110 14.27 -0.92 43.42
C ILE E 110 13.54 -2.15 43.91
N TYR E 111 12.50 -2.52 43.20
CA TYR E 111 11.75 -3.72 43.44
C TYR E 111 12.39 -4.89 42.73
N GLN E 112 11.66 -5.98 42.63
CA GLN E 112 12.11 -7.09 41.80
C GLN E 112 11.24 -7.29 40.58
N ASN E 113 9.93 -7.41 40.76
CA ASN E 113 9.05 -7.85 39.67
C ASN E 113 8.17 -6.75 39.12
N ASN E 114 7.39 -6.06 39.94
CA ASN E 114 6.43 -5.13 39.36
C ASN E 114 5.81 -4.27 40.44
N ILE E 115 5.02 -3.30 40.00
CA ILE E 115 4.25 -2.45 40.88
C ILE E 115 2.81 -2.43 40.40
N THR E 116 1.88 -2.59 41.34
CA THR E 116 0.48 -2.38 41.00
C THR E 116 0.30 -0.94 40.53
N PRO E 117 -0.22 -0.74 39.33
CA PRO E 117 -0.34 0.62 38.81
C PRO E 117 -1.12 1.51 39.74
N SER E 118 -2.13 0.95 40.40
CA SER E 118 -2.81 1.67 41.46
C SER E 118 -1.82 2.27 42.44
N ALA E 119 -0.78 1.51 42.79
CA ALA E 119 0.29 2.09 43.57
C ALA E 119 1.13 3.03 42.74
N ASN E 120 1.26 2.77 41.45
CA ASN E 120 2.12 3.60 40.64
C ASN E 120 1.58 5.01 40.53
N LYS E 121 0.33 5.21 40.93
CA LYS E 121 -0.23 6.56 40.93
C LYS E 121 0.37 7.43 42.02
N MET E 122 0.73 6.87 43.17
CA MET E 122 1.08 7.62 44.36
C MET E 122 2.37 8.39 44.22
N ILE E 123 2.96 8.41 43.04
CA ILE E 123 4.29 8.97 42.92
C ILE E 123 4.23 10.49 42.90
N PRO E 124 3.55 11.14 41.94
CA PRO E 124 3.53 12.61 41.96
C PRO E 124 2.89 13.19 43.20
N THR E 125 1.93 12.49 43.80
CA THR E 125 1.18 13.01 44.94
C THR E 125 2.00 13.04 46.21
N VAL E 126 3.31 12.86 46.14
CA VAL E 126 4.15 13.01 47.31
C VAL E 126 5.26 14.03 47.06
N SER E 127 5.03 14.94 46.12
CA SER E 127 5.94 16.05 45.91
C SER E 127 5.97 16.93 47.14
N PRO E 128 7.02 17.76 47.31
CA PRO E 128 8.21 17.89 46.47
C PRO E 128 9.16 16.74 46.72
N ALA E 129 8.77 15.87 47.63
CA ALA E 129 9.54 14.65 47.85
C ALA E 129 9.38 13.80 46.60
N ILE E 130 10.29 13.99 45.64
CA ILE E 130 10.17 13.35 44.34
C ILE E 130 10.56 11.89 44.47
N ILE E 131 9.93 11.04 43.66
CA ILE E 131 10.05 9.60 43.76
C ILE E 131 10.34 9.04 42.39
N GLU E 132 11.01 7.90 42.35
CA GLU E 132 11.39 7.24 41.12
C GLU E 132 11.23 5.74 41.32
N THR E 133 11.38 5.00 40.24
CA THR E 133 11.71 3.61 40.35
C THR E 133 12.85 3.27 39.41
N PHE E 134 13.27 2.02 39.48
CA PHE E 134 14.03 1.32 38.46
C PHE E 134 13.69 -0.13 38.68
N GLN E 135 13.69 -0.90 37.63
CA GLN E 135 13.62 -2.31 37.97
C GLN E 135 15.03 -2.80 38.23
N GLU E 136 15.14 -3.75 39.16
CA GLU E 136 16.43 -4.36 39.45
C GLU E 136 17.08 -4.90 38.18
N SER E 137 16.47 -5.93 37.60
CA SER E 137 17.09 -6.64 36.49
C SER E 137 17.37 -5.72 35.32
N ASP E 138 16.87 -4.49 35.36
CA ASP E 138 17.28 -3.55 34.34
C ASP E 138 18.49 -2.74 34.79
N LEU E 139 19.00 -3.01 36.00
CA LEU E 139 20.19 -2.33 36.49
C LEU E 139 21.36 -3.29 36.63
N VAL E 140 21.29 -4.41 35.93
CA VAL E 140 22.35 -5.40 36.03
C VAL E 140 23.60 -4.91 35.30
N VAL E 141 23.45 -3.97 34.38
CA VAL E 141 24.59 -3.43 33.65
C VAL E 141 24.47 -1.91 33.56
N ASN E 142 25.44 -1.21 34.13
CA ASN E 142 25.45 0.23 33.95
C ASN E 142 25.58 0.51 32.47
N ILE E 143 24.46 0.78 31.83
CA ILE E 143 24.52 0.86 30.39
C ILE E 143 25.36 2.03 29.93
N THR E 144 25.42 3.12 30.67
CA THR E 144 26.22 4.23 30.20
C THR E 144 27.71 3.91 30.11
N HIS E 145 28.13 2.71 30.45
CA HIS E 145 29.49 2.33 30.11
C HIS E 145 29.57 1.61 28.78
N HIS E 146 28.45 1.16 28.25
CA HIS E 146 28.44 0.41 27.01
C HIS E 146 29.01 1.25 25.86
N GLU E 147 29.50 0.56 24.84
CA GLU E 147 30.09 1.24 23.69
C GLU E 147 29.11 2.19 23.03
N LEU E 148 27.93 1.68 22.69
CA LEU E 148 27.02 2.42 21.83
C LEU E 148 26.41 3.62 22.54
N VAL E 149 25.99 3.48 23.78
CA VAL E 149 25.39 4.62 24.48
C VAL E 149 26.54 5.53 24.90
N PRO E 150 26.50 6.77 24.57
CA PRO E 150 27.55 7.68 25.03
C PRO E 150 27.19 8.35 26.34
N LYS E 151 28.01 9.31 26.75
CA LYS E 151 27.89 9.94 28.06
C LYS E 151 26.69 10.87 28.13
N HIS E 152 26.54 11.51 29.27
CA HIS E 152 25.46 12.46 29.46
C HIS E 152 25.86 13.41 30.57
N ILE E 153 26.06 14.66 30.23
CA ILE E 153 26.26 15.65 31.27
C ILE E 153 24.97 16.43 31.32
N ARG E 154 24.27 16.36 32.42
CA ARG E 154 23.11 17.21 32.59
C ARG E 154 23.58 18.66 32.63
N LEU E 155 22.70 19.58 32.28
CA LEU E 155 23.07 20.97 32.32
C LEU E 155 22.58 21.63 33.59
N SER E 156 23.32 22.63 34.00
CA SER E 156 22.91 23.57 35.01
C SER E 156 22.00 24.63 34.40
N ASP E 157 21.39 25.44 35.25
CA ASP E 157 20.44 26.43 34.76
C ASP E 157 21.15 27.58 34.06
N GLY E 158 22.21 28.12 34.67
CA GLY E 158 22.94 29.19 34.02
C GLY E 158 23.40 28.78 32.64
N GLU E 159 23.96 27.58 32.52
CA GLU E 159 24.44 27.13 31.23
C GLU E 159 23.29 26.79 30.28
N LYS E 160 22.19 26.23 30.77
CA LYS E 160 21.07 26.02 29.85
C LYS E 160 20.60 27.33 29.25
N SER E 161 20.23 28.31 30.08
CA SER E 161 19.73 29.54 29.51
C SER E 161 20.77 30.22 28.63
N GLN E 162 22.04 30.09 28.97
CA GLN E 162 23.06 30.58 28.06
C GLN E 162 22.96 29.91 26.70
N LEU E 163 22.83 28.58 26.69
CA LEU E 163 22.65 27.88 25.43
C LEU E 163 21.56 28.52 24.61
N LEU E 164 20.37 28.61 25.18
CA LEU E 164 19.29 29.17 24.40
C LEU E 164 19.60 30.54 23.86
N GLN E 165 20.27 31.39 24.62
CA GLN E 165 20.59 32.68 24.04
C GLN E 165 21.64 32.57 22.97
N ARG E 166 22.30 31.43 22.86
CA ARG E 166 23.16 31.23 21.70
C ARG E 166 22.32 30.97 20.45
N TYR E 167 21.53 29.89 20.46
CA TYR E 167 20.78 29.48 19.27
C TYR E 167 19.47 30.24 19.08
N LYS E 168 19.01 31.00 20.08
CA LYS E 168 17.81 31.81 19.95
C LYS E 168 16.59 30.93 19.63
N LEU E 169 16.21 30.16 20.63
CA LEU E 169 15.19 29.14 20.52
C LEU E 169 14.03 29.40 21.47
N LYS E 170 13.17 28.40 21.59
CA LYS E 170 12.26 28.28 22.71
C LYS E 170 12.22 26.81 23.08
N GLU E 171 12.40 26.57 24.38
CA GLU E 171 12.76 25.27 24.92
C GLU E 171 12.05 24.11 24.25
N SER E 172 10.90 24.31 23.64
CA SER E 172 10.24 23.20 22.95
C SER E 172 10.94 22.82 21.66
N GLN E 173 11.85 23.66 21.17
CA GLN E 173 12.46 23.51 19.86
C GLN E 173 13.80 22.82 19.92
N LEU E 174 13.97 21.86 20.75
CA LEU E 174 15.20 21.10 20.61
C LEU E 174 14.84 19.68 20.23
N PRO E 175 15.78 18.85 19.88
CA PRO E 175 15.47 17.44 19.80
C PRO E 175 15.05 17.00 21.19
N ARG E 176 14.29 15.93 21.26
CA ARG E 176 13.64 15.58 22.51
C ARG E 176 13.89 14.14 22.90
N ILE E 177 14.27 13.95 24.15
CA ILE E 177 14.40 12.62 24.71
C ILE E 177 13.17 12.30 25.54
N GLN E 178 12.63 11.11 25.36
CA GLN E 178 11.51 10.68 26.18
C GLN E 178 11.88 10.74 27.65
N ARG E 179 10.88 10.61 28.52
CA ARG E 179 11.17 10.73 29.93
C ARG E 179 11.74 9.43 30.49
N GLU E 180 11.12 8.30 30.21
CA GLU E 180 11.65 7.03 30.69
C GLU E 180 12.58 6.36 29.71
N ASP E 181 13.28 7.15 28.91
CA ASP E 181 14.33 6.59 28.09
C ASP E 181 15.51 6.20 28.98
N PRO E 182 15.76 4.91 29.16
CA PRO E 182 16.62 4.45 30.25
C PRO E 182 17.74 5.37 30.66
N VAL E 183 18.40 6.08 29.76
CA VAL E 183 19.41 7.00 30.24
C VAL E 183 18.77 8.18 30.95
N ALA E 184 17.65 8.68 30.44
CA ALA E 184 16.99 9.81 31.08
C ALA E 184 16.50 9.49 32.47
N ARG E 185 16.01 8.28 32.70
CA ARG E 185 15.80 7.80 34.06
C ARG E 185 17.09 7.73 34.83
N TYR E 186 18.14 7.23 34.19
CA TYR E 186 19.38 6.99 34.88
C TYR E 186 19.98 8.26 35.43
N LEU E 187 19.53 9.42 34.98
CA LEU E 187 20.00 10.67 35.56
C LEU E 187 18.89 11.44 36.25
N GLY E 188 17.68 10.91 36.26
CA GLY E 188 16.56 11.60 36.84
C GLY E 188 16.36 12.94 36.18
N LEU E 189 16.00 12.92 34.91
CA LEU E 189 15.64 14.18 34.31
C LEU E 189 14.26 14.59 34.75
N LYS E 190 13.98 15.87 34.62
CA LYS E 190 12.64 16.40 34.69
C LYS E 190 12.49 17.43 33.59
N ARG E 191 11.25 17.83 33.34
CA ARG E 191 10.94 18.72 32.24
C ARG E 191 11.79 19.98 32.32
N GLY E 192 12.18 20.50 31.17
CA GLY E 192 12.95 21.72 31.09
C GLY E 192 14.44 21.55 31.25
N GLN E 193 14.94 20.32 31.25
CA GLN E 193 16.34 20.05 31.49
C GLN E 193 17.02 19.64 30.19
N VAL E 194 18.24 20.09 29.98
CA VAL E 194 18.88 20.01 28.67
C VAL E 194 20.12 19.16 28.80
N VAL E 195 20.06 17.91 28.38
CA VAL E 195 21.22 17.06 28.60
C VAL E 195 22.15 17.18 27.42
N LYS E 196 23.44 17.03 27.66
CA LYS E 196 24.45 17.26 26.66
C LYS E 196 25.14 15.95 26.40
N ILE E 197 25.25 15.61 25.14
CA ILE E 197 25.84 14.35 24.74
C ILE E 197 27.00 14.67 23.84
N ILE E 198 28.04 13.86 23.84
CA ILE E 198 29.14 14.03 22.92
C ILE E 198 29.38 12.74 22.18
N ARG E 199 29.61 12.84 20.87
CA ARG E 199 29.69 11.69 20.01
C ARG E 199 30.91 11.70 19.11
N ARG E 200 31.32 10.48 18.78
CA ARG E 200 32.31 10.15 17.78
C ARG E 200 31.82 10.43 16.38
N SER E 201 32.17 11.58 15.84
CA SER E 201 31.89 11.94 14.46
C SER E 201 32.88 11.21 13.58
N GLU E 202 32.42 10.24 12.85
CA GLU E 202 33.46 9.76 11.98
C GLU E 202 33.76 10.71 10.87
N THR E 203 33.33 11.96 10.89
CA THR E 203 33.68 12.91 9.86
C THR E 203 34.05 14.29 10.38
N SER E 204 33.91 14.56 11.68
CA SER E 204 34.61 15.69 12.28
C SER E 204 35.10 15.42 13.68
N GLY E 205 35.16 14.18 14.11
CA GLY E 205 35.75 13.90 15.39
C GLY E 205 34.80 14.06 16.55
N ARG E 206 34.53 15.28 16.98
CA ARG E 206 33.82 15.47 18.22
C ARG E 206 32.61 16.34 18.03
N TYR E 207 31.44 15.73 17.97
CA TYR E 207 30.21 16.47 17.78
C TYR E 207 29.39 16.45 19.04
N ALA E 208 29.08 17.63 19.56
CA ALA E 208 28.52 17.78 20.89
C ALA E 208 27.07 18.19 20.76
N SER E 209 26.18 17.22 20.84
CA SER E 209 24.77 17.40 20.60
C SER E 209 24.04 17.81 21.86
N TYR E 210 22.90 18.47 21.68
CA TYR E 210 22.03 18.85 22.78
C TYR E 210 20.68 18.19 22.59
N ARG E 211 20.30 17.33 23.51
CA ARG E 211 18.96 16.77 23.54
C ARG E 211 18.24 17.26 24.76
N ILE E 212 16.97 17.61 24.59
CA ILE E 212 16.15 18.10 25.69
C ILE E 212 15.24 16.97 26.16
N CYS E 213 14.93 16.98 27.45
CA CYS E 213 13.95 16.06 27.95
C CYS E 213 12.59 16.70 28.01
N LEU E 214 11.61 15.92 28.47
CA LEU E 214 10.27 16.43 28.60
C LEU E 214 9.83 16.43 30.05
N GLU F 71 12.33 46.44 17.04
CA GLU F 71 12.03 45.21 17.78
C GLU F 71 13.00 44.13 17.41
N LEU F 72 13.36 44.08 16.13
CA LEU F 72 14.16 42.99 15.60
C LEU F 72 15.44 43.47 14.91
N ALA F 73 15.39 44.62 14.23
CA ALA F 73 16.43 44.99 13.29
C ALA F 73 17.80 45.03 13.95
N ILE F 74 18.70 44.21 13.43
CA ILE F 74 20.00 43.99 14.07
C ILE F 74 21.00 44.94 13.46
N LEU F 75 21.83 45.48 14.33
CA LEU F 75 22.86 46.43 13.95
C LEU F 75 23.87 45.74 13.03
N LYS F 76 24.66 46.55 12.32
CA LYS F 76 25.59 46.01 11.33
C LYS F 76 26.93 45.61 11.94
N GLU F 77 27.00 45.46 13.26
CA GLU F 77 28.26 45.28 13.96
C GLU F 77 28.33 43.98 14.73
N GLU F 78 27.20 43.47 15.20
CA GLU F 78 27.09 42.15 15.79
C GLU F 78 26.95 41.07 14.75
N ARG F 79 27.31 41.35 13.51
CA ARG F 79 26.95 40.51 12.37
C ARG F 79 27.75 39.21 12.43
N THR F 80 27.04 38.08 12.40
CA THR F 80 27.63 36.78 12.63
C THR F 80 27.25 35.75 11.60
N THR F 81 27.21 36.11 10.33
CA THR F 81 26.89 35.10 9.34
C THR F 81 28.03 34.95 8.34
N THR F 82 27.93 33.93 7.52
CA THR F 82 28.94 33.69 6.51
C THR F 82 29.11 34.92 5.64
N PRO F 83 30.28 35.50 5.59
CA PRO F 83 30.40 36.79 4.92
C PRO F 83 30.72 36.64 3.44
N TYR F 84 30.56 35.44 2.90
CA TYR F 84 30.78 35.23 1.48
C TYR F 84 29.48 35.10 0.70
N LEU F 85 29.30 35.97 -0.29
CA LEU F 85 28.13 35.84 -1.15
C LEU F 85 28.06 34.43 -1.70
N THR F 86 27.02 33.69 -1.34
CA THR F 86 26.90 32.30 -1.69
C THR F 86 26.17 32.14 -3.00
N LYS F 87 26.06 30.89 -3.44
CA LYS F 87 25.49 30.66 -4.76
C LYS F 87 24.10 31.24 -4.88
N TYR F 88 23.19 30.96 -3.95
CA TYR F 88 21.82 31.43 -4.14
C TYR F 88 21.79 32.94 -4.09
N GLU F 89 22.53 33.51 -3.16
CA GLU F 89 22.66 34.94 -3.07
C GLU F 89 23.17 35.52 -4.38
N ARG F 90 24.30 35.02 -4.85
CA ARG F 90 24.85 35.53 -6.11
C ARG F 90 23.84 35.39 -7.22
N ALA F 91 23.11 34.29 -7.25
CA ALA F 91 22.20 34.03 -8.35
C ALA F 91 21.12 35.10 -8.39
N ARG F 92 20.45 35.32 -7.27
CA ARG F 92 19.35 36.27 -7.35
C ARG F 92 19.87 37.67 -7.52
N ILE F 93 21.03 37.98 -6.96
CA ILE F 93 21.61 39.29 -7.21
C ILE F 93 21.76 39.52 -8.71
N LEU F 94 22.44 38.60 -9.39
CA LEU F 94 22.63 38.77 -10.83
C LEU F 94 21.31 38.87 -11.55
N GLY F 95 20.42 37.93 -11.31
CA GLY F 95 19.16 37.93 -12.03
C GLY F 95 18.41 39.23 -11.89
N THR F 96 18.35 39.75 -10.67
CA THR F 96 17.53 40.92 -10.48
C THR F 96 18.22 42.16 -11.00
N ARG F 97 19.54 42.23 -10.89
CA ARG F 97 20.22 43.35 -11.52
C ARG F 97 19.96 43.34 -13.02
N ALA F 98 19.97 42.17 -13.62
CA ALA F 98 19.63 42.08 -15.04
C ALA F 98 18.23 42.57 -15.29
N LEU F 99 17.24 42.01 -14.60
CA LEU F 99 15.86 42.42 -14.82
C LEU F 99 15.73 43.92 -14.71
N GLN F 100 16.50 44.53 -13.82
CA GLN F 100 16.46 45.98 -13.70
C GLN F 100 17.03 46.66 -14.92
N ILE F 101 18.12 46.13 -15.46
CA ILE F 101 18.65 46.77 -16.66
C ILE F 101 17.75 46.60 -17.87
N SER F 102 17.22 45.40 -18.09
CA SER F 102 16.39 45.16 -19.26
C SER F 102 15.16 46.04 -19.27
N MET F 103 14.79 46.58 -18.13
CA MET F 103 13.78 47.62 -18.04
C MET F 103 14.44 48.98 -18.00
N ASN F 104 15.61 49.09 -18.66
CA ASN F 104 16.27 50.37 -18.87
C ASN F 104 16.69 51.02 -17.56
N ALA F 105 17.59 50.39 -16.83
CA ALA F 105 18.19 51.01 -15.67
C ALA F 105 19.44 51.76 -16.09
N PRO F 106 19.94 52.71 -15.32
CA PRO F 106 21.28 53.24 -15.59
C PRO F 106 22.31 52.13 -15.48
N VAL F 107 23.39 52.29 -16.22
CA VAL F 107 24.51 51.37 -16.12
C VAL F 107 25.70 52.09 -15.49
N LEU F 108 26.39 51.39 -14.61
CA LEU F 108 27.45 52.02 -13.85
C LEU F 108 28.84 51.74 -14.43
N VAL F 109 28.96 50.73 -15.28
CA VAL F 109 30.26 50.27 -15.74
C VAL F 109 30.41 50.54 -17.22
N ASP F 110 31.54 50.07 -17.76
CA ASP F 110 31.91 50.35 -19.13
C ASP F 110 31.46 49.20 -20.03
N ILE F 111 31.28 49.51 -21.30
CA ILE F 111 30.84 48.51 -22.29
C ILE F 111 32.02 48.30 -23.23
N GLU F 112 32.59 47.11 -23.17
CA GLU F 112 33.63 46.73 -24.13
C GLU F 112 32.96 46.25 -25.41
N GLY F 113 32.19 45.17 -25.30
CA GLY F 113 31.35 44.70 -26.40
C GLY F 113 30.04 44.16 -25.87
N GLU F 114 29.84 44.29 -24.56
CA GLU F 114 28.76 43.62 -23.86
C GLU F 114 27.45 44.34 -24.15
N THR F 115 26.49 43.60 -24.70
CA THR F 115 25.14 44.12 -24.89
C THR F 115 24.02 43.24 -24.34
N ASP F 116 24.27 41.96 -24.10
CA ASP F 116 23.29 41.17 -23.37
C ASP F 116 23.23 41.61 -21.92
N PRO F 117 22.06 41.57 -21.28
CA PRO F 117 21.99 42.04 -19.90
C PRO F 117 22.74 41.14 -18.94
N LEU F 118 22.54 39.83 -19.05
CA LEU F 118 23.10 38.91 -18.07
C LEU F 118 24.60 39.11 -17.91
N GLN F 119 25.32 39.32 -19.01
CA GLN F 119 26.76 39.52 -18.85
C GLN F 119 27.07 40.93 -18.37
N ILE F 120 26.17 41.89 -18.56
CA ILE F 120 26.37 43.17 -17.89
C ILE F 120 26.28 42.96 -16.38
N ALA F 121 25.35 42.12 -15.96
CA ALA F 121 25.29 41.79 -14.55
C ALA F 121 26.61 41.20 -14.08
N MET F 122 27.03 40.10 -14.70
CA MET F 122 28.26 39.45 -14.25
C MET F 122 29.46 40.39 -14.31
N LYS F 123 29.44 41.38 -15.20
CA LYS F 123 30.56 42.31 -15.25
C LYS F 123 30.49 43.31 -14.11
N GLU F 124 29.31 43.83 -13.80
CA GLU F 124 29.22 44.71 -12.64
C GLU F 124 29.58 43.95 -11.37
N LEU F 125 29.32 42.65 -11.34
CA LEU F 125 29.55 41.92 -10.11
C LEU F 125 31.04 41.86 -9.77
N SER F 126 31.86 41.27 -10.65
CA SER F 126 33.27 41.10 -10.31
C SER F 126 33.94 42.42 -10.06
N GLN F 127 33.30 43.52 -10.44
CA GLN F 127 33.76 44.82 -10.01
C GLN F 127 33.08 45.26 -8.73
N ARG F 128 31.96 44.64 -8.36
CA ARG F 128 31.28 44.91 -7.11
C ARG F 128 30.93 46.40 -7.00
N LYS F 129 30.18 46.84 -7.99
CA LYS F 129 29.65 48.21 -8.03
C LYS F 129 28.14 48.18 -8.17
N ILE F 130 27.48 47.24 -7.49
CA ILE F 130 26.08 46.94 -7.73
C ILE F 130 25.25 47.45 -6.56
N PRO F 131 24.41 48.48 -6.74
CA PRO F 131 23.64 49.04 -5.62
C PRO F 131 22.45 48.18 -5.24
N LEU F 132 22.69 47.22 -4.36
CA LEU F 132 21.63 46.44 -3.76
C LEU F 132 22.03 46.05 -2.34
N VAL F 133 21.10 45.46 -1.61
CA VAL F 133 21.34 45.07 -0.24
C VAL F 133 20.65 43.75 0.05
N ILE F 134 21.38 42.81 0.62
CA ILE F 134 20.85 41.51 0.99
C ILE F 134 20.30 41.58 2.40
N ARG F 135 19.21 40.87 2.62
CA ARG F 135 18.57 40.78 3.92
C ARG F 135 18.42 39.30 4.25
N ARG F 136 19.34 38.79 5.06
CA ARG F 136 19.29 37.38 5.40
C ARG F 136 18.42 37.17 6.63
N TYR F 137 17.23 36.63 6.43
CA TYR F 137 16.33 36.37 7.55
C TYR F 137 16.84 35.18 8.34
N LEU F 138 17.44 35.44 9.50
CA LEU F 138 17.76 34.36 10.41
C LEU F 138 16.48 33.70 10.88
N PRO F 139 16.53 32.46 11.35
CA PRO F 139 15.31 31.73 11.64
C PRO F 139 14.43 32.38 12.68
N ASP F 140 15.02 33.09 13.65
CA ASP F 140 14.18 33.65 14.69
C ASP F 140 13.22 34.68 14.14
N GLY F 141 13.59 35.34 13.06
CA GLY F 141 12.78 36.43 12.57
C GLY F 141 13.58 37.70 12.50
N SER F 142 14.71 37.75 13.20
CA SER F 142 15.61 38.88 13.05
C SER F 142 16.28 38.81 11.67
N TYR F 143 17.12 39.79 11.37
CA TYR F 143 17.65 39.88 10.02
C TYR F 143 18.79 40.86 9.95
N GLU F 144 19.89 40.46 9.31
CA GLU F 144 21.07 41.31 9.12
C GLU F 144 20.97 41.97 7.75
N ASP F 145 21.55 43.14 7.63
CA ASP F 145 21.55 43.79 6.33
C ASP F 145 22.95 43.91 5.75
N TRP F 146 23.26 43.08 4.78
CA TRP F 146 24.57 43.15 4.17
C TRP F 146 24.53 44.04 2.94
N GLY F 147 25.52 44.91 2.80
CA GLY F 147 25.71 45.61 1.54
C GLY F 147 26.48 44.76 0.56
N CYS F 148 26.05 44.78 -0.70
CA CYS F 148 26.70 43.94 -1.71
C CYS F 148 28.20 44.22 -1.73
N ASP F 149 28.56 45.49 -1.68
CA ASP F 149 29.95 45.88 -1.81
C ASP F 149 30.76 45.46 -0.60
N GLU F 150 30.15 45.36 0.57
CA GLU F 150 30.91 44.91 1.72
C GLU F 150 31.04 43.40 1.76
N LEU F 151 30.15 42.70 1.06
CA LEU F 151 30.33 41.27 0.87
C LEU F 151 31.57 40.95 0.07
N ILE F 152 32.08 39.74 0.27
CA ILE F 152 33.15 39.19 -0.56
C ILE F 152 32.54 38.18 -1.52
N VAL F 153 32.35 38.61 -2.78
CA VAL F 153 32.06 37.67 -3.86
C VAL F 153 33.19 36.67 -3.97
N ASP F 154 32.87 35.47 -4.41
CA ASP F 154 33.85 34.43 -4.60
C ASP F 154 35.00 34.92 -5.48
N MET G 1 -12.85 69.25 13.18
CA MET G 1 -11.98 68.76 14.24
C MET G 1 -10.59 68.43 13.70
N PHE G 2 -9.54 68.70 14.48
CA PHE G 2 -8.18 68.51 14.01
C PHE G 2 -7.40 67.53 14.87
N PHE G 3 -6.56 66.73 14.21
CA PHE G 3 -5.68 65.78 14.88
C PHE G 3 -4.39 65.65 14.09
N LEU G 4 -3.34 65.14 14.73
CA LEU G 4 -2.22 64.53 14.03
C LEU G 4 -2.43 63.04 14.08
N LYS G 5 -2.03 62.34 13.04
CA LYS G 5 -2.16 60.89 13.02
C LYS G 5 -0.91 60.27 12.41
N ASP G 6 -0.58 59.08 12.90
CA ASP G 6 0.62 58.34 12.50
C ASP G 6 0.23 57.38 11.37
N LEU G 7 0.68 57.69 10.16
CA LEU G 7 0.26 57.03 8.93
C LEU G 7 1.34 56.11 8.39
N SER G 8 0.89 55.20 7.53
CA SER G 8 1.77 54.30 6.81
C SER G 8 1.14 54.00 5.45
N LEU G 9 1.97 54.11 4.42
CA LEU G 9 1.53 54.01 3.03
C LEU G 9 2.46 53.07 2.27
N ILE G 10 1.95 52.41 1.24
CA ILE G 10 2.74 51.46 0.47
C ILE G 10 2.87 51.96 -0.96
N LEU G 11 4.08 51.90 -1.50
CA LEU G 11 4.36 52.38 -2.85
C LEU G 11 5.15 51.34 -3.64
N THR G 12 5.02 51.40 -4.96
CA THR G 12 5.74 50.54 -5.89
C THR G 12 6.45 51.40 -6.91
N LEU G 13 7.75 51.17 -7.07
CA LEU G 13 8.62 52.09 -7.81
C LEU G 13 9.23 51.41 -9.02
N HIS G 14 9.03 52.02 -10.19
CA HIS G 14 9.66 51.60 -11.43
C HIS G 14 11.17 51.81 -11.32
N PRO G 15 11.97 50.97 -11.99
CA PRO G 15 13.42 51.05 -11.78
C PRO G 15 14.06 52.34 -12.28
N SER G 16 13.71 52.81 -13.47
CA SER G 16 14.51 53.85 -14.13
C SER G 16 14.61 55.13 -13.30
N TYR G 17 13.88 55.23 -12.20
CA TYR G 17 13.98 56.36 -11.28
C TYR G 17 15.13 56.19 -10.30
N PHE G 18 16.02 55.23 -10.53
CA PHE G 18 17.11 54.91 -9.62
C PHE G 18 18.35 55.73 -9.96
N GLY G 19 18.40 56.93 -9.40
CA GLY G 19 19.52 57.82 -9.58
C GLY G 19 19.99 58.42 -8.28
N PRO G 20 20.44 59.68 -8.33
CA PRO G 20 20.89 60.35 -7.10
C PRO G 20 19.74 60.90 -6.28
N GLN G 21 18.66 61.33 -6.94
CA GLN G 21 17.59 62.14 -6.35
C GLN G 21 16.54 61.27 -5.69
N MET G 22 16.93 60.07 -5.27
CA MET G 22 15.94 59.03 -4.97
C MET G 22 15.01 59.47 -3.85
N ASN G 23 15.52 59.51 -2.62
CA ASN G 23 14.66 59.74 -1.46
C ASN G 23 13.84 61.00 -1.63
N GLN G 24 14.40 61.99 -2.33
CA GLN G 24 13.65 63.23 -2.49
C GLN G 24 12.57 63.09 -3.54
N TYR G 25 12.83 62.35 -4.62
CA TYR G 25 11.73 62.07 -5.54
C TYR G 25 10.64 61.29 -4.82
N LEU G 26 11.02 60.48 -3.84
CA LEU G 26 10.04 59.72 -3.07
C LEU G 26 9.16 60.64 -2.24
N ARG G 27 9.80 61.53 -1.47
CA ARG G 27 9.04 62.47 -0.64
C ARG G 27 8.19 63.40 -1.50
N GLU G 28 8.66 63.72 -2.70
CA GLU G 28 7.89 64.56 -3.59
C GLU G 28 6.67 63.83 -4.14
N LYS G 29 6.82 62.55 -4.46
CA LYS G 29 5.65 61.74 -4.80
C LYS G 29 4.66 61.69 -3.64
N LEU G 30 5.17 61.50 -2.43
CA LEU G 30 4.31 61.43 -1.25
C LEU G 30 3.51 62.72 -1.09
N LEU G 31 4.18 63.86 -1.22
CA LEU G 31 3.44 65.11 -1.19
C LEU G 31 2.42 65.14 -2.31
N THR G 32 2.86 64.96 -3.56
CA THR G 32 2.01 65.18 -4.72
C THR G 32 0.72 64.39 -4.64
N ASP G 33 0.75 63.20 -4.06
CA ASP G 33 -0.46 62.40 -4.03
C ASP G 33 -1.03 62.13 -2.63
N VAL G 34 -0.53 62.77 -1.58
CA VAL G 34 -0.99 62.51 -0.23
C VAL G 34 -1.78 63.68 0.34
N GLU G 35 -1.29 64.92 0.21
CA GLU G 35 -1.96 66.04 0.84
C GLU G 35 -3.26 66.40 0.12
N GLY G 36 -4.29 66.68 0.89
CA GLY G 36 -5.55 67.15 0.35
C GLY G 36 -6.62 66.10 0.14
N THR G 37 -6.27 64.82 0.13
CA THR G 37 -7.21 63.78 -0.25
C THR G 37 -8.22 63.49 0.87
N CYS G 38 -9.21 62.68 0.52
CA CYS G 38 -10.30 62.32 1.42
C CYS G 38 -10.23 60.85 1.78
N THR G 39 -10.20 60.55 3.07
CA THR G 39 -10.21 59.19 3.56
C THR G 39 -11.31 59.04 4.60
N GLY G 40 -12.22 58.09 4.36
CA GLY G 40 -13.23 57.78 5.34
C GLY G 40 -12.66 57.26 6.64
N GLN G 41 -11.36 56.98 6.68
CA GLN G 41 -10.74 56.46 7.88
C GLN G 41 -10.10 57.55 8.72
N PHE G 42 -9.37 58.47 8.08
CA PHE G 42 -8.60 59.48 8.78
C PHE G 42 -9.19 60.88 8.67
N GLY G 43 -10.22 61.07 7.87
CA GLY G 43 -10.64 62.40 7.48
C GLY G 43 -9.91 62.84 6.23
N TYR G 44 -9.65 64.13 6.17
CA TYR G 44 -8.84 64.67 5.10
C TYR G 44 -7.38 64.68 5.53
N ILE G 45 -6.51 64.12 4.71
CA ILE G 45 -5.08 64.29 4.92
C ILE G 45 -4.77 65.74 4.59
N VAL G 46 -4.60 66.56 5.64
CA VAL G 46 -4.53 68.00 5.42
C VAL G 46 -3.15 68.40 4.92
N THR G 47 -2.15 68.29 5.78
CA THR G 47 -0.78 68.60 5.38
C THR G 47 0.19 67.72 6.14
N VAL G 48 1.45 67.89 5.80
CA VAL G 48 2.55 67.13 6.40
C VAL G 48 3.30 68.07 7.33
N LEU G 49 3.76 67.55 8.46
CA LEU G 49 4.82 68.19 9.21
C LEU G 49 6.16 67.66 8.74
N ASP G 50 7.12 68.56 8.55
CA ASP G 50 8.47 68.16 8.19
C ASP G 50 8.46 67.39 6.88
N GLY G 51 8.04 68.06 5.81
CA GLY G 51 7.91 67.37 4.53
C GLY G 51 9.24 67.07 3.88
N MET G 52 10.26 67.86 4.20
CA MET G 52 11.55 67.72 3.54
C MET G 52 12.49 66.77 4.26
N ASN G 53 12.14 66.30 5.47
CA ASN G 53 12.93 65.31 6.18
C ASN G 53 12.12 64.05 6.49
N ILE G 54 11.36 63.54 5.52
CA ILE G 54 10.60 62.32 5.72
C ILE G 54 11.50 61.11 5.51
N ASP G 55 11.39 60.13 6.39
CA ASP G 55 12.14 58.88 6.25
C ASP G 55 11.24 57.82 5.65
N VAL G 56 11.83 56.96 4.82
CA VAL G 56 11.13 55.79 4.31
C VAL G 56 11.66 54.49 4.88
N GLY G 57 12.90 54.48 5.34
CA GLY G 57 13.52 53.23 5.73
C GLY G 57 14.20 52.55 4.55
N LYS G 58 14.29 51.23 4.62
CA LYS G 58 14.88 50.44 3.55
C LYS G 58 13.80 49.85 2.67
N GLY G 59 13.90 50.11 1.37
CA GLY G 59 12.87 49.68 0.45
C GLY G 59 13.18 48.32 -0.16
N ARG G 60 12.13 47.53 -0.40
CA ARG G 60 12.30 46.16 -0.87
C ARG G 60 11.92 46.06 -2.34
N ILE G 61 12.81 45.46 -3.13
CA ILE G 61 12.58 45.31 -4.55
C ILE G 61 11.55 44.22 -4.77
N ILE G 62 10.48 44.54 -5.49
CA ILE G 62 9.36 43.64 -5.72
C ILE G 62 9.87 42.31 -6.28
N PRO G 63 9.73 41.22 -5.55
CA PRO G 63 10.25 39.95 -6.04
C PRO G 63 9.49 39.45 -7.26
N GLY G 64 10.06 39.71 -8.43
CA GLY G 64 9.47 39.26 -9.67
C GLY G 64 9.20 40.34 -10.70
N SER G 65 9.39 41.61 -10.36
CA SER G 65 9.14 42.67 -11.32
C SER G 65 10.23 43.74 -11.38
N GLY G 66 11.22 43.69 -10.50
CA GLY G 66 12.26 44.71 -10.50
C GLY G 66 11.86 45.93 -9.70
N SER G 67 10.57 46.19 -9.63
CA SER G 67 10.06 47.36 -8.93
C SER G 67 10.37 47.27 -7.43
N ALA G 68 10.11 48.37 -6.72
CA ALA G 68 10.43 48.47 -5.30
C ALA G 68 9.17 48.69 -4.47
N GLU G 69 9.16 48.11 -3.27
CA GLU G 69 8.09 48.32 -2.31
C GLU G 69 8.58 49.25 -1.21
N PHE G 70 7.88 50.35 -1.02
CA PHE G 70 8.20 51.35 0.00
C PHE G 70 7.10 51.44 1.04
N GLU G 71 7.48 51.28 2.31
CA GLU G 71 6.56 51.50 3.42
C GLU G 71 6.87 52.86 4.02
N VAL G 72 6.11 53.86 3.58
CA VAL G 72 6.27 55.24 4.02
C VAL G 72 5.59 55.37 5.38
N LYS G 73 6.39 55.47 6.43
CA LYS G 73 5.91 55.89 7.73
C LYS G 73 5.92 57.41 7.79
N TYR G 74 4.87 57.99 8.37
CA TYR G 74 4.88 59.42 8.62
C TYR G 74 3.83 59.75 9.66
N ARG G 75 3.59 61.05 9.82
CA ARG G 75 2.66 61.60 10.79
C ARG G 75 2.16 62.94 10.28
N ALA G 76 0.88 63.00 9.93
CA ALA G 76 0.35 64.15 9.21
C ALA G 76 -0.90 64.68 9.89
N VAL G 77 -1.24 65.91 9.53
CA VAL G 77 -2.39 66.59 10.12
C VAL G 77 -3.64 66.15 9.38
N VAL G 78 -4.69 65.83 10.13
CA VAL G 78 -5.97 65.43 9.59
C VAL G 78 -7.09 66.30 10.18
N TRP G 79 -8.06 66.64 9.33
CA TRP G 79 -9.31 67.26 9.74
C TRP G 79 -10.39 66.21 9.54
N LYS G 80 -11.24 65.99 10.54
CA LYS G 80 -12.33 65.05 10.36
C LYS G 80 -13.49 65.41 11.27
N PRO G 81 -14.68 65.61 10.71
CA PRO G 81 -15.83 65.93 11.54
C PRO G 81 -16.45 64.69 12.17
N PHE G 82 -17.22 64.94 13.21
CA PHE G 82 -17.83 63.87 14.00
C PHE G 82 -19.33 64.12 14.09
N LYS G 83 -20.09 63.05 14.29
CA LYS G 83 -21.55 63.14 14.31
C LYS G 83 -22.04 63.60 15.67
N GLY G 84 -22.50 64.86 15.74
CA GLY G 84 -22.86 65.49 16.99
C GLY G 84 -22.06 66.75 17.31
N GLU G 85 -21.42 67.37 16.31
CA GLU G 85 -20.40 68.37 16.56
C GLU G 85 -20.95 69.79 16.54
N VAL G 86 -20.56 70.59 17.53
CA VAL G 86 -20.90 72.01 17.60
C VAL G 86 -19.93 72.78 16.72
N VAL G 87 -20.43 73.34 15.60
CA VAL G 87 -19.55 74.02 14.64
C VAL G 87 -20.17 75.32 14.17
N ASP G 88 -19.32 76.34 14.03
CA ASP G 88 -19.70 77.53 13.27
C ASP G 88 -19.35 77.34 11.80
N ALA G 89 -20.05 78.10 10.96
CA ALA G 89 -20.05 77.86 9.53
C ALA G 89 -20.48 79.13 8.83
N ILE G 90 -20.31 79.17 7.52
CA ILE G 90 -20.70 80.35 6.73
C ILE G 90 -21.65 79.90 5.63
N VAL G 91 -22.86 80.46 5.61
CA VAL G 91 -23.87 80.01 4.65
C VAL G 91 -23.43 80.36 3.24
N SER G 92 -23.60 79.39 2.34
CA SER G 92 -23.15 79.48 0.96
C SER G 92 -24.24 79.94 0.01
N ASN G 93 -25.41 79.30 0.06
CA ASN G 93 -26.58 79.72 -0.69
C ASN G 93 -27.77 79.66 0.26
N VAL G 94 -28.92 80.13 -0.22
CA VAL G 94 -30.18 80.00 0.49
C VAL G 94 -31.23 79.54 -0.50
N SER G 95 -32.13 78.69 -0.05
CA SER G 95 -33.14 78.12 -0.93
C SER G 95 -34.52 78.27 -0.29
N PRO G 96 -35.59 78.32 -1.10
CA PRO G 96 -36.95 78.42 -0.51
C PRO G 96 -37.29 77.28 0.43
N ILE G 97 -36.42 76.28 0.56
CA ILE G 97 -36.73 75.02 1.22
C ILE G 97 -35.76 74.70 2.35
N GLY G 98 -34.88 75.62 2.71
CA GLY G 98 -33.87 75.33 3.70
C GLY G 98 -32.56 76.00 3.36
N PHE G 99 -31.49 75.72 4.11
CA PHE G 99 -30.28 76.50 3.94
C PHE G 99 -29.04 75.61 3.89
N PHE G 100 -28.08 76.05 3.06
CA PHE G 100 -26.79 75.41 2.85
C PHE G 100 -25.69 76.27 3.45
N ALA G 101 -24.85 75.69 4.29
CA ALA G 101 -23.77 76.43 4.93
C ALA G 101 -22.49 75.63 4.88
N ASP G 102 -21.40 76.25 4.42
CA ASP G 102 -20.07 75.66 4.52
C ASP G 102 -19.76 75.38 5.97
N VAL G 103 -19.75 74.10 6.33
CA VAL G 103 -19.35 73.54 7.63
C VAL G 103 -18.04 72.79 7.42
N GLY G 104 -16.96 73.33 7.95
CA GLY G 104 -15.65 72.80 7.68
C GLY G 104 -15.42 72.80 6.19
N PRO G 105 -14.51 71.94 5.73
CA PRO G 105 -14.32 71.82 4.28
C PRO G 105 -15.57 71.41 3.53
N LEU G 106 -16.51 70.75 4.18
CA LEU G 106 -17.68 70.33 3.43
C LEU G 106 -18.82 71.32 3.68
N ASN G 107 -19.98 71.00 3.11
CA ASN G 107 -21.15 71.87 3.12
C ASN G 107 -22.33 71.07 3.67
N VAL G 108 -23.14 71.71 4.52
CA VAL G 108 -24.22 71.03 5.23
C VAL G 108 -25.54 71.74 4.94
N PHE G 109 -26.59 70.96 4.71
CA PHE G 109 -27.93 71.49 4.49
C PHE G 109 -28.83 71.21 5.68
N VAL G 110 -29.64 72.19 6.06
CA VAL G 110 -30.61 72.08 7.14
C VAL G 110 -31.93 72.61 6.62
N SER G 111 -32.97 71.77 6.62
CA SER G 111 -34.21 72.09 5.93
C SER G 111 -35.24 72.72 6.86
N THR G 112 -36.46 72.82 6.35
CA THR G 112 -37.56 73.48 7.05
C THR G 112 -37.91 72.78 8.35
N ARG G 113 -38.21 71.49 8.29
CA ARG G 113 -38.69 70.71 9.43
C ARG G 113 -37.73 70.72 10.61
N LEU G 114 -36.54 71.32 10.45
CA LEU G 114 -35.56 71.42 11.52
C LEU G 114 -35.28 72.88 11.89
N ILE G 115 -36.18 73.79 11.52
CA ILE G 115 -36.03 75.23 11.76
C ILE G 115 -37.07 75.66 12.78
N PRO G 116 -36.70 76.40 13.83
CA PRO G 116 -37.70 76.88 14.78
C PRO G 116 -38.65 77.87 14.11
N ASP G 117 -39.95 77.63 14.27
CA ASP G 117 -40.94 78.32 13.45
C ASP G 117 -41.21 79.74 13.92
N ASN G 118 -40.32 80.31 14.73
CA ASN G 118 -40.29 81.76 14.84
C ASN G 118 -39.40 82.40 13.77
N LEU G 119 -38.45 81.64 13.20
CA LEU G 119 -37.53 82.14 12.18
C LEU G 119 -38.06 81.79 10.80
N VAL G 120 -38.57 82.79 10.08
CA VAL G 120 -39.21 82.58 8.79
C VAL G 120 -38.22 82.94 7.68
N TYR G 121 -38.12 82.06 6.68
CA TYR G 121 -37.33 82.34 5.50
C TYR G 121 -37.85 83.62 4.85
N ASN G 122 -36.94 84.43 4.30
CA ASN G 122 -37.33 85.70 3.71
C ASN G 122 -36.53 85.93 2.44
N PRO G 123 -37.07 85.56 1.28
CA PRO G 123 -36.30 85.71 0.03
C PRO G 123 -36.04 87.14 -0.39
N SER G 124 -37.04 88.02 -0.29
CA SER G 124 -36.86 89.40 -0.71
C SER G 124 -36.01 90.19 0.28
N ASN G 125 -35.66 89.59 1.40
CA ASN G 125 -34.71 90.20 2.32
C ASN G 125 -33.33 90.25 1.66
N SER G 126 -32.54 91.26 2.02
CA SER G 126 -31.24 91.49 1.39
C SER G 126 -30.14 91.47 2.43
N PRO G 127 -29.37 90.38 2.56
CA PRO G 127 -29.52 89.13 1.80
C PRO G 127 -30.60 88.26 2.41
N PRO G 128 -31.09 87.26 1.67
CA PRO G 128 -32.14 86.40 2.22
C PRO G 128 -31.73 85.79 3.56
N ALA G 129 -32.68 85.77 4.49
CA ALA G 129 -32.38 85.40 5.85
C ALA G 129 -33.61 84.81 6.51
N TYR G 130 -33.37 84.02 7.54
CA TYR G 130 -34.40 83.49 8.42
C TYR G 130 -34.58 84.48 9.56
N MET G 131 -35.76 85.08 9.64
CA MET G 131 -36.02 86.27 10.44
C MET G 131 -36.87 85.94 11.66
N SER G 132 -36.46 86.54 12.78
CA SER G 132 -37.30 86.68 13.95
C SER G 132 -36.97 88.06 14.54
N ASN G 133 -37.54 88.34 15.70
CA ASN G 133 -37.42 89.63 16.35
C ASN G 133 -36.32 89.52 17.40
N ASP G 134 -35.23 90.25 17.18
CA ASP G 134 -33.94 90.15 17.86
C ASP G 134 -33.13 88.95 17.34
N GLU G 135 -33.64 88.28 16.31
CA GLU G 135 -32.99 87.09 15.76
C GLU G 135 -32.75 87.29 14.26
N LEU G 136 -31.70 86.64 13.76
CA LEU G 136 -31.31 86.75 12.36
C LEU G 136 -30.44 85.56 11.98
N ILE G 137 -30.74 84.91 10.86
CA ILE G 137 -29.83 83.95 10.27
C ILE G 137 -29.61 84.32 8.80
N THR G 138 -28.46 84.87 8.46
CA THR G 138 -28.27 85.50 7.16
C THR G 138 -26.92 85.15 6.54
N LYS G 139 -26.76 85.57 5.28
CA LYS G 139 -25.47 85.54 4.61
C LYS G 139 -24.53 86.58 5.17
N GLY G 140 -23.29 86.19 5.41
CA GLY G 140 -22.28 87.07 5.95
C GLY G 140 -22.10 87.00 7.45
N SER G 141 -23.19 86.92 8.20
CA SER G 141 -23.13 86.57 9.62
C SER G 141 -23.13 85.05 9.73
N LYS G 142 -22.11 84.50 10.37
CA LYS G 142 -21.92 83.06 10.42
C LYS G 142 -23.09 82.38 11.13
N VAL G 143 -23.23 81.07 10.90
CA VAL G 143 -24.31 80.29 11.46
C VAL G 143 -23.74 79.01 12.07
N ARG G 144 -24.25 78.65 13.25
CA ARG G 144 -23.80 77.46 13.96
C ARG G 144 -24.74 76.30 13.62
N LEU G 145 -24.18 75.09 13.54
CA LEU G 145 -24.99 73.87 13.46
C LEU G 145 -24.29 72.67 14.10
N LYS G 146 -24.97 71.53 13.99
CA LYS G 146 -24.60 70.26 14.61
C LYS G 146 -24.79 69.12 13.61
N VAL G 147 -23.69 68.44 13.27
CA VAL G 147 -23.73 67.25 12.40
C VAL G 147 -24.40 66.11 13.16
N VAL G 148 -25.53 65.62 12.65
CA VAL G 148 -26.32 64.61 13.34
C VAL G 148 -26.52 63.34 12.53
N GLY G 149 -26.28 63.35 11.22
CA GLY G 149 -26.52 62.14 10.46
C GLY G 149 -25.50 61.82 9.37
N THR G 150 -25.07 60.56 9.29
CA THR G 150 -23.94 60.16 8.46
C THR G 150 -24.33 59.06 7.49
N ARG G 151 -24.10 59.32 6.19
CA ARG G 151 -24.20 58.31 5.14
C ARG G 151 -22.88 58.27 4.36
N THR G 152 -22.20 57.13 4.43
CA THR G 152 -20.81 57.03 4.02
C THR G 152 -20.70 56.58 2.57
N ASP G 153 -20.63 57.56 1.67
CA ASP G 153 -20.13 57.37 0.31
C ASP G 153 -18.64 57.62 0.25
N VAL G 154 -17.82 56.63 0.59
CA VAL G 154 -16.49 56.80 1.18
C VAL G 154 -15.66 57.86 0.47
N ASN G 155 -15.89 58.06 -0.83
CA ASN G 155 -15.18 59.09 -1.57
C ASN G 155 -15.46 60.48 -1.03
N GLU G 156 -16.69 60.76 -0.62
CA GLU G 156 -17.01 61.86 0.29
C GLU G 156 -18.13 61.39 1.20
N ILE G 157 -17.83 61.19 2.48
CA ILE G 157 -18.87 60.84 3.44
C ILE G 157 -19.82 62.02 3.47
N TYR G 158 -21.10 61.75 3.76
CA TYR G 158 -22.08 62.82 3.73
C TYR G 158 -22.71 62.96 5.10
N ALA G 159 -22.70 64.18 5.62
CA ALA G 159 -23.26 64.50 6.92
C ALA G 159 -24.35 65.54 6.78
N ILE G 160 -25.40 65.38 7.57
CA ILE G 160 -26.52 66.31 7.61
C ILE G 160 -26.61 66.86 9.03
N GLY G 161 -26.81 68.18 9.13
CA GLY G 161 -26.83 68.88 10.39
C GLY G 161 -28.17 69.54 10.68
N SER G 162 -28.24 70.17 11.85
CA SER G 162 -29.46 70.83 12.30
C SER G 162 -29.15 71.69 13.51
N ILE G 163 -30.09 72.57 13.86
CA ILE G 163 -29.93 73.51 14.96
C ILE G 163 -31.06 73.39 15.98
N LYS G 164 -31.62 72.19 16.16
CA LYS G 164 -32.84 72.01 16.96
C LYS G 164 -32.57 71.44 18.36
N GLU G 165 -31.44 71.78 18.98
CA GLU G 165 -31.23 71.41 20.38
C GLU G 165 -30.88 72.64 21.19
N ASP G 166 -30.30 72.39 22.36
CA ASP G 166 -30.02 73.45 23.31
C ASP G 166 -28.94 74.39 22.79
N PHE G 167 -29.24 75.69 22.84
CA PHE G 167 -28.31 76.80 22.73
C PHE G 167 -27.83 77.04 21.30
N LEU G 168 -28.17 76.18 20.35
CA LEU G 168 -27.74 76.33 18.97
C LEU G 168 -28.65 77.33 18.25
N GLY G 169 -28.06 78.17 17.41
CA GLY G 169 -28.85 79.11 16.65
C GLY G 169 -28.04 80.32 16.25
N ALA G 170 -28.68 81.49 16.30
CA ALA G 170 -28.10 82.73 15.81
C ALA G 170 -27.02 83.25 16.75
N ILE G 171 -25.93 83.73 16.16
CA ILE G 171 -24.86 84.37 16.91
C ILE G 171 -24.52 85.69 16.24
N SER H 3 77.58 19.16 -27.78
CA SER H 3 76.77 19.54 -26.64
C SER H 3 76.33 18.29 -25.91
N ALA H 4 76.88 17.16 -26.33
CA ALA H 4 76.60 15.89 -25.69
C ALA H 4 76.87 15.96 -24.20
N LEU H 5 75.88 15.57 -23.41
CA LEU H 5 75.99 15.56 -21.97
C LEU H 5 76.18 14.16 -21.42
N PHE H 6 76.75 13.28 -22.21
CA PHE H 6 76.98 11.89 -21.87
C PHE H 6 77.62 11.27 -23.09
N ASP H 7 78.14 10.06 -22.93
CA ASP H 7 78.41 9.20 -24.08
C ASP H 7 78.81 7.83 -23.58
N ASP H 8 78.29 6.81 -24.23
CA ASP H 8 78.84 5.50 -23.91
C ASP H 8 78.46 4.52 -25.00
N ILE H 9 78.99 3.31 -24.87
CA ILE H 9 78.74 2.23 -25.81
C ILE H 9 78.17 1.06 -25.03
N PHE H 10 77.15 0.42 -25.60
CA PHE H 10 76.43 -0.59 -24.85
C PHE H 10 76.29 -1.88 -25.64
N THR H 11 76.22 -2.96 -24.87
CA THR H 11 75.82 -4.26 -25.36
C THR H 11 74.41 -4.53 -24.87
N VAL H 12 73.58 -5.03 -25.76
CA VAL H 12 72.21 -5.37 -25.44
C VAL H 12 72.17 -6.79 -24.95
N GLN H 13 71.65 -7.00 -23.75
CA GLN H 13 71.59 -8.35 -23.25
C GLN H 13 70.27 -9.04 -23.54
N THR H 14 69.14 -8.45 -23.17
CA THR H 14 67.84 -9.06 -23.46
C THR H 14 66.89 -8.06 -24.06
N VAL H 15 66.16 -8.51 -25.06
CA VAL H 15 65.14 -7.73 -25.73
C VAL H 15 63.85 -8.52 -25.73
N ASP H 16 62.81 -7.95 -25.14
CA ASP H 16 61.51 -8.61 -25.09
C ASP H 16 60.49 -7.81 -25.91
N ASN H 17 59.87 -8.50 -26.86
CA ASN H 17 58.66 -7.98 -27.48
C ASN H 17 57.48 -8.21 -26.56
N GLY H 18 57.06 -9.46 -26.44
CA GLY H 18 55.98 -9.80 -25.54
C GLY H 18 54.70 -9.03 -25.81
N ARG H 19 54.56 -7.92 -25.10
CA ARG H 19 53.29 -7.22 -25.06
C ARG H 19 53.03 -6.35 -26.28
N TYR H 20 53.92 -6.32 -27.25
CA TYR H 20 53.69 -5.40 -28.35
C TYR H 20 54.17 -5.97 -29.67
N ASN H 21 53.77 -5.32 -30.75
CA ASN H 21 54.31 -5.71 -32.04
C ASN H 21 55.32 -4.70 -32.57
N LYS H 22 55.32 -3.47 -32.07
CA LYS H 22 56.27 -2.50 -32.60
C LYS H 22 57.31 -2.04 -31.60
N VAL H 23 57.03 -2.08 -30.30
CA VAL H 23 57.98 -1.54 -29.35
C VAL H 23 58.48 -2.66 -28.46
N SER H 24 59.80 -2.80 -28.42
CA SER H 24 60.45 -3.81 -27.59
C SER H 24 61.36 -3.10 -26.60
N ARG H 25 61.55 -3.73 -25.45
CA ARG H 25 62.38 -3.18 -24.39
C ARG H 25 63.75 -3.82 -24.44
N ILE H 26 64.77 -3.00 -24.28
CA ILE H 26 66.15 -3.43 -24.30
C ILE H 26 66.78 -3.14 -22.95
N ILE H 27 67.72 -3.99 -22.58
CA ILE H 27 68.50 -3.86 -21.37
C ILE H 27 69.95 -3.78 -21.78
N GLY H 28 70.49 -2.56 -21.76
CA GLY H 28 71.86 -2.31 -22.17
C GLY H 28 72.81 -2.21 -21.00
N ILE H 29 74.00 -2.78 -21.15
CA ILE H 29 75.05 -2.62 -20.16
C ILE H 29 76.32 -2.18 -20.86
N SER H 30 77.04 -1.28 -20.22
CA SER H 30 78.23 -0.70 -20.83
C SER H 30 79.34 -1.74 -20.90
N THR H 31 80.42 -1.36 -21.56
CA THR H 31 81.66 -2.12 -21.53
C THR H 31 82.81 -1.31 -20.94
N THR H 32 82.84 0.02 -21.19
CA THR H 32 83.82 0.87 -20.53
C THR H 32 83.68 0.83 -19.02
N ASN H 33 82.49 0.50 -18.51
CA ASN H 33 82.26 0.47 -17.07
C ASN H 33 80.90 -0.18 -16.82
N SER H 34 80.87 -1.31 -16.13
CA SER H 34 79.58 -1.79 -15.69
C SER H 34 79.07 -0.89 -14.57
N ALA H 35 78.00 -1.31 -13.92
CA ALA H 35 77.30 -0.45 -12.96
C ALA H 35 76.79 0.82 -13.63
N ILE H 36 76.50 0.74 -14.92
CA ILE H 36 75.69 1.72 -15.62
C ILE H 36 74.64 0.91 -16.37
N LYS H 37 73.53 0.62 -15.72
CA LYS H 37 72.53 -0.24 -16.30
C LYS H 37 71.56 0.63 -17.09
N LEU H 38 71.00 0.08 -18.15
CA LEU H 38 70.21 0.88 -19.06
C LEU H 38 68.98 0.12 -19.49
N THR H 39 67.85 0.78 -19.55
CA THR H 39 66.62 0.16 -20.01
C THR H 39 65.83 1.11 -20.87
N LEU H 40 65.53 0.69 -22.09
CA LEU H 40 65.05 1.60 -23.11
C LEU H 40 64.02 0.91 -23.99
N ASP H 41 62.99 1.62 -24.38
CA ASP H 41 62.02 1.03 -25.29
C ASP H 41 62.23 1.57 -26.69
N ILE H 42 62.05 0.72 -27.70
CA ILE H 42 62.41 1.09 -29.06
C ILE H 42 61.39 0.55 -30.04
N ASN H 43 61.42 1.13 -31.24
CA ASN H 43 60.40 0.90 -32.25
C ASN H 43 60.90 -0.08 -33.30
N ASN H 44 60.44 -1.32 -33.22
CA ASN H 44 61.03 -2.38 -34.02
C ASN H 44 60.91 -2.10 -35.51
N GLU H 45 59.88 -1.39 -35.91
CA GLU H 45 59.74 -1.09 -37.33
C GLU H 45 60.60 0.06 -37.79
N MET H 46 61.10 0.91 -36.90
CA MET H 46 61.92 2.02 -37.33
C MET H 46 63.37 1.87 -36.92
N PHE H 47 63.69 0.88 -36.11
CA PHE H 47 65.06 0.62 -35.70
C PHE H 47 65.16 -0.78 -35.13
N PRO H 48 65.18 -1.80 -35.94
CA PRO H 48 65.24 -3.16 -35.39
C PRO H 48 66.57 -3.39 -34.72
N VAL H 49 66.57 -4.27 -33.73
CA VAL H 49 67.79 -4.70 -33.06
C VAL H 49 67.70 -6.19 -32.82
N SER H 50 68.80 -6.75 -32.34
CA SER H 50 68.86 -8.16 -32.00
C SER H 50 69.74 -8.29 -30.77
N GLN H 51 69.71 -9.47 -30.18
CA GLN H 51 70.38 -9.66 -28.91
C GLN H 51 71.88 -9.56 -29.07
N ASP H 52 72.55 -9.08 -28.03
CA ASP H 52 74.01 -9.13 -27.93
C ASP H 52 74.66 -8.25 -29.00
N ASP H 53 73.99 -7.19 -29.37
CA ASP H 53 74.52 -6.28 -30.35
C ASP H 53 75.05 -5.04 -29.66
N SER H 54 75.29 -3.97 -30.41
CA SER H 54 75.95 -2.79 -29.88
C SER H 54 75.18 -1.54 -30.23
N LEU H 55 75.27 -0.54 -29.35
CA LEU H 55 74.61 0.75 -29.54
C LEU H 55 75.55 1.83 -29.04
N THR H 56 75.53 2.99 -29.69
CA THR H 56 76.39 4.08 -29.25
C THR H 56 75.54 5.24 -28.76
N VAL H 57 75.27 5.29 -27.46
CA VAL H 57 74.24 6.15 -26.91
C VAL H 57 74.82 7.50 -26.55
N THR H 58 74.04 8.55 -26.78
CA THR H 58 74.43 9.92 -26.55
C THR H 58 73.20 10.68 -26.09
N LEU H 59 73.37 11.61 -25.14
CA LEU H 59 72.24 12.34 -24.58
C LEU H 59 72.48 13.84 -24.64
N ALA H 60 71.71 14.54 -25.46
CA ALA H 60 71.88 15.97 -25.59
C ALA H 60 70.71 16.69 -24.95
N ASN H 61 70.94 17.96 -24.64
CA ASN H 61 69.86 18.84 -24.25
C ASN H 61 69.60 19.94 -25.24
N SER H 62 70.26 19.93 -26.40
CA SER H 62 69.84 20.78 -27.50
C SER H 62 70.54 20.33 -28.77
N LEU H 63 69.77 19.83 -29.73
CA LEU H 63 70.38 19.32 -30.94
C LEU H 63 71.06 20.40 -31.76
N SER H 64 70.93 21.66 -31.38
CA SER H 64 71.64 22.70 -32.09
C SER H 64 73.13 22.54 -31.83
N LEU H 65 73.93 23.07 -32.75
CA LEU H 65 75.36 22.89 -32.64
C LEU H 65 76.08 24.22 -32.47
N LYS H 76 58.42 28.24 -31.47
CA LYS H 76 58.97 26.98 -30.98
C LYS H 76 58.26 25.81 -31.61
N SER H 77 57.42 26.11 -32.58
CA SER H 77 56.59 25.09 -33.18
C SER H 77 57.39 24.22 -34.14
N TRP H 78 57.57 22.97 -33.76
CA TRP H 78 58.38 22.08 -34.56
C TRP H 78 57.83 21.86 -35.96
N ARG H 79 58.41 22.46 -36.90
CA ARG H 79 58.05 22.06 -38.24
C ARG H 79 58.88 20.86 -38.64
N PRO H 80 58.50 20.15 -39.70
CA PRO H 80 59.43 19.24 -40.32
C PRO H 80 60.64 20.00 -40.84
N PRO H 81 61.81 19.38 -40.82
CA PRO H 81 63.05 20.13 -41.02
C PRO H 81 63.28 20.43 -42.49
N LYS H 82 64.02 21.50 -42.72
CA LYS H 82 64.55 21.76 -44.05
C LYS H 82 65.55 20.66 -44.38
N PRO H 83 65.87 20.49 -45.64
CA PRO H 83 66.95 19.57 -45.99
C PRO H 83 68.31 20.21 -45.74
N THR H 84 68.34 21.54 -45.86
CA THR H 84 69.60 22.27 -45.91
C THR H 84 70.23 22.47 -44.54
N ASP H 85 69.43 22.56 -43.47
CA ASP H 85 69.97 22.80 -42.15
C ASP H 85 70.51 21.51 -41.55
N LYS H 86 71.27 21.64 -40.47
CA LYS H 86 72.09 20.53 -40.00
C LYS H 86 71.91 20.36 -38.51
N SER H 87 72.07 19.12 -38.07
CA SER H 87 71.74 18.73 -36.71
C SER H 87 72.94 18.07 -36.07
N LEU H 88 72.79 17.82 -34.77
CA LEU H 88 73.62 16.80 -34.16
C LEU H 88 73.17 15.42 -34.60
N ALA H 89 71.91 15.29 -34.98
CA ALA H 89 71.40 13.97 -35.30
C ALA H 89 72.01 13.40 -36.54
N ASP H 90 72.69 14.22 -37.32
CA ASP H 90 73.05 13.82 -38.67
C ASP H 90 74.06 12.70 -38.69
N ASP H 91 74.28 12.02 -37.57
CA ASP H 91 75.28 10.96 -37.50
C ASP H 91 74.71 9.70 -36.89
N TYR H 92 73.39 9.58 -36.84
CA TYR H 92 72.76 8.50 -36.10
C TYR H 92 71.55 8.00 -36.86
N ASP H 93 70.71 7.26 -36.17
CA ASP H 93 69.60 6.60 -36.82
C ASP H 93 68.32 6.59 -36.02
N TYR H 94 68.28 7.21 -34.85
CA TYR H 94 67.08 7.11 -34.03
C TYR H 94 67.24 8.16 -32.94
N VAL H 95 66.61 9.30 -33.13
CA VAL H 95 66.84 10.46 -32.31
C VAL H 95 65.52 10.85 -31.68
N MET H 96 65.29 10.40 -30.45
CA MET H 96 64.00 10.52 -29.81
C MET H 96 64.03 11.70 -28.86
N PHE H 97 62.86 12.23 -28.53
CA PHE H 97 62.76 13.34 -27.60
C PHE H 97 61.95 12.93 -26.38
N GLY H 98 62.29 13.50 -25.23
CA GLY H 98 61.61 13.12 -24.01
C GLY H 98 61.77 14.06 -22.84
N THR H 99 61.30 13.66 -21.68
CA THR H 99 61.34 14.57 -20.55
C THR H 99 61.91 13.86 -19.35
N VAL H 100 62.81 14.54 -18.65
CA VAL H 100 63.31 14.10 -17.36
C VAL H 100 62.16 14.19 -16.39
N TYR H 101 61.70 13.06 -15.87
CA TYR H 101 60.54 13.14 -15.00
C TYR H 101 60.79 12.55 -13.62
N LYS H 102 61.96 12.01 -13.36
CA LYS H 102 62.32 11.52 -12.03
C LYS H 102 63.83 11.52 -11.89
N PHE H 103 64.34 12.05 -10.80
CA PHE H 103 65.79 12.16 -10.61
C PHE H 103 66.11 11.79 -9.17
N GLU H 104 66.29 10.50 -8.90
CA GLU H 104 66.25 10.01 -7.53
C GLU H 104 67.66 9.83 -7.00
N GLU H 105 68.21 10.90 -6.41
CA GLU H 105 69.58 10.89 -5.91
C GLU H 105 69.66 10.07 -4.64
N GLY H 106 69.81 8.76 -4.77
CA GLY H 106 69.69 7.91 -3.61
C GLY H 106 71.00 7.75 -2.87
N ASP H 107 71.51 6.52 -2.82
CA ASP H 107 72.72 6.21 -2.08
C ASP H 107 73.93 6.82 -2.76
N GLU H 108 75.11 6.36 -2.36
CA GLU H 108 76.36 6.89 -2.90
C GLU H 108 76.32 6.94 -4.43
N ASP H 109 75.88 5.85 -5.07
CA ASP H 109 75.90 5.90 -6.51
C ASP H 109 74.74 5.12 -7.16
N LYS H 110 73.68 4.84 -6.45
CA LYS H 110 72.47 4.32 -7.09
C LYS H 110 71.64 5.51 -7.48
N ILE H 111 71.98 6.12 -8.59
CA ILE H 111 71.30 7.29 -9.11
C ILE H 111 70.54 6.85 -10.34
N LYS H 112 69.24 6.67 -10.17
CA LYS H 112 68.36 6.26 -11.25
C LYS H 112 67.72 7.52 -11.80
N VAL H 113 67.70 7.64 -13.13
CA VAL H 113 67.04 8.74 -13.80
C VAL H 113 65.98 8.15 -14.70
N TYR H 114 64.79 8.69 -14.63
CA TYR H 114 63.68 8.21 -15.43
C TYR H 114 63.26 9.32 -16.38
N VAL H 115 63.48 9.11 -17.66
CA VAL H 115 63.05 10.01 -18.71
C VAL H 115 62.01 9.29 -19.52
N SER H 116 60.94 9.99 -19.82
CA SER H 116 59.83 9.43 -20.57
C SER H 116 59.76 10.07 -21.94
N PHE H 117 59.78 9.25 -22.97
CA PHE H 117 59.66 9.70 -24.35
C PHE H 117 58.25 9.51 -24.85
N GLY H 118 57.32 10.27 -24.28
CA GLY H 118 55.94 10.20 -24.72
C GLY H 118 55.49 8.76 -24.74
N GLY H 119 55.35 8.16 -23.59
CA GLY H 119 55.04 6.76 -23.53
C GLY H 119 56.24 5.86 -23.61
N LEU H 120 57.33 6.33 -24.20
CA LEU H 120 58.58 5.61 -24.14
C LEU H 120 59.36 6.03 -22.91
N LEU H 121 60.00 5.07 -22.27
CA LEU H 121 60.57 5.26 -20.95
C LEU H 121 62.08 5.24 -21.05
N MET H 122 62.76 5.44 -19.91
CA MET H 122 64.21 5.23 -19.91
C MET H 122 64.71 5.12 -18.47
N CYS H 123 65.16 3.93 -18.09
CA CYS H 123 65.83 3.74 -16.81
C CYS H 123 67.32 3.87 -16.99
N LEU H 124 67.88 4.94 -16.45
CA LEU H 124 69.30 5.19 -16.58
C LEU H 124 69.89 5.34 -15.19
N GLU H 125 71.09 4.82 -14.99
CA GLU H 125 71.72 4.74 -13.68
C GLU H 125 73.19 5.08 -13.82
N GLY H 126 73.93 5.00 -12.73
CA GLY H 126 75.37 5.02 -12.87
C GLY H 126 76.02 6.07 -12.00
N GLY H 127 77.25 6.43 -12.38
CA GLY H 127 78.07 7.24 -11.52
C GLY H 127 77.53 8.65 -11.34
N TYR H 128 77.50 9.10 -10.09
CA TYR H 128 77.02 10.44 -9.79
C TYR H 128 77.67 11.47 -10.67
N LYS H 129 79.00 11.44 -10.74
CA LYS H 129 79.75 12.37 -11.54
C LYS H 129 79.35 12.33 -12.99
N SER H 130 78.80 11.21 -13.44
CA SER H 130 78.40 11.07 -14.83
C SER H 130 77.03 11.72 -15.06
N LEU H 131 76.03 11.23 -14.36
CA LEU H 131 74.67 11.63 -14.64
C LEU H 131 74.38 13.01 -14.11
N ALA H 132 75.25 13.56 -13.27
CA ALA H 132 74.88 14.71 -12.47
C ALA H 132 74.38 15.89 -13.30
N SER H 133 74.79 16.01 -14.55
CA SER H 133 74.31 17.10 -15.37
C SER H 133 72.91 16.85 -15.91
N LEU H 134 72.44 15.61 -15.90
CA LEU H 134 71.15 15.26 -16.47
C LEU H 134 69.96 15.86 -15.73
N LYS H 135 70.18 16.79 -14.81
CA LYS H 135 69.08 17.44 -14.13
C LYS H 135 68.52 18.50 -15.08
N GLN H 136 67.89 18.02 -16.15
CA GLN H 136 67.32 18.92 -17.16
C GLN H 136 65.86 18.56 -17.38
N ASP H 137 65.26 19.03 -18.46
CA ASP H 137 63.89 18.65 -18.77
C ASP H 137 63.72 18.05 -20.16
N ASN H 138 64.61 18.38 -21.08
CA ASN H 138 64.53 17.90 -22.46
C ASN H 138 65.79 17.12 -22.76
N LEU H 139 65.65 15.85 -23.12
CA LEU H 139 66.81 15.05 -23.46
C LEU H 139 66.59 14.36 -24.79
N TYR H 140 67.22 14.86 -25.83
CA TYR H 140 67.27 14.06 -27.04
C TYR H 140 68.02 12.78 -26.70
N ILE H 141 67.96 11.79 -27.58
CA ILE H 141 68.75 10.58 -27.40
C ILE H 141 69.06 10.00 -28.77
N LEU H 142 70.31 9.60 -28.98
CA LEU H 142 70.80 9.47 -30.36
C LEU H 142 71.38 8.07 -30.55
N ILE H 143 70.52 7.08 -30.75
CA ILE H 143 71.01 5.72 -30.85
C ILE H 143 71.74 5.55 -32.17
N ARG H 144 72.71 4.64 -32.20
CA ARG H 144 73.57 4.41 -33.35
C ARG H 144 73.54 2.93 -33.72
N ARG H 145 73.80 2.64 -34.98
CA ARG H 145 73.98 1.27 -35.43
C ARG H 145 72.75 0.39 -35.35
N SER I 3 -5.02 -44.38 19.70
CA SER I 3 -5.54 -45.52 18.95
C SER I 3 -6.76 -46.09 19.65
N PHE I 4 -7.95 -45.77 19.16
CA PHE I 4 -9.19 -46.15 19.82
C PHE I 4 -9.90 -47.22 19.00
N ARG I 5 -10.33 -48.28 19.68
CA ARG I 5 -11.10 -49.35 19.05
C ARG I 5 -12.58 -49.17 19.36
N PHE I 6 -13.41 -49.92 18.64
CA PHE I 6 -14.82 -49.56 18.52
C PHE I 6 -15.74 -50.38 19.41
N CYS I 7 -17.02 -50.04 19.32
CA CYS I 7 -18.08 -50.76 20.03
C CYS I 7 -18.68 -51.83 19.14
N LEU I 8 -19.43 -52.74 19.77
CA LEU I 8 -20.09 -53.82 19.06
C LEU I 8 -21.60 -53.78 19.17
N GLU I 9 -22.15 -52.76 19.82
CA GLU I 9 -23.57 -52.74 20.18
C GLU I 9 -24.30 -51.53 19.65
N CYS I 10 -23.68 -50.35 19.71
CA CYS I 10 -24.26 -49.15 19.14
C CYS I 10 -23.30 -48.49 18.16
N ASN I 11 -22.29 -49.24 17.69
CA ASN I 11 -21.37 -48.82 16.63
C ASN I 11 -20.60 -47.56 17.01
N ASN I 12 -20.29 -47.38 18.27
CA ASN I 12 -19.65 -46.15 18.69
C ASN I 12 -18.17 -46.36 18.97
N MET I 13 -17.50 -45.26 19.28
CA MET I 13 -16.14 -45.29 19.78
C MET I 13 -16.16 -45.58 21.28
N LEU I 14 -14.97 -45.73 21.84
CA LEU I 14 -14.88 -46.06 23.26
C LEU I 14 -14.15 -44.96 24.03
N TYR I 15 -13.90 -45.26 25.30
CA TYR I 15 -13.11 -44.43 26.18
C TYR I 15 -12.35 -45.29 27.17
N PRO I 16 -11.20 -44.82 27.64
CA PRO I 16 -10.61 -45.40 28.84
C PRO I 16 -11.40 -45.03 30.08
N LYS I 17 -11.38 -45.92 31.06
CA LYS I 17 -12.08 -45.67 32.31
C LYS I 17 -11.47 -46.54 33.40
N GLU I 18 -11.06 -45.89 34.48
CA GLU I 18 -10.30 -46.54 35.54
C GLU I 18 -11.22 -47.30 36.47
N ASP I 19 -11.12 -48.63 36.47
CA ASP I 19 -11.92 -49.45 37.38
C ASP I 19 -11.22 -49.47 38.73
N LYS I 20 -11.67 -48.59 39.63
CA LYS I 20 -10.89 -48.29 40.82
C LYS I 20 -10.98 -49.39 41.86
N GLU I 21 -12.05 -50.18 41.85
CA GLU I 21 -12.17 -51.28 42.81
C GLU I 21 -11.11 -52.35 42.56
N ASN I 22 -11.13 -52.94 41.38
CA ASN I 22 -10.29 -54.09 41.08
C ASN I 22 -8.89 -53.70 40.66
N GLN I 23 -8.55 -52.41 40.73
CA GLN I 23 -7.24 -51.91 40.31
C GLN I 23 -6.87 -52.36 38.91
N ARG I 24 -7.61 -51.89 37.91
CA ARG I 24 -7.30 -52.07 36.51
C ARG I 24 -7.88 -50.92 35.70
N LEU I 25 -7.57 -50.94 34.42
CA LEU I 25 -8.17 -50.02 33.46
C LEU I 25 -9.26 -50.76 32.71
N LEU I 26 -10.13 -50.01 32.04
CA LEU I 26 -11.19 -50.57 31.23
C LEU I 26 -11.30 -49.81 29.92
N TYR I 27 -12.34 -50.14 29.17
CA TYR I 27 -12.81 -49.34 28.05
C TYR I 27 -14.32 -49.41 28.07
N SER I 28 -14.96 -48.26 28.15
CA SER I 28 -16.41 -48.22 28.18
C SER I 28 -16.93 -47.41 27.02
N CYS I 29 -18.16 -47.72 26.64
CA CYS I 29 -18.88 -46.91 25.68
C CYS I 29 -19.52 -45.73 26.38
N ARG I 30 -20.23 -44.95 25.60
CA ARG I 30 -21.01 -43.85 26.11
C ARG I 30 -22.43 -43.89 25.57
N ASN I 31 -22.64 -44.54 24.43
CA ASN I 31 -23.98 -44.71 23.90
C ASN I 31 -24.54 -46.11 24.08
N CYS I 32 -23.80 -47.01 24.73
CA CYS I 32 -24.39 -48.25 25.22
C CYS I 32 -23.82 -48.51 26.59
N ASP I 33 -24.01 -49.73 27.08
CA ASP I 33 -23.51 -50.10 28.40
C ASP I 33 -22.61 -51.32 28.33
N TYR I 34 -22.12 -51.61 27.13
CA TYR I 34 -21.03 -52.55 26.99
C TYR I 34 -19.85 -52.04 27.79
N THR I 35 -19.07 -52.96 28.34
CA THR I 35 -17.96 -52.58 29.20
C THR I 35 -16.88 -53.61 29.02
N GLU I 36 -15.62 -53.20 28.94
CA GLU I 36 -14.63 -54.23 28.69
C GLU I 36 -13.34 -53.93 29.43
N LEU I 37 -12.54 -54.98 29.59
CA LEU I 37 -11.21 -54.97 30.16
C LEU I 37 -10.27 -54.15 29.29
N ALA I 38 -9.10 -53.85 29.84
CA ALA I 38 -8.10 -53.06 29.16
C ALA I 38 -6.98 -53.93 28.62
N GLU I 39 -6.08 -53.31 27.86
CA GLU I 39 -5.01 -54.00 27.16
C GLU I 39 -3.69 -53.25 27.14
N ASP I 40 -3.62 -52.00 27.58
CA ASP I 40 -2.40 -51.21 27.48
C ASP I 40 -2.40 -50.06 28.48
N PRO I 41 -1.36 -49.94 29.31
CA PRO I 41 -1.23 -48.70 30.07
C PRO I 41 -1.09 -47.50 29.17
N LYS I 42 -0.36 -47.61 28.06
CA LYS I 42 -0.27 -46.48 27.14
C LYS I 42 -1.60 -46.32 26.43
N VAL I 43 -2.46 -45.46 26.95
CA VAL I 43 -3.73 -45.20 26.29
C VAL I 43 -3.49 -44.08 25.29
N TYR I 44 -2.66 -43.13 25.67
CA TYR I 44 -2.33 -42.02 24.83
C TYR I 44 -0.87 -42.05 24.45
N ARG I 45 -0.56 -41.41 23.34
CA ARG I 45 0.81 -41.21 22.90
C ARG I 45 0.81 -40.04 21.94
N HIS I 46 1.93 -39.35 21.84
CA HIS I 46 2.11 -38.35 20.80
C HIS I 46 3.61 -38.22 20.57
N GLU I 47 4.03 -38.37 19.33
CA GLU I 47 5.46 -38.38 19.08
C GLU I 47 5.95 -36.99 18.66
N LEU I 48 7.18 -36.71 19.04
CA LEU I 48 7.86 -35.48 18.63
C LEU I 48 8.90 -35.74 17.56
N ILE I 49 9.62 -36.86 17.64
CA ILE I 49 10.61 -37.22 16.65
C ILE I 49 10.19 -38.53 16.01
N THR I 50 9.95 -38.50 14.70
CA THR I 50 9.65 -39.70 13.94
C THR I 50 10.30 -39.59 12.57
N ASN I 51 10.30 -40.71 11.85
CA ASN I 51 10.84 -40.77 10.50
C ASN I 51 9.86 -41.52 9.60
N ILE I 52 8.61 -41.61 10.03
CA ILE I 52 7.59 -42.41 9.38
C ILE I 52 6.87 -41.55 8.33
N GLY I 53 6.52 -42.18 7.22
CA GLY I 53 6.14 -41.49 6.00
C GLY I 53 7.18 -41.64 4.91
N GLU I 54 7.89 -42.76 4.87
CA GLU I 54 9.23 -42.83 4.32
C GLU I 54 9.28 -43.55 2.98
N THR I 55 8.84 -44.80 2.95
CA THR I 55 8.83 -45.61 1.74
C THR I 55 7.47 -45.54 1.07
N ALA I 56 6.90 -44.33 1.05
CA ALA I 56 5.48 -44.16 0.71
C ALA I 56 5.15 -44.74 -0.65
N GLY I 57 5.63 -44.10 -1.72
CA GLY I 57 5.13 -44.39 -3.04
C GLY I 57 5.52 -45.74 -3.59
N ILE I 58 5.26 -46.80 -2.84
CA ILE I 58 5.62 -48.17 -3.21
C ILE I 58 4.34 -48.99 -3.30
N VAL I 59 4.16 -49.67 -4.43
CA VAL I 59 3.14 -50.68 -4.65
C VAL I 59 3.80 -51.80 -5.46
N ASP I 60 3.01 -52.79 -5.86
CA ASP I 60 3.60 -53.84 -6.70
C ASP I 60 3.83 -53.35 -8.13
N ASP I 61 3.05 -52.38 -8.60
CA ASP I 61 3.32 -51.77 -9.90
C ASP I 61 4.05 -50.44 -9.75
N ILE I 62 4.94 -50.33 -8.78
CA ILE I 62 5.73 -49.11 -8.65
C ILE I 62 6.66 -48.94 -9.85
N GLY I 63 7.35 -50.00 -10.24
CA GLY I 63 8.36 -49.88 -11.28
C GLY I 63 7.80 -49.52 -12.63
N GLN I 64 6.57 -49.93 -12.93
CA GLN I 64 6.01 -49.61 -14.23
C GLN I 64 5.81 -48.12 -14.38
N ASP I 65 6.10 -47.35 -13.37
CA ASP I 65 6.25 -45.92 -13.63
C ASP I 65 7.58 -45.72 -14.34
N PRO I 66 7.57 -45.16 -15.52
CA PRO I 66 8.83 -44.89 -16.21
C PRO I 66 9.39 -43.53 -15.85
N THR I 67 8.81 -42.86 -14.85
CA THR I 67 9.47 -41.67 -14.35
C THR I 67 10.44 -42.00 -13.21
N LEU I 68 10.51 -43.26 -12.82
CA LEU I 68 11.41 -43.68 -11.77
C LEU I 68 12.66 -44.25 -12.41
N PRO I 69 13.83 -43.67 -12.13
CA PRO I 69 15.05 -44.18 -12.75
C PRO I 69 15.37 -45.58 -12.31
N ARG I 70 15.78 -46.41 -13.26
CA ARG I 70 16.25 -47.75 -12.99
C ARG I 70 17.74 -47.69 -12.67
N SER I 71 18.14 -48.35 -11.58
CA SER I 71 19.49 -48.20 -11.06
C SER I 71 20.25 -49.52 -11.08
N ASP I 72 21.47 -49.49 -10.52
CA ASP I 72 22.46 -50.55 -10.69
C ASP I 72 23.09 -50.99 -9.38
N LYS I 73 22.30 -51.39 -8.40
CA LYS I 73 22.89 -52.03 -7.23
C LYS I 73 22.60 -53.52 -7.22
N GLU I 74 23.24 -54.20 -6.28
CA GLU I 74 23.09 -55.62 -6.06
C GLU I 74 21.80 -55.85 -5.28
N CYS I 75 20.96 -56.74 -5.77
CA CYS I 75 19.76 -57.03 -5.02
C CYS I 75 20.10 -57.88 -3.81
N PRO I 76 19.65 -57.48 -2.62
CA PRO I 76 19.87 -58.32 -1.44
C PRO I 76 19.15 -59.65 -1.52
N GLU I 77 18.10 -59.77 -2.35
CA GLU I 77 17.31 -61.00 -2.37
C GLU I 77 17.64 -61.89 -3.57
N CYS I 78 17.53 -61.34 -4.78
CA CYS I 78 17.79 -62.11 -5.98
C CYS I 78 19.10 -61.74 -6.66
N HIS I 79 19.95 -60.95 -6.01
CA HIS I 79 21.30 -60.68 -6.47
C HIS I 79 21.31 -59.92 -7.80
N SER I 80 20.21 -59.30 -8.17
CA SER I 80 20.09 -58.62 -9.44
C SER I 80 20.91 -57.32 -9.44
N ARG I 81 21.21 -56.83 -10.64
CA ARG I 81 21.77 -55.50 -10.83
C ARG I 81 20.68 -54.48 -11.09
N ASP I 82 19.44 -54.95 -11.20
CA ASP I 82 18.36 -54.16 -11.78
C ASP I 82 17.35 -53.82 -10.70
N CYS I 83 17.24 -52.53 -10.39
CA CYS I 83 16.35 -52.05 -9.36
C CYS I 83 16.21 -50.54 -9.55
N VAL I 84 15.16 -49.97 -8.95
CA VAL I 84 14.88 -48.55 -9.09
C VAL I 84 15.03 -47.90 -7.71
N PHE I 85 15.30 -46.59 -7.67
CA PHE I 85 15.41 -45.95 -6.37
C PHE I 85 14.75 -44.58 -6.40
N PHE I 86 14.53 -44.05 -5.20
CA PHE I 86 13.89 -42.77 -4.98
C PHE I 86 14.04 -42.43 -3.51
N GLN I 87 14.11 -41.13 -3.22
CA GLN I 87 14.32 -40.68 -1.85
C GLN I 87 13.07 -40.95 -1.04
N SER I 88 13.13 -40.65 0.25
CA SER I 88 11.95 -40.72 1.10
C SER I 88 11.00 -39.60 0.73
N GLN I 89 9.75 -39.97 0.43
CA GLN I 89 8.73 -39.00 0.10
C GLN I 89 8.21 -38.22 1.30
N GLN I 90 8.69 -38.52 2.50
CA GLN I 90 8.56 -37.59 3.61
C GLN I 90 9.06 -36.22 3.18
N ARG I 91 8.33 -35.17 3.54
CA ARG I 91 8.63 -33.86 3.00
C ARG I 91 9.00 -32.84 4.08
N ARG I 92 9.31 -33.30 5.28
CA ARG I 92 9.89 -32.40 6.27
C ARG I 92 11.23 -31.88 5.74
N LYS I 93 11.58 -30.68 6.18
CA LYS I 93 12.81 -30.05 5.71
C LYS I 93 14.04 -30.91 6.00
N ASP I 94 13.89 -31.92 6.86
CA ASP I 94 14.94 -32.87 7.18
C ASP I 94 14.78 -34.20 6.45
N THR I 95 14.31 -34.19 5.20
CA THR I 95 14.06 -35.44 4.52
C THR I 95 15.32 -36.30 4.49
N ASN I 96 15.24 -37.45 5.13
CA ASN I 96 16.34 -38.39 5.16
C ASN I 96 16.69 -38.79 3.73
N MET I 97 17.50 -37.97 3.05
CA MET I 97 17.62 -38.07 1.61
C MET I 97 18.14 -39.41 1.12
N THR I 98 18.24 -40.40 1.99
CA THR I 98 18.80 -41.68 1.63
C THR I 98 18.02 -42.35 0.51
N LEU I 99 18.77 -42.89 -0.43
CA LEU I 99 18.25 -43.58 -1.60
C LEU I 99 17.60 -44.88 -1.18
N PHE I 100 16.40 -45.11 -1.70
CA PHE I 100 15.68 -46.33 -1.38
C PHE I 100 15.73 -47.22 -2.60
N TYR I 101 16.74 -48.07 -2.68
CA TYR I 101 16.80 -49.00 -3.80
C TYR I 101 15.63 -49.94 -3.64
N VAL I 102 14.46 -49.45 -4.00
CA VAL I 102 13.28 -50.30 -4.07
C VAL I 102 13.40 -51.18 -5.29
N CYS I 103 13.66 -52.46 -5.06
CA CYS I 103 14.17 -53.34 -6.11
C CYS I 103 13.13 -53.57 -7.18
N LEU I 104 13.52 -54.37 -8.18
CA LEU I 104 12.60 -54.81 -9.21
C LEU I 104 12.33 -56.31 -9.14
N ASN I 105 12.63 -56.95 -8.01
CA ASN I 105 12.15 -58.29 -7.70
C ASN I 105 11.22 -58.30 -6.50
N CYS I 106 11.77 -58.06 -5.32
CA CYS I 106 11.01 -58.03 -4.07
C CYS I 106 10.90 -56.64 -3.48
N LYS I 107 11.72 -55.71 -3.97
CA LYS I 107 11.60 -54.29 -3.68
C LYS I 107 12.02 -53.99 -2.23
N LYS I 108 13.01 -54.74 -1.76
CA LYS I 108 13.54 -54.57 -0.41
C LYS I 108 14.22 -53.22 -0.30
N THR I 109 13.53 -52.30 0.37
CA THR I 109 13.93 -50.91 0.39
C THR I 109 15.17 -50.73 1.26
N PHE I 110 16.34 -50.87 0.67
CA PHE I 110 17.56 -50.62 1.43
C PHE I 110 18.13 -49.29 0.99
N ARG I 111 19.30 -48.95 1.53
CA ARG I 111 19.70 -47.55 1.65
C ARG I 111 21.18 -47.42 1.32
N ASP I 112 21.74 -46.28 1.72
CA ASP I 112 23.14 -45.94 1.48
C ASP I 112 23.88 -45.53 2.74
N GLU I 113 23.29 -45.72 3.93
CA GLU I 113 24.03 -45.56 5.18
C GLU I 113 25.11 -46.61 5.31
N MET J 1 5.55 -7.18 -53.81
CA MET J 1 5.32 -6.08 -54.71
C MET J 1 6.38 -6.19 -55.80
N ILE J 2 6.48 -5.21 -56.68
CA ILE J 2 7.14 -5.47 -57.96
C ILE J 2 8.60 -5.09 -57.86
N ILE J 3 9.43 -5.89 -58.53
CA ILE J 3 10.89 -5.87 -58.39
C ILE J 3 11.40 -4.45 -58.48
N PRO J 4 12.39 -4.07 -57.72
CA PRO J 4 12.70 -2.65 -57.62
C PRO J 4 13.38 -2.09 -58.84
N VAL J 5 13.81 -0.85 -58.72
CA VAL J 5 14.47 -0.18 -59.82
C VAL J 5 15.96 -0.36 -59.68
N ARG J 6 16.51 0.18 -58.61
CA ARG J 6 17.92 -0.01 -58.38
C ARG J 6 18.12 -1.04 -57.28
N CYS J 7 19.15 -1.85 -57.38
CA CYS J 7 19.57 -2.56 -56.19
C CYS J 7 19.78 -1.56 -55.07
N PHE J 8 19.50 -1.99 -53.86
CA PHE J 8 19.49 -1.05 -52.76
C PHE J 8 20.86 -0.50 -52.43
N SER J 9 21.81 -1.40 -52.18
CA SER J 9 23.14 -1.00 -51.72
C SER J 9 23.97 -0.42 -52.87
N CYS J 10 24.18 -1.19 -53.92
CA CYS J 10 25.04 -0.70 -54.98
C CYS J 10 24.30 0.32 -55.83
N GLY J 11 23.46 -0.15 -56.76
CA GLY J 11 22.88 0.77 -57.70
C GLY J 11 23.03 0.35 -59.14
N LYS J 12 23.02 -0.95 -59.38
CA LYS J 12 22.96 -1.49 -60.73
C LYS J 12 21.52 -1.89 -61.03
N VAL J 13 20.97 -1.33 -62.10
CA VAL J 13 19.57 -1.58 -62.45
C VAL J 13 19.31 -3.07 -62.40
N VAL J 14 18.26 -3.45 -61.67
CA VAL J 14 17.90 -4.85 -61.52
C VAL J 14 16.54 -5.16 -62.10
N GLY J 15 15.66 -4.17 -62.24
CA GLY J 15 14.28 -4.46 -62.58
C GLY J 15 14.13 -5.39 -63.78
N ASP J 16 14.59 -4.97 -64.94
CA ASP J 16 14.48 -5.77 -66.13
C ASP J 16 14.85 -7.21 -65.87
N LYS J 17 15.95 -7.44 -65.17
CA LYS J 17 16.50 -8.76 -65.03
C LYS J 17 15.56 -9.70 -64.29
N TRP J 18 14.35 -9.26 -63.99
CA TRP J 18 13.46 -10.15 -63.27
C TRP J 18 12.91 -11.24 -64.17
N ASP J 19 12.27 -10.86 -65.28
CA ASP J 19 11.55 -11.81 -66.11
C ASP J 19 12.43 -12.98 -66.49
N ALA J 20 13.51 -12.71 -67.21
CA ALA J 20 14.44 -13.74 -67.61
C ALA J 20 14.71 -14.68 -66.45
N TYR J 21 14.93 -14.13 -65.27
CA TYR J 21 15.25 -14.96 -64.13
C TYR J 21 14.17 -16.02 -63.89
N LEU J 22 12.91 -15.61 -63.78
CA LEU J 22 11.87 -16.63 -63.65
C LEU J 22 11.97 -17.63 -64.78
N ARG J 23 12.08 -17.15 -66.01
CA ARG J 23 12.23 -18.03 -67.16
C ARG J 23 13.37 -19.00 -66.98
N LEU J 24 14.49 -18.55 -66.41
CA LEU J 24 15.58 -19.48 -66.17
C LEU J 24 15.18 -20.58 -65.22
N LEU J 25 14.46 -20.22 -64.16
CA LEU J 25 13.96 -21.23 -63.25
C LEU J 25 13.10 -22.26 -63.96
N GLU J 26 12.52 -21.87 -65.08
CA GLU J 26 11.58 -22.76 -65.75
C GLU J 26 12.31 -23.90 -66.43
N GLU J 27 13.63 -23.84 -66.49
CA GLU J 27 14.40 -24.90 -67.11
C GLU J 27 15.07 -25.82 -66.09
N GLY J 28 14.95 -25.51 -64.81
CA GLY J 28 15.62 -26.27 -63.78
C GLY J 28 16.92 -25.68 -63.29
N LYS J 29 17.18 -24.41 -63.54
CA LYS J 29 18.46 -23.82 -63.15
C LYS J 29 18.63 -23.81 -61.65
N GLN J 30 19.72 -23.17 -61.24
CA GLN J 30 19.96 -22.84 -59.84
C GLN J 30 20.15 -21.35 -59.69
N GLU J 31 19.62 -20.85 -58.58
CA GLU J 31 19.64 -19.43 -58.30
C GLU J 31 21.05 -18.89 -58.37
N GLY J 32 22.01 -19.66 -57.87
CA GLY J 32 23.40 -19.29 -58.07
C GLY J 32 23.75 -19.23 -59.54
N ASP J 33 23.56 -20.35 -60.24
CA ASP J 33 23.87 -20.37 -61.66
C ASP J 33 23.04 -19.37 -62.41
N ALA J 34 21.78 -19.21 -62.03
CA ALA J 34 20.93 -18.23 -62.68
C ALA J 34 21.51 -16.83 -62.55
N LEU J 35 21.66 -16.36 -61.32
CA LEU J 35 22.24 -15.06 -61.08
C LEU J 35 23.55 -14.89 -61.82
N ASP J 36 24.41 -15.91 -61.79
CA ASP J 36 25.69 -15.77 -62.46
C ASP J 36 25.49 -15.57 -63.94
N GLU J 37 24.54 -16.28 -64.52
CA GLU J 37 24.22 -16.05 -65.92
C GLU J 37 23.54 -14.72 -66.09
N LEU J 38 22.80 -14.25 -65.10
CA LEU J 38 22.31 -12.89 -65.23
C LEU J 38 23.37 -11.87 -64.90
N LYS J 39 24.57 -12.32 -64.55
CA LYS J 39 25.71 -11.44 -64.33
C LYS J 39 25.43 -10.45 -63.20
N LEU J 40 25.20 -11.02 -62.02
CA LEU J 40 25.16 -10.27 -60.78
C LEU J 40 26.28 -10.83 -59.90
N LYS J 41 27.41 -10.14 -59.92
CA LYS J 41 28.62 -10.66 -59.27
C LYS J 41 28.71 -10.33 -57.80
N ARG J 42 28.44 -9.10 -57.39
CA ARG J 42 28.40 -8.78 -55.98
C ARG J 42 27.21 -9.46 -55.34
N TYR J 43 27.14 -9.44 -54.02
CA TYR J 43 25.92 -9.99 -53.47
C TYR J 43 24.83 -8.95 -53.25
N CYS J 44 25.16 -7.67 -53.08
CA CYS J 44 24.13 -6.66 -52.87
C CYS J 44 23.05 -6.79 -53.92
N CYS J 45 23.41 -6.71 -55.17
CA CYS J 45 22.47 -7.11 -56.18
C CYS J 45 21.97 -8.51 -55.98
N ARG J 46 22.78 -9.46 -55.54
CA ARG J 46 22.31 -10.83 -55.52
C ARG J 46 21.23 -11.05 -54.49
N ARG J 47 21.17 -10.24 -53.46
CA ARG J 47 19.97 -10.30 -52.63
C ARG J 47 18.84 -9.49 -53.22
N MET J 48 19.11 -8.37 -53.90
CA MET J 48 17.97 -7.66 -54.45
C MET J 48 17.22 -8.47 -55.47
N VAL J 49 17.62 -9.69 -55.75
CA VAL J 49 16.81 -10.53 -56.62
C VAL J 49 16.60 -11.89 -55.98
N LEU J 50 17.56 -12.35 -55.18
CA LEU J 50 17.36 -13.65 -54.59
C LEU J 50 16.28 -13.61 -53.53
N THR J 51 16.14 -12.47 -52.85
CA THR J 51 15.06 -12.43 -51.90
C THR J 51 13.75 -12.12 -52.57
N HIS J 52 13.74 -11.17 -53.49
CA HIS J 52 12.53 -10.40 -53.74
C HIS J 52 11.31 -11.26 -53.95
N VAL J 53 10.29 -10.94 -53.19
CA VAL J 53 8.98 -11.55 -53.33
C VAL J 53 8.10 -10.57 -54.07
N ASP J 54 7.35 -11.10 -55.03
CA ASP J 54 6.56 -10.31 -55.96
C ASP J 54 5.10 -10.54 -55.61
N LEU J 55 4.50 -9.56 -54.94
CA LEU J 55 3.10 -9.64 -54.53
C LEU J 55 2.12 -9.33 -55.64
N ILE J 56 2.42 -8.33 -56.45
CA ILE J 56 1.39 -7.64 -57.21
C ILE J 56 0.45 -8.60 -57.90
N GLU J 57 0.80 -9.88 -58.01
CA GLU J 57 -0.11 -10.85 -58.57
C GLU J 57 -1.40 -10.93 -57.77
N LYS J 58 -1.26 -11.08 -56.46
CA LYS J 58 -2.46 -10.98 -55.66
C LYS J 58 -3.15 -9.65 -55.88
N PHE J 59 -2.45 -8.54 -55.62
CA PHE J 59 -3.06 -7.22 -55.68
C PHE J 59 -3.89 -7.01 -56.93
N LEU J 60 -3.54 -7.69 -58.00
CA LEU J 60 -4.47 -7.66 -59.11
C LEU J 60 -5.64 -8.59 -58.91
N ARG J 61 -5.40 -9.81 -58.46
CA ARG J 61 -6.39 -10.88 -58.65
C ARG J 61 -7.81 -10.50 -58.29
N TYR J 62 -8.07 -9.30 -57.79
CA TYR J 62 -9.45 -8.86 -57.55
C TYR J 62 -10.05 -8.37 -58.84
N ASN J 63 -11.18 -8.93 -59.21
CA ASN J 63 -11.87 -8.49 -60.41
C ASN J 63 -12.11 -6.99 -60.34
N PRO J 64 -12.33 -6.31 -61.47
CA PRO J 64 -11.84 -4.94 -61.63
C PRO J 64 -12.19 -4.07 -60.44
N LEU J 65 -11.22 -3.29 -59.97
CA LEU J 65 -11.54 -2.31 -58.96
C LEU J 65 -12.59 -1.35 -59.50
N GLU J 66 -12.62 -1.16 -60.81
CA GLU J 66 -13.72 -0.48 -61.46
C GLU J 66 -14.73 -1.51 -61.96
N MET K 1 10.44 16.11 -41.83
CA MET K 1 9.87 17.39 -42.21
C MET K 1 10.92 18.49 -42.28
N ASN K 2 11.41 18.91 -41.12
CA ASN K 2 12.17 20.14 -40.99
C ASN K 2 13.55 20.03 -41.64
N ALA K 3 13.72 19.10 -42.57
CA ALA K 3 14.97 18.96 -43.31
C ALA K 3 15.17 20.18 -44.20
N PRO K 4 16.38 20.74 -44.28
CA PRO K 4 16.58 21.87 -45.18
C PRO K 4 16.51 21.36 -46.61
N ASP K 5 16.45 22.24 -47.59
CA ASP K 5 16.33 21.78 -48.97
C ASP K 5 17.52 20.90 -49.32
N ARG K 6 17.25 19.82 -50.07
CA ARG K 6 18.30 18.88 -50.44
C ARG K 6 19.26 19.46 -51.48
N PHE K 7 19.05 20.70 -51.90
CA PHE K 7 20.03 21.40 -52.71
C PHE K 7 20.81 22.42 -51.91
N GLU K 8 20.58 22.52 -50.61
CA GLU K 8 21.41 23.37 -49.75
C GLU K 8 22.83 22.85 -49.62
N LEU K 9 23.20 21.82 -50.37
CA LEU K 9 24.53 21.23 -50.29
C LEU K 9 25.50 21.77 -51.33
N PHE K 10 25.01 22.36 -52.40
CA PHE K 10 25.94 22.95 -53.37
C PHE K 10 25.66 24.40 -53.71
N ILE K 11 24.41 24.85 -53.75
CA ILE K 11 24.12 26.23 -54.10
C ILE K 11 24.64 27.13 -53.00
N LEU K 12 25.64 27.92 -53.35
CA LEU K 12 26.14 28.95 -52.46
C LEU K 12 25.00 29.88 -52.07
N PRO K 13 25.00 30.40 -50.84
CA PRO K 13 24.01 31.41 -50.48
C PRO K 13 24.18 32.69 -51.30
N ASP K 14 23.20 33.59 -51.23
CA ASP K 14 23.22 34.77 -52.08
C ASP K 14 24.39 35.70 -51.76
N ASP K 15 24.46 36.18 -50.52
CA ASP K 15 25.51 37.12 -50.13
C ASP K 15 26.60 36.46 -49.28
N VAL K 16 26.51 35.18 -49.01
CA VAL K 16 27.59 34.43 -48.38
C VAL K 16 28.50 33.95 -49.50
N PRO K 17 29.68 34.55 -49.69
CA PRO K 17 30.50 34.22 -50.85
C PRO K 17 30.99 32.78 -50.80
N LYS K 18 31.55 32.34 -51.92
CA LYS K 18 31.99 30.96 -52.05
C LYS K 18 33.01 30.60 -50.98
N LEU K 19 33.76 31.58 -50.49
CA LEU K 19 34.98 31.28 -49.76
C LEU K 19 35.40 32.52 -48.99
N LYS K 20 35.31 32.45 -47.66
CA LYS K 20 35.58 33.60 -46.80
C LYS K 20 36.92 33.39 -46.10
N ILE K 21 37.73 34.43 -46.05
CA ILE K 21 39.07 34.33 -45.49
C ILE K 21 39.14 35.08 -44.17
N THR K 22 39.75 34.47 -43.16
CA THR K 22 39.95 35.15 -41.88
C THR K 22 41.38 34.96 -41.39
N PRO K 23 42.11 36.04 -41.11
CA PRO K 23 43.52 35.90 -40.74
C PRO K 23 43.65 35.40 -39.32
N ASP K 24 44.44 34.35 -39.14
CA ASP K 24 44.61 33.74 -37.83
C ASP K 24 45.53 34.62 -37.00
N SER K 25 45.23 34.73 -35.71
CA SER K 25 45.90 35.68 -34.84
C SER K 25 46.93 35.03 -33.94
N ARG K 26 46.90 33.70 -33.82
CA ARG K 26 47.73 33.05 -32.81
C ARG K 26 49.20 33.06 -33.22
N VAL K 27 49.55 32.35 -34.28
CA VAL K 27 50.96 32.25 -34.67
C VAL K 27 51.19 33.14 -35.88
N PRO K 28 52.43 33.49 -36.20
CA PRO K 28 52.65 34.43 -37.31
C PRO K 28 52.41 33.76 -38.65
N ASN K 29 51.88 34.54 -39.59
CA ASN K 29 51.78 34.11 -40.99
C ASN K 29 50.95 32.83 -41.11
N CYS K 30 49.70 32.90 -40.67
CA CYS K 30 48.80 31.77 -40.77
C CYS K 30 47.38 32.30 -40.83
N ILE K 31 46.52 31.58 -41.55
CA ILE K 31 45.18 32.07 -41.84
C ILE K 31 44.17 30.93 -41.88
N ILE K 32 42.93 31.31 -42.10
CA ILE K 32 41.78 30.42 -42.08
C ILE K 32 40.95 30.68 -43.33
N ILE K 33 40.39 29.63 -43.89
CA ILE K 33 39.44 29.76 -44.98
C ILE K 33 38.20 28.96 -44.62
N LYS K 34 37.04 29.60 -44.74
CA LYS K 34 35.74 28.97 -44.59
C LYS K 34 35.24 28.68 -45.98
N PHE K 35 35.14 27.40 -46.31
CA PHE K 35 34.56 26.98 -47.57
C PHE K 35 33.05 26.94 -47.47
N GLU K 36 32.39 26.77 -48.62
CA GLU K 36 30.96 26.57 -48.64
C GLU K 36 30.55 25.48 -49.61
N ARG K 37 29.61 24.66 -49.18
CA ARG K 37 28.94 23.71 -50.05
C ARG K 37 29.92 22.68 -50.59
N GLU K 38 31.04 22.54 -49.89
CA GLU K 38 32.07 21.65 -50.35
C GLU K 38 32.16 20.52 -49.35
N ASP K 39 32.90 19.48 -49.72
CA ASP K 39 33.03 18.34 -48.84
C ASP K 39 34.49 17.89 -48.85
N HIS K 40 34.70 16.72 -48.29
CA HIS K 40 35.99 16.06 -48.36
C HIS K 40 36.50 16.02 -49.79
N THR K 41 35.61 15.82 -50.75
CA THR K 41 36.01 15.73 -52.15
C THR K 41 36.91 16.88 -52.56
N LEU K 42 36.77 18.02 -51.93
CA LEU K 42 37.67 19.10 -52.28
C LEU K 42 38.73 19.32 -51.22
N ALA K 43 38.33 19.33 -49.97
CA ALA K 43 39.26 19.65 -48.90
C ALA K 43 40.39 18.66 -48.83
N ASN K 44 40.05 17.37 -48.80
CA ASN K 44 41.06 16.32 -48.69
C ASN K 44 42.13 16.51 -49.74
N LEU K 45 41.71 16.89 -50.94
CA LEU K 45 42.63 17.03 -52.07
C LEU K 45 43.51 18.24 -51.91
N LEU K 46 42.91 19.41 -51.70
CA LEU K 46 43.71 20.58 -51.43
C LEU K 46 44.71 20.36 -50.31
N ARG K 47 44.28 19.74 -49.21
CA ARG K 47 45.23 19.49 -48.14
C ARG K 47 46.40 18.68 -48.64
N GLU K 48 46.16 17.45 -49.09
CA GLU K 48 47.32 16.64 -49.43
C GLU K 48 48.25 17.37 -50.36
N GLU K 49 47.71 18.04 -51.38
CA GLU K 49 48.62 18.79 -52.22
C GLU K 49 49.36 19.86 -51.45
N LEU K 50 48.78 20.38 -50.39
CA LEU K 50 49.60 21.28 -49.59
C LEU K 50 50.49 20.53 -48.60
N ALA K 51 50.38 19.21 -48.51
CA ALA K 51 51.18 18.48 -47.53
C ALA K 51 52.47 17.97 -48.13
N LEU K 52 52.70 18.24 -49.41
CA LEU K 52 53.96 17.86 -50.02
C LEU K 52 54.86 19.05 -50.26
N TYR K 53 54.41 20.23 -50.02
CA TYR K 53 55.25 21.33 -50.43
C TYR K 53 56.34 21.64 -49.42
N PRO K 54 57.44 22.13 -49.89
CA PRO K 54 58.52 22.53 -48.99
C PRO K 54 58.10 23.63 -48.05
N ASP K 55 57.68 24.76 -48.60
CA ASP K 55 57.52 25.90 -47.72
C ASP K 55 56.23 25.87 -46.92
N VAL K 56 55.41 24.83 -47.08
CA VAL K 56 54.19 24.72 -46.28
C VAL K 56 54.51 24.10 -44.93
N THR K 57 54.20 24.82 -43.87
CA THR K 57 54.56 24.37 -42.54
C THR K 57 53.44 23.64 -41.83
N PHE K 58 52.26 24.24 -41.77
CA PHE K 58 51.13 23.58 -41.13
C PHE K 58 49.83 23.93 -41.83
N VAL K 59 49.07 22.90 -42.19
CA VAL K 59 47.81 23.13 -42.87
C VAL K 59 46.92 21.92 -42.69
N ALA K 60 45.66 22.19 -42.39
CA ALA K 60 44.70 21.12 -42.17
C ALA K 60 43.28 21.66 -42.20
N TYR K 61 42.32 20.77 -42.43
CA TYR K 61 40.92 21.15 -42.45
C TYR K 61 40.16 20.37 -41.39
N LYS K 62 38.99 20.86 -41.04
CA LYS K 62 38.00 20.05 -40.34
C LYS K 62 36.62 20.39 -40.86
N VAL K 63 35.68 19.47 -40.63
CA VAL K 63 34.34 19.53 -41.18
C VAL K 63 33.36 19.65 -40.04
N GLU K 64 33.00 20.89 -39.68
CA GLU K 64 32.34 21.13 -38.41
C GLU K 64 31.24 20.13 -38.15
N HIS K 65 30.23 20.08 -39.01
CA HIS K 65 29.21 19.12 -38.70
C HIS K 65 28.45 18.70 -39.95
N PRO K 66 28.33 17.41 -40.21
CA PRO K 66 27.85 16.96 -41.53
C PRO K 66 26.47 17.45 -41.87
N LEU K 67 25.68 17.88 -40.90
CA LEU K 67 24.42 18.54 -41.23
C LEU K 67 24.65 19.92 -41.79
N PHE K 68 25.86 20.21 -42.24
CA PHE K 68 26.18 21.53 -42.75
C PHE K 68 27.21 21.36 -43.84
N ALA K 69 26.85 21.80 -45.03
CA ALA K 69 27.72 21.63 -46.18
C ALA K 69 28.83 22.67 -46.17
N ASN K 70 29.78 22.54 -45.27
CA ASN K 70 30.93 23.42 -45.26
C ASN K 70 32.06 22.79 -44.49
N PHE K 71 33.18 23.48 -44.49
CA PHE K 71 34.32 23.07 -43.69
C PHE K 71 35.29 24.24 -43.65
N VAL K 72 36.41 24.04 -42.96
CA VAL K 72 37.34 25.12 -42.74
C VAL K 72 38.74 24.57 -42.82
N MET K 73 39.65 25.38 -43.37
CA MET K 73 41.03 25.03 -43.56
C MET K 73 41.93 26.08 -42.95
N ARG K 74 43.10 25.67 -42.49
CA ARG K 74 44.07 26.54 -41.85
C ARG K 74 45.44 26.33 -42.46
N LEU K 75 46.10 27.45 -42.74
CA LEU K 75 47.24 27.47 -43.65
C LEU K 75 48.36 28.30 -43.04
N GLN K 76 49.59 27.77 -43.07
CA GLN K 76 50.77 28.49 -42.64
C GLN K 76 52.00 27.97 -43.33
N THR K 77 52.62 28.80 -44.14
CA THR K 77 53.93 28.54 -44.70
C THR K 77 54.96 29.37 -43.96
N GLU K 78 56.20 29.30 -44.38
CA GLU K 78 57.28 29.95 -43.65
C GLU K 78 57.20 31.46 -43.89
N GLU K 79 58.25 32.17 -43.50
CA GLU K 79 58.20 33.63 -43.46
C GLU K 79 58.17 34.22 -44.87
N GLY K 80 58.55 33.42 -45.88
CA GLY K 80 58.66 33.96 -47.22
C GLY K 80 57.35 34.11 -47.96
N THR K 81 56.53 33.07 -47.98
CA THR K 81 55.41 32.99 -48.91
C THR K 81 54.11 33.41 -48.25
N ARG K 82 53.45 34.41 -48.81
CA ARG K 82 52.09 34.71 -48.41
C ARG K 82 51.25 33.46 -48.67
N PRO K 83 50.39 33.06 -47.77
CA PRO K 83 49.70 31.77 -47.90
C PRO K 83 48.82 31.65 -49.14
N LYS K 84 48.15 32.77 -49.41
CA LYS K 84 47.44 32.96 -50.66
C LYS K 84 48.19 32.36 -51.84
N GLN K 85 49.42 32.84 -52.09
CA GLN K 85 50.15 32.44 -53.28
C GLN K 85 50.35 30.94 -53.32
N ALA K 86 50.70 30.35 -52.18
CA ALA K 86 50.90 28.92 -52.16
C ALA K 86 49.64 28.20 -52.58
N LEU K 87 48.51 28.68 -52.07
CA LEU K 87 47.25 28.03 -52.43
C LEU K 87 47.04 28.08 -53.93
N GLU K 88 47.35 29.23 -54.53
CA GLU K 88 47.24 29.33 -55.98
C GLU K 88 48.13 28.32 -56.66
N ARG K 89 49.36 28.18 -56.21
CA ARG K 89 50.26 27.26 -56.89
C ARG K 89 49.74 25.84 -56.79
N ALA K 90 49.12 25.51 -55.65
CA ALA K 90 48.56 24.18 -55.51
C ALA K 90 47.42 23.96 -56.49
N CYS K 91 46.56 24.96 -56.63
CA CYS K 91 45.49 24.87 -57.63
C CYS K 91 46.06 24.60 -59.00
N ALA K 92 47.04 25.40 -59.40
CA ALA K 92 47.67 25.21 -60.70
C ALA K 92 48.15 23.78 -60.84
N SER K 93 48.79 23.26 -59.79
CA SER K 93 49.40 21.95 -59.94
C SER K 93 48.34 20.87 -60.07
N ILE K 94 47.29 20.95 -59.28
CA ILE K 94 46.29 19.89 -59.34
C ILE K 94 45.58 19.94 -60.68
N ILE K 95 45.23 21.14 -61.12
CA ILE K 95 44.67 21.29 -62.45
C ILE K 95 45.57 20.65 -63.48
N ASN K 96 46.86 20.92 -63.41
CA ASN K 96 47.76 20.47 -64.46
C ASN K 96 47.88 18.96 -64.46
N LYS K 97 48.02 18.38 -63.27
CA LYS K 97 48.06 16.93 -63.17
C LYS K 97 46.81 16.35 -63.80
N LEU K 98 45.67 16.97 -63.54
CA LEU K 98 44.43 16.38 -64.02
C LEU K 98 44.27 16.54 -65.51
N LYS K 99 44.65 17.69 -66.06
CA LYS K 99 44.66 17.82 -67.50
C LYS K 99 45.48 16.73 -68.15
N THR K 100 46.71 16.53 -67.65
CA THR K 100 47.54 15.47 -68.16
C THR K 100 46.85 14.12 -68.06
N LEU K 101 46.16 13.91 -66.95
CA LEU K 101 45.51 12.64 -66.74
C LEU K 101 44.44 12.37 -67.78
N ASP K 102 43.57 13.36 -67.98
CA ASP K 102 42.60 13.30 -69.06
C ASP K 102 43.24 12.97 -70.38
N HIS K 103 44.26 13.74 -70.74
CA HIS K 103 44.95 13.55 -72.00
C HIS K 103 45.36 12.10 -72.19
N LYS K 104 46.04 11.57 -71.18
CA LYS K 104 46.57 10.22 -71.30
C LYS K 104 45.45 9.20 -71.32
N PHE K 105 44.36 9.44 -70.61
CA PHE K 105 43.31 8.43 -70.64
C PHE K 105 42.60 8.39 -71.99
N ASN K 106 42.34 9.55 -72.58
CA ASN K 106 41.80 9.51 -73.93
C ASN K 106 42.72 8.74 -74.86
N GLU K 107 44.00 9.10 -74.86
CA GLU K 107 44.93 8.44 -75.76
C GLU K 107 44.88 6.94 -75.56
N GLU K 108 44.92 6.51 -74.31
CA GLU K 108 44.89 5.10 -74.00
C GLU K 108 43.61 4.43 -74.42
N TRP K 109 42.48 5.08 -74.19
CA TRP K 109 41.20 4.48 -74.53
C TRP K 109 41.07 4.29 -76.03
N ASN K 110 41.59 5.24 -76.80
CA ASN K 110 41.56 5.07 -78.24
C ASN K 110 42.53 4.01 -78.70
N ILE K 111 43.62 3.80 -77.95
CA ILE K 111 44.50 2.70 -78.31
C ILE K 111 43.84 1.36 -78.06
N LYS K 112 43.21 1.19 -76.90
CA LYS K 112 42.61 -0.10 -76.59
C LYS K 112 41.58 -0.53 -77.62
N ASN K 113 40.77 0.40 -78.10
CA ASN K 113 39.71 0.04 -79.02
C ASN K 113 40.28 -0.41 -80.36
N GLY L 28 -24.39 14.98 -58.43
CA GLY L 28 -24.12 15.08 -59.85
C GLY L 28 -22.75 14.56 -60.26
N VAL L 29 -21.76 14.69 -59.37
CA VAL L 29 -20.41 14.29 -59.73
C VAL L 29 -20.31 12.78 -59.75
N LYS L 30 -19.66 12.25 -60.79
CA LYS L 30 -19.82 10.88 -61.24
C LYS L 30 -19.59 9.92 -60.09
N TYR L 31 -20.66 9.31 -59.60
CA TYR L 31 -20.57 8.31 -58.56
C TYR L 31 -20.47 6.94 -59.18
N THR L 32 -19.29 6.34 -59.09
CA THR L 32 -19.10 5.00 -59.62
C THR L 32 -19.63 3.97 -58.66
N CYS L 33 -20.36 2.99 -59.17
CA CYS L 33 -20.73 1.89 -58.31
C CYS L 33 -19.62 0.85 -58.28
N GLY L 34 -19.69 -0.06 -57.31
CA GLY L 34 -18.58 -0.97 -57.10
C GLY L 34 -18.33 -2.00 -58.18
N ALA L 35 -19.38 -2.49 -58.84
CA ALA L 35 -19.23 -3.58 -59.80
C ALA L 35 -19.48 -3.12 -61.23
N CYS L 36 -20.58 -2.42 -61.45
CA CYS L 36 -21.04 -2.08 -62.78
C CYS L 36 -20.28 -0.91 -63.38
N ALA L 37 -19.63 -0.10 -62.55
CA ALA L 37 -19.00 1.15 -62.98
C ALA L 37 -19.97 2.05 -63.73
N HIS L 38 -21.28 1.85 -63.53
CA HIS L 38 -22.25 2.69 -64.21
C HIS L 38 -22.10 4.11 -63.71
N ASN L 39 -21.46 4.95 -64.50
CA ASN L 39 -21.01 6.26 -64.03
C ASN L 39 -22.20 7.19 -63.89
N PHE L 40 -23.22 6.76 -63.14
CA PHE L 40 -24.45 7.53 -63.02
C PHE L 40 -24.29 8.52 -61.90
N SER L 41 -24.86 9.70 -62.08
CA SER L 41 -24.83 10.70 -61.04
C SER L 41 -26.02 10.56 -60.12
N LEU L 42 -25.93 11.21 -58.97
CA LEU L 42 -27.07 11.38 -58.09
C LEU L 42 -27.36 12.85 -57.94
N ASN L 43 -28.51 13.16 -57.32
CA ASN L 43 -29.17 14.44 -57.51
C ASN L 43 -29.53 15.11 -56.19
N LYS L 44 -28.80 14.79 -55.12
CA LYS L 44 -29.10 15.21 -53.74
C LYS L 44 -30.48 14.75 -53.27
N SER L 45 -31.16 13.87 -53.99
CA SER L 45 -32.43 13.34 -53.49
C SER L 45 -32.64 11.86 -53.74
N ASP L 46 -31.99 11.24 -54.70
CA ASP L 46 -32.31 9.85 -55.01
C ASP L 46 -31.87 8.95 -53.88
N PRO L 47 -32.51 7.79 -53.72
CA PRO L 47 -32.01 6.81 -52.75
C PRO L 47 -30.69 6.24 -53.24
N VAL L 48 -29.67 6.36 -52.38
CA VAL L 48 -28.29 6.21 -52.80
C VAL L 48 -28.05 4.72 -53.02
N ARG L 49 -28.09 4.31 -54.28
CA ARG L 49 -27.91 2.92 -54.65
C ARG L 49 -27.51 2.86 -56.11
N CYS L 50 -27.01 1.69 -56.52
CA CYS L 50 -26.61 1.48 -57.90
C CYS L 50 -27.83 1.54 -58.79
N LYS L 51 -27.66 2.11 -59.99
CA LYS L 51 -28.71 2.00 -60.98
C LYS L 51 -28.65 0.70 -61.75
N GLU L 52 -27.99 -0.31 -61.21
CA GLU L 52 -27.99 -1.65 -61.79
C GLU L 52 -28.56 -2.69 -60.85
N CYS L 53 -28.07 -2.77 -59.61
CA CYS L 53 -28.37 -3.88 -58.72
C CYS L 53 -28.63 -3.46 -57.29
N GLY L 54 -29.23 -2.30 -57.05
CA GLY L 54 -29.48 -1.83 -55.70
C GLY L 54 -28.23 -1.70 -54.86
N HIS L 55 -27.06 -1.83 -55.45
CA HIS L 55 -25.82 -1.89 -54.71
C HIS L 55 -25.55 -0.50 -54.13
N ARG L 56 -25.84 -0.32 -52.85
CA ARG L 56 -25.92 1.01 -52.25
C ARG L 56 -24.56 1.62 -51.94
N VAL L 57 -23.52 1.14 -52.58
CA VAL L 57 -22.16 1.56 -52.32
C VAL L 57 -21.67 2.36 -53.51
N ILE L 58 -21.51 3.67 -53.34
CA ILE L 58 -20.99 4.50 -54.40
C ILE L 58 -19.67 5.10 -53.97
N TYR L 59 -18.83 5.38 -54.95
CA TYR L 59 -17.60 6.08 -54.68
C TYR L 59 -17.61 7.35 -55.50
N LYS L 60 -17.05 8.40 -54.94
CA LYS L 60 -16.82 9.53 -55.81
C LYS L 60 -15.75 9.18 -56.82
N ALA L 61 -16.08 9.29 -58.09
CA ALA L 61 -15.06 9.18 -59.10
C ALA L 61 -14.15 10.40 -59.00
N ARG L 62 -13.09 10.39 -59.80
CA ARG L 62 -11.90 11.18 -59.52
C ARG L 62 -12.06 12.62 -59.96
N THR L 63 -11.25 13.49 -59.37
CA THR L 63 -11.26 14.90 -59.77
C THR L 63 -10.94 15.02 -61.26
N LYS L 64 -11.27 16.19 -61.83
CA LYS L 64 -10.88 16.55 -63.18
C LYS L 64 -9.45 17.04 -63.24
N ARG L 65 -8.87 17.35 -62.09
CA ARG L 65 -7.64 18.11 -62.06
C ARG L 65 -6.47 17.29 -62.59
N MET L 66 -5.30 17.92 -62.50
CA MET L 66 -4.01 17.32 -62.80
C MET L 66 -3.14 17.46 -61.56
N ILE L 67 -2.60 16.34 -61.09
CA ILE L 67 -1.82 16.35 -59.86
C ILE L 67 -0.33 16.17 -60.18
N GLN L 68 0.52 16.66 -59.29
CA GLN L 68 1.96 16.61 -59.48
C GLN L 68 2.61 15.78 -58.38
N PHE L 69 3.92 15.61 -58.50
CA PHE L 69 4.70 14.95 -57.47
C PHE L 69 6.15 15.36 -57.59
N ASP L 70 7.02 14.58 -56.96
CA ASP L 70 8.45 14.78 -57.03
C ASP L 70 9.22 13.51 -57.29
N ALA L 71 8.53 12.39 -57.49
CA ALA L 71 9.15 11.11 -57.76
C ALA L 71 10.10 10.68 -56.67
N ARG L 72 10.23 11.44 -55.60
CA ARG L 72 11.15 11.11 -54.53
C ARG L 72 10.36 10.39 -53.44
N PRO P 42 -40.27 -61.97 106.76
CA PRO P 42 -40.45 -62.87 105.63
C PRO P 42 -39.65 -62.45 104.40
N HIS P 43 -40.32 -62.39 103.25
CA HIS P 43 -39.67 -62.07 101.97
C HIS P 43 -39.97 -60.66 101.49
N ARG P 44 -39.93 -59.68 102.41
CA ARG P 44 -40.28 -58.27 102.23
C ARG P 44 -39.79 -57.62 100.94
N TYR P 45 -38.56 -57.96 100.52
CA TYR P 45 -37.99 -57.53 99.25
C TYR P 45 -37.83 -56.02 99.11
N ARG P 46 -36.73 -55.49 99.63
CA ARG P 46 -36.17 -54.22 99.18
C ARG P 46 -36.33 -54.07 97.66
N PRO P 47 -36.80 -52.93 97.20
CA PRO P 47 -37.67 -52.89 96.02
C PRO P 47 -36.92 -53.08 94.71
N GLY P 48 -37.68 -53.10 93.62
CA GLY P 48 -37.14 -53.11 92.28
C GLY P 48 -37.86 -54.04 91.33
N THR P 49 -38.30 -55.20 91.82
CA THR P 49 -38.95 -56.18 90.96
C THR P 49 -40.43 -55.89 90.81
N VAL P 50 -41.00 -55.23 91.82
CA VAL P 50 -42.44 -54.95 91.84
C VAL P 50 -42.84 -54.03 90.70
N ALA P 51 -42.23 -52.85 90.65
CA ALA P 51 -42.58 -51.82 89.67
C ALA P 51 -42.29 -52.28 88.25
N LEU P 52 -41.10 -52.81 88.03
CA LEU P 52 -40.68 -53.19 86.69
C LEU P 52 -41.42 -54.43 86.22
N ARG P 53 -41.75 -55.31 87.15
CA ARG P 53 -42.54 -56.49 86.82
C ARG P 53 -43.95 -56.09 86.41
N GLU P 54 -44.54 -55.11 87.11
CA GLU P 54 -45.86 -54.68 86.70
C GLU P 54 -45.83 -53.88 85.41
N ILE P 55 -44.71 -53.23 85.13
CA ILE P 55 -44.52 -52.63 83.80
C ILE P 55 -44.50 -53.71 82.73
N ARG P 56 -43.83 -54.83 83.01
CA ARG P 56 -43.82 -55.96 82.09
C ARG P 56 -45.21 -56.53 81.90
N ARG P 57 -45.98 -56.58 82.98
CA ARG P 57 -47.34 -57.08 82.87
C ARG P 57 -48.22 -56.13 82.07
N TYR P 58 -48.14 -54.83 82.35
CA TYR P 58 -49.01 -53.88 81.67
C TYR P 58 -48.56 -53.59 80.25
N GLN P 59 -47.36 -54.02 79.87
CA GLN P 59 -46.98 -53.95 78.47
C GLN P 59 -47.15 -55.29 77.78
N LYS P 60 -47.33 -56.38 78.52
CA LYS P 60 -47.90 -57.57 77.92
C LYS P 60 -49.40 -57.39 77.68
N SER P 61 -50.00 -56.43 78.37
CA SER P 61 -51.44 -56.27 78.42
C SER P 61 -51.98 -55.76 77.10
N THR P 62 -53.30 -55.79 76.99
CA THR P 62 -54.02 -55.25 75.85
C THR P 62 -54.96 -54.13 76.24
N GLU P 63 -55.83 -54.38 77.21
CA GLU P 63 -57.02 -53.58 77.42
C GLU P 63 -56.79 -52.34 78.26
N LEU P 64 -57.89 -51.75 78.74
CA LEU P 64 -57.85 -50.45 79.40
C LEU P 64 -57.28 -50.55 80.80
N LEU P 65 -57.22 -49.42 81.48
CA LEU P 65 -56.86 -49.39 82.89
C LEU P 65 -57.87 -48.64 83.74
N ILE P 66 -58.38 -47.51 83.26
CA ILE P 66 -59.37 -46.78 84.01
C ILE P 66 -60.71 -47.50 83.86
N ARG P 67 -61.36 -47.78 84.99
CA ARG P 67 -62.59 -48.53 84.88
C ARG P 67 -63.77 -47.59 84.66
N LYS P 68 -64.88 -48.18 84.24
CA LYS P 68 -65.79 -47.56 83.28
C LYS P 68 -66.62 -46.44 83.90
N LEU P 69 -67.46 -46.81 84.86
CA LEU P 69 -68.45 -45.95 85.50
C LEU P 69 -67.98 -44.59 86.01
N PRO P 70 -66.86 -44.46 86.76
CA PRO P 70 -66.52 -43.12 87.26
C PRO P 70 -66.06 -42.20 86.15
N PHE P 71 -65.37 -42.78 85.17
CA PHE P 71 -64.99 -42.03 83.98
C PHE P 71 -66.21 -41.57 83.22
N GLN P 72 -67.22 -42.43 83.10
CA GLN P 72 -68.47 -42.06 82.42
C GLN P 72 -69.17 -40.92 83.14
N ARG P 73 -69.21 -40.99 84.47
CA ARG P 73 -69.90 -39.95 85.23
C ARG P 73 -69.16 -38.62 85.15
N LEU P 74 -67.83 -38.66 85.11
CA LEU P 74 -67.05 -37.44 84.91
C LEU P 74 -67.32 -36.84 83.54
N VAL P 75 -67.41 -37.70 82.53
CA VAL P 75 -67.75 -37.26 81.18
C VAL P 75 -69.09 -36.56 81.17
N ARG P 76 -70.09 -37.14 81.84
CA ARG P 76 -71.40 -36.52 81.84
C ARG P 76 -71.42 -35.23 82.66
N GLU P 77 -70.54 -35.11 83.66
CA GLU P 77 -70.49 -33.85 84.40
C GLU P 77 -69.88 -32.74 83.56
N ILE P 78 -68.82 -33.05 82.82
CA ILE P 78 -68.30 -32.08 81.86
C ILE P 78 -69.34 -31.81 80.77
N ALA P 79 -70.10 -32.83 80.39
CA ALA P 79 -71.09 -32.70 79.34
C ALA P 79 -72.28 -31.86 79.79
N GLN P 80 -72.48 -31.73 81.10
CA GLN P 80 -73.66 -31.04 81.59
C GLN P 80 -73.43 -29.52 81.67
N ASP P 81 -72.47 -29.01 80.90
CA ASP P 81 -72.01 -27.65 81.07
C ASP P 81 -72.30 -26.75 79.87
N PHE P 82 -72.40 -27.31 78.67
CA PHE P 82 -72.57 -26.49 77.49
C PHE P 82 -73.94 -26.64 76.84
N LYS P 83 -74.42 -27.86 76.71
CA LYS P 83 -75.82 -28.10 76.40
C LYS P 83 -76.30 -29.15 77.38
N THR P 84 -77.44 -28.88 78.01
CA THR P 84 -77.96 -29.80 79.00
C THR P 84 -78.53 -31.03 78.33
N ASP P 85 -78.60 -32.11 79.09
CA ASP P 85 -79.50 -33.23 78.86
C ASP P 85 -79.20 -33.94 77.54
N LEU P 86 -77.99 -34.49 77.46
CA LEU P 86 -77.56 -35.10 76.23
C LEU P 86 -77.35 -36.60 76.40
N ARG P 87 -77.72 -37.36 75.39
CA ARG P 87 -77.66 -38.80 75.47
C ARG P 87 -76.54 -39.32 74.59
N PHE P 88 -76.09 -40.54 74.87
CA PHE P 88 -74.82 -41.04 74.39
C PHE P 88 -74.92 -42.52 74.06
N GLN P 89 -74.19 -42.94 73.04
CA GLN P 89 -73.98 -44.36 72.82
C GLN P 89 -72.63 -44.77 73.39
N SER P 90 -72.51 -46.06 73.69
CA SER P 90 -71.39 -46.51 74.52
C SER P 90 -70.07 -46.46 73.78
N ALA P 91 -70.11 -46.64 72.46
CA ALA P 91 -68.89 -46.70 71.67
C ALA P 91 -68.17 -45.36 71.65
N ALA P 92 -68.93 -44.26 71.69
CA ALA P 92 -68.34 -42.94 71.82
C ALA P 92 -67.54 -42.83 73.09
N ILE P 93 -68.11 -43.32 74.19
CA ILE P 93 -67.46 -43.24 75.49
C ILE P 93 -66.22 -44.11 75.51
N GLY P 94 -66.27 -45.27 74.86
CA GLY P 94 -65.11 -46.14 74.79
C GLY P 94 -63.99 -45.52 73.96
N ALA P 95 -64.34 -44.82 72.88
CA ALA P 95 -63.34 -44.10 72.11
C ALA P 95 -62.71 -42.99 72.93
N LEU P 96 -63.54 -42.29 73.70
CA LEU P 96 -63.05 -41.23 74.58
C LEU P 96 -62.07 -41.78 75.60
N GLN P 97 -62.38 -42.93 76.17
CA GLN P 97 -61.52 -43.56 77.16
C GLN P 97 -60.22 -44.01 76.53
N GLU P 98 -60.30 -44.58 75.31
CA GLU P 98 -59.14 -45.02 74.55
C GLU P 98 -58.18 -43.87 74.29
N ALA P 99 -58.69 -42.79 73.70
CA ALA P 99 -57.84 -41.68 73.32
C ALA P 99 -57.35 -40.93 74.54
N SER P 100 -58.13 -40.94 75.62
CA SER P 100 -57.70 -40.33 76.86
C SER P 100 -56.48 -41.05 77.42
N GLU P 101 -56.56 -42.39 77.50
CA GLU P 101 -55.44 -43.15 78.04
C GLU P 101 -54.22 -43.07 77.13
N ALA P 102 -54.45 -42.98 75.81
CA ALA P 102 -53.32 -42.82 74.90
C ALA P 102 -52.64 -41.46 75.09
N TYR P 103 -53.44 -40.41 75.27
CA TYR P 103 -52.93 -39.06 75.49
C TYR P 103 -52.07 -39.00 76.73
N LEU P 104 -52.55 -39.66 77.78
CA LEU P 104 -51.81 -39.62 79.03
C LEU P 104 -50.58 -40.53 78.96
N VAL P 105 -50.65 -41.61 78.19
CA VAL P 105 -49.49 -42.47 78.00
C VAL P 105 -48.37 -41.71 77.32
N GLY P 106 -48.70 -40.93 76.29
CA GLY P 106 -47.69 -40.14 75.63
C GLY P 106 -47.09 -39.06 76.52
N LEU P 107 -47.96 -38.42 77.34
CA LEU P 107 -47.47 -37.49 78.35
C LEU P 107 -46.49 -38.16 79.29
N PHE P 108 -46.82 -39.36 79.75
CA PHE P 108 -45.94 -40.09 80.66
C PHE P 108 -44.64 -40.49 80.00
N GLU P 109 -44.67 -40.85 78.71
CA GLU P 109 -43.43 -41.24 78.03
C GLU P 109 -42.46 -40.08 77.95
N ASP P 110 -42.93 -38.92 77.46
CA ASP P 110 -42.01 -37.80 77.36
C ASP P 110 -41.63 -37.27 78.74
N THR P 111 -42.53 -37.41 79.71
CA THR P 111 -42.20 -37.02 81.08
C THR P 111 -41.10 -37.91 81.64
N ASN P 112 -41.17 -39.19 81.31
CA ASN P 112 -40.17 -40.16 81.71
C ASN P 112 -38.82 -39.83 81.11
N LEU P 113 -38.80 -39.44 79.84
CA LEU P 113 -37.53 -39.09 79.24
C LEU P 113 -37.00 -37.77 79.80
N CYS P 114 -37.90 -36.85 80.19
CA CYS P 114 -37.46 -35.64 80.87
C CYS P 114 -36.82 -35.97 82.22
N ALA P 115 -37.37 -36.95 82.91
CA ALA P 115 -36.82 -37.32 84.21
C ALA P 115 -35.47 -38.01 84.04
N ILE P 116 -35.34 -38.84 83.00
CA ILE P 116 -34.08 -39.50 82.74
C ILE P 116 -33.01 -38.48 82.38
N HIS P 117 -33.39 -37.44 81.65
CA HIS P 117 -32.44 -36.36 81.41
C HIS P 117 -32.19 -35.54 82.67
N ALA P 118 -33.12 -35.56 83.61
CA ALA P 118 -32.90 -34.87 84.87
C ALA P 118 -31.99 -35.63 85.83
N LYS P 119 -31.41 -36.76 85.39
CA LYS P 119 -30.60 -37.67 86.21
C LYS P 119 -31.34 -38.14 87.44
N ARG P 120 -32.65 -38.30 87.32
CA ARG P 120 -33.49 -38.74 88.41
C ARG P 120 -34.43 -39.81 87.89
N VAL P 121 -35.06 -40.52 88.81
CA VAL P 121 -36.15 -41.39 88.47
C VAL P 121 -37.47 -40.87 89.02
N THR P 122 -37.42 -40.05 90.07
CA THR P 122 -38.61 -39.39 90.59
C THR P 122 -39.10 -38.36 89.59
N ILE P 123 -40.38 -38.42 89.27
CA ILE P 123 -40.97 -37.43 88.40
C ILE P 123 -41.23 -36.14 89.17
N MET P 124 -41.52 -35.07 88.44
CA MET P 124 -41.86 -33.78 88.98
C MET P 124 -43.00 -33.19 88.17
N PRO P 125 -43.74 -32.24 88.73
CA PRO P 125 -44.82 -31.64 87.94
C PRO P 125 -44.32 -30.76 86.81
N LYS P 126 -43.22 -30.04 87.01
CA LYS P 126 -42.77 -29.15 85.97
C LYS P 126 -42.17 -29.90 84.80
N ASP P 127 -41.84 -31.18 85.00
CA ASP P 127 -41.63 -32.10 83.88
C ASP P 127 -42.82 -32.13 82.93
N ILE P 128 -44.01 -32.37 83.48
CA ILE P 128 -45.22 -32.40 82.67
C ILE P 128 -45.48 -31.04 82.07
N GLN P 129 -45.18 -29.98 82.81
CA GLN P 129 -45.38 -28.64 82.27
C GLN P 129 -44.42 -28.34 81.13
N LEU P 130 -43.20 -28.83 81.21
CA LEU P 130 -42.26 -28.66 80.10
C LEU P 130 -42.67 -29.49 78.90
N ALA P 131 -43.21 -30.70 79.15
CA ALA P 131 -43.64 -31.57 78.06
C ALA P 131 -44.79 -30.96 77.29
N ARG P 132 -45.78 -30.45 78.01
CA ARG P 132 -46.87 -29.76 77.35
C ARG P 132 -46.46 -28.40 76.79
N ARG P 133 -45.39 -27.80 77.31
CA ARG P 133 -44.85 -26.59 76.69
C ARG P 133 -44.30 -26.89 75.32
N ILE P 134 -43.59 -28.00 75.20
CA ILE P 134 -43.00 -28.34 73.92
C ILE P 134 -44.07 -28.88 72.97
N ARG P 135 -45.11 -29.52 73.50
CA ARG P 135 -46.14 -30.02 72.60
C ARG P 135 -47.06 -28.94 72.04
N GLY P 136 -46.93 -27.70 72.49
CA GLY P 136 -47.78 -26.64 71.99
C GLY P 136 -49.23 -26.74 72.41
N GLU P 137 -49.51 -27.49 73.48
CA GLU P 137 -50.87 -27.69 73.96
C GLU P 137 -50.96 -27.02 75.32
N ARG P 138 -51.24 -25.73 75.32
CA ARG P 138 -50.95 -24.87 76.47
C ARG P 138 -52.06 -24.93 77.51
N ARG Q 27 -70.87 -33.99 90.21
CA ARG Q 27 -70.00 -33.39 91.21
C ARG Q 27 -68.93 -34.37 91.68
N ASP Q 28 -67.69 -33.88 91.78
CA ASP Q 28 -66.59 -34.53 92.50
C ASP Q 28 -66.14 -35.83 91.82
N ASN Q 29 -66.63 -36.11 90.61
CA ASN Q 29 -66.12 -37.23 89.84
C ASN Q 29 -64.73 -36.95 89.28
N ILE Q 30 -64.33 -35.68 89.26
CA ILE Q 30 -62.93 -35.33 89.07
C ILE Q 30 -62.07 -35.99 90.14
N GLN Q 31 -62.58 -36.07 91.36
CA GLN Q 31 -61.93 -36.82 92.43
C GLN Q 31 -62.26 -38.30 92.35
N GLY Q 32 -63.05 -38.71 91.36
CA GLY Q 32 -63.21 -40.13 91.11
C GLY Q 32 -61.99 -40.75 90.46
N ILE Q 33 -61.07 -39.93 89.99
CA ILE Q 33 -59.77 -40.40 89.51
C ILE Q 33 -59.01 -40.98 90.69
N THR Q 34 -58.61 -42.24 90.60
CA THR Q 34 -57.92 -42.89 91.71
C THR Q 34 -56.43 -42.87 91.48
N LYS Q 35 -55.70 -42.73 92.58
CA LYS Q 35 -54.25 -42.90 92.56
C LYS Q 35 -53.75 -44.23 91.99
N PRO Q 36 -54.33 -45.41 92.30
CA PRO Q 36 -53.84 -46.63 91.63
C PRO Q 36 -54.10 -46.66 90.14
N ALA Q 37 -55.11 -45.96 89.64
CA ALA Q 37 -55.27 -45.87 88.19
C ALA Q 37 -54.14 -45.07 87.57
N ILE Q 38 -53.75 -43.98 88.24
CA ILE Q 38 -52.63 -43.17 87.78
C ILE Q 38 -51.36 -43.98 87.84
N ARG Q 39 -51.23 -44.83 88.87
CA ARG Q 39 -50.12 -45.78 88.95
C ARG Q 39 -50.09 -46.71 87.76
N ARG Q 40 -51.23 -47.32 87.42
CA ARG Q 40 -51.30 -48.26 86.31
C ARG Q 40 -50.95 -47.59 85.00
N LEU Q 41 -51.42 -46.35 84.82
CA LEU Q 41 -51.08 -45.58 83.63
C LEU Q 41 -49.61 -45.23 83.58
N ALA Q 42 -49.00 -45.00 84.74
CA ALA Q 42 -47.57 -44.75 84.76
C ALA Q 42 -46.79 -46.01 84.41
N ARG Q 43 -47.30 -47.16 84.82
CA ARG Q 43 -46.53 -48.39 84.58
C ARG Q 43 -46.61 -48.81 83.11
N ARG Q 44 -47.80 -48.75 82.51
CA ARG Q 44 -47.86 -48.97 81.05
C ARG Q 44 -47.16 -47.82 80.34
N GLY Q 45 -47.24 -46.62 80.91
CA GLY Q 45 -46.41 -45.52 80.45
C GLY Q 45 -44.93 -45.70 80.75
N GLY Q 46 -44.59 -46.67 81.60
CA GLY Q 46 -43.21 -47.04 81.79
C GLY Q 46 -42.55 -46.25 82.89
N VAL Q 47 -43.33 -45.44 83.57
CA VAL Q 47 -42.79 -44.60 84.62
C VAL Q 47 -42.51 -45.44 85.84
N LYS Q 48 -41.31 -45.33 86.38
CA LYS Q 48 -40.97 -46.08 87.57
C LYS Q 48 -41.39 -45.38 88.86
N ARG Q 49 -40.84 -44.20 89.12
CA ARG Q 49 -40.96 -43.56 90.43
C ARG Q 49 -41.97 -42.43 90.35
N ILE Q 50 -42.89 -42.40 91.31
CA ILE Q 50 -44.03 -41.51 91.29
C ILE Q 50 -43.93 -40.52 92.43
N SER Q 51 -43.97 -39.23 92.12
CA SER Q 51 -44.02 -38.23 93.17
C SER Q 51 -45.46 -38.01 93.62
N GLY Q 52 -45.62 -37.32 94.74
CA GLY Q 52 -46.93 -37.16 95.32
C GLY Q 52 -47.68 -35.93 94.84
N LEU Q 53 -46.95 -34.98 94.27
CA LEU Q 53 -47.58 -33.76 93.81
C LEU Q 53 -48.04 -33.84 92.37
N ILE Q 54 -48.45 -35.03 91.93
CA ILE Q 54 -48.64 -35.25 90.51
C ILE Q 54 -50.12 -35.40 90.19
N TYR Q 55 -50.90 -35.89 91.13
CA TYR Q 55 -52.19 -36.50 90.83
C TYR Q 55 -53.22 -35.45 90.44
N GLU Q 56 -53.28 -34.35 91.17
CA GLU Q 56 -54.28 -33.35 90.86
C GLU Q 56 -53.89 -32.55 89.63
N GLU Q 57 -52.59 -32.39 89.40
CA GLU Q 57 -52.11 -31.80 88.15
C GLU Q 57 -52.55 -32.65 86.97
N THR Q 58 -52.41 -33.97 87.11
CA THR Q 58 -52.88 -34.92 86.12
C THR Q 58 -54.37 -34.79 85.88
N ARG Q 59 -55.14 -34.66 86.97
CA ARG Q 59 -56.58 -34.48 86.87
C ARG Q 59 -56.93 -33.22 86.11
N GLY Q 60 -56.20 -32.13 86.37
CA GLY Q 60 -56.50 -30.88 85.68
C GLY Q 60 -56.21 -30.93 84.20
N VAL Q 61 -55.10 -31.57 83.82
CA VAL Q 61 -54.76 -31.68 82.41
C VAL Q 61 -55.76 -32.56 81.67
N LEU Q 62 -56.10 -33.71 82.27
CA LEU Q 62 -57.12 -34.59 81.74
C LEU Q 62 -58.45 -33.89 81.57
N LYS Q 63 -58.79 -33.03 82.53
CA LYS Q 63 -60.04 -32.31 82.51
C LYS Q 63 -60.09 -31.31 81.35
N VAL Q 64 -59.01 -30.54 81.15
CA VAL Q 64 -58.99 -29.54 80.09
C VAL Q 64 -59.03 -30.19 78.70
N PHE Q 65 -58.29 -31.29 78.56
CA PHE Q 65 -58.37 -32.15 77.38
C PHE Q 65 -59.80 -32.51 77.05
N LEU Q 66 -60.48 -33.14 78.01
CA LEU Q 66 -61.85 -33.61 77.78
C LEU Q 66 -62.82 -32.45 77.60
N GLU Q 67 -62.52 -31.28 78.18
CA GLU Q 67 -63.30 -30.08 77.94
C GLU Q 67 -63.35 -29.74 76.46
N ASN Q 68 -62.17 -29.58 75.86
CA ASN Q 68 -62.12 -29.19 74.45
C ASN Q 68 -62.75 -30.25 73.56
N VAL Q 69 -62.51 -31.52 73.92
CA VAL Q 69 -63.04 -32.64 73.15
C VAL Q 69 -64.56 -32.62 73.13
N ILE Q 70 -65.18 -32.61 74.30
CA ILE Q 70 -66.61 -32.77 74.35
C ILE Q 70 -67.32 -31.50 73.90
N ARG Q 71 -66.68 -30.32 74.06
CA ARG Q 71 -67.20 -29.08 73.47
C ARG Q 71 -67.36 -29.23 71.98
N ASP Q 72 -66.31 -29.70 71.31
CA ASP Q 72 -66.38 -29.82 69.86
C ASP Q 72 -67.34 -30.91 69.42
N ALA Q 73 -67.41 -32.02 70.17
CA ALA Q 73 -68.32 -33.10 69.81
C ALA Q 73 -69.76 -32.68 69.96
N VAL Q 74 -70.08 -31.97 71.04
CA VAL Q 74 -71.41 -31.48 71.24
C VAL Q 74 -71.76 -30.42 70.20
N THR Q 75 -70.78 -29.64 69.73
CA THR Q 75 -71.08 -28.65 68.70
C THR Q 75 -71.42 -29.34 67.37
N TYR Q 76 -70.63 -30.35 67.00
CA TYR Q 76 -71.00 -31.23 65.89
C TYR Q 76 -72.39 -31.83 66.06
N THR Q 77 -72.80 -32.10 67.28
CA THR Q 77 -74.13 -32.67 67.42
C THR Q 77 -75.20 -31.58 67.45
N GLU Q 78 -74.81 -30.35 67.81
CA GLU Q 78 -75.70 -29.21 67.74
C GLU Q 78 -76.17 -28.98 66.32
N HIS Q 79 -75.23 -28.99 65.38
CA HIS Q 79 -75.68 -28.88 64.01
C HIS Q 79 -76.35 -30.16 63.51
N ALA Q 80 -76.16 -31.29 64.20
CA ALA Q 80 -76.80 -32.52 63.78
C ALA Q 80 -78.30 -32.53 64.02
N LYS Q 81 -78.81 -31.64 64.89
CA LYS Q 81 -80.23 -31.54 65.25
C LYS Q 81 -80.76 -32.86 65.79
N ARG Q 82 -79.91 -33.58 66.51
CA ARG Q 82 -80.28 -34.80 67.19
C ARG Q 82 -79.70 -34.70 68.59
N LYS Q 83 -80.51 -34.99 69.59
CA LYS Q 83 -80.12 -34.76 70.97
C LYS Q 83 -79.17 -35.83 71.50
N THR Q 84 -78.72 -36.75 70.65
CA THR Q 84 -77.81 -37.82 71.06
C THR Q 84 -76.55 -37.74 70.21
N VAL Q 85 -75.40 -37.83 70.89
CA VAL Q 85 -74.10 -37.76 70.22
C VAL Q 85 -73.65 -39.18 69.91
N THR Q 86 -73.12 -39.39 68.71
CA THR Q 86 -72.68 -40.71 68.29
C THR Q 86 -71.18 -40.84 68.43
N ALA Q 87 -70.73 -42.08 68.26
CA ALA Q 87 -69.30 -42.36 68.17
C ALA Q 87 -68.68 -41.67 66.99
N MET Q 88 -69.43 -41.60 65.89
CA MET Q 88 -68.94 -40.98 64.66
C MET Q 88 -68.65 -39.51 64.89
N ASP Q 89 -69.49 -38.85 65.70
CA ASP Q 89 -69.33 -37.44 66.03
C ASP Q 89 -68.00 -37.20 66.73
N VAL Q 90 -67.72 -38.02 67.74
CA VAL Q 90 -66.50 -37.87 68.51
C VAL Q 90 -65.29 -38.18 67.65
N VAL Q 91 -65.45 -39.13 66.72
CA VAL Q 91 -64.40 -39.43 65.75
C VAL Q 91 -64.08 -38.22 64.90
N TYR Q 92 -65.12 -37.56 64.38
CA TYR Q 92 -64.91 -36.44 63.47
C TYR Q 92 -64.29 -35.28 64.22
N ALA Q 93 -64.74 -35.07 65.46
CA ALA Q 93 -64.25 -33.98 66.28
C ALA Q 93 -62.79 -34.20 66.66
N LEU Q 94 -62.41 -35.43 66.94
CA LEU Q 94 -61.01 -35.62 67.29
C LEU Q 94 -60.13 -35.61 66.06
N LYS Q 95 -60.70 -35.91 64.89
CA LYS Q 95 -59.95 -35.68 63.68
C LYS Q 95 -59.71 -34.20 63.47
N ARG Q 96 -60.68 -33.37 63.85
CA ARG Q 96 -60.51 -31.92 63.79
C ARG Q 96 -59.39 -31.42 64.68
N GLN Q 97 -59.15 -32.09 65.80
CA GLN Q 97 -58.03 -31.68 66.64
C GLN Q 97 -56.70 -32.23 66.13
N GLY Q 98 -56.75 -33.26 65.31
CA GLY Q 98 -55.51 -33.78 64.76
C GLY Q 98 -54.89 -34.82 65.66
N ARG Q 99 -55.67 -35.28 66.63
CA ARG Q 99 -55.29 -36.34 67.56
C ARG Q 99 -55.94 -37.63 67.12
N THR Q 100 -55.95 -37.82 65.81
CA THR Q 100 -56.96 -38.62 65.13
C THR Q 100 -56.82 -40.09 65.45
N LEU Q 101 -57.94 -40.70 65.80
CA LEU Q 101 -58.00 -42.06 66.31
C LEU Q 101 -58.82 -42.91 65.36
N TYR Q 102 -58.34 -44.10 65.06
CA TYR Q 102 -59.07 -45.03 64.22
C TYR Q 102 -59.97 -45.90 65.08
N GLY Q 103 -60.43 -46.99 64.50
CA GLY Q 103 -61.01 -48.08 65.26
C GLY Q 103 -62.50 -48.22 65.19
N PHE Q 104 -63.20 -47.10 65.24
CA PHE Q 104 -64.66 -47.16 65.31
C PHE Q 104 -65.32 -46.63 64.05
N GLY Q 105 -64.54 -46.36 63.01
CA GLY Q 105 -65.09 -45.89 61.75
C GLY Q 105 -65.38 -44.40 61.77
N GLY Q 106 -65.13 -43.73 60.65
CA GLY Q 106 -65.44 -42.31 60.54
C GLY Q 106 -64.64 -41.52 59.53
N THR R 20 -74.52 -3.24 45.04
CA THR R 20 -73.80 -4.36 45.60
C THR R 20 -74.46 -4.84 46.87
N ARG R 21 -74.57 -6.16 47.01
CA ARG R 21 -75.17 -6.79 48.18
C ARG R 21 -74.46 -6.45 49.48
N SER R 22 -73.16 -6.15 49.41
CA SER R 22 -72.40 -5.77 50.59
C SER R 22 -72.90 -4.45 51.17
N SER R 23 -73.06 -3.45 50.30
CA SER R 23 -73.74 -2.23 50.68
C SER R 23 -75.18 -2.50 51.09
N ARG R 24 -75.86 -3.43 50.42
CA ARG R 24 -77.20 -3.79 50.83
C ARG R 24 -77.21 -4.60 52.11
N ALA R 25 -76.08 -5.20 52.47
CA ALA R 25 -75.89 -5.72 53.82
C ALA R 25 -75.22 -4.71 54.73
N GLY R 26 -74.80 -3.56 54.21
CA GLY R 26 -74.16 -2.54 55.01
C GLY R 26 -72.80 -2.95 55.53
N LEU R 27 -72.05 -3.69 54.72
CA LEU R 27 -70.78 -4.24 55.17
C LEU R 27 -69.67 -3.82 54.22
N GLN R 28 -68.50 -4.44 54.32
CA GLN R 28 -67.38 -4.02 53.48
C GLN R 28 -66.77 -5.12 52.64
N PHE R 29 -67.26 -6.36 52.73
CA PHE R 29 -66.56 -7.28 51.85
C PHE R 29 -67.44 -7.70 50.68
N PRO R 30 -66.85 -7.80 49.48
CA PRO R 30 -67.63 -8.15 48.30
C PRO R 30 -68.19 -9.56 48.35
N VAL R 31 -69.51 -9.62 48.31
CA VAL R 31 -70.26 -10.86 48.46
C VAL R 31 -70.01 -11.75 47.26
N GLY R 32 -70.24 -11.19 46.07
CA GLY R 32 -70.31 -12.02 44.87
C GLY R 32 -68.97 -12.63 44.48
N ARG R 33 -67.87 -11.95 44.84
CA ARG R 33 -66.56 -12.56 44.66
C ARG R 33 -66.44 -13.80 45.52
N VAL R 34 -66.95 -13.72 46.75
CA VAL R 34 -66.91 -14.87 47.63
C VAL R 34 -67.86 -15.95 47.14
N HIS R 35 -69.03 -15.54 46.64
CA HIS R 35 -69.98 -16.47 46.05
C HIS R 35 -69.39 -17.19 44.84
N ARG R 36 -68.58 -16.49 44.07
CA ARG R 36 -67.87 -17.08 42.96
C ARG R 36 -66.83 -18.09 43.44
N LEU R 37 -66.06 -17.70 44.45
CA LEU R 37 -65.00 -18.57 44.94
C LEU R 37 -65.55 -19.80 45.64
N LEU R 38 -66.74 -19.69 46.22
CA LEU R 38 -67.38 -20.87 46.78
C LEU R 38 -67.77 -21.85 45.69
N ARG R 39 -68.24 -21.35 44.56
CA ARG R 39 -68.53 -22.19 43.41
C ARG R 39 -67.30 -22.87 42.86
N LYS R 40 -66.24 -22.12 42.60
CA LYS R 40 -65.08 -22.71 41.96
C LYS R 40 -64.17 -23.46 42.92
N GLY R 41 -64.57 -23.59 44.18
CA GLY R 41 -63.77 -24.33 45.14
C GLY R 41 -64.19 -25.77 45.29
N ASN R 42 -65.21 -26.17 44.52
CA ASN R 42 -65.90 -27.46 44.65
C ASN R 42 -66.41 -27.65 46.08
N TYR R 43 -66.89 -26.57 46.67
CA TYR R 43 -67.18 -26.60 48.08
C TYR R 43 -68.49 -27.30 48.38
N SER R 44 -69.43 -27.27 47.45
CA SER R 44 -70.64 -28.07 47.54
C SER R 44 -71.15 -28.27 46.13
N GLU R 45 -72.40 -28.69 46.02
CA GLU R 45 -73.01 -28.69 44.71
C GLU R 45 -73.79 -27.40 44.50
N ARG R 46 -74.60 -26.99 45.47
CA ARG R 46 -75.31 -25.73 45.37
C ARG R 46 -74.95 -24.80 46.52
N VAL R 47 -75.18 -23.51 46.27
CA VAL R 47 -74.76 -22.43 47.16
C VAL R 47 -75.97 -21.58 47.51
N GLY R 48 -76.22 -21.39 48.80
CA GLY R 48 -77.38 -20.65 49.26
C GLY R 48 -77.31 -19.16 49.00
N ALA R 49 -78.28 -18.44 49.57
CA ALA R 49 -78.36 -17.01 49.33
C ALA R 49 -77.38 -16.23 50.21
N GLY R 50 -77.56 -16.29 51.52
CA GLY R 50 -76.87 -15.39 52.41
C GLY R 50 -75.69 -15.94 53.17
N ALA R 51 -75.37 -17.22 52.97
CA ALA R 51 -74.12 -17.77 53.51
C ALA R 51 -72.86 -16.96 53.21
N PRO R 52 -72.62 -16.40 52.01
CA PRO R 52 -71.43 -15.57 51.85
C PRO R 52 -71.49 -14.27 52.62
N VAL R 53 -72.69 -13.76 52.89
CA VAL R 53 -72.81 -12.56 53.71
C VAL R 53 -72.33 -12.84 55.12
N TYR R 54 -72.74 -13.99 55.67
CA TYR R 54 -72.36 -14.38 57.02
C TYR R 54 -70.86 -14.60 57.10
N LEU R 55 -70.31 -15.27 56.09
CA LEU R 55 -68.87 -15.54 56.09
C LEU R 55 -68.07 -14.25 55.95
N ALA R 56 -68.56 -13.32 55.12
CA ALA R 56 -67.87 -12.07 54.91
C ALA R 56 -67.87 -11.23 56.18
N ALA R 57 -68.98 -11.25 56.91
CA ALA R 57 -69.05 -10.54 58.17
C ALA R 57 -68.11 -11.15 59.20
N VAL R 58 -67.98 -12.48 59.17
CA VAL R 58 -67.05 -13.16 60.07
C VAL R 58 -65.64 -12.69 59.79
N LEU R 59 -65.26 -12.70 58.51
CA LEU R 59 -63.95 -12.19 58.09
C LEU R 59 -63.75 -10.75 58.53
N GLU R 60 -64.81 -9.95 58.41
CA GLU R 60 -64.74 -8.53 58.68
C GLU R 60 -64.48 -8.27 60.15
N TYR R 61 -65.17 -9.00 61.03
CA TYR R 61 -64.93 -8.80 62.45
C TYR R 61 -63.58 -9.36 62.88
N LEU R 62 -63.14 -10.46 62.24
CA LEU R 62 -61.83 -11.02 62.55
C LEU R 62 -60.73 -10.04 62.23
N THR R 63 -60.73 -9.52 61.01
CA THR R 63 -59.69 -8.59 60.64
C THR R 63 -59.81 -7.28 61.39
N ALA R 64 -61.02 -6.91 61.82
CA ALA R 64 -61.19 -5.73 62.64
C ALA R 64 -60.50 -5.90 63.98
N GLU R 65 -60.70 -7.06 64.62
CA GLU R 65 -60.09 -7.31 65.92
C GLU R 65 -58.57 -7.38 65.82
N ILE R 66 -58.08 -8.09 64.79
CA ILE R 66 -56.65 -8.26 64.60
C ILE R 66 -55.98 -6.93 64.36
N LEU R 67 -56.48 -6.18 63.41
CA LEU R 67 -55.83 -4.93 63.08
C LEU R 67 -56.11 -3.86 64.10
N GLU R 68 -57.12 -4.04 64.95
CA GLU R 68 -57.31 -3.14 66.07
C GLU R 68 -56.20 -3.30 67.08
N LEU R 69 -55.86 -4.55 67.40
CA LEU R 69 -54.73 -4.80 68.27
C LEU R 69 -53.42 -4.36 67.61
N ALA R 70 -53.35 -4.47 66.29
CA ALA R 70 -52.18 -3.99 65.58
C ALA R 70 -52.07 -2.48 65.66
N GLY R 71 -53.21 -1.80 65.63
CA GLY R 71 -53.20 -0.35 65.79
C GLY R 71 -52.73 0.04 67.18
N ASN R 72 -53.13 -0.72 68.18
CA ASN R 72 -52.59 -0.48 69.52
C ASN R 72 -51.10 -0.77 69.58
N ALA R 73 -50.64 -1.77 68.83
CA ALA R 73 -49.22 -2.07 68.78
C ALA R 73 -48.43 -0.93 68.14
N ALA R 74 -49.00 -0.28 67.15
CA ALA R 74 -48.35 0.89 66.57
C ALA R 74 -48.41 2.07 67.53
N ARG R 75 -49.49 2.15 68.32
CA ARG R 75 -49.57 3.17 69.37
C ARG R 75 -48.47 3.00 70.41
N ASP R 76 -48.06 1.76 70.63
CA ASP R 76 -47.01 1.48 71.61
C ASP R 76 -45.68 2.06 71.15
N ASN R 77 -45.25 1.70 69.95
CA ASN R 77 -43.96 2.12 69.43
C ASN R 77 -43.98 3.53 68.89
N LYS R 78 -45.16 4.15 68.85
CA LYS R 78 -45.40 5.44 68.20
C LYS R 78 -44.95 5.40 66.74
N LYS R 79 -45.42 4.38 66.04
CA LYS R 79 -45.19 4.25 64.61
C LYS R 79 -46.50 4.47 63.88
N THR R 80 -46.41 5.00 62.68
CA THR R 80 -47.61 5.29 61.90
C THR R 80 -47.92 4.23 60.88
N ARG R 81 -46.91 3.75 60.17
CA ARG R 81 -47.08 2.66 59.24
C ARG R 81 -46.89 1.35 59.97
N ILE R 82 -47.74 0.39 59.66
CA ILE R 82 -47.68 -0.90 60.34
C ILE R 82 -46.51 -1.69 59.80
N ILE R 83 -45.61 -2.09 60.69
CA ILE R 83 -44.59 -3.07 60.31
C ILE R 83 -45.13 -4.44 60.70
N PRO R 84 -44.69 -5.52 60.06
CA PRO R 84 -45.16 -6.86 60.45
C PRO R 84 -44.76 -7.29 61.85
N ARG R 85 -43.74 -6.66 62.44
CA ARG R 85 -43.36 -6.98 63.81
C ARG R 85 -44.48 -6.66 64.77
N HIS R 86 -45.19 -5.55 64.51
CA HIS R 86 -46.40 -5.22 65.25
C HIS R 86 -47.41 -6.34 65.16
N LEU R 87 -47.53 -6.94 63.98
CA LEU R 87 -48.53 -7.98 63.77
C LEU R 87 -48.18 -9.22 64.57
N GLN R 88 -46.91 -9.62 64.52
CA GLN R 88 -46.50 -10.81 65.25
C GLN R 88 -46.62 -10.61 66.75
N LEU R 89 -46.28 -9.41 67.23
CA LEU R 89 -46.40 -9.11 68.65
C LEU R 89 -47.84 -9.15 69.11
N ALA R 90 -48.73 -8.54 68.34
CA ALA R 90 -50.15 -8.53 68.73
C ALA R 90 -50.75 -9.91 68.62
N ILE R 91 -50.21 -10.75 67.75
CA ILE R 91 -50.63 -12.14 67.77
C ILE R 91 -50.14 -12.84 69.03
N ARG R 92 -48.90 -12.61 69.40
CA ARG R 92 -48.32 -13.33 70.54
C ARG R 92 -48.74 -12.77 71.89
N ASN R 93 -49.46 -11.66 71.92
CA ASN R 93 -49.90 -11.16 73.22
C ASN R 93 -51.23 -11.76 73.63
N ASP R 94 -52.25 -11.61 72.78
CA ASP R 94 -53.60 -12.08 73.10
C ASP R 94 -53.65 -13.60 73.17
N GLU R 95 -54.51 -14.10 74.05
CA GLU R 95 -54.53 -15.53 74.32
C GLU R 95 -55.17 -16.31 73.17
N GLU R 96 -56.47 -16.05 72.92
CA GLU R 96 -57.24 -16.86 72.00
C GLU R 96 -56.72 -16.76 70.57
N LEU R 97 -56.23 -15.58 70.20
CA LEU R 97 -55.62 -15.39 68.90
C LEU R 97 -54.34 -16.18 68.75
N ASN R 98 -53.52 -16.23 69.77
CA ASN R 98 -52.30 -17.01 69.69
C ASN R 98 -52.57 -18.50 69.74
N LYS R 99 -53.64 -18.93 70.40
CA LYS R 99 -53.99 -20.34 70.35
C LYS R 99 -54.54 -20.71 68.98
N LEU R 100 -55.22 -19.76 68.35
CA LEU R 100 -55.64 -19.93 66.96
C LEU R 100 -54.44 -20.08 66.03
N LEU R 101 -53.56 -19.09 66.04
CA LEU R 101 -52.47 -19.09 65.08
C LEU R 101 -51.21 -19.71 65.65
N GLY R 102 -51.33 -20.88 66.26
CA GLY R 102 -50.21 -21.50 66.91
C GLY R 102 -49.23 -22.06 65.90
N ARG R 103 -49.78 -22.68 64.87
CA ARG R 103 -48.95 -23.22 63.81
C ARG R 103 -48.65 -22.19 62.73
N VAL R 104 -48.69 -20.91 63.05
CA VAL R 104 -48.58 -19.85 62.06
C VAL R 104 -47.29 -19.11 62.31
N THR R 105 -46.49 -18.93 61.27
CA THR R 105 -45.42 -17.97 61.39
C THR R 105 -45.48 -16.98 60.24
N ILE R 106 -44.77 -15.87 60.43
CA ILE R 106 -44.80 -14.75 59.49
C ILE R 106 -43.37 -14.33 59.21
N ALA R 107 -43.05 -14.11 57.94
CA ALA R 107 -41.78 -13.51 57.57
C ALA R 107 -41.67 -12.12 58.18
N GLN R 108 -40.45 -11.75 58.54
CA GLN R 108 -40.17 -10.60 59.41
C GLN R 108 -40.98 -10.66 60.70
N GLY R 109 -41.09 -11.84 61.28
CA GLY R 109 -41.89 -12.00 62.47
C GLY R 109 -41.20 -11.68 63.77
N GLY R 110 -40.12 -12.37 64.08
CA GLY R 110 -39.54 -12.29 65.41
C GLY R 110 -40.40 -13.01 66.42
N VAL R 111 -40.01 -12.90 67.68
CA VAL R 111 -40.69 -13.58 68.77
C VAL R 111 -40.89 -12.61 69.92
N LEU R 112 -41.38 -13.17 71.02
CA LEU R 112 -41.55 -12.44 72.26
C LEU R 112 -40.20 -12.00 72.81
N PRO R 113 -40.06 -10.72 73.19
CA PRO R 113 -38.87 -10.33 73.92
C PRO R 113 -38.94 -10.93 75.31
N ASN R 114 -38.23 -12.03 75.52
CA ASN R 114 -38.47 -12.90 76.68
C ASN R 114 -37.15 -13.41 77.21
N ILE R 115 -36.99 -13.33 78.53
CA ILE R 115 -35.76 -13.69 79.21
C ILE R 115 -36.13 -14.54 80.41
N GLN R 116 -35.58 -15.74 80.48
CA GLN R 116 -35.69 -16.56 81.67
C GLN R 116 -34.82 -15.95 82.76
N ALA R 117 -35.46 -15.45 83.83
CA ALA R 117 -34.76 -14.69 84.85
C ALA R 117 -33.85 -15.58 85.69
N VAL R 118 -34.02 -16.90 85.62
CA VAL R 118 -33.06 -17.82 86.20
C VAL R 118 -31.72 -17.79 85.49
N LEU R 119 -31.68 -17.22 84.28
CA LEU R 119 -30.43 -17.01 83.59
C LEU R 119 -29.97 -15.56 83.69
N LEU R 120 -30.74 -14.71 84.32
CA LEU R 120 -30.21 -13.41 84.69
C LEU R 120 -29.15 -13.57 85.78
N PRO R 121 -28.11 -12.76 85.76
CA PRO R 121 -27.07 -12.88 86.78
C PRO R 121 -27.55 -12.34 88.13
N LYS R 122 -26.71 -12.58 89.13
CA LYS R 122 -27.07 -12.24 90.50
C LYS R 122 -26.31 -11.02 91.00
N ARG S 35 -52.47 -8.84 29.50
CA ARG S 35 -52.13 -8.72 30.92
C ARG S 35 -53.20 -9.41 31.76
N SER S 36 -52.82 -10.51 32.41
CA SER S 36 -53.74 -11.26 33.23
C SER S 36 -54.05 -10.52 34.51
N ARG S 37 -55.33 -10.50 34.89
CA ARG S 37 -55.80 -9.70 36.03
C ARG S 37 -55.69 -10.54 37.28
N LYS S 38 -54.86 -10.08 38.23
CA LYS S 38 -54.65 -10.79 39.47
C LYS S 38 -55.53 -10.22 40.58
N GLU S 39 -55.61 -10.96 41.68
CA GLU S 39 -56.53 -10.66 42.78
C GLU S 39 -55.79 -10.10 43.97
N SER S 40 -56.51 -9.33 44.77
CA SER S 40 -56.05 -8.92 46.10
C SER S 40 -57.29 -8.60 46.92
N TYR S 41 -57.13 -8.53 48.24
CA TYR S 41 -58.21 -8.09 49.10
C TYR S 41 -57.85 -6.79 49.76
N SER S 42 -56.89 -6.08 49.16
CA SER S 42 -56.19 -5.00 49.85
C SER S 42 -57.10 -3.80 50.09
N ILE S 43 -57.94 -3.48 49.11
CA ILE S 43 -58.74 -2.27 49.20
C ILE S 43 -59.82 -2.40 50.27
N TYR S 44 -60.31 -3.60 50.48
CA TYR S 44 -61.44 -3.85 51.38
C TYR S 44 -61.00 -3.70 52.83
N VAL S 45 -60.02 -4.49 53.22
CA VAL S 45 -59.46 -4.43 54.56
C VAL S 45 -58.75 -3.11 54.76
N TYR S 46 -58.27 -2.50 53.67
CA TYR S 46 -57.76 -1.14 53.71
C TYR S 46 -58.82 -0.15 54.19
N LYS S 47 -60.02 -0.23 53.62
CA LYS S 47 -61.15 0.57 54.07
C LYS S 47 -61.51 0.27 55.52
N VAL S 48 -61.46 -1.00 55.90
CA VAL S 48 -61.81 -1.38 57.27
C VAL S 48 -60.80 -0.79 58.25
N LEU S 49 -59.53 -0.83 57.88
CA LEU S 49 -58.48 -0.19 58.67
C LEU S 49 -58.69 1.31 58.78
N LYS S 50 -59.06 1.95 57.67
CA LYS S 50 -59.40 3.36 57.70
C LYS S 50 -60.59 3.66 58.59
N GLN S 51 -61.56 2.75 58.66
CA GLN S 51 -62.66 2.89 59.60
C GLN S 51 -62.16 2.86 61.03
N VAL S 52 -61.50 1.76 61.40
CA VAL S 52 -61.14 1.58 62.81
C VAL S 52 -59.98 2.46 63.25
N HIS S 53 -59.17 2.94 62.31
CA HIS S 53 -58.10 3.88 62.62
C HIS S 53 -57.90 4.78 61.43
N PRO S 54 -58.46 5.99 61.49
CA PRO S 54 -58.26 6.93 60.38
C PRO S 54 -56.83 7.43 60.30
N ASP S 55 -56.18 7.65 61.43
CA ASP S 55 -54.80 8.14 61.43
C ASP S 55 -53.82 6.99 61.61
N THR S 56 -53.63 6.20 60.55
CA THR S 56 -52.76 5.03 60.59
C THR S 56 -52.34 4.64 59.19
N GLY S 57 -51.04 4.47 58.97
CA GLY S 57 -50.53 3.93 57.73
C GLY S 57 -50.21 2.45 57.85
N ILE S 58 -49.76 1.87 56.75
CA ILE S 58 -49.51 0.44 56.69
C ILE S 58 -48.46 0.17 55.62
N SER S 59 -47.69 -0.91 55.78
CA SER S 59 -46.76 -1.37 54.75
C SER S 59 -47.45 -2.31 53.78
N SER S 60 -46.86 -2.42 52.60
CA SER S 60 -47.47 -3.21 51.55
C SER S 60 -47.37 -4.71 51.84
N LYS S 61 -46.23 -5.14 52.37
CA LYS S 61 -46.04 -6.55 52.67
C LYS S 61 -47.03 -7.02 53.70
N ALA S 62 -47.30 -6.19 54.71
CA ALA S 62 -48.28 -6.53 55.72
C ALA S 62 -49.68 -6.62 55.13
N MET S 63 -49.95 -5.83 54.10
CA MET S 63 -51.23 -5.94 53.42
C MET S 63 -51.34 -7.29 52.72
N GLY S 64 -50.23 -7.73 52.13
CA GLY S 64 -50.21 -9.07 51.58
C GLY S 64 -50.38 -10.15 52.63
N ILE S 65 -49.80 -9.91 53.81
CA ILE S 65 -49.92 -10.84 54.92
C ILE S 65 -51.37 -11.00 55.32
N MET S 66 -52.08 -9.88 55.38
CA MET S 66 -53.48 -9.94 55.75
C MET S 66 -54.31 -10.61 54.67
N ASN S 67 -53.90 -10.45 53.42
CA ASN S 67 -54.58 -11.16 52.34
C ASN S 67 -54.41 -12.66 52.50
N SER S 68 -53.19 -13.08 52.85
CA SER S 68 -52.93 -14.49 53.12
C SER S 68 -53.70 -14.96 54.34
N PHE S 69 -53.89 -14.06 55.30
CA PHE S 69 -54.64 -14.38 56.53
C PHE S 69 -56.07 -14.71 56.20
N VAL S 70 -56.71 -13.86 55.39
CA VAL S 70 -58.07 -14.09 54.94
C VAL S 70 -58.16 -15.38 54.16
N ASN S 71 -57.14 -15.64 53.33
CA ASN S 71 -57.07 -16.88 52.57
C ASN S 71 -57.10 -18.08 53.48
N ASP S 72 -56.26 -18.08 54.51
CA ASP S 72 -56.10 -19.22 55.38
C ASP S 72 -57.36 -19.48 56.19
N ILE S 73 -57.95 -18.42 56.74
CA ILE S 73 -59.13 -18.59 57.56
C ILE S 73 -60.29 -19.07 56.71
N PHE S 74 -60.42 -18.49 55.51
CA PHE S 74 -61.44 -18.92 54.57
C PHE S 74 -61.29 -20.38 54.19
N GLU S 75 -60.05 -20.83 53.98
CA GLU S 75 -59.82 -22.20 53.58
C GLU S 75 -60.17 -23.19 54.68
N ARG S 76 -59.80 -22.86 55.93
CA ARG S 76 -60.14 -23.77 57.02
C ARG S 76 -61.65 -23.84 57.23
N ILE S 77 -62.32 -22.70 57.12
CA ILE S 77 -63.77 -22.66 57.21
C ILE S 77 -64.42 -23.49 56.12
N ALA S 78 -63.95 -23.34 54.90
CA ALA S 78 -64.56 -24.02 53.78
C ALA S 78 -64.34 -25.52 53.88
N GLY S 79 -63.18 -25.93 54.35
CA GLY S 79 -62.94 -27.34 54.57
C GLY S 79 -63.83 -27.90 55.64
N GLU S 80 -64.09 -27.12 56.68
CA GLU S 80 -65.03 -27.56 57.69
C GLU S 80 -66.44 -27.58 57.13
N ALA S 81 -66.72 -26.72 56.16
CA ALA S 81 -68.03 -26.73 55.52
C ALA S 81 -68.22 -27.99 54.68
N SER S 82 -67.16 -28.41 53.99
CA SER S 82 -67.26 -29.63 53.19
C SER S 82 -67.42 -30.85 54.08
N ARG S 83 -66.70 -30.86 55.20
CA ARG S 83 -66.93 -31.92 56.16
C ARG S 83 -68.31 -31.84 56.80
N LEU S 84 -68.85 -30.63 56.97
CA LEU S 84 -70.22 -30.47 57.42
C LEU S 84 -71.19 -31.11 56.45
N ALA S 85 -70.91 -30.92 55.17
CA ALA S 85 -71.73 -31.52 54.13
C ALA S 85 -71.68 -33.03 54.20
N HIS S 86 -70.47 -33.59 54.25
CA HIS S 86 -70.34 -35.04 54.13
C HIS S 86 -70.70 -35.75 55.43
N TYR S 87 -70.59 -35.08 56.56
CA TYR S 87 -71.13 -35.71 57.76
C TYR S 87 -72.58 -35.33 57.96
N ASN S 88 -73.17 -34.59 57.02
CA ASN S 88 -74.59 -34.40 57.05
C ASN S 88 -75.30 -34.90 55.80
N LYS S 89 -74.54 -35.43 54.83
CA LYS S 89 -75.06 -36.05 53.61
C LYS S 89 -75.94 -35.08 52.82
N ARG S 90 -75.60 -33.81 52.88
CA ARG S 90 -76.35 -32.75 52.22
C ARG S 90 -75.37 -31.92 51.42
N SER S 91 -75.87 -31.20 50.42
CA SER S 91 -74.99 -30.45 49.54
C SER S 91 -75.41 -28.99 49.39
N THR S 92 -76.35 -28.55 50.20
CA THR S 92 -76.75 -27.14 50.20
C THR S 92 -75.91 -26.48 51.28
N ILE S 93 -75.51 -25.24 51.05
CA ILE S 93 -74.83 -24.49 52.10
C ILE S 93 -75.70 -23.28 52.48
N THR S 94 -76.12 -23.23 53.73
CA THR S 94 -76.73 -22.03 54.29
C THR S 94 -75.80 -21.40 55.33
N SER S 95 -76.25 -20.29 55.90
CA SER S 95 -75.49 -19.55 56.90
C SER S 95 -75.36 -20.29 58.22
N ARG S 96 -76.27 -21.23 58.50
CA ARG S 96 -76.24 -21.99 59.75
C ARG S 96 -74.98 -22.84 59.81
N GLU S 97 -74.60 -23.40 58.67
CA GLU S 97 -73.38 -24.20 58.57
C GLU S 97 -72.15 -23.33 58.77
N ILE S 98 -72.22 -22.08 58.31
CA ILE S 98 -71.10 -21.18 58.49
C ILE S 98 -70.95 -20.83 59.96
N GLN S 99 -72.08 -20.63 60.65
CA GLN S 99 -72.06 -20.36 62.08
C GLN S 99 -71.45 -21.51 62.86
N THR S 100 -71.92 -22.73 62.58
CA THR S 100 -71.40 -23.85 63.34
C THR S 100 -69.95 -24.14 62.97
N ALA S 101 -69.54 -23.78 61.74
CA ALA S 101 -68.15 -23.91 61.36
C ALA S 101 -67.26 -22.96 62.13
N VAL S 102 -67.71 -21.71 62.26
CA VAL S 102 -66.91 -20.71 62.96
C VAL S 102 -66.76 -21.07 64.43
N ARG S 103 -67.87 -21.48 65.06
CA ARG S 103 -67.72 -21.85 66.47
C ARG S 103 -67.18 -23.26 66.65
N LEU S 104 -66.93 -23.98 65.57
CA LEU S 104 -66.04 -25.13 65.68
C LEU S 104 -64.58 -24.69 65.62
N LEU S 105 -64.26 -23.71 64.79
CA LEU S 105 -62.85 -23.42 64.61
C LEU S 105 -62.34 -22.42 65.63
N LEU S 106 -62.98 -21.38 65.76
CA LEU S 106 -62.42 -20.33 66.59
C LEU S 106 -62.71 -20.57 68.07
N PRO S 107 -61.84 -20.08 68.95
CA PRO S 107 -62.11 -20.20 70.38
C PRO S 107 -63.22 -19.27 70.84
N GLY S 108 -63.84 -19.67 71.95
CA GLY S 108 -65.16 -19.25 72.39
C GLY S 108 -65.61 -17.80 72.35
N GLU S 109 -64.90 -16.92 73.08
CA GLU S 109 -65.41 -15.57 73.30
C GLU S 109 -65.35 -14.74 72.03
N LEU S 110 -64.18 -14.75 71.39
CA LEU S 110 -63.99 -14.21 70.05
C LEU S 110 -65.03 -14.74 69.08
N ALA S 111 -65.25 -16.06 69.11
CA ALA S 111 -66.20 -16.70 68.22
C ALA S 111 -67.63 -16.21 68.44
N LYS S 112 -68.02 -16.04 69.69
CA LYS S 112 -69.40 -15.63 69.96
C LYS S 112 -69.60 -14.17 69.56
N HIS S 113 -68.58 -13.33 69.75
CA HIS S 113 -68.68 -11.96 69.24
C HIS S 113 -68.79 -11.94 67.73
N ALA S 114 -68.03 -12.77 67.04
CA ALA S 114 -68.10 -12.81 65.60
C ALA S 114 -69.44 -13.33 65.13
N VAL S 115 -69.99 -14.33 65.84
CA VAL S 115 -71.32 -14.86 65.50
C VAL S 115 -72.37 -13.78 65.66
N SER S 116 -72.21 -12.96 66.70
CA SER S 116 -73.13 -11.85 66.93
C SER S 116 -73.08 -10.85 65.77
N GLU S 117 -71.87 -10.50 65.33
CA GLU S 117 -71.70 -9.58 64.21
C GLU S 117 -72.32 -10.13 62.95
N GLY S 118 -72.07 -11.40 62.66
CA GLY S 118 -72.62 -12.01 61.47
C GLY S 118 -74.12 -12.14 61.51
N THR S 119 -74.67 -12.43 62.69
CA THR S 119 -76.10 -12.64 62.80
C THR S 119 -76.84 -11.31 62.65
N LYS S 120 -76.29 -10.25 63.24
CA LYS S 120 -76.90 -8.94 63.08
C LYS S 120 -76.80 -8.47 61.64
N ALA S 121 -75.71 -8.83 60.96
CA ALA S 121 -75.61 -8.51 59.55
C ALA S 121 -76.62 -9.29 58.71
N VAL S 122 -76.87 -10.55 59.09
CA VAL S 122 -77.88 -11.38 58.41
C VAL S 122 -79.25 -10.74 58.54
N THR S 123 -79.55 -10.27 59.75
CA THR S 123 -80.82 -9.59 59.99
C THR S 123 -80.94 -8.31 59.18
N LYS S 124 -79.88 -7.49 59.17
CA LYS S 124 -79.96 -6.20 58.49
C LYS S 124 -80.04 -6.37 56.97
N TYR S 125 -79.37 -7.37 56.42
CA TYR S 125 -79.51 -7.62 54.99
C TYR S 125 -80.85 -8.24 54.65
N THR S 126 -81.15 -9.42 55.18
CA THR S 126 -82.33 -10.16 54.77
C THR S 126 -83.62 -9.55 55.27
N SER S 127 -83.57 -8.58 56.20
CA SER S 127 -84.76 -7.85 56.58
C SER S 127 -85.24 -6.96 55.44
N ALA S 128 -84.31 -6.25 54.81
CA ALA S 128 -84.56 -5.64 53.52
C ALA S 128 -84.31 -6.69 52.43
N LYS S 129 -84.17 -6.25 51.19
CA LYS S 129 -83.86 -7.17 50.09
C LYS S 129 -82.45 -7.72 50.26
N HIS T 43 -9.87 -3.07 79.81
CA HIS T 43 -9.82 -4.15 80.80
C HIS T 43 -10.76 -5.26 80.37
N ARG T 44 -10.97 -6.24 81.23
CA ARG T 44 -11.76 -7.41 80.87
C ARG T 44 -13.14 -7.36 81.54
N TYR T 45 -14.18 -7.68 80.78
CA TYR T 45 -15.53 -7.75 81.32
C TYR T 45 -15.82 -9.15 81.86
N ARG T 46 -16.81 -9.26 82.72
CA ARG T 46 -17.14 -10.52 83.34
C ARG T 46 -18.20 -11.25 82.52
N PRO T 47 -18.06 -12.57 82.38
CA PRO T 47 -18.77 -13.27 81.31
C PRO T 47 -20.27 -13.39 81.56
N GLY T 48 -21.00 -13.68 80.49
CA GLY T 48 -22.42 -13.81 80.50
C GLY T 48 -23.16 -12.53 80.20
N THR T 49 -22.52 -11.39 80.39
CA THR T 49 -23.23 -10.12 80.34
C THR T 49 -23.53 -9.70 78.91
N VAL T 50 -22.50 -9.70 78.08
CA VAL T 50 -22.59 -9.21 76.70
C VAL T 50 -23.55 -10.07 75.90
N ALA T 51 -23.61 -11.37 76.23
CA ALA T 51 -24.53 -12.29 75.57
C ALA T 51 -25.98 -11.90 75.82
N LEU T 52 -26.32 -11.61 77.07
CA LEU T 52 -27.69 -11.24 77.38
C LEU T 52 -28.02 -9.86 76.83
N ARG T 53 -27.03 -8.98 76.80
CA ARG T 53 -27.25 -7.66 76.24
C ARG T 53 -27.54 -7.76 74.75
N GLU T 54 -26.84 -8.64 74.06
CA GLU T 54 -27.17 -8.83 72.65
C GLU T 54 -28.37 -9.73 72.44
N ILE T 55 -28.81 -10.46 73.45
CA ILE T 55 -30.14 -11.07 73.38
C ILE T 55 -31.20 -9.97 73.35
N ARG T 56 -31.04 -8.97 74.21
CA ARG T 56 -31.96 -7.83 74.20
C ARG T 56 -31.83 -7.03 72.91
N ARG T 57 -30.66 -7.06 72.31
CA ARG T 57 -30.52 -6.39 71.02
C ARG T 57 -31.16 -7.22 69.89
N TYR T 58 -30.99 -8.55 69.90
CA TYR T 58 -31.40 -9.43 68.82
C TYR T 58 -32.83 -9.91 68.93
N GLN T 59 -33.54 -9.50 69.97
CA GLN T 59 -34.98 -9.66 70.00
C GLN T 59 -35.69 -8.49 69.35
N LYS T 60 -34.96 -7.65 68.63
CA LYS T 60 -35.56 -6.44 68.09
C LYS T 60 -35.74 -6.45 66.58
N SER T 61 -34.66 -6.60 65.82
CA SER T 61 -34.75 -6.57 64.38
C SER T 61 -35.04 -7.98 63.87
N THR T 62 -36.11 -8.11 63.11
CA THR T 62 -36.48 -9.40 62.53
C THR T 62 -35.77 -9.67 61.22
N GLU T 63 -34.64 -9.04 60.98
CA GLU T 63 -33.90 -9.26 59.76
C GLU T 63 -33.23 -10.62 59.79
N LEU T 64 -32.93 -11.14 58.60
CA LEU T 64 -32.44 -12.50 58.47
C LEU T 64 -31.02 -12.64 58.99
N LEU T 65 -30.81 -13.66 59.82
CA LEU T 65 -29.51 -13.86 60.44
C LEU T 65 -28.49 -14.47 59.50
N ILE T 66 -28.79 -15.59 58.87
CA ILE T 66 -27.85 -16.17 57.92
C ILE T 66 -27.88 -15.35 56.64
N ARG T 67 -26.74 -14.82 56.21
CA ARG T 67 -26.77 -14.03 55.00
C ARG T 67 -26.72 -14.93 53.76
N LYS T 68 -26.91 -14.29 52.60
CA LYS T 68 -27.67 -14.91 51.52
C LYS T 68 -26.89 -15.98 50.79
N LEU T 69 -25.80 -15.59 50.13
CA LEU T 69 -24.97 -16.40 49.25
C LEU T 69 -24.57 -17.78 49.78
N PRO T 70 -24.09 -17.94 51.02
CA PRO T 70 -23.74 -19.31 51.45
C PRO T 70 -24.97 -20.16 51.67
N PHE T 71 -26.03 -19.57 52.20
CA PHE T 71 -27.30 -20.26 52.38
C PHE T 71 -27.85 -20.72 51.04
N GLN T 72 -27.74 -19.85 50.05
CA GLN T 72 -28.19 -20.17 48.71
C GLN T 72 -27.39 -21.32 48.12
N ARG T 73 -26.07 -21.31 48.34
CA ARG T 73 -25.24 -22.40 47.85
C ARG T 73 -25.60 -23.72 48.51
N LEU T 74 -25.89 -23.68 49.81
CA LEU T 74 -26.24 -24.90 50.52
C LEU T 74 -27.56 -25.47 50.02
N VAL T 75 -28.54 -24.59 49.85
CA VAL T 75 -29.83 -25.02 49.34
C VAL T 75 -29.70 -25.56 47.92
N ARG T 76 -28.91 -24.89 47.09
CA ARG T 76 -28.70 -25.38 45.73
C ARG T 76 -28.01 -26.73 45.71
N GLU T 77 -27.05 -26.94 46.61
CA GLU T 77 -26.30 -28.19 46.61
C GLU T 77 -27.19 -29.36 47.02
N ILE T 78 -28.08 -29.13 47.99
CA ILE T 78 -28.99 -30.19 48.36
C ILE T 78 -30.02 -30.40 47.27
N ALA T 79 -30.40 -29.33 46.59
CA ALA T 79 -31.36 -29.43 45.51
C ALA T 79 -30.78 -30.08 44.28
N GLN T 80 -29.45 -30.21 44.21
CA GLN T 80 -28.81 -30.77 43.04
C GLN T 80 -29.19 -32.23 42.82
N ASP T 81 -29.44 -32.96 43.90
CA ASP T 81 -29.53 -34.41 43.82
C ASP T 81 -30.96 -34.91 43.71
N PHE T 82 -31.84 -34.18 43.06
CA PHE T 82 -33.16 -34.70 42.76
C PHE T 82 -33.49 -34.68 41.28
N LYS T 83 -33.28 -33.56 40.62
CA LYS T 83 -33.22 -33.50 39.17
C LYS T 83 -32.30 -32.34 38.84
N THR T 84 -31.59 -32.47 37.73
CA THR T 84 -30.39 -31.68 37.51
C THR T 84 -30.70 -30.22 37.19
N ASP T 85 -30.13 -29.33 38.01
CA ASP T 85 -29.96 -27.91 37.72
C ASP T 85 -31.30 -27.20 37.50
N LEU T 86 -32.06 -27.09 38.58
CA LEU T 86 -33.34 -26.40 38.52
C LEU T 86 -33.13 -24.93 38.86
N ARG T 87 -33.74 -24.04 38.06
CA ARG T 87 -33.67 -22.62 38.35
C ARG T 87 -34.54 -22.29 39.57
N PHE T 88 -34.32 -21.11 40.13
CA PHE T 88 -34.97 -20.70 41.36
C PHE T 88 -35.47 -19.27 41.35
N GLN T 89 -36.63 -19.09 41.95
CA GLN T 89 -37.11 -17.77 42.29
C GLN T 89 -36.43 -17.29 43.57
N SER T 90 -35.92 -16.07 43.51
CA SER T 90 -35.23 -15.49 44.66
C SER T 90 -36.15 -15.25 45.84
N ALA T 91 -37.42 -14.93 45.56
CA ALA T 91 -38.40 -14.78 46.62
C ALA T 91 -38.64 -16.10 47.32
N ALA T 92 -38.61 -17.20 46.57
CA ALA T 92 -38.73 -18.53 47.17
C ALA T 92 -37.54 -18.82 48.07
N ILE T 93 -36.36 -18.33 47.68
CA ILE T 93 -35.17 -18.49 48.48
C ILE T 93 -35.31 -17.73 49.79
N GLY T 94 -35.84 -16.51 49.72
CA GLY T 94 -36.12 -15.77 50.95
C GLY T 94 -37.15 -16.45 51.83
N ALA T 95 -38.12 -17.13 51.20
CA ALA T 95 -39.13 -17.88 51.96
C ALA T 95 -38.50 -19.03 52.73
N LEU T 96 -37.68 -19.81 52.04
CA LEU T 96 -36.92 -20.89 52.67
C LEU T 96 -36.06 -20.37 53.82
N GLN T 97 -35.44 -19.22 53.61
CA GLN T 97 -34.56 -18.64 54.62
C GLN T 97 -35.33 -18.23 55.87
N GLU T 98 -36.45 -17.54 55.66
CA GLU T 98 -37.32 -17.12 56.76
C GLU T 98 -37.81 -18.31 57.56
N ALA T 99 -38.37 -19.31 56.86
CA ALA T 99 -38.97 -20.46 57.52
C ALA T 99 -37.94 -21.25 58.29
N SER T 100 -36.75 -21.39 57.71
CA SER T 100 -35.68 -22.12 58.35
C SER T 100 -35.22 -21.41 59.62
N GLU T 101 -35.05 -20.09 59.55
CA GLU T 101 -34.53 -19.37 60.72
C GLU T 101 -35.53 -19.34 61.85
N ALA T 102 -36.82 -19.13 61.56
CA ALA T 102 -37.82 -19.13 62.62
C ALA T 102 -37.97 -20.51 63.24
N TYR T 103 -37.95 -21.54 62.40
CA TYR T 103 -37.97 -22.93 62.82
C TYR T 103 -36.88 -23.24 63.83
N LEU T 104 -35.65 -22.93 63.47
CA LEU T 104 -34.54 -23.19 64.35
C LEU T 104 -34.57 -22.35 65.61
N VAL T 105 -35.09 -21.11 65.55
CA VAL T 105 -35.16 -20.28 66.74
C VAL T 105 -36.13 -20.88 67.75
N GLY T 106 -37.30 -21.32 67.27
CA GLY T 106 -38.27 -21.90 68.17
C GLY T 106 -37.80 -23.21 68.77
N LEU T 107 -37.12 -24.02 67.96
CA LEU T 107 -36.58 -25.27 68.48
C LEU T 107 -35.49 -25.01 69.51
N PHE T 108 -34.72 -23.95 69.30
CA PHE T 108 -33.80 -23.50 70.34
C PHE T 108 -34.49 -23.08 71.61
N GLU T 109 -35.65 -22.44 71.50
CA GLU T 109 -36.34 -22.00 72.70
C GLU T 109 -36.77 -23.19 73.54
N ASP T 110 -37.35 -24.20 72.90
CA ASP T 110 -37.71 -25.41 73.64
C ASP T 110 -36.49 -26.12 74.21
N THR T 111 -35.38 -26.15 73.45
CA THR T 111 -34.19 -26.81 73.95
C THR T 111 -33.60 -26.07 75.14
N ASN T 112 -33.65 -24.74 75.08
CA ASN T 112 -33.17 -23.91 76.18
C ASN T 112 -34.00 -24.14 77.42
N LEU T 113 -35.32 -24.24 77.27
CA LEU T 113 -36.16 -24.49 78.44
C LEU T 113 -35.95 -25.89 78.98
N CYS T 114 -35.60 -26.85 78.11
CA CYS T 114 -35.20 -28.18 78.57
C CYS T 114 -33.98 -28.11 79.47
N ALA T 115 -32.98 -27.35 79.04
CA ALA T 115 -31.75 -27.26 79.83
C ALA T 115 -31.97 -26.50 81.13
N ILE T 116 -32.83 -25.49 81.11
CA ILE T 116 -33.19 -24.78 82.34
C ILE T 116 -33.87 -25.71 83.31
N HIS T 117 -34.71 -26.60 82.80
CA HIS T 117 -35.27 -27.66 83.63
C HIS T 117 -34.21 -28.62 84.11
N ALA T 118 -33.14 -28.80 83.34
CA ALA T 118 -32.11 -29.78 83.64
C ALA T 118 -31.11 -29.29 84.67
N LYS T 119 -31.46 -28.23 85.43
CA LYS T 119 -30.67 -27.71 86.54
C LYS T 119 -29.31 -27.19 86.07
N ARG T 120 -29.27 -26.74 84.82
CA ARG T 120 -28.06 -26.28 84.18
C ARG T 120 -28.36 -25.01 83.41
N VAL T 121 -27.31 -24.42 82.85
CA VAL T 121 -27.46 -23.24 82.03
C VAL T 121 -27.01 -23.49 80.59
N THR T 122 -26.02 -24.34 80.38
CA THR T 122 -25.43 -24.55 79.08
C THR T 122 -26.20 -25.62 78.33
N ILE T 123 -26.31 -25.45 77.01
CA ILE T 123 -26.96 -26.44 76.18
C ILE T 123 -26.10 -27.69 76.05
N MET T 124 -26.75 -28.77 75.64
CA MET T 124 -26.10 -30.04 75.32
C MET T 124 -26.76 -30.57 74.06
N PRO T 125 -26.08 -31.42 73.29
CA PRO T 125 -26.74 -32.04 72.14
C PRO T 125 -27.83 -33.01 72.54
N LYS T 126 -27.68 -33.66 73.71
CA LYS T 126 -28.72 -34.53 74.23
C LYS T 126 -30.01 -33.76 74.51
N ASP T 127 -29.91 -32.46 74.77
CA ASP T 127 -31.09 -31.64 74.96
C ASP T 127 -31.87 -31.51 73.67
N ILE T 128 -31.15 -31.34 72.55
CA ILE T 128 -31.78 -31.28 71.25
C ILE T 128 -32.43 -32.61 70.93
N GLN T 129 -31.76 -33.70 71.32
CA GLN T 129 -32.34 -35.03 71.13
C GLN T 129 -33.62 -35.20 71.94
N LEU T 130 -33.64 -34.67 73.16
CA LEU T 130 -34.83 -34.77 74.00
C LEU T 130 -35.99 -33.98 73.41
N ALA T 131 -35.70 -32.77 72.95
CA ALA T 131 -36.76 -31.94 72.39
C ALA T 131 -37.32 -32.54 71.10
N ARG T 132 -36.43 -33.05 70.26
CA ARG T 132 -36.86 -33.69 69.03
C ARG T 132 -37.62 -34.97 69.30
N ARG T 133 -37.24 -35.69 70.35
CA ARG T 133 -37.94 -36.90 70.75
C ARG T 133 -39.33 -36.59 71.27
N ILE T 134 -39.51 -35.41 71.84
CA ILE T 134 -40.84 -34.99 72.24
C ILE T 134 -41.67 -34.60 71.01
N ARG T 135 -41.07 -33.84 70.10
CA ARG T 135 -41.83 -33.43 68.92
C ARG T 135 -42.08 -34.57 67.94
N GLY T 136 -41.13 -35.48 67.78
CA GLY T 136 -41.37 -36.64 66.96
C GLY T 136 -40.84 -36.58 65.54
N GLU T 137 -39.72 -35.90 65.31
CA GLU T 137 -39.10 -35.96 64.00
C GLU T 137 -38.50 -37.33 63.77
N ARG T 138 -37.46 -37.66 64.53
CA ARG T 138 -36.87 -38.98 64.50
C ARG T 138 -37.82 -39.95 65.19
N ALA T 139 -37.78 -41.22 64.79
CA ALA T 139 -38.43 -42.28 65.53
C ALA T 139 -37.75 -42.45 66.87
N ASN U 29 -19.60 -26.94 51.86
CA ASN U 29 -20.86 -27.64 51.64
C ASN U 29 -21.82 -27.27 52.76
N ILE U 30 -22.07 -28.24 53.66
CA ILE U 30 -22.82 -27.97 54.87
C ILE U 30 -22.03 -27.09 55.83
N GLN U 31 -20.71 -27.02 55.65
CA GLN U 31 -19.84 -26.24 56.50
C GLN U 31 -19.85 -24.77 56.15
N GLY U 32 -20.75 -24.33 55.27
CA GLY U 32 -20.97 -22.91 55.07
C GLY U 32 -21.75 -22.26 56.19
N ILE U 33 -22.23 -23.04 57.14
CA ILE U 33 -22.90 -22.51 58.31
C ILE U 33 -21.84 -22.09 59.32
N THR U 34 -21.76 -20.80 59.61
CA THR U 34 -20.74 -20.35 60.54
C THR U 34 -21.19 -20.56 61.98
N LYS U 35 -20.22 -20.72 62.86
CA LYS U 35 -20.46 -20.71 64.30
C LYS U 35 -21.23 -19.49 64.81
N PRO U 36 -20.88 -18.24 64.48
CA PRO U 36 -21.68 -17.12 65.01
C PRO U 36 -23.07 -17.04 64.41
N ALA U 37 -23.34 -17.73 63.31
CA ALA U 37 -24.71 -17.80 62.82
C ALA U 37 -25.61 -18.58 63.77
N ILE U 38 -25.18 -19.78 64.17
CA ILE U 38 -25.95 -20.57 65.11
C ILE U 38 -25.94 -19.90 66.48
N ARG U 39 -24.88 -19.14 66.78
CA ARG U 39 -24.90 -18.32 67.99
C ARG U 39 -25.97 -17.24 67.93
N ARG U 40 -26.11 -16.57 66.78
CA ARG U 40 -27.17 -15.60 66.61
C ARG U 40 -28.54 -16.26 66.68
N LEU U 41 -28.62 -17.51 66.21
CA LEU U 41 -29.85 -18.29 66.38
C LEU U 41 -30.16 -18.56 67.84
N ALA U 42 -29.13 -18.75 68.64
CA ALA U 42 -29.36 -18.86 70.08
C ALA U 42 -29.78 -17.52 70.67
N ARG U 43 -29.26 -16.44 70.10
CA ARG U 43 -29.52 -15.12 70.66
C ARG U 43 -30.96 -14.69 70.40
N ARG U 44 -31.46 -14.89 69.18
CA ARG U 44 -32.87 -14.59 68.92
C ARG U 44 -33.76 -15.60 69.63
N GLY U 45 -33.29 -16.82 69.79
CA GLY U 45 -33.93 -17.71 70.72
C GLY U 45 -33.78 -17.28 72.16
N GLY U 46 -32.73 -16.54 72.47
CA GLY U 46 -32.49 -16.09 73.81
C GLY U 46 -31.72 -17.05 74.66
N VAL U 47 -30.72 -17.71 74.11
CA VAL U 47 -30.01 -18.77 74.82
C VAL U 47 -28.64 -18.23 75.21
N LYS U 48 -28.22 -18.53 76.44
CA LYS U 48 -27.05 -17.87 76.99
C LYS U 48 -25.77 -18.61 76.66
N ARG U 49 -25.63 -19.85 77.13
CA ARG U 49 -24.32 -20.49 77.19
C ARG U 49 -24.30 -21.74 76.32
N ILE U 50 -23.21 -21.89 75.55
CA ILE U 50 -23.17 -22.74 74.38
C ILE U 50 -22.10 -23.82 74.57
N SER U 51 -22.43 -25.06 74.20
CA SER U 51 -21.47 -26.17 74.22
C SER U 51 -20.76 -26.37 72.89
N GLY U 52 -20.12 -27.51 72.72
CA GLY U 52 -19.31 -27.77 71.54
C GLY U 52 -19.98 -28.47 70.37
N LEU U 53 -20.53 -29.66 70.59
CA LEU U 53 -21.04 -30.52 69.51
C LEU U 53 -22.35 -30.03 68.91
N ILE U 54 -22.91 -29.01 69.55
CA ILE U 54 -24.08 -28.23 69.13
C ILE U 54 -24.05 -27.87 67.67
N TYR U 55 -22.87 -27.50 67.17
CA TYR U 55 -22.75 -26.92 65.84
C TYR U 55 -23.06 -27.95 64.77
N GLU U 56 -22.40 -29.11 64.87
CA GLU U 56 -22.56 -30.14 63.88
C GLU U 56 -23.94 -30.77 64.00
N GLU U 57 -24.44 -30.88 65.24
CA GLU U 57 -25.80 -31.40 65.43
C GLU U 57 -26.83 -30.47 64.79
N THR U 58 -26.60 -29.17 64.89
CA THR U 58 -27.49 -28.17 64.31
C THR U 58 -27.51 -28.28 62.81
N ARG U 59 -26.32 -28.39 62.21
CA ARG U 59 -26.23 -28.51 60.76
C ARG U 59 -26.94 -29.76 60.27
N GLY U 60 -26.86 -30.85 61.06
CA GLY U 60 -27.54 -32.07 60.66
C GLY U 60 -29.05 -31.96 60.67
N VAL U 61 -29.60 -31.37 61.73
CA VAL U 61 -31.06 -31.30 61.81
C VAL U 61 -31.60 -30.32 60.77
N LEU U 62 -30.88 -29.21 60.56
CA LEU U 62 -31.22 -28.27 59.49
C LEU U 62 -31.20 -28.95 58.14
N LYS U 63 -30.23 -29.85 57.93
CA LYS U 63 -30.13 -30.55 56.67
C LYS U 63 -31.34 -31.42 56.41
N VAL U 64 -31.76 -32.21 57.41
CA VAL U 64 -32.88 -33.13 57.24
C VAL U 64 -34.18 -32.35 57.00
N PHE U 65 -34.31 -31.22 57.71
CA PHE U 65 -35.43 -30.30 57.53
C PHE U 65 -35.54 -29.83 56.09
N LEU U 66 -34.44 -29.26 55.57
CA LEU U 66 -34.43 -28.79 54.19
C LEU U 66 -34.58 -29.93 53.20
N GLU U 67 -34.13 -31.12 53.56
CA GLU U 67 -34.27 -32.29 52.70
C GLU U 67 -35.73 -32.61 52.42
N ASN U 68 -36.53 -32.74 53.47
CA ASN U 68 -37.94 -33.05 53.26
C ASN U 68 -38.66 -31.91 52.55
N VAL U 69 -38.33 -30.67 52.94
CA VAL U 69 -38.99 -29.50 52.36
C VAL U 69 -38.74 -29.41 50.86
N ILE U 70 -37.47 -29.44 50.48
CA ILE U 70 -37.15 -29.22 49.09
C ILE U 70 -37.47 -30.44 48.25
N ARG U 71 -37.51 -31.64 48.87
CA ARG U 71 -37.97 -32.83 48.15
C ARG U 71 -39.39 -32.70 47.68
N ASP U 72 -40.31 -32.38 48.59
CA ASP U 72 -41.68 -32.27 48.12
C ASP U 72 -41.92 -30.99 47.33
N ALA U 73 -41.05 -29.97 47.50
CA ALA U 73 -41.13 -28.80 46.64
C ALA U 73 -40.81 -29.14 45.20
N VAL U 74 -39.74 -29.91 44.99
CA VAL U 74 -39.41 -30.32 43.65
C VAL U 74 -40.42 -31.33 43.14
N THR U 75 -41.11 -32.04 44.03
CA THR U 75 -42.22 -32.88 43.60
C THR U 75 -43.36 -32.03 43.01
N TYR U 76 -43.70 -30.94 43.69
CA TYR U 76 -44.64 -29.96 43.15
C TYR U 76 -44.21 -29.44 41.79
N THR U 77 -42.93 -29.13 41.65
CA THR U 77 -42.50 -28.54 40.39
C THR U 77 -42.41 -29.60 39.30
N GLU U 78 -42.16 -30.85 39.68
CA GLU U 78 -42.29 -31.98 38.76
C GLU U 78 -43.68 -32.08 38.20
N HIS U 79 -44.69 -31.92 39.05
CA HIS U 79 -46.03 -31.91 38.49
C HIS U 79 -46.30 -30.65 37.67
N ALA U 80 -45.61 -29.56 37.99
CA ALA U 80 -45.77 -28.32 37.25
C ALA U 80 -45.23 -28.38 35.82
N LYS U 81 -44.41 -29.39 35.50
CA LYS U 81 -43.78 -29.58 34.18
C LYS U 81 -42.92 -28.39 33.78
N ARG U 82 -42.40 -27.67 34.77
CA ARG U 82 -41.67 -26.44 34.54
C ARG U 82 -40.35 -26.53 35.27
N LYS U 83 -39.40 -25.70 34.84
CA LYS U 83 -38.02 -25.88 35.24
C LYS U 83 -37.59 -24.93 36.34
N THR U 84 -38.53 -24.24 36.97
CA THR U 84 -38.24 -23.39 38.11
C THR U 84 -39.25 -23.68 39.20
N VAL U 85 -38.79 -23.91 40.42
CA VAL U 85 -39.69 -24.13 41.53
C VAL U 85 -40.33 -22.80 41.88
N THR U 86 -41.65 -22.78 41.98
CA THR U 86 -42.34 -21.55 42.31
C THR U 86 -42.24 -21.31 43.81
N ALA U 87 -42.33 -20.03 44.18
CA ALA U 87 -42.50 -19.70 45.58
C ALA U 87 -43.82 -20.22 46.11
N MET U 88 -44.83 -20.28 45.23
CA MET U 88 -46.12 -20.87 45.58
C MET U 88 -45.98 -22.30 46.03
N ASP U 89 -45.21 -23.09 45.28
CA ASP U 89 -45.00 -24.50 45.61
C ASP U 89 -44.26 -24.67 46.93
N VAL U 90 -43.32 -23.76 47.21
CA VAL U 90 -42.65 -23.75 48.51
C VAL U 90 -43.67 -23.53 49.61
N VAL U 91 -44.56 -22.57 49.41
CA VAL U 91 -45.58 -22.27 50.40
C VAL U 91 -46.50 -23.47 50.59
N TYR U 92 -46.92 -24.09 49.50
CA TYR U 92 -47.84 -25.21 49.62
C TYR U 92 -47.18 -26.42 50.23
N ALA U 93 -45.88 -26.59 50.01
CA ALA U 93 -45.17 -27.69 50.64
C ALA U 93 -45.05 -27.46 52.13
N LEU U 94 -44.85 -26.19 52.53
CA LEU U 94 -44.88 -25.86 53.94
C LEU U 94 -46.25 -26.14 54.55
N LYS U 95 -47.31 -25.87 53.80
CA LYS U 95 -48.65 -26.26 54.25
C LYS U 95 -48.76 -27.77 54.37
N ARG U 96 -48.12 -28.49 53.46
CA ARG U 96 -48.21 -29.94 53.48
C ARG U 96 -47.48 -30.52 54.68
N GLN U 97 -46.44 -29.85 55.15
CA GLN U 97 -45.87 -30.25 56.42
C GLN U 97 -46.49 -29.54 57.60
N GLY U 98 -47.62 -28.85 57.40
CA GLY U 98 -48.27 -28.18 58.51
C GLY U 98 -47.48 -27.03 59.06
N ARG U 99 -46.78 -26.31 58.19
CA ARG U 99 -45.84 -25.28 58.58
C ARG U 99 -46.20 -23.99 57.89
N THR U 100 -47.47 -23.61 58.03
CA THR U 100 -48.04 -22.54 57.25
C THR U 100 -47.39 -21.20 57.54
N LEU U 101 -46.87 -20.58 56.50
CA LEU U 101 -46.16 -19.31 56.55
C LEU U 101 -46.87 -18.31 55.67
N TYR U 102 -47.19 -17.16 56.23
CA TYR U 102 -47.82 -16.09 55.49
C TYR U 102 -46.76 -15.28 54.76
N GLY U 103 -47.16 -14.10 54.31
CA GLY U 103 -46.22 -13.10 53.88
C GLY U 103 -45.92 -13.08 52.40
N PHE U 104 -45.74 -14.23 51.77
CA PHE U 104 -45.25 -14.23 50.41
C PHE U 104 -46.29 -14.75 49.44
N GLY U 105 -47.54 -14.39 49.64
CA GLY U 105 -48.60 -14.80 48.74
C GLY U 105 -48.91 -16.28 48.85
N GLY U 106 -49.59 -16.68 49.90
CA GLY U 106 -49.94 -18.09 50.07
C GLY U 106 -51.40 -18.32 50.41
N ALA V 18 -63.46 -59.84 29.58
CA ALA V 18 -63.80 -59.45 30.95
C ALA V 18 -64.80 -58.31 30.96
N LYS V 19 -65.98 -58.56 31.53
CA LYS V 19 -67.01 -57.53 31.60
C LYS V 19 -66.63 -56.46 32.62
N THR V 20 -66.28 -56.87 33.83
CA THR V 20 -65.99 -55.92 34.90
C THR V 20 -64.60 -55.33 34.75
N ARG V 21 -64.49 -54.04 35.06
CA ARG V 21 -63.22 -53.34 34.99
C ARG V 21 -62.22 -53.85 36.02
N SER V 22 -62.72 -54.43 37.12
CA SER V 22 -61.83 -55.06 38.08
C SER V 22 -61.15 -56.27 37.48
N SER V 23 -61.90 -57.06 36.71
CA SER V 23 -61.26 -58.14 35.96
C SER V 23 -60.43 -57.60 34.81
N ARG V 24 -60.81 -56.44 34.27
CA ARG V 24 -60.00 -55.80 33.24
C ARG V 24 -58.74 -55.17 33.83
N ALA V 25 -58.69 -54.98 35.14
CA ALA V 25 -57.47 -54.55 35.79
C ALA V 25 -56.75 -55.67 36.50
N GLY V 26 -57.40 -56.82 36.69
CA GLY V 26 -56.78 -57.92 37.40
C GLY V 26 -56.54 -57.65 38.86
N LEU V 27 -57.37 -56.82 39.47
CA LEU V 27 -57.18 -56.35 40.83
C LEU V 27 -58.35 -56.81 41.69
N GLN V 28 -58.41 -56.28 42.90
CA GLN V 28 -59.41 -56.74 43.86
C GLN V 28 -60.35 -55.64 44.35
N PHE V 29 -60.20 -54.42 43.91
CA PHE V 29 -61.04 -53.34 44.40
C PHE V 29 -62.05 -52.90 43.34
N PRO V 30 -63.21 -52.38 43.72
CA PRO V 30 -64.15 -51.88 42.71
C PRO V 30 -63.78 -50.47 42.28
N VAL V 31 -63.52 -50.31 40.98
CA VAL V 31 -63.04 -49.03 40.50
C VAL V 31 -64.18 -48.03 40.38
N GLY V 32 -65.33 -48.48 39.86
CA GLY V 32 -66.44 -47.57 39.65
C GLY V 32 -67.02 -47.07 40.95
N ARG V 33 -66.88 -47.87 42.02
CA ARG V 33 -67.01 -47.38 43.39
C ARG V 33 -66.19 -46.12 43.59
N VAL V 34 -64.90 -46.19 43.28
CA VAL V 34 -64.00 -45.08 43.55
C VAL V 34 -64.34 -43.90 42.66
N HIS V 35 -64.74 -44.17 41.43
CA HIS V 35 -65.10 -43.10 40.51
C HIS V 35 -66.37 -42.39 40.98
N ARG V 36 -67.31 -43.14 41.56
CA ARG V 36 -68.50 -42.51 42.10
C ARG V 36 -68.17 -41.74 43.37
N LEU V 37 -67.23 -42.27 44.15
CA LEU V 37 -66.73 -41.56 45.32
C LEU V 37 -66.09 -40.24 44.94
N LEU V 38 -65.35 -40.23 43.84
CA LEU V 38 -64.80 -39.00 43.33
C LEU V 38 -65.89 -38.07 42.83
N ARG V 39 -66.90 -38.64 42.17
CA ARG V 39 -68.02 -37.83 41.71
C ARG V 39 -68.86 -37.34 42.87
N LYS V 40 -69.23 -38.24 43.77
CA LYS V 40 -69.90 -37.83 45.01
C LYS V 40 -68.87 -37.47 46.08
N GLY V 41 -67.96 -36.58 45.70
CA GLY V 41 -66.95 -36.13 46.64
C GLY V 41 -66.89 -34.64 46.69
N ASN V 42 -67.43 -34.00 45.65
CA ASN V 42 -67.13 -32.60 45.31
C ASN V 42 -65.62 -32.38 45.30
N TYR V 43 -64.94 -33.27 44.61
CA TYR V 43 -63.49 -33.25 44.53
C TYR V 43 -62.98 -32.47 43.34
N SER V 44 -63.30 -32.94 42.14
CA SER V 44 -63.08 -32.18 40.92
C SER V 44 -64.43 -31.99 40.25
N GLU V 45 -64.44 -31.37 39.08
CA GLU V 45 -65.68 -31.35 38.31
C GLU V 45 -65.76 -32.58 37.42
N ARG V 46 -64.69 -32.90 36.71
CA ARG V 46 -64.66 -34.13 35.93
C ARG V 46 -63.54 -35.01 36.43
N VAL V 47 -63.68 -36.30 36.17
CA VAL V 47 -62.70 -37.31 36.58
C VAL V 47 -62.41 -38.20 35.39
N GLY V 48 -61.13 -38.32 35.05
CA GLY V 48 -60.71 -39.16 33.94
C GLY V 48 -60.83 -40.65 34.24
N ALA V 49 -60.30 -41.43 33.30
CA ALA V 49 -60.44 -42.87 33.33
C ALA V 49 -59.29 -43.59 34.00
N GLY V 50 -58.12 -42.98 34.07
CA GLY V 50 -56.95 -43.70 34.56
C GLY V 50 -56.65 -43.44 36.02
N ALA V 51 -56.96 -42.23 36.47
CA ALA V 51 -56.81 -41.88 37.88
C ALA V 51 -57.51 -42.82 38.87
N PRO V 52 -58.77 -43.27 38.70
CA PRO V 52 -59.35 -44.15 39.73
C PRO V 52 -58.70 -45.51 39.77
N VAL V 53 -58.34 -46.03 38.61
CA VAL V 53 -57.59 -47.28 38.53
C VAL V 53 -56.25 -47.13 39.23
N TYR V 54 -55.59 -45.99 39.01
CA TYR V 54 -54.25 -45.74 39.55
C TYR V 54 -54.30 -45.69 41.07
N LEU V 55 -55.27 -44.95 41.59
CA LEU V 55 -55.40 -44.79 43.02
C LEU V 55 -55.79 -46.10 43.69
N ALA V 56 -56.69 -46.86 43.06
CA ALA V 56 -57.09 -48.15 43.61
C ALA V 56 -55.92 -49.11 43.66
N ALA V 57 -55.05 -49.06 42.65
CA ALA V 57 -53.86 -49.90 42.66
C ALA V 57 -52.92 -49.50 43.79
N VAL V 58 -52.79 -48.20 44.03
CA VAL V 58 -51.97 -47.73 45.16
C VAL V 58 -52.53 -48.24 46.47
N LEU V 59 -53.85 -48.18 46.62
CA LEU V 59 -54.52 -48.68 47.81
C LEU V 59 -54.27 -50.16 48.02
N GLU V 60 -54.34 -50.92 46.93
CA GLU V 60 -54.17 -52.36 47.01
C GLU V 60 -52.74 -52.71 47.38
N TYR V 61 -51.77 -51.94 46.86
CA TYR V 61 -50.39 -52.13 47.27
C TYR V 61 -50.18 -51.82 48.74
N LEU V 62 -50.82 -50.76 49.23
CA LEU V 62 -50.66 -50.38 50.63
C LEU V 62 -51.24 -51.42 51.55
N THR V 63 -52.39 -51.98 51.18
CA THR V 63 -52.99 -53.06 51.95
C THR V 63 -52.08 -54.26 52.02
N ALA V 64 -51.57 -54.71 50.87
CA ALA V 64 -50.73 -55.91 50.85
C ALA V 64 -49.44 -55.69 51.60
N GLU V 65 -48.86 -54.49 51.47
CA GLU V 65 -47.61 -54.15 52.11
C GLU V 65 -47.72 -54.15 53.62
N ILE V 66 -48.78 -53.55 54.16
CA ILE V 66 -48.88 -53.49 55.61
C ILE V 66 -49.36 -54.82 56.16
N LEU V 67 -50.20 -55.53 55.41
CA LEU V 67 -50.61 -56.85 55.84
C LEU V 67 -49.49 -57.86 55.85
N GLU V 68 -48.41 -57.62 55.10
CA GLU V 68 -47.21 -58.43 55.27
C GLU V 68 -46.66 -58.33 56.69
N LEU V 69 -46.48 -57.10 57.18
CA LEU V 69 -45.98 -56.91 58.53
C LEU V 69 -46.98 -57.38 59.56
N ALA V 70 -48.27 -57.30 59.21
CA ALA V 70 -49.31 -57.85 60.07
C ALA V 70 -49.20 -59.36 60.17
N GLY V 71 -48.93 -60.03 59.05
CA GLY V 71 -48.82 -61.48 59.06
C GLY V 71 -47.65 -61.96 59.88
N ASN V 72 -46.49 -61.32 59.71
CA ASN V 72 -45.33 -61.71 60.51
C ASN V 72 -45.52 -61.38 61.99
N ALA V 73 -46.13 -60.23 62.29
CA ALA V 73 -46.30 -59.83 63.68
C ALA V 73 -47.32 -60.71 64.39
N ALA V 74 -48.34 -61.17 63.67
CA ALA V 74 -49.28 -62.10 64.27
C ALA V 74 -48.69 -63.49 64.41
N ARG V 75 -47.83 -63.87 63.46
CA ARG V 75 -47.17 -65.17 63.52
C ARG V 75 -46.12 -65.22 64.62
N ASP V 76 -45.72 -64.05 65.14
CA ASP V 76 -44.79 -64.01 66.27
C ASP V 76 -45.36 -64.65 67.54
N ASN V 77 -46.67 -64.81 67.64
CA ASN V 77 -47.28 -65.27 68.88
C ASN V 77 -48.17 -66.49 68.71
N LYS V 78 -48.00 -67.24 67.61
CA LYS V 78 -48.68 -68.52 67.35
C LYS V 78 -50.20 -68.37 67.34
N LYS V 79 -50.66 -67.26 66.79
CA LYS V 79 -52.07 -66.96 66.74
C LYS V 79 -52.48 -66.69 65.30
N THR V 80 -53.54 -67.36 64.87
CA THR V 80 -53.95 -67.29 63.48
C THR V 80 -54.60 -65.94 63.18
N ARG V 81 -55.15 -65.30 64.21
CA ARG V 81 -55.94 -64.09 64.00
C ARG V 81 -55.13 -62.85 64.34
N ILE V 82 -55.28 -61.82 63.53
CA ILE V 82 -54.60 -60.55 63.76
C ILE V 82 -55.37 -59.79 64.83
N ILE V 83 -54.66 -59.30 65.83
CA ILE V 83 -55.30 -58.49 66.87
C ILE V 83 -54.83 -57.07 66.65
N PRO V 84 -55.47 -56.06 67.24
CA PRO V 84 -54.97 -54.68 67.09
C PRO V 84 -53.58 -54.46 67.63
N ARG V 85 -53.20 -55.16 68.71
CA ARG V 85 -51.85 -55.05 69.26
C ARG V 85 -50.82 -55.47 68.24
N HIS V 86 -51.13 -56.51 67.46
CA HIS V 86 -50.29 -56.91 66.35
C HIS V 86 -50.08 -55.78 65.36
N LEU V 87 -51.16 -55.08 65.04
CA LEU V 87 -51.08 -54.03 64.04
C LEU V 87 -50.24 -52.87 64.54
N GLN V 88 -50.40 -52.50 65.80
CA GLN V 88 -49.61 -51.42 66.35
C GLN V 88 -48.15 -51.80 66.44
N LEU V 89 -47.87 -53.06 66.80
CA LEU V 89 -46.49 -53.55 66.83
C LEU V 89 -45.88 -53.52 65.45
N ALA V 90 -46.62 -53.96 64.44
CA ALA V 90 -46.08 -54.01 63.09
C ALA V 90 -45.87 -52.61 62.53
N ILE V 91 -46.71 -51.67 62.94
CA ILE V 91 -46.48 -50.29 62.52
C ILE V 91 -45.24 -49.74 63.18
N ARG V 92 -45.14 -49.84 64.49
CA ARG V 92 -44.02 -49.25 65.20
C ARG V 92 -42.70 -49.95 64.91
N ASN V 93 -42.75 -51.19 64.47
CA ASN V 93 -41.54 -51.85 64.06
C ASN V 93 -41.13 -51.47 62.65
N ASP V 94 -42.02 -50.84 61.90
CA ASP V 94 -41.64 -50.26 60.63
C ASP V 94 -41.08 -48.85 60.85
N GLU V 95 -40.31 -48.37 59.88
CA GLU V 95 -39.89 -46.99 59.91
C GLU V 95 -40.78 -46.08 59.08
N GLU V 96 -41.01 -46.43 57.81
CA GLU V 96 -41.84 -45.59 56.94
C GLU V 96 -43.27 -45.52 57.42
N LEU V 97 -43.83 -46.62 57.89
CA LEU V 97 -45.18 -46.61 58.38
C LEU V 97 -45.31 -45.87 59.69
N ASN V 98 -44.26 -45.84 60.50
CA ASN V 98 -44.34 -45.13 61.77
C ASN V 98 -44.29 -43.63 61.56
N LYS V 99 -43.44 -43.17 60.65
CA LYS V 99 -43.45 -41.76 60.31
C LYS V 99 -44.68 -41.41 59.49
N LEU V 100 -45.27 -42.40 58.80
CA LEU V 100 -46.60 -42.21 58.22
C LEU V 100 -47.64 -41.97 59.31
N LEU V 101 -47.69 -42.84 60.30
CA LEU V 101 -48.78 -42.84 61.26
C LEU V 101 -48.42 -42.12 62.55
N GLY V 102 -47.67 -41.00 62.44
CA GLY V 102 -47.16 -40.34 63.63
C GLY V 102 -48.22 -39.68 64.47
N ARG V 103 -49.18 -39.02 63.83
CA ARG V 103 -50.30 -38.45 64.55
C ARG V 103 -51.42 -39.45 64.77
N VAL V 104 -51.17 -40.73 64.57
CA VAL V 104 -52.21 -41.72 64.43
C VAL V 104 -52.17 -42.66 65.63
N THR V 105 -53.35 -43.04 66.12
CA THR V 105 -53.47 -43.93 67.25
C THR V 105 -54.46 -45.02 66.87
N ILE V 106 -54.16 -46.23 67.26
CA ILE V 106 -55.01 -47.38 67.02
C ILE V 106 -55.79 -47.69 68.29
N ALA V 107 -57.06 -48.02 68.14
CA ALA V 107 -57.81 -48.54 69.28
C ALA V 107 -57.25 -49.90 69.68
N GLN V 108 -57.24 -50.13 70.99
CA GLN V 108 -56.63 -51.29 71.64
C GLN V 108 -55.17 -51.46 71.26
N GLY V 109 -54.44 -50.35 71.16
CA GLY V 109 -53.06 -50.40 70.71
C GLY V 109 -52.00 -50.56 71.78
N GLY V 110 -51.92 -49.63 72.73
CA GLY V 110 -50.76 -49.59 73.60
C GLY V 110 -49.54 -49.09 72.86
N VAL V 111 -48.37 -49.29 73.45
CA VAL V 111 -47.10 -48.90 72.83
C VAL V 111 -46.08 -50.02 73.01
N LEU V 112 -44.86 -49.74 72.56
CA LEU V 112 -43.80 -50.72 72.49
C LEU V 112 -43.26 -51.03 73.89
N PRO V 113 -42.55 -52.13 74.05
CA PRO V 113 -41.75 -52.30 75.26
C PRO V 113 -40.59 -51.33 75.28
N ASN V 114 -40.69 -50.31 76.13
CA ASN V 114 -39.62 -49.36 76.31
C ASN V 114 -39.13 -49.48 77.74
N ILE V 115 -38.26 -50.45 77.99
CA ILE V 115 -37.63 -50.62 79.27
C ILE V 115 -36.29 -49.93 79.20
N GLN V 116 -36.10 -48.89 80.00
CA GLN V 116 -34.85 -48.16 79.97
C GLN V 116 -33.76 -48.96 80.70
N ALA V 117 -32.52 -48.73 80.29
CA ALA V 117 -31.39 -49.52 80.80
C ALA V 117 -31.08 -49.18 82.24
N VAL V 118 -31.55 -48.02 82.70
CA VAL V 118 -31.38 -47.62 84.10
C VAL V 118 -32.31 -48.36 85.04
N LEU V 119 -33.09 -49.32 84.56
CA LEU V 119 -34.18 -49.87 85.35
C LEU V 119 -33.95 -51.34 85.72
N LEU V 120 -33.18 -52.07 84.92
CA LEU V 120 -32.98 -53.49 85.18
C LEU V 120 -32.09 -53.68 86.41
N PRO V 121 -32.37 -54.68 87.25
CA PRO V 121 -31.53 -54.91 88.43
C PRO V 121 -30.16 -55.46 88.03
N LYS V 122 -29.15 -54.64 88.19
CA LYS V 122 -27.79 -54.96 87.75
C LYS V 122 -26.89 -55.36 88.91
N LYS W 38 -74.33 -50.57 53.69
CA LYS W 38 -73.28 -49.56 53.79
C LYS W 38 -71.95 -50.29 53.83
N GLU W 39 -71.28 -50.37 52.69
CA GLU W 39 -70.32 -51.43 52.46
C GLU W 39 -68.99 -51.17 53.16
N SER W 40 -68.44 -52.22 53.74
CA SER W 40 -67.05 -52.23 54.20
C SER W 40 -66.24 -53.03 53.20
N TYR W 41 -64.96 -53.23 53.47
CA TYR W 41 -64.06 -53.74 52.44
C TYR W 41 -63.57 -55.14 52.79
N SER W 42 -64.45 -55.95 53.38
CA SER W 42 -64.03 -57.10 54.17
C SER W 42 -63.46 -58.21 53.30
N ILE W 43 -64.19 -58.62 52.26
CA ILE W 43 -63.72 -59.71 51.44
C ILE W 43 -62.56 -59.27 50.57
N TYR W 44 -62.42 -57.97 50.33
CA TYR W 44 -61.24 -57.44 49.68
C TYR W 44 -60.02 -57.71 50.53
N VAL W 45 -60.14 -57.46 51.83
CA VAL W 45 -59.12 -57.79 52.79
C VAL W 45 -58.85 -59.27 52.84
N TYR W 46 -59.91 -60.09 52.77
CA TYR W 46 -59.74 -61.54 52.77
C TYR W 46 -58.95 -62.02 51.57
N LYS W 47 -59.20 -61.42 50.41
CA LYS W 47 -58.50 -61.87 49.21
C LYS W 47 -57.06 -61.38 49.20
N VAL W 48 -56.79 -60.17 49.70
CA VAL W 48 -55.42 -59.70 49.86
C VAL W 48 -54.66 -60.61 50.82
N LEU W 49 -55.33 -60.97 51.92
CA LEU W 49 -54.74 -61.80 52.94
C LEU W 49 -54.44 -63.20 52.42
N LYS W 50 -55.35 -63.77 51.65
CA LYS W 50 -55.09 -65.08 51.05
C LYS W 50 -54.03 -64.98 49.96
N GLN W 51 -53.86 -63.81 49.34
CA GLN W 51 -52.74 -63.62 48.44
C GLN W 51 -51.42 -63.40 49.17
N VAL W 52 -51.43 -63.14 50.48
CA VAL W 52 -50.15 -62.89 51.12
C VAL W 52 -49.84 -63.94 52.17
N HIS W 53 -50.63 -64.01 53.25
CA HIS W 53 -50.45 -65.05 54.26
C HIS W 53 -51.72 -65.88 54.24
N PRO W 54 -51.80 -66.91 53.39
CA PRO W 54 -53.11 -67.54 53.13
C PRO W 54 -53.61 -68.47 54.23
N ASP W 55 -52.99 -68.50 55.40
CA ASP W 55 -53.44 -69.32 56.51
C ASP W 55 -53.62 -68.47 57.75
N THR W 56 -54.30 -67.34 57.59
CA THR W 56 -54.33 -66.32 58.62
C THR W 56 -55.74 -65.84 58.85
N GLY W 57 -56.18 -65.87 60.10
CA GLY W 57 -57.48 -65.32 60.46
C GLY W 57 -57.36 -63.87 60.86
N ILE W 58 -58.48 -63.34 61.34
CA ILE W 58 -58.58 -61.92 61.66
C ILE W 58 -59.78 -61.74 62.60
N SER W 59 -59.70 -60.75 63.47
CA SER W 59 -60.83 -60.41 64.31
C SER W 59 -61.70 -59.38 63.60
N SER W 60 -62.85 -59.10 64.20
CA SER W 60 -63.76 -58.12 63.64
C SER W 60 -63.17 -56.72 63.74
N LYS W 61 -62.70 -56.35 64.93
CA LYS W 61 -62.27 -54.98 65.13
C LYS W 61 -60.96 -54.70 64.43
N ALA W 62 -60.18 -55.74 64.15
CA ALA W 62 -59.02 -55.57 63.29
C ALA W 62 -59.43 -55.10 61.90
N MET W 63 -60.46 -55.73 61.34
CA MET W 63 -61.03 -55.30 60.08
C MET W 63 -61.56 -53.88 60.17
N GLY W 64 -62.15 -53.53 61.31
CA GLY W 64 -62.65 -52.17 61.48
C GLY W 64 -61.54 -51.14 61.45
N ILE W 65 -60.43 -51.43 62.12
CA ILE W 65 -59.29 -50.50 62.12
C ILE W 65 -58.70 -50.42 60.73
N MET W 66 -58.67 -51.55 60.01
CA MET W 66 -58.16 -51.56 58.65
C MET W 66 -59.01 -50.68 57.74
N ASN W 67 -60.32 -50.73 57.89
CA ASN W 67 -61.16 -49.94 56.99
C ASN W 67 -61.10 -48.46 57.37
N SER W 68 -60.92 -48.20 58.67
CA SER W 68 -60.63 -46.84 59.14
C SER W 68 -59.39 -46.31 58.47
N PHE W 69 -58.34 -47.14 58.45
CA PHE W 69 -57.08 -46.82 57.81
C PHE W 69 -57.27 -46.52 56.33
N VAL W 70 -57.99 -47.39 55.63
CA VAL W 70 -58.14 -47.26 54.19
C VAL W 70 -58.90 -45.98 53.84
N ASN W 71 -59.94 -45.68 54.62
CA ASN W 71 -60.71 -44.47 54.39
C ASN W 71 -59.88 -43.22 54.65
N ASP W 72 -59.06 -43.24 55.70
CA ASP W 72 -58.18 -42.11 55.99
C ASP W 72 -57.22 -41.87 54.83
N ILE W 73 -56.60 -42.93 54.34
CA ILE W 73 -55.62 -42.80 53.27
C ILE W 73 -56.28 -42.28 52.01
N PHE W 74 -57.45 -42.82 51.68
CA PHE W 74 -58.18 -42.40 50.50
C PHE W 74 -58.56 -40.93 50.58
N GLU W 75 -59.01 -40.49 51.76
CA GLU W 75 -59.41 -39.10 51.92
C GLU W 75 -58.20 -38.17 51.83
N ARG W 76 -57.07 -38.58 52.40
CA ARG W 76 -55.90 -37.71 52.38
C ARG W 76 -55.37 -37.55 50.96
N ILE W 77 -55.30 -38.64 50.21
CA ILE W 77 -54.81 -38.56 48.85
C ILE W 77 -55.75 -37.75 47.98
N ALA W 78 -57.05 -37.99 48.12
CA ALA W 78 -58.04 -37.33 47.28
C ALA W 78 -58.06 -35.84 47.53
N GLY W 79 -58.01 -35.44 48.79
CA GLY W 79 -57.95 -34.03 49.09
C GLY W 79 -56.68 -33.39 48.63
N GLU W 80 -55.57 -34.14 48.68
CA GLU W 80 -54.33 -33.57 48.18
C GLU W 80 -54.38 -33.43 46.67
N ALA W 81 -55.08 -34.33 45.99
CA ALA W 81 -55.26 -34.21 44.55
C ALA W 81 -56.15 -33.02 44.21
N SER W 82 -57.14 -32.77 45.05
CA SER W 82 -57.98 -31.60 44.84
C SER W 82 -57.19 -30.32 45.05
N ARG W 83 -56.25 -30.35 46.00
CA ARG W 83 -55.31 -29.26 46.14
C ARG W 83 -54.44 -29.11 44.91
N LEU W 84 -54.05 -30.24 44.29
CA LEU W 84 -53.27 -30.17 43.06
C LEU W 84 -54.04 -29.47 41.96
N ALA W 85 -55.33 -29.79 41.85
CA ALA W 85 -56.18 -29.16 40.84
C ALA W 85 -56.29 -27.66 41.09
N HIS W 86 -56.69 -27.27 42.29
CA HIS W 86 -56.91 -25.86 42.56
C HIS W 86 -55.62 -25.06 42.65
N TYR W 87 -54.51 -25.69 42.99
CA TYR W 87 -53.23 -24.99 42.94
C TYR W 87 -52.70 -24.98 41.52
N ASN W 88 -53.30 -25.76 40.62
CA ASN W 88 -52.80 -25.84 39.26
C ASN W 88 -53.83 -25.52 38.20
N LYS W 89 -55.06 -25.17 38.60
CA LYS W 89 -56.12 -24.68 37.71
C LYS W 89 -56.49 -25.69 36.63
N ARG W 90 -56.36 -26.97 36.98
CA ARG W 90 -56.66 -28.03 36.04
C ARG W 90 -58.02 -28.58 36.41
N SER W 91 -58.95 -28.51 35.46
CA SER W 91 -60.36 -28.74 35.76
C SER W 91 -60.70 -30.20 35.96
N THR W 92 -59.76 -31.10 35.73
CA THR W 92 -59.98 -32.49 36.08
C THR W 92 -58.68 -33.08 36.61
N ILE W 93 -58.72 -34.37 36.90
CA ILE W 93 -57.59 -35.08 37.48
C ILE W 93 -57.38 -36.36 36.70
N THR W 94 -56.16 -36.56 36.20
CA THR W 94 -55.73 -37.79 35.57
C THR W 94 -54.85 -38.56 36.54
N SER W 95 -54.22 -39.61 36.04
CA SER W 95 -53.38 -40.44 36.88
C SER W 95 -52.08 -39.77 37.28
N ARG W 96 -51.60 -38.79 36.49
CA ARG W 96 -50.32 -38.13 36.79
C ARG W 96 -50.38 -37.35 38.09
N GLU W 97 -51.53 -36.72 38.33
CA GLU W 97 -51.80 -36.05 39.60
C GLU W 97 -51.79 -37.04 40.75
N ILE W 98 -52.28 -38.25 40.51
CA ILE W 98 -52.33 -39.24 41.58
C ILE W 98 -50.93 -39.71 41.89
N GLN W 99 -50.10 -39.86 40.86
CA GLN W 99 -48.71 -40.25 41.06
C GLN W 99 -47.97 -39.21 41.87
N THR W 100 -48.10 -37.93 41.51
CA THR W 100 -47.36 -36.93 42.25
C THR W 100 -47.93 -36.75 43.65
N ALA W 101 -49.22 -37.03 43.87
CA ALA W 101 -49.75 -36.92 45.22
C ALA W 101 -49.25 -38.06 46.11
N VAL W 102 -49.18 -39.27 45.55
CA VAL W 102 -48.60 -40.39 46.29
C VAL W 102 -47.15 -40.13 46.63
N ARG W 103 -46.42 -39.46 45.73
CA ARG W 103 -45.10 -38.96 46.07
C ARG W 103 -45.15 -37.98 47.24
N LEU W 104 -46.16 -37.10 47.25
CA LEU W 104 -46.20 -36.06 48.28
C LEU W 104 -46.57 -36.61 49.65
N LEU W 105 -47.24 -37.76 49.69
CA LEU W 105 -47.64 -38.29 51.00
C LEU W 105 -46.66 -39.33 51.50
N LEU W 106 -46.44 -40.36 50.75
CA LEU W 106 -45.64 -41.42 51.33
C LEU W 106 -44.16 -41.17 51.07
N PRO W 107 -43.30 -41.53 52.01
CA PRO W 107 -41.86 -41.41 51.78
C PRO W 107 -41.30 -42.46 50.84
N GLY W 108 -39.98 -42.38 50.59
CA GLY W 108 -39.28 -42.97 49.45
C GLY W 108 -39.54 -44.37 48.93
N GLU W 109 -39.28 -45.39 49.75
CA GLU W 109 -39.35 -46.78 49.28
C GLU W 109 -40.78 -47.17 48.96
N LEU W 110 -41.69 -46.88 49.89
CA LEU W 110 -43.11 -47.05 49.67
C LEU W 110 -43.59 -46.30 48.45
N ALA W 111 -43.08 -45.08 48.24
CA ALA W 111 -43.50 -44.26 47.12
C ALA W 111 -43.07 -44.87 45.80
N LYS W 112 -41.83 -45.36 45.74
CA LYS W 112 -41.33 -45.87 44.47
C LYS W 112 -42.00 -47.18 44.12
N HIS W 113 -42.20 -48.06 45.12
CA HIS W 113 -42.88 -49.32 44.86
C HIS W 113 -44.34 -49.09 44.51
N ALA W 114 -44.96 -48.06 45.09
CA ALA W 114 -46.34 -47.76 44.76
C ALA W 114 -46.46 -47.21 43.35
N VAL W 115 -45.53 -46.36 42.94
CA VAL W 115 -45.51 -45.85 41.58
C VAL W 115 -45.35 -46.99 40.59
N SER W 116 -44.51 -47.95 40.94
CA SER W 116 -44.29 -49.12 40.09
C SER W 116 -45.57 -49.93 39.94
N GLU W 117 -46.24 -50.21 41.07
CA GLU W 117 -47.46 -51.01 41.01
C GLU W 117 -48.56 -50.29 40.27
N GLY W 118 -48.66 -48.97 40.44
CA GLY W 118 -49.68 -48.22 39.76
C GLY W 118 -49.47 -48.19 38.27
N THR W 119 -48.24 -47.97 37.83
CA THR W 119 -47.97 -47.96 36.39
C THR W 119 -48.13 -49.33 35.78
N LYS W 120 -47.84 -50.40 36.54
CA LYS W 120 -48.06 -51.74 36.03
C LYS W 120 -49.55 -52.03 35.85
N ALA W 121 -50.36 -51.55 36.79
CA ALA W 121 -51.80 -51.69 36.65
C ALA W 121 -52.33 -50.89 35.47
N VAL W 122 -51.81 -49.66 35.29
CA VAL W 122 -52.15 -48.84 34.12
C VAL W 122 -51.79 -49.57 32.85
N THR W 123 -50.64 -50.22 32.83
CA THR W 123 -50.18 -50.95 31.66
C THR W 123 -51.11 -52.12 31.33
N LYS W 124 -51.44 -52.93 32.33
CA LYS W 124 -52.22 -54.13 32.03
C LYS W 124 -53.67 -53.78 31.74
N TYR W 125 -54.19 -52.74 32.35
CA TYR W 125 -55.55 -52.30 32.00
C TYR W 125 -55.58 -51.63 30.64
N THR W 126 -54.48 -50.98 30.24
CA THR W 126 -54.46 -50.26 28.97
C THR W 126 -54.29 -51.24 27.82
N SER W 127 -53.57 -52.35 28.08
CA SER W 127 -53.38 -53.36 27.05
C SER W 127 -54.69 -54.07 26.72
N ALA W 128 -55.59 -54.17 27.69
CA ALA W 128 -56.90 -54.78 27.48
C ALA W 128 -57.90 -54.24 28.49
#